data_6JTF
#
_entry.id   6JTF
#
loop_
_entity.id
_entity.type
_entity.pdbx_description
1 polymer 'Cupin superfamily protein'
2 non-polymer 'ZINC ION'
3 non-polymer TRYPTOPHAN
#
_entity_poly.entity_id   1
_entity_poly.type   'polypeptide(L)'
_entity_poly.pdbx_seq_one_letter_code
;GSRPADPEIVEGLPIPLAVAGHHQPAPFYLTADMFGGLPVQLAGGELSTLVGKPVAAPHTHPVDELYLLVSPNKGGARIE
VQLDGRRHELLSPAVMRIPAGSEHCFLTLEAEVGSYCFGILLGDRL
;
_entity_poly.pdbx_strand_id   A
#
loop_
_chem_comp.id
_chem_comp.type
_chem_comp.name
_chem_comp.formula
ZN non-polymer 'ZINC ION' 'Zn 2'
#
# COMPACT_ATOMS: atom_id res chain seq x y z
N PRO A 4 7.19 30.67 -3.25
CA PRO A 4 6.64 30.15 -2.05
C PRO A 4 6.56 28.58 -2.04
N ALA A 5 7.19 27.84 -2.97
CA ALA A 5 7.33 26.37 -2.74
C ALA A 5 8.32 26.23 -1.62
N ASP A 6 7.97 25.36 -0.66
CA ASP A 6 8.83 25.21 0.54
C ASP A 6 9.54 23.88 0.33
N PRO A 7 10.88 23.81 0.40
CA PRO A 7 11.57 22.58 0.06
C PRO A 7 11.27 21.41 1.03
N GLU A 8 10.78 21.72 2.20
CA GLU A 8 10.46 20.74 3.21
C GLU A 8 9.03 20.15 3.04
N ILE A 9 8.23 20.67 2.09
CA ILE A 9 6.77 20.31 1.99
C ILE A 9 6.57 19.83 0.59
N VAL A 10 5.89 18.69 0.44
CA VAL A 10 5.42 18.19 -0.85
C VAL A 10 3.90 18.11 -0.79
N GLU A 11 3.25 18.91 -1.60
CA GLU A 11 1.76 18.95 -1.73
C GLU A 11 1.33 18.24 -3.01
N GLY A 12 2.27 17.99 -3.90
CA GLY A 12 1.94 17.35 -5.18
C GLY A 12 1.80 15.83 -5.11
N LEU A 13 0.68 15.43 -4.47
CA LEU A 13 0.42 14.04 -4.00
C LEU A 13 -0.98 13.64 -4.31
N PRO A 14 -1.23 12.35 -4.51
CA PRO A 14 -0.21 11.30 -4.63
C PRO A 14 0.55 11.39 -5.93
N ILE A 15 1.59 10.62 -5.99
CA ILE A 15 2.44 10.47 -7.17
C ILE A 15 2.10 9.13 -7.76
N PRO A 16 1.37 9.10 -8.88
CA PRO A 16 0.95 7.82 -9.39
C PRO A 16 2.05 7.23 -10.26
N LEU A 17 2.56 6.06 -9.86
CA LEU A 17 3.63 5.38 -10.51
C LEU A 17 3.18 4.06 -11.12
N ALA A 18 3.65 3.79 -12.33
CA ALA A 18 3.35 2.48 -12.92
C ALA A 18 4.02 1.36 -12.16
N VAL A 19 3.30 0.35 -11.73
CA VAL A 19 3.84 -0.77 -10.92
C VAL A 19 3.37 -2.05 -11.53
N ALA A 20 4.25 -3.02 -11.61
CA ALA A 20 3.83 -4.30 -12.21
C ALA A 20 2.68 -4.93 -11.42
N GLY A 21 1.76 -5.52 -12.18
CA GLY A 21 0.58 -6.14 -11.59
C GLY A 21 -0.64 -5.25 -11.42
N HIS A 22 -0.45 -3.96 -11.41
CA HIS A 22 -1.48 -2.94 -11.20
C HIS A 22 -2.10 -2.57 -12.56
N HIS A 23 -3.35 -2.14 -12.58
CA HIS A 23 -3.95 -1.74 -13.81
C HIS A 23 -4.18 -0.27 -13.95
N GLN A 24 -3.93 0.51 -12.87
CA GLN A 24 -3.78 1.92 -12.95
C GLN A 24 -2.52 2.22 -12.09
N PRO A 25 -1.97 3.40 -12.24
CA PRO A 25 -0.74 3.65 -11.49
C PRO A 25 -1.02 3.61 -10.00
N ALA A 26 -0.01 3.16 -9.21
CA ALA A 26 -0.13 3.02 -7.73
C ALA A 26 0.14 4.37 -7.03
N PRO A 27 -0.76 4.86 -6.19
CA PRO A 27 -0.60 6.17 -5.57
C PRO A 27 0.47 6.21 -4.50
N PHE A 28 1.63 6.84 -4.79
CA PHE A 28 2.70 6.97 -3.81
C PHE A 28 2.60 8.30 -3.09
N TYR A 29 2.90 8.23 -1.80
CA TYR A 29 3.07 9.41 -0.97
C TYR A 29 4.48 9.65 -0.59
N LEU A 30 5.31 8.60 -0.42
CA LEU A 30 6.79 8.78 -0.27
C LEU A 30 7.44 8.07 -1.38
N THR A 31 8.34 8.73 -2.10
CA THR A 31 9.14 8.13 -3.15
C THR A 31 10.64 8.29 -2.84
N ALA A 32 11.45 7.42 -3.45
CA ALA A 32 12.86 7.36 -3.14
C ALA A 32 13.60 8.63 -3.45
N ASP A 33 13.06 9.41 -4.35
CA ASP A 33 13.70 10.66 -4.85
C ASP A 33 13.34 11.91 -4.09
N MET A 34 12.46 11.77 -3.08
CA MET A 34 12.11 12.91 -2.25
C MET A 34 13.20 13.28 -1.23
N PHE A 35 13.26 14.59 -0.94
CA PHE A 35 14.11 15.14 0.08
C PHE A 35 15.54 14.68 -0.04
N GLY A 36 16.00 14.64 -1.28
CA GLY A 36 17.42 14.21 -1.54
C GLY A 36 17.76 12.75 -1.51
N GLY A 37 16.74 11.94 -1.26
CA GLY A 37 16.86 10.57 -1.21
C GLY A 37 16.31 10.00 0.07
N LEU A 38 15.30 9.10 -0.08
CA LEU A 38 14.73 8.40 1.04
C LEU A 38 15.02 6.94 1.06
N PRO A 39 15.06 6.36 2.25
CA PRO A 39 15.41 4.91 2.35
C PRO A 39 14.24 3.94 2.25
N VAL A 40 13.05 4.49 2.11
CA VAL A 40 11.81 3.71 2.01
C VAL A 40 10.88 4.45 1.05
N GLN A 41 9.88 3.74 0.54
CA GLN A 41 8.81 4.32 -0.25
C GLN A 41 7.46 3.94 0.41
N LEU A 42 6.39 4.65 0.10
CA LEU A 42 5.12 4.42 0.74
C LEU A 42 4.00 4.70 -0.20
N ALA A 43 3.11 3.77 -0.39
CA ALA A 43 2.00 3.98 -1.31
C ALA A 43 0.75 3.42 -0.72
N GLY A 44 -0.37 3.95 -1.14
CA GLY A 44 -1.64 3.44 -0.58
C GLY A 44 -2.78 4.34 -0.79
N GLY A 45 -3.84 4.12 -0.04
CA GLY A 45 -5.04 4.91 -0.22
C GLY A 45 -6.20 4.46 0.64
N GLU A 46 -7.28 5.19 0.45
CA GLU A 46 -8.51 5.04 1.16
C GLU A 46 -9.31 3.93 0.47
N LEU A 47 -9.89 2.96 1.15
CA LEU A 47 -10.56 1.91 0.37
C LEU A 47 -12.05 1.84 0.55
N SER A 48 -12.70 2.93 1.02
CA SER A 48 -14.17 2.87 1.07
C SER A 48 -14.76 2.55 -0.29
N THR A 49 -14.15 2.94 -1.40
CA THR A 49 -14.72 2.62 -2.73
C THR A 49 -14.15 1.37 -3.36
N LEU A 50 -13.20 0.68 -2.69
CA LEU A 50 -12.52 -0.51 -3.26
C LEU A 50 -13.00 -1.87 -2.67
N VAL A 51 -14.13 -1.92 -1.99
CA VAL A 51 -14.60 -3.18 -1.40
C VAL A 51 -14.96 -4.07 -2.59
N GLY A 52 -14.34 -5.22 -2.60
CA GLY A 52 -14.60 -6.16 -3.70
C GLY A 52 -13.85 -5.83 -4.97
N LYS A 53 -12.92 -4.88 -4.96
CA LYS A 53 -12.22 -4.41 -6.18
C LYS A 53 -10.73 -4.41 -5.99
N PRO A 54 -9.98 -5.39 -6.49
CA PRO A 54 -8.56 -5.43 -6.15
C PRO A 54 -7.77 -4.47 -7.00
N VAL A 55 -6.75 -3.83 -6.46
CA VAL A 55 -5.94 -2.90 -7.26
C VAL A 55 -4.83 -3.62 -8.05
N ALA A 56 -4.52 -4.89 -7.75
CA ALA A 56 -3.46 -5.56 -8.47
C ALA A 56 -3.65 -7.04 -8.51
N ALA A 57 -2.98 -7.64 -9.45
CA ALA A 57 -2.83 -9.11 -9.52
C ALA A 57 -1.64 -9.48 -8.67
N PRO A 58 -1.43 -10.79 -8.42
CA PRO A 58 -0.21 -11.22 -7.68
C PRO A 58 1.00 -10.67 -8.31
N HIS A 59 1.83 -10.03 -7.46
CA HIS A 59 3.04 -9.35 -7.92
C HIS A 59 4.12 -9.49 -6.87
N THR A 60 5.31 -9.00 -7.22
CA THR A 60 6.45 -9.06 -6.35
C THR A 60 7.22 -7.76 -6.29
N HIS A 61 8.11 -7.61 -5.29
CA HIS A 61 9.02 -6.44 -5.25
C HIS A 61 10.32 -6.92 -4.68
N PRO A 62 11.38 -6.26 -5.01
CA PRO A 62 12.66 -6.72 -4.63
C PRO A 62 13.05 -6.40 -3.24
N VAL A 63 12.14 -5.78 -2.46
CA VAL A 63 12.38 -5.38 -1.10
C VAL A 63 11.15 -5.88 -0.28
N ASP A 64 11.35 -5.96 1.00
CA ASP A 64 10.25 -6.31 1.88
C ASP A 64 9.22 -5.16 1.88
N GLU A 65 7.93 -5.53 2.00
CA GLU A 65 6.81 -4.55 2.02
C GLU A 65 5.91 -4.79 3.23
N LEU A 66 5.63 -3.74 4.02
CA LEU A 66 4.73 -3.89 5.21
C LEU A 66 3.41 -3.29 4.85
N TYR A 67 2.33 -4.02 4.96
CA TYR A 67 1.02 -3.46 4.84
C TYR A 67 0.60 -2.92 6.17
N LEU A 68 0.03 -1.72 6.18
CA LEU A 68 -0.60 -1.13 7.36
C LEU A 68 -2.03 -0.82 7.06
N LEU A 69 -2.94 -1.37 7.84
CA LEU A 69 -4.38 -1.22 7.65
C LEU A 69 -4.93 -0.51 8.87
N VAL A 70 -5.59 0.63 8.64
CA VAL A 70 -6.20 1.43 9.73
C VAL A 70 -7.62 1.82 9.37
N SER A 71 -8.49 2.11 10.36
CA SER A 71 -9.79 2.60 10.14
C SER A 71 -10.28 3.34 11.41
N PRO A 72 -11.21 4.32 11.18
CA PRO A 72 -11.58 5.12 12.38
C PRO A 72 -12.18 4.32 13.51
N ASN A 73 -12.94 3.34 13.18
CA ASN A 73 -13.45 2.42 14.19
C ASN A 73 -12.61 1.18 14.23
N LYS A 74 -12.36 0.66 15.44
CA LYS A 74 -11.73 -0.61 15.63
C LYS A 74 -12.47 -1.67 14.82
N GLY A 75 -11.70 -2.41 14.00
CA GLY A 75 -12.33 -3.42 13.12
C GLY A 75 -13.19 -2.90 11.97
N GLY A 76 -13.06 -1.62 11.65
CA GLY A 76 -13.77 -1.02 10.54
C GLY A 76 -13.38 -1.42 9.15
N ALA A 77 -12.21 -2.00 9.01
CA ALA A 77 -11.72 -2.48 7.76
C ALA A 77 -11.12 -3.84 7.83
N ARG A 78 -11.29 -4.63 6.77
CA ARG A 78 -10.72 -5.96 6.66
C ARG A 78 -10.18 -6.18 5.30
N ILE A 79 -8.99 -6.74 5.12
CA ILE A 79 -8.44 -7.07 3.82
C ILE A 79 -8.00 -8.55 3.82
N GLU A 80 -8.10 -9.14 2.66
CA GLU A 80 -7.48 -10.43 2.35
C GLU A 80 -6.17 -10.19 1.70
N VAL A 81 -5.11 -10.84 2.19
CA VAL A 81 -3.79 -10.82 1.52
C VAL A 81 -3.43 -12.23 1.06
N GLN A 82 -3.11 -12.40 -0.21
CA GLN A 82 -2.50 -13.64 -0.71
C GLN A 82 -1.03 -13.59 -0.60
N LEU A 83 -0.44 -14.57 0.10
CA LEU A 83 0.99 -14.63 0.26
C LEU A 83 1.44 -15.94 -0.34
N ASP A 84 2.11 -15.88 -1.49
CA ASP A 84 2.49 -17.12 -2.25
C ASP A 84 1.38 -18.18 -2.22
N GLY A 85 0.21 -17.69 -2.61
CA GLY A 85 -0.95 -18.51 -2.69
C GLY A 85 -1.73 -18.85 -1.46
N ARG A 86 -1.34 -18.36 -0.28
CA ARG A 86 -2.04 -18.70 0.91
C ARG A 86 -2.80 -17.45 1.38
N ARG A 87 -4.10 -17.64 1.58
CA ARG A 87 -4.96 -16.53 2.05
C ARG A 87 -4.69 -16.22 3.50
N HIS A 88 -4.56 -14.92 3.77
CA HIS A 88 -4.46 -14.33 5.08
C HIS A 88 -5.48 -13.21 5.21
N GLU A 89 -5.93 -12.93 6.39
CA GLU A 89 -6.83 -11.78 6.58
C GLU A 89 -6.33 -10.90 7.67
N LEU A 90 -6.53 -9.60 7.51
CA LEU A 90 -6.20 -8.58 8.46
C LEU A 90 -7.44 -7.80 8.83
N LEU A 91 -7.61 -7.58 10.15
CA LEU A 91 -8.68 -6.78 10.69
C LEU A 91 -8.07 -5.52 11.30
N SER A 92 -8.55 -4.35 10.89
CA SER A 92 -7.89 -3.11 11.36
C SER A 92 -8.01 -2.95 12.89
N PRO A 93 -6.96 -2.37 13.49
CA PRO A 93 -5.61 -2.05 12.90
C PRO A 93 -4.72 -3.23 12.86
N ALA A 94 -3.95 -3.33 11.76
CA ALA A 94 -3.05 -4.45 11.59
C ALA A 94 -1.88 -4.09 10.68
N VAL A 95 -0.82 -4.84 10.80
CA VAL A 95 0.36 -4.76 9.98
C VAL A 95 0.76 -6.18 9.56
N MET A 96 1.08 -6.36 8.27
CA MET A 96 1.53 -7.63 7.76
C MET A 96 2.77 -7.45 6.95
N ARG A 97 3.74 -8.28 7.26
CA ARG A 97 4.97 -8.31 6.48
C ARG A 97 4.86 -9.16 5.23
N ILE A 98 5.33 -8.59 4.08
CA ILE A 98 5.36 -9.31 2.82
C ILE A 98 6.83 -9.45 2.41
N PRO A 99 7.46 -10.63 2.58
CA PRO A 99 8.86 -10.79 2.25
C PRO A 99 9.19 -10.45 0.81
N ALA A 100 10.38 -9.93 0.62
CA ALA A 100 10.93 -9.62 -0.74
C ALA A 100 10.81 -10.90 -1.57
N GLY A 101 10.29 -10.72 -2.77
CA GLY A 101 10.13 -11.86 -3.68
C GLY A 101 8.84 -12.61 -3.60
N SER A 102 8.06 -12.44 -2.49
CA SER A 102 6.83 -13.14 -2.28
C SER A 102 5.77 -12.61 -3.29
N GLU A 103 5.06 -13.48 -3.98
CA GLU A 103 4.01 -13.11 -4.90
C GLU A 103 2.81 -12.83 -4.03
N HIS A 104 2.32 -11.60 -4.08
CA HIS A 104 1.19 -11.24 -3.21
C HIS A 104 0.30 -10.17 -3.83
N CYS A 105 -0.83 -9.99 -3.15
CA CYS A 105 -1.78 -8.90 -3.48
C CYS A 105 -2.75 -8.86 -2.35
N PHE A 106 -3.56 -7.79 -2.32
CA PHE A 106 -4.64 -7.70 -1.30
C PHE A 106 -5.97 -7.37 -1.96
N LEU A 107 -7.02 -7.71 -1.24
CA LEU A 107 -8.43 -7.46 -1.60
C LEU A 107 -9.14 -6.86 -0.41
N THR A 108 -9.83 -5.74 -0.61
CA THR A 108 -10.66 -5.16 0.41
C THR A 108 -11.94 -5.92 0.63
N LEU A 109 -12.12 -6.53 1.80
CA LEU A 109 -13.41 -7.25 2.08
C LEU A 109 -14.40 -6.41 2.86
N GLU A 110 -13.96 -5.37 3.62
CA GLU A 110 -14.84 -4.49 4.34
C GLU A 110 -14.09 -3.16 4.49
N ALA A 111 -14.82 -2.05 4.41
CA ALA A 111 -14.21 -0.73 4.64
C ALA A 111 -15.30 0.27 4.94
N GLU A 112 -14.97 1.18 5.79
CA GLU A 112 -15.76 2.39 6.08
C GLU A 112 -15.08 3.58 5.50
N VAL A 113 -15.77 4.71 5.57
CA VAL A 113 -15.15 6.01 5.20
C VAL A 113 -13.96 6.22 6.15
N GLY A 114 -12.80 6.46 5.56
CA GLY A 114 -11.65 6.58 6.34
C GLY A 114 -10.75 5.37 6.53
N SER A 115 -11.13 4.19 5.99
CA SER A 115 -10.24 3.05 6.02
C SER A 115 -9.12 3.33 5.07
N TYR A 116 -7.88 3.02 5.49
CA TYR A 116 -6.67 3.14 4.64
C TYR A 116 -5.86 1.88 4.69
N CYS A 117 -5.26 1.50 3.55
CA CYS A 117 -4.19 0.53 3.51
C CYS A 117 -2.98 1.22 2.86
N PHE A 118 -1.83 1.15 3.48
CA PHE A 118 -0.56 1.61 2.95
C PHE A 118 0.43 0.47 2.84
N GLY A 119 1.33 0.58 1.89
CA GLY A 119 2.38 -0.38 1.69
C GLY A 119 3.66 0.37 1.94
N ILE A 120 4.46 -0.06 2.90
CA ILE A 120 5.71 0.64 3.22
C ILE A 120 6.79 -0.24 2.68
N LEU A 121 7.48 0.23 1.62
CA LEU A 121 8.51 -0.60 0.93
C LEU A 121 9.84 -0.31 1.53
N LEU A 122 10.54 -1.34 2.05
CA LEU A 122 11.72 -1.17 2.85
C LEU A 122 12.96 -1.12 1.96
N GLY A 123 13.04 -0.11 1.18
CA GLY A 123 14.15 0.09 0.20
C GLY A 123 13.77 1.13 -0.77
N ASP A 124 14.76 1.46 -1.59
CA ASP A 124 14.51 2.46 -2.59
C ASP A 124 14.25 1.97 -4.01
N ARG A 125 14.16 0.64 -4.26
CA ARG A 125 13.79 0.10 -5.59
C ARG A 125 12.43 -0.57 -5.57
N LEU A 126 11.82 -0.57 -6.75
CA LEU A 126 10.63 -1.36 -7.07
C LEU A 126 11.02 -2.44 -8.11
ZN ZN B . 3.24 -5.18 -3.13
N TRP C . 2.27 -0.75 -2.80
CA TRP C . 1.06 -1.52 -2.37
C TRP C . 1.22 -2.97 -2.85
O TRP C . 2.22 -3.26 -3.48
CB TRP C . -0.20 -0.84 -2.98
CG TRP C . -1.28 -0.50 -1.96
CD1 TRP C . -1.31 -0.75 -0.61
CD2 TRP C . -2.55 0.18 -2.26
NE1 TRP C . -2.50 -0.26 -0.09
CE2 TRP C . -3.29 0.32 -1.06
CE3 TRP C . -3.10 0.69 -3.44
CZ2 TRP C . -4.54 0.94 -1.05
CZ3 TRP C . -4.37 1.31 -3.43
CH2 TRP C . -5.08 1.44 -2.23
OXT TRP C . 0.31 -3.75 -2.59
H1 TRP C . 2.52 -1.01 -3.78
H2 TRP C . 3.08 -0.98 -2.17
H3 TRP C . 2.07 0.27 -2.75
HA TRP C . 1.04 -1.51 -1.30
HB2 TRP C . 0.11 0.07 -3.45
HB3 TRP C . -0.62 -1.50 -3.73
HD1 TRP C . -0.55 -1.24 -0.04
HE1 TRP C . -2.76 -0.31 0.85
HE3 TRP C . -2.57 0.59 -4.38
HZ2 TRP C . -5.08 1.03 -0.12
HZ3 TRP C . -4.79 1.69 -4.35
HH2 TRP C . -6.04 1.91 -2.22
N PRO A 4 7.19 30.67 -3.25
CA PRO A 4 6.64 30.15 -2.05
C PRO A 4 6.56 28.58 -2.04
N ALA A 5 7.19 27.84 -2.97
CA ALA A 5 7.33 26.37 -2.74
C ALA A 5 8.32 26.23 -1.62
N ASP A 6 7.97 25.36 -0.66
CA ASP A 6 8.83 25.21 0.54
C ASP A 6 9.54 23.88 0.33
N PRO A 7 10.88 23.81 0.40
CA PRO A 7 11.57 22.58 0.06
C PRO A 7 11.27 21.41 1.03
N GLU A 8 10.78 21.72 2.20
CA GLU A 8 10.46 20.74 3.21
C GLU A 8 9.03 20.15 3.04
N ILE A 9 8.23 20.67 2.09
CA ILE A 9 6.77 20.31 1.99
C ILE A 9 6.57 19.83 0.59
N VAL A 10 5.89 18.69 0.44
CA VAL A 10 5.42 18.19 -0.85
C VAL A 10 3.90 18.11 -0.79
N GLU A 11 3.25 18.91 -1.60
CA GLU A 11 1.76 18.95 -1.73
C GLU A 11 1.33 18.24 -3.01
N GLY A 12 2.27 17.99 -3.90
CA GLY A 12 1.94 17.35 -5.18
C GLY A 12 1.80 15.83 -5.11
N LEU A 13 0.68 15.43 -4.47
CA LEU A 13 0.42 14.04 -4.00
C LEU A 13 -0.98 13.64 -4.31
N PRO A 14 -1.23 12.35 -4.51
CA PRO A 14 -0.21 11.30 -4.63
C PRO A 14 0.55 11.39 -5.93
N ILE A 15 1.59 10.62 -5.99
CA ILE A 15 2.44 10.47 -7.17
C ILE A 15 2.10 9.13 -7.76
N PRO A 16 1.37 9.10 -8.88
CA PRO A 16 0.95 7.82 -9.39
C PRO A 16 2.05 7.23 -10.26
N LEU A 17 2.56 6.06 -9.86
CA LEU A 17 3.63 5.38 -10.51
C LEU A 17 3.18 4.06 -11.12
N ALA A 18 3.65 3.79 -12.33
CA ALA A 18 3.35 2.48 -12.92
C ALA A 18 4.02 1.36 -12.16
N VAL A 19 3.30 0.35 -11.73
CA VAL A 19 3.84 -0.77 -10.92
C VAL A 19 3.37 -2.05 -11.53
N ALA A 20 4.25 -3.02 -11.61
CA ALA A 20 3.83 -4.30 -12.21
C ALA A 20 2.68 -4.93 -11.42
N GLY A 21 1.76 -5.52 -12.18
CA GLY A 21 0.58 -6.14 -11.59
C GLY A 21 -0.64 -5.25 -11.42
N HIS A 22 -0.45 -3.96 -11.41
CA HIS A 22 -1.48 -2.94 -11.20
C HIS A 22 -2.10 -2.57 -12.56
N HIS A 23 -3.35 -2.14 -12.58
CA HIS A 23 -3.95 -1.74 -13.81
C HIS A 23 -4.18 -0.27 -13.95
N GLN A 24 -3.93 0.51 -12.87
CA GLN A 24 -3.78 1.92 -12.95
C GLN A 24 -2.52 2.22 -12.09
N PRO A 25 -1.97 3.40 -12.24
CA PRO A 25 -0.74 3.65 -11.49
C PRO A 25 -1.02 3.61 -10.00
N ALA A 26 -0.01 3.16 -9.21
CA ALA A 26 -0.13 3.02 -7.73
C ALA A 26 0.14 4.37 -7.03
N PRO A 27 -0.76 4.86 -6.19
CA PRO A 27 -0.60 6.17 -5.57
C PRO A 27 0.47 6.21 -4.50
N PHE A 28 1.63 6.84 -4.79
CA PHE A 28 2.70 6.97 -3.81
C PHE A 28 2.60 8.30 -3.09
N TYR A 29 2.90 8.23 -1.80
CA TYR A 29 3.07 9.41 -0.97
C TYR A 29 4.48 9.65 -0.59
N LEU A 30 5.31 8.60 -0.42
CA LEU A 30 6.79 8.78 -0.27
C LEU A 30 7.44 8.07 -1.38
N THR A 31 8.34 8.73 -2.10
CA THR A 31 9.14 8.13 -3.15
C THR A 31 10.64 8.29 -2.84
N ALA A 32 11.45 7.42 -3.45
CA ALA A 32 12.86 7.36 -3.14
C ALA A 32 13.60 8.63 -3.45
N ASP A 33 13.06 9.41 -4.35
CA ASP A 33 13.70 10.66 -4.85
C ASP A 33 13.34 11.91 -4.09
N MET A 34 12.46 11.77 -3.08
CA MET A 34 12.11 12.91 -2.25
C MET A 34 13.20 13.28 -1.23
N PHE A 35 13.26 14.59 -0.94
CA PHE A 35 14.11 15.14 0.08
C PHE A 35 15.54 14.68 -0.04
N GLY A 36 16.00 14.64 -1.28
CA GLY A 36 17.42 14.21 -1.54
C GLY A 36 17.76 12.75 -1.51
N GLY A 37 16.74 11.94 -1.26
CA GLY A 37 16.86 10.57 -1.21
C GLY A 37 16.31 10.00 0.07
N LEU A 38 15.30 9.10 -0.08
CA LEU A 38 14.73 8.40 1.04
C LEU A 38 15.02 6.94 1.06
N PRO A 39 15.06 6.36 2.25
CA PRO A 39 15.41 4.91 2.35
C PRO A 39 14.24 3.94 2.25
N VAL A 40 13.05 4.49 2.11
CA VAL A 40 11.81 3.71 2.01
C VAL A 40 10.88 4.45 1.05
N GLN A 41 9.88 3.74 0.54
CA GLN A 41 8.81 4.32 -0.25
C GLN A 41 7.46 3.94 0.41
N LEU A 42 6.39 4.65 0.10
CA LEU A 42 5.12 4.42 0.74
C LEU A 42 4.00 4.70 -0.20
N ALA A 43 3.11 3.77 -0.39
CA ALA A 43 2.00 3.97 -1.31
C ALA A 43 0.75 3.42 -0.72
N GLY A 44 -0.37 3.95 -1.14
CA GLY A 44 -1.64 3.44 -0.58
C GLY A 44 -2.78 4.34 -0.79
N GLY A 45 -3.84 4.12 -0.04
CA GLY A 45 -5.04 4.91 -0.22
C GLY A 45 -6.20 4.46 0.64
N GLU A 46 -7.28 5.19 0.45
CA GLU A 46 -8.51 5.04 1.16
C GLU A 46 -9.31 3.93 0.47
N LEU A 47 -9.89 2.97 1.20
CA LEU A 47 -10.58 1.84 0.50
C LEU A 47 -12.08 1.85 0.60
N SER A 48 -12.70 2.93 1.02
CA SER A 48 -14.17 2.87 1.07
C SER A 48 -14.76 2.55 -0.29
N THR A 49 -14.15 2.94 -1.40
CA THR A 49 -14.72 2.62 -2.73
C THR A 49 -14.15 1.37 -3.36
N LEU A 50 -13.20 0.68 -2.69
CA LEU A 50 -12.52 -0.51 -3.26
C LEU A 50 -13.00 -1.87 -2.67
N VAL A 51 -14.13 -1.92 -1.99
CA VAL A 51 -14.60 -3.18 -1.40
C VAL A 51 -14.96 -4.07 -2.59
N GLY A 52 -14.34 -5.22 -2.60
CA GLY A 52 -14.60 -6.16 -3.70
C GLY A 52 -13.85 -5.83 -4.97
N LYS A 53 -12.92 -4.88 -4.96
CA LYS A 53 -12.22 -4.41 -6.18
C LYS A 53 -10.73 -4.41 -5.99
N PRO A 54 -9.98 -5.39 -6.49
CA PRO A 54 -8.56 -5.43 -6.15
C PRO A 54 -7.77 -4.47 -7.00
N VAL A 55 -6.75 -3.84 -6.46
CA VAL A 55 -5.95 -2.91 -7.26
C VAL A 55 -4.83 -3.62 -8.05
N ALA A 56 -4.52 -4.89 -7.75
CA ALA A 56 -3.46 -5.56 -8.47
C ALA A 56 -3.65 -7.04 -8.51
N ALA A 57 -2.98 -7.64 -9.45
CA ALA A 57 -2.83 -9.11 -9.52
C ALA A 57 -1.64 -9.48 -8.67
N PRO A 58 -1.43 -10.79 -8.42
CA PRO A 58 -0.21 -11.22 -7.68
C PRO A 58 1.00 -10.67 -8.31
N HIS A 59 1.83 -10.05 -7.46
CA HIS A 59 3.04 -9.40 -7.93
C HIS A 59 4.12 -9.48 -6.87
N THR A 60 5.31 -9.00 -7.22
CA THR A 60 6.45 -9.06 -6.35
C THR A 60 7.22 -7.76 -6.29
N HIS A 61 8.09 -7.64 -5.23
CA HIS A 61 8.97 -6.46 -5.02
C HIS A 61 10.34 -6.94 -4.65
N PRO A 62 11.38 -6.26 -5.01
CA PRO A 62 12.66 -6.72 -4.63
C PRO A 62 13.05 -6.40 -3.24
N VAL A 63 12.14 -5.78 -2.46
CA VAL A 63 12.38 -5.38 -1.10
C VAL A 63 11.15 -5.88 -0.28
N ASP A 64 11.35 -5.96 1.00
CA ASP A 64 10.25 -6.31 1.88
C ASP A 64 9.22 -5.16 1.88
N GLU A 65 7.93 -5.54 1.98
CA GLU A 65 6.80 -4.58 1.96
C GLU A 65 5.89 -4.80 3.20
N LEU A 66 5.63 -3.74 4.02
CA LEU A 66 4.73 -3.89 5.21
C LEU A 66 3.41 -3.29 4.85
N TYR A 67 2.33 -4.02 4.96
CA TYR A 67 1.02 -3.46 4.84
C TYR A 67 0.60 -2.92 6.17
N LEU A 68 0.03 -1.72 6.18
CA LEU A 68 -0.60 -1.13 7.36
C LEU A 68 -2.03 -0.82 7.06
N LEU A 69 -2.94 -1.37 7.84
CA LEU A 69 -4.38 -1.22 7.65
C LEU A 69 -4.93 -0.51 8.87
N VAL A 70 -5.59 0.63 8.64
CA VAL A 70 -6.20 1.43 9.73
C VAL A 70 -7.62 1.82 9.37
N SER A 71 -8.49 2.11 10.36
CA SER A 71 -9.79 2.60 10.14
C SER A 71 -10.28 3.34 11.41
N PRO A 72 -11.21 4.32 11.18
CA PRO A 72 -11.58 5.12 12.38
C PRO A 72 -12.18 4.32 13.51
N ASN A 73 -12.94 3.34 13.18
CA ASN A 73 -13.45 2.42 14.19
C ASN A 73 -12.61 1.18 14.23
N LYS A 74 -12.36 0.66 15.44
CA LYS A 74 -11.73 -0.61 15.63
C LYS A 74 -12.47 -1.67 14.82
N GLY A 75 -11.70 -2.41 14.00
CA GLY A 75 -12.33 -3.42 13.12
C GLY A 75 -13.19 -2.90 11.97
N GLY A 76 -13.06 -1.62 11.65
CA GLY A 76 -13.77 -1.02 10.54
C GLY A 76 -13.38 -1.42 9.15
N ALA A 77 -12.21 -2.00 9.01
CA ALA A 77 -11.72 -2.48 7.76
C ALA A 77 -11.12 -3.84 7.83
N ARG A 78 -11.29 -4.63 6.77
CA ARG A 78 -10.72 -5.96 6.66
C ARG A 78 -10.18 -6.18 5.30
N ILE A 79 -8.99 -6.74 5.12
CA ILE A 79 -8.44 -7.07 3.82
C ILE A 79 -8.00 -8.55 3.82
N GLU A 80 -8.10 -9.14 2.66
CA GLU A 80 -7.48 -10.43 2.35
C GLU A 80 -6.17 -10.19 1.70
N VAL A 81 -5.11 -10.84 2.19
CA VAL A 81 -3.79 -10.82 1.52
C VAL A 81 -3.43 -12.23 1.06
N GLN A 82 -3.11 -12.40 -0.21
CA GLN A 82 -2.50 -13.64 -0.71
C GLN A 82 -1.03 -13.59 -0.60
N LEU A 83 -0.44 -14.57 0.10
CA LEU A 83 0.99 -14.63 0.26
C LEU A 83 1.44 -15.94 -0.34
N ASP A 84 2.11 -15.88 -1.49
CA ASP A 84 2.49 -17.12 -2.25
C ASP A 84 1.38 -18.18 -2.22
N GLY A 85 0.21 -17.69 -2.61
CA GLY A 85 -0.95 -18.51 -2.69
C GLY A 85 -1.73 -18.85 -1.46
N ARG A 86 -1.34 -18.36 -0.28
CA ARG A 86 -2.04 -18.70 0.91
C ARG A 86 -2.80 -17.45 1.38
N ARG A 87 -4.10 -17.64 1.58
CA ARG A 87 -4.96 -16.53 2.05
C ARG A 87 -4.69 -16.22 3.50
N HIS A 88 -4.56 -14.92 3.77
CA HIS A 88 -4.46 -14.33 5.08
C HIS A 88 -5.48 -13.21 5.21
N GLU A 89 -5.93 -12.93 6.39
CA GLU A 89 -6.83 -11.78 6.58
C GLU A 89 -6.33 -10.90 7.67
N LEU A 90 -6.53 -9.60 7.51
CA LEU A 90 -6.20 -8.58 8.46
C LEU A 90 -7.44 -7.80 8.83
N LEU A 91 -7.61 -7.58 10.15
CA LEU A 91 -8.68 -6.78 10.69
C LEU A 91 -8.07 -5.52 11.30
N SER A 92 -8.55 -4.35 10.89
CA SER A 92 -7.89 -3.11 11.36
C SER A 92 -8.01 -2.95 12.89
N PRO A 93 -6.96 -2.37 13.49
CA PRO A 93 -5.61 -2.05 12.90
C PRO A 93 -4.72 -3.23 12.86
N ALA A 94 -3.95 -3.33 11.76
CA ALA A 94 -3.05 -4.45 11.59
C ALA A 94 -1.88 -4.09 10.68
N VAL A 95 -0.82 -4.84 10.80
CA VAL A 95 0.36 -4.76 9.98
C VAL A 95 0.76 -6.18 9.56
N MET A 96 1.08 -6.36 8.27
CA MET A 96 1.53 -7.63 7.76
C MET A 96 2.77 -7.45 6.95
N ARG A 97 3.74 -8.28 7.26
CA ARG A 97 4.97 -8.31 6.48
C ARG A 97 4.86 -9.16 5.23
N ILE A 98 5.33 -8.59 4.08
CA ILE A 98 5.36 -9.31 2.82
C ILE A 98 6.83 -9.45 2.41
N PRO A 99 7.46 -10.63 2.58
CA PRO A 99 8.86 -10.79 2.25
C PRO A 99 9.19 -10.45 0.81
N ALA A 100 10.38 -9.93 0.62
CA ALA A 100 10.93 -9.62 -0.74
C ALA A 100 10.81 -10.90 -1.57
N GLY A 101 10.29 -10.72 -2.77
CA GLY A 101 10.13 -11.86 -3.68
C GLY A 101 8.84 -12.61 -3.60
N SER A 102 8.06 -12.44 -2.49
CA SER A 102 6.83 -13.14 -2.28
C SER A 102 5.77 -12.61 -3.29
N GLU A 103 5.06 -13.48 -3.98
CA GLU A 103 4.01 -13.11 -4.90
C GLU A 103 2.81 -12.83 -4.03
N HIS A 104 2.35 -11.56 -4.07
CA HIS A 104 1.27 -11.14 -3.18
C HIS A 104 0.32 -10.13 -3.81
N CYS A 105 -0.83 -9.99 -3.15
CA CYS A 105 -1.78 -8.90 -3.48
C CYS A 105 -2.75 -8.86 -2.35
N PHE A 106 -3.56 -7.79 -2.32
CA PHE A 106 -4.64 -7.70 -1.30
C PHE A 106 -5.97 -7.37 -1.96
N LEU A 107 -7.02 -7.71 -1.24
CA LEU A 107 -8.43 -7.46 -1.60
C LEU A 107 -9.14 -6.86 -0.41
N THR A 108 -9.83 -5.74 -0.61
CA THR A 108 -10.66 -5.16 0.41
C THR A 108 -11.94 -5.92 0.63
N LEU A 109 -12.12 -6.53 1.80
CA LEU A 109 -13.41 -7.25 2.08
C LEU A 109 -14.40 -6.41 2.86
N GLU A 110 -13.96 -5.37 3.62
CA GLU A 110 -14.84 -4.49 4.34
C GLU A 110 -14.09 -3.16 4.49
N ALA A 111 -14.82 -2.05 4.41
CA ALA A 111 -14.21 -0.73 4.64
C ALA A 111 -15.30 0.27 4.94
N GLU A 112 -14.97 1.18 5.79
CA GLU A 112 -15.76 2.39 6.08
C GLU A 112 -15.08 3.58 5.50
N VAL A 113 -15.77 4.71 5.57
CA VAL A 113 -15.15 6.01 5.20
C VAL A 113 -13.96 6.22 6.15
N GLY A 114 -12.80 6.46 5.56
CA GLY A 114 -11.65 6.58 6.34
C GLY A 114 -10.75 5.37 6.53
N SER A 115 -11.13 4.19 5.99
CA SER A 115 -10.24 3.05 6.02
C SER A 115 -9.12 3.33 5.07
N TYR A 116 -7.88 3.02 5.49
CA TYR A 116 -6.67 3.14 4.64
C TYR A 116 -5.86 1.88 4.69
N CYS A 117 -5.26 1.50 3.55
CA CYS A 117 -4.19 0.53 3.51
C CYS A 117 -2.98 1.22 2.86
N PHE A 118 -1.83 1.15 3.48
CA PHE A 118 -0.56 1.61 2.95
C PHE A 118 0.43 0.47 2.84
N GLY A 119 1.32 0.59 1.88
CA GLY A 119 2.38 -0.40 1.67
C GLY A 119 3.66 0.37 1.93
N ILE A 120 4.46 -0.06 2.90
CA ILE A 120 5.71 0.64 3.22
C ILE A 120 6.79 -0.24 2.68
N LEU A 121 7.48 0.23 1.62
CA LEU A 121 8.51 -0.60 0.93
C LEU A 121 9.84 -0.31 1.53
N LEU A 122 10.54 -1.34 2.05
CA LEU A 122 11.72 -1.17 2.85
C LEU A 122 12.96 -1.12 1.96
N GLY A 123 13.04 -0.11 1.18
CA GLY A 123 14.15 0.09 0.20
C GLY A 123 13.77 1.13 -0.77
N ASP A 124 14.76 1.46 -1.59
CA ASP A 124 14.51 2.46 -2.59
C ASP A 124 14.25 1.97 -4.01
N ARG A 125 14.16 0.64 -4.26
CA ARG A 125 13.79 0.10 -5.59
C ARG A 125 12.43 -0.57 -5.57
N LEU A 126 11.82 -0.57 -6.75
CA LEU A 126 10.63 -1.36 -7.07
C LEU A 126 11.02 -2.44 -8.11
ZN ZN B . 3.11 -4.93 -3.64
N TRP C . 1.71 -1.22 -1.70
CA TRP C . 0.55 -1.71 -2.49
C TRP C . 1.06 -2.68 -3.59
O TRP C . 2.26 -2.87 -3.67
CB TRP C . -0.21 -0.50 -3.09
CG TRP C . -1.40 -0.14 -2.23
CD1 TRP C . -1.49 -0.30 -0.88
CD2 TRP C . -2.68 0.44 -2.64
NE1 TRP C . -2.73 0.12 -0.46
CE2 TRP C . -3.50 0.59 -1.50
CE3 TRP C . -3.21 0.83 -3.89
CZ2 TRP C . -4.79 1.11 -1.59
CZ3 TRP C . -4.49 1.36 -3.97
CH2 TRP C . -5.29 1.51 -2.83
OXT TRP C . 0.22 -3.20 -4.31
H1 TRP C . 2.27 -0.56 -2.27
H2 TRP C . 2.30 -2.03 -1.42
H3 TRP C . 1.36 -0.73 -0.85
HA TRP C . -0.10 -2.26 -1.85
HB2 TRP C . 0.46 0.34 -3.13
HB3 TRP C . -0.55 -0.73 -4.08
HD1 TRP C . -0.71 -0.71 -0.25
HE1 TRP C . -3.04 0.10 0.47
HE3 TRP C . -2.61 0.73 -4.78
HZ2 TRP C . -5.40 1.22 -0.69
HZ3 TRP C . -4.89 1.68 -4.94
HH2 TRP C . -6.28 1.92 -2.91
N PRO A 4 7.19 30.67 -3.25
CA PRO A 4 6.64 30.15 -2.05
C PRO A 4 6.56 28.58 -2.04
N ALA A 5 7.19 27.84 -2.97
CA ALA A 5 7.33 26.37 -2.74
C ALA A 5 8.32 26.23 -1.62
N ASP A 6 7.97 25.36 -0.66
CA ASP A 6 8.83 25.21 0.54
C ASP A 6 9.54 23.88 0.33
N PRO A 7 10.88 23.81 0.40
CA PRO A 7 11.57 22.58 0.06
C PRO A 7 11.27 21.41 1.03
N GLU A 8 10.78 21.72 2.20
CA GLU A 8 10.46 20.74 3.21
C GLU A 8 9.03 20.15 3.04
N ILE A 9 8.23 20.67 2.09
CA ILE A 9 6.77 20.31 1.99
C ILE A 9 6.57 19.83 0.59
N VAL A 10 5.89 18.69 0.44
CA VAL A 10 5.42 18.19 -0.85
C VAL A 10 3.90 18.11 -0.79
N GLU A 11 3.25 18.91 -1.60
CA GLU A 11 1.76 18.95 -1.73
C GLU A 11 1.33 18.24 -3.01
N GLY A 12 2.27 17.99 -3.90
CA GLY A 12 1.94 17.35 -5.18
C GLY A 12 1.80 15.83 -5.11
N LEU A 13 0.68 15.43 -4.47
CA LEU A 13 0.42 14.04 -4.00
C LEU A 13 -0.98 13.64 -4.31
N PRO A 14 -1.23 12.35 -4.51
CA PRO A 14 -0.21 11.30 -4.63
C PRO A 14 0.55 11.39 -5.93
N ILE A 15 1.59 10.62 -5.99
CA ILE A 15 2.44 10.47 -7.17
C ILE A 15 2.10 9.13 -7.76
N PRO A 16 1.37 9.10 -8.88
CA PRO A 16 0.95 7.82 -9.39
C PRO A 16 2.05 7.23 -10.26
N LEU A 17 2.56 6.06 -9.86
CA LEU A 17 3.63 5.38 -10.51
C LEU A 17 3.18 4.06 -11.12
N ALA A 18 3.65 3.79 -12.33
CA ALA A 18 3.35 2.48 -12.92
C ALA A 18 4.02 1.36 -12.16
N VAL A 19 3.30 0.35 -11.73
CA VAL A 19 3.84 -0.77 -10.92
C VAL A 19 3.37 -2.05 -11.53
N ALA A 20 4.25 -3.02 -11.61
CA ALA A 20 3.83 -4.30 -12.21
C ALA A 20 2.68 -4.93 -11.42
N GLY A 21 1.76 -5.52 -12.18
CA GLY A 21 0.58 -6.14 -11.59
C GLY A 21 -0.64 -5.25 -11.42
N HIS A 22 -0.45 -3.96 -11.41
CA HIS A 22 -1.48 -2.94 -11.20
C HIS A 22 -2.10 -2.57 -12.56
N HIS A 23 -3.35 -2.14 -12.58
CA HIS A 23 -3.95 -1.74 -13.81
C HIS A 23 -4.18 -0.27 -13.95
N GLN A 24 -3.93 0.51 -12.87
CA GLN A 24 -3.78 1.92 -12.95
C GLN A 24 -2.52 2.22 -12.09
N PRO A 25 -1.97 3.40 -12.24
CA PRO A 25 -0.74 3.65 -11.49
C PRO A 25 -1.02 3.61 -10.00
N ALA A 26 -0.01 3.16 -9.21
CA ALA A 26 -0.13 3.02 -7.73
C ALA A 26 0.14 4.37 -7.03
N PRO A 27 -0.76 4.86 -6.19
CA PRO A 27 -0.60 6.17 -5.57
C PRO A 27 0.47 6.21 -4.50
N PHE A 28 1.63 6.84 -4.79
CA PHE A 28 2.70 6.97 -3.81
C PHE A 28 2.60 8.30 -3.09
N TYR A 29 2.90 8.23 -1.80
CA TYR A 29 3.07 9.41 -0.97
C TYR A 29 4.48 9.65 -0.59
N LEU A 30 5.31 8.60 -0.42
CA LEU A 30 6.79 8.78 -0.27
C LEU A 30 7.44 8.07 -1.38
N THR A 31 8.34 8.73 -2.10
CA THR A 31 9.14 8.13 -3.15
C THR A 31 10.64 8.29 -2.84
N ALA A 32 11.45 7.42 -3.45
CA ALA A 32 12.86 7.36 -3.14
C ALA A 32 13.60 8.63 -3.45
N ASP A 33 13.06 9.41 -4.35
CA ASP A 33 13.70 10.66 -4.85
C ASP A 33 13.34 11.91 -4.09
N MET A 34 12.46 11.77 -3.08
CA MET A 34 12.11 12.91 -2.25
C MET A 34 13.20 13.28 -1.23
N PHE A 35 13.26 14.59 -0.94
CA PHE A 35 14.11 15.14 0.08
C PHE A 35 15.54 14.68 -0.04
N GLY A 36 16.00 14.64 -1.28
CA GLY A 36 17.42 14.21 -1.54
C GLY A 36 17.76 12.75 -1.51
N GLY A 37 16.74 11.94 -1.26
CA GLY A 37 16.86 10.57 -1.21
C GLY A 37 16.31 10.00 0.07
N LEU A 38 15.30 9.10 -0.08
CA LEU A 38 14.73 8.40 1.04
C LEU A 38 15.02 6.94 1.06
N PRO A 39 15.06 6.36 2.25
CA PRO A 39 15.41 4.91 2.35
C PRO A 39 14.24 3.94 2.25
N VAL A 40 13.05 4.49 2.11
CA VAL A 40 11.81 3.71 2.01
C VAL A 40 10.88 4.45 1.05
N GLN A 41 9.88 3.74 0.54
CA GLN A 41 8.81 4.32 -0.25
C GLN A 41 7.46 3.94 0.41
N LEU A 42 6.39 4.65 0.10
CA LEU A 42 5.12 4.42 0.74
C LEU A 42 4.00 4.70 -0.20
N ALA A 43 3.11 3.77 -0.39
CA ALA A 43 2.00 3.97 -1.31
C ALA A 43 0.75 3.42 -0.72
N GLY A 44 -0.37 3.95 -1.14
CA GLY A 44 -1.64 3.44 -0.58
C GLY A 44 -2.78 4.34 -0.79
N GLY A 45 -3.84 4.12 -0.04
CA GLY A 45 -5.04 4.91 -0.22
C GLY A 45 -6.20 4.46 0.64
N GLU A 46 -7.28 5.19 0.45
CA GLU A 46 -8.51 5.04 1.16
C GLU A 46 -9.31 3.93 0.47
N LEU A 47 -9.89 2.97 1.20
CA LEU A 47 -10.58 1.84 0.50
C LEU A 47 -12.08 1.85 0.60
N SER A 48 -12.70 2.93 1.02
CA SER A 48 -14.17 2.87 1.07
C SER A 48 -14.76 2.55 -0.29
N THR A 49 -14.15 2.94 -1.40
CA THR A 49 -14.72 2.62 -2.73
C THR A 49 -14.15 1.37 -3.36
N LEU A 50 -13.20 0.68 -2.69
CA LEU A 50 -12.51 -0.50 -3.26
C LEU A 50 -13.00 -1.87 -2.67
N VAL A 51 -14.13 -1.92 -1.99
CA VAL A 51 -14.60 -3.18 -1.40
C VAL A 51 -14.96 -4.07 -2.59
N GLY A 52 -14.34 -5.22 -2.60
CA GLY A 52 -14.60 -6.16 -3.70
C GLY A 52 -13.85 -5.83 -4.97
N LYS A 53 -12.92 -4.88 -4.96
CA LYS A 53 -12.22 -4.41 -6.18
C LYS A 53 -10.73 -4.41 -5.99
N PRO A 54 -9.98 -5.39 -6.49
CA PRO A 54 -8.56 -5.43 -6.15
C PRO A 54 -7.77 -4.47 -7.00
N VAL A 55 -6.75 -3.84 -6.46
CA VAL A 55 -5.96 -2.91 -7.26
C VAL A 55 -4.83 -3.62 -8.05
N ALA A 56 -4.52 -4.89 -7.75
CA ALA A 56 -3.46 -5.56 -8.47
C ALA A 56 -3.65 -7.04 -8.51
N ALA A 57 -2.98 -7.64 -9.45
CA ALA A 57 -2.83 -9.11 -9.52
C ALA A 57 -1.64 -9.48 -8.67
N PRO A 58 -1.43 -10.79 -8.42
CA PRO A 58 -0.21 -11.22 -7.68
C PRO A 58 1.00 -10.67 -8.31
N HIS A 59 1.83 -10.05 -7.46
CA HIS A 59 3.04 -9.40 -7.93
C HIS A 59 4.12 -9.48 -6.87
N THR A 60 5.31 -9.00 -7.22
CA THR A 60 6.45 -9.06 -6.35
C THR A 60 7.22 -7.76 -6.29
N HIS A 61 8.09 -7.64 -5.23
CA HIS A 61 8.97 -6.46 -5.02
C HIS A 61 10.34 -6.94 -4.65
N PRO A 62 11.38 -6.26 -5.01
CA PRO A 62 12.66 -6.72 -4.63
C PRO A 62 13.05 -6.40 -3.24
N VAL A 63 12.14 -5.78 -2.46
CA VAL A 63 12.38 -5.38 -1.10
C VAL A 63 11.15 -5.88 -0.28
N ASP A 64 11.35 -5.96 1.00
CA ASP A 64 10.25 -6.31 1.88
C ASP A 64 9.22 -5.16 1.88
N GLU A 65 7.93 -5.54 1.98
CA GLU A 65 6.80 -4.58 1.96
C GLU A 65 5.89 -4.80 3.20
N LEU A 66 5.63 -3.74 4.02
CA LEU A 66 4.73 -3.89 5.21
C LEU A 66 3.41 -3.29 4.85
N TYR A 67 2.33 -4.02 4.96
CA TYR A 67 1.02 -3.46 4.84
C TYR A 67 0.60 -2.92 6.17
N LEU A 68 0.03 -1.72 6.18
CA LEU A 68 -0.60 -1.13 7.36
C LEU A 68 -2.03 -0.82 7.06
N LEU A 69 -2.94 -1.37 7.84
CA LEU A 69 -4.38 -1.22 7.65
C LEU A 69 -4.93 -0.51 8.87
N VAL A 70 -5.59 0.63 8.64
CA VAL A 70 -6.20 1.43 9.73
C VAL A 70 -7.62 1.82 9.37
N SER A 71 -8.49 2.11 10.36
CA SER A 71 -9.79 2.60 10.14
C SER A 71 -10.28 3.34 11.41
N PRO A 72 -11.21 4.32 11.18
CA PRO A 72 -11.58 5.12 12.38
C PRO A 72 -12.18 4.32 13.51
N ASN A 73 -12.94 3.34 13.18
CA ASN A 73 -13.45 2.42 14.19
C ASN A 73 -12.61 1.18 14.23
N LYS A 74 -12.36 0.66 15.44
CA LYS A 74 -11.73 -0.61 15.63
C LYS A 74 -12.47 -1.67 14.82
N GLY A 75 -11.70 -2.41 14.00
CA GLY A 75 -12.33 -3.42 13.12
C GLY A 75 -13.19 -2.90 11.97
N GLY A 76 -13.06 -1.62 11.65
CA GLY A 76 -13.77 -1.02 10.54
C GLY A 76 -13.38 -1.42 9.15
N ALA A 77 -12.21 -2.00 9.01
CA ALA A 77 -11.72 -2.48 7.76
C ALA A 77 -11.12 -3.84 7.83
N ARG A 78 -11.29 -4.63 6.77
CA ARG A 78 -10.72 -5.96 6.66
C ARG A 78 -10.18 -6.18 5.30
N ILE A 79 -8.99 -6.74 5.12
CA ILE A 79 -8.44 -7.07 3.82
C ILE A 79 -8.00 -8.55 3.82
N GLU A 80 -8.10 -9.14 2.66
CA GLU A 80 -7.48 -10.43 2.35
C GLU A 80 -6.17 -10.19 1.70
N VAL A 81 -5.11 -10.84 2.19
CA VAL A 81 -3.79 -10.82 1.52
C VAL A 81 -3.43 -12.23 1.06
N GLN A 82 -3.11 -12.40 -0.21
CA GLN A 82 -2.50 -13.64 -0.71
C GLN A 82 -1.03 -13.59 -0.60
N LEU A 83 -0.44 -14.57 0.10
CA LEU A 83 0.99 -14.63 0.26
C LEU A 83 1.44 -15.94 -0.34
N ASP A 84 2.11 -15.88 -1.49
CA ASP A 84 2.49 -17.12 -2.25
C ASP A 84 1.38 -18.18 -2.22
N GLY A 85 0.21 -17.69 -2.61
CA GLY A 85 -0.95 -18.51 -2.69
C GLY A 85 -1.73 -18.85 -1.46
N ARG A 86 -1.34 -18.36 -0.28
CA ARG A 86 -2.04 -18.70 0.91
C ARG A 86 -2.80 -17.45 1.38
N ARG A 87 -4.10 -17.64 1.58
CA ARG A 87 -4.96 -16.53 2.05
C ARG A 87 -4.69 -16.22 3.50
N HIS A 88 -4.56 -14.92 3.77
CA HIS A 88 -4.46 -14.33 5.08
C HIS A 88 -5.48 -13.21 5.21
N GLU A 89 -5.93 -12.93 6.39
CA GLU A 89 -6.83 -11.78 6.58
C GLU A 89 -6.33 -10.90 7.67
N LEU A 90 -6.53 -9.60 7.51
CA LEU A 90 -6.20 -8.58 8.46
C LEU A 90 -7.44 -7.80 8.83
N LEU A 91 -7.61 -7.58 10.15
CA LEU A 91 -8.68 -6.78 10.69
C LEU A 91 -8.07 -5.52 11.30
N SER A 92 -8.55 -4.35 10.89
CA SER A 92 -7.89 -3.11 11.36
C SER A 92 -8.01 -2.95 12.89
N PRO A 93 -6.96 -2.37 13.49
CA PRO A 93 -5.61 -2.05 12.90
C PRO A 93 -4.72 -3.23 12.86
N ALA A 94 -3.95 -3.33 11.76
CA ALA A 94 -3.05 -4.45 11.59
C ALA A 94 -1.88 -4.09 10.68
N VAL A 95 -0.82 -4.84 10.80
CA VAL A 95 0.36 -4.76 9.98
C VAL A 95 0.76 -6.18 9.56
N MET A 96 1.08 -6.36 8.27
CA MET A 96 1.53 -7.63 7.76
C MET A 96 2.77 -7.45 6.95
N ARG A 97 3.74 -8.28 7.26
CA ARG A 97 4.97 -8.31 6.48
C ARG A 97 4.86 -9.16 5.23
N ILE A 98 5.33 -8.59 4.08
CA ILE A 98 5.36 -9.31 2.82
C ILE A 98 6.83 -9.45 2.41
N PRO A 99 7.46 -10.63 2.58
CA PRO A 99 8.86 -10.79 2.25
C PRO A 99 9.19 -10.45 0.81
N ALA A 100 10.38 -9.93 0.62
CA ALA A 100 10.93 -9.62 -0.74
C ALA A 100 10.81 -10.90 -1.57
N GLY A 101 10.29 -10.72 -2.77
CA GLY A 101 10.13 -11.86 -3.68
C GLY A 101 8.84 -12.61 -3.60
N SER A 102 8.06 -12.44 -2.49
CA SER A 102 6.83 -13.14 -2.28
C SER A 102 5.77 -12.61 -3.29
N GLU A 103 5.06 -13.48 -3.98
CA GLU A 103 4.01 -13.11 -4.90
C GLU A 103 2.81 -12.83 -4.03
N HIS A 104 2.35 -11.56 -4.07
CA HIS A 104 1.28 -11.14 -3.18
C HIS A 104 0.32 -10.13 -3.81
N CYS A 105 -0.83 -9.99 -3.15
CA CYS A 105 -1.78 -8.90 -3.48
C CYS A 105 -2.75 -8.86 -2.35
N PHE A 106 -3.56 -7.79 -2.32
CA PHE A 106 -4.64 -7.70 -1.30
C PHE A 106 -5.97 -7.37 -1.96
N LEU A 107 -7.02 -7.71 -1.24
CA LEU A 107 -8.43 -7.46 -1.60
C LEU A 107 -9.14 -6.86 -0.41
N THR A 108 -9.83 -5.74 -0.61
CA THR A 108 -10.66 -5.16 0.41
C THR A 108 -11.94 -5.92 0.63
N LEU A 109 -12.12 -6.53 1.80
CA LEU A 109 -13.41 -7.25 2.08
C LEU A 109 -14.40 -6.41 2.86
N GLU A 110 -13.96 -5.37 3.62
CA GLU A 110 -14.84 -4.49 4.34
C GLU A 110 -14.09 -3.16 4.49
N ALA A 111 -14.82 -2.05 4.41
CA ALA A 111 -14.21 -0.73 4.64
C ALA A 111 -15.30 0.27 4.94
N GLU A 112 -14.97 1.18 5.79
CA GLU A 112 -15.76 2.39 6.08
C GLU A 112 -15.08 3.58 5.50
N VAL A 113 -15.77 4.71 5.57
CA VAL A 113 -15.15 6.01 5.20
C VAL A 113 -13.96 6.22 6.15
N GLY A 114 -12.80 6.46 5.56
CA GLY A 114 -11.65 6.58 6.34
C GLY A 114 -10.75 5.37 6.53
N SER A 115 -11.13 4.19 5.99
CA SER A 115 -10.24 3.05 6.02
C SER A 115 -9.12 3.33 5.07
N TYR A 116 -7.88 3.02 5.49
CA TYR A 116 -6.67 3.14 4.64
C TYR A 116 -5.86 1.88 4.69
N CYS A 117 -5.26 1.50 3.55
CA CYS A 117 -4.19 0.53 3.51
C CYS A 117 -2.98 1.22 2.86
N PHE A 118 -1.83 1.15 3.48
CA PHE A 118 -0.56 1.61 2.95
C PHE A 118 0.43 0.47 2.84
N GLY A 119 1.33 0.58 1.88
CA GLY A 119 2.38 -0.40 1.68
C GLY A 119 3.66 0.37 1.93
N ILE A 120 4.46 -0.06 2.90
CA ILE A 120 5.71 0.64 3.22
C ILE A 120 6.79 -0.24 2.68
N LEU A 121 7.48 0.23 1.62
CA LEU A 121 8.51 -0.60 0.93
C LEU A 121 9.84 -0.31 1.53
N LEU A 122 10.54 -1.34 2.05
CA LEU A 122 11.72 -1.17 2.85
C LEU A 122 12.96 -1.12 1.96
N GLY A 123 13.04 -0.11 1.18
CA GLY A 123 14.15 0.09 0.20
C GLY A 123 13.77 1.13 -0.77
N ASP A 124 14.76 1.46 -1.59
CA ASP A 124 14.51 2.46 -2.59
C ASP A 124 14.25 1.97 -4.01
N ARG A 125 14.16 0.64 -4.26
CA ARG A 125 13.79 0.10 -5.59
C ARG A 125 12.43 -0.57 -5.57
N LEU A 126 11.82 -0.57 -6.75
CA LEU A 126 10.63 -1.36 -7.07
C LEU A 126 11.02 -2.44 -8.11
ZN ZN B . 3.10 -4.92 -3.64
N TRP C . 1.70 -1.21 -1.72
CA TRP C . 0.54 -1.72 -2.50
C TRP C . 1.04 -2.67 -3.60
O TRP C . 2.24 -2.86 -3.69
CB TRP C . -0.24 -0.51 -3.09
CG TRP C . -1.42 -0.15 -2.21
CD1 TRP C . -1.48 -0.32 -0.86
CD2 TRP C . -2.70 0.43 -2.60
NE1 TRP C . -2.72 0.10 -0.42
CE2 TRP C . -3.50 0.58 -1.45
CE3 TRP C . -3.25 0.84 -3.84
CZ2 TRP C . -4.79 1.11 -1.51
CZ3 TRP C . -4.54 1.37 -3.90
CH2 TRP C . -5.32 1.50 -2.74
OXT TRP C . 0.20 -3.20 -4.32
H1 TRP C . 2.42 -1.96 -1.66
H2 TRP C . 1.38 -0.95 -0.77
H3 TRP C . 2.10 -0.38 -2.19
HA TRP C . -0.10 -2.26 -1.85
HB2 TRP C . 0.43 0.34 -3.15
HB3 TRP C . -0.60 -0.74 -4.07
HD1 TRP C . -0.69 -0.72 -0.24
HE1 TRP C . -3.01 0.08 0.52
HE3 TRP C . -2.66 0.73 -4.74
HZ2 TRP C . -5.38 1.21 -0.61
HZ3 TRP C . -4.94 1.68 -4.86
HH2 TRP C . -6.31 1.91 -2.81
N PRO A 4 7.19 30.67 -3.25
CA PRO A 4 6.64 30.15 -2.05
C PRO A 4 6.56 28.58 -2.04
N ALA A 5 7.19 27.84 -2.97
CA ALA A 5 7.33 26.37 -2.74
C ALA A 5 8.32 26.23 -1.62
N ASP A 6 7.97 25.36 -0.66
CA ASP A 6 8.83 25.21 0.54
C ASP A 6 9.54 23.88 0.33
N PRO A 7 10.88 23.81 0.40
CA PRO A 7 11.57 22.58 0.06
C PRO A 7 11.27 21.41 1.03
N GLU A 8 10.78 21.72 2.20
CA GLU A 8 10.46 20.74 3.21
C GLU A 8 9.03 20.15 3.04
N ILE A 9 8.23 20.67 2.09
CA ILE A 9 6.77 20.31 1.99
C ILE A 9 6.57 19.83 0.59
N VAL A 10 5.89 18.69 0.44
CA VAL A 10 5.42 18.19 -0.85
C VAL A 10 3.90 18.11 -0.79
N GLU A 11 3.25 18.91 -1.60
CA GLU A 11 1.76 18.95 -1.73
C GLU A 11 1.33 18.24 -3.01
N GLY A 12 2.27 17.99 -3.90
CA GLY A 12 1.94 17.35 -5.18
C GLY A 12 1.80 15.83 -5.11
N LEU A 13 0.68 15.43 -4.47
CA LEU A 13 0.42 14.04 -4.00
C LEU A 13 -0.98 13.64 -4.31
N PRO A 14 -1.23 12.35 -4.51
CA PRO A 14 -0.21 11.30 -4.63
C PRO A 14 0.55 11.39 -5.93
N ILE A 15 1.59 10.62 -5.99
CA ILE A 15 2.44 10.47 -7.17
C ILE A 15 2.10 9.13 -7.76
N PRO A 16 1.37 9.10 -8.88
CA PRO A 16 0.95 7.82 -9.39
C PRO A 16 2.05 7.23 -10.26
N LEU A 17 2.56 6.06 -9.86
CA LEU A 17 3.63 5.38 -10.51
C LEU A 17 3.18 4.06 -11.12
N ALA A 18 3.65 3.79 -12.33
CA ALA A 18 3.35 2.48 -12.92
C ALA A 18 4.02 1.36 -12.16
N VAL A 19 3.30 0.35 -11.73
CA VAL A 19 3.84 -0.77 -10.92
C VAL A 19 3.37 -2.05 -11.53
N ALA A 20 4.25 -3.02 -11.61
CA ALA A 20 3.83 -4.30 -12.21
C ALA A 20 2.68 -4.93 -11.42
N GLY A 21 1.76 -5.52 -12.18
CA GLY A 21 0.58 -6.14 -11.59
C GLY A 21 -0.64 -5.25 -11.42
N HIS A 22 -0.45 -3.96 -11.41
CA HIS A 22 -1.48 -2.94 -11.20
C HIS A 22 -2.10 -2.57 -12.56
N HIS A 23 -3.35 -2.14 -12.58
CA HIS A 23 -3.95 -1.74 -13.81
C HIS A 23 -4.18 -0.27 -13.95
N GLN A 24 -3.93 0.51 -12.87
CA GLN A 24 -3.78 1.92 -12.95
C GLN A 24 -2.52 2.22 -12.09
N PRO A 25 -1.97 3.40 -12.24
CA PRO A 25 -0.74 3.65 -11.49
C PRO A 25 -1.02 3.61 -10.00
N ALA A 26 -0.01 3.16 -9.21
CA ALA A 26 -0.13 3.02 -7.73
C ALA A 26 0.14 4.37 -7.03
N PRO A 27 -0.76 4.86 -6.19
CA PRO A 27 -0.60 6.17 -5.57
C PRO A 27 0.47 6.21 -4.50
N PHE A 28 1.63 6.84 -4.79
CA PHE A 28 2.70 6.97 -3.81
C PHE A 28 2.60 8.30 -3.09
N TYR A 29 2.90 8.23 -1.80
CA TYR A 29 3.07 9.41 -0.97
C TYR A 29 4.48 9.65 -0.59
N LEU A 30 5.31 8.60 -0.42
CA LEU A 30 6.79 8.78 -0.27
C LEU A 30 7.44 8.07 -1.38
N THR A 31 8.34 8.73 -2.10
CA THR A 31 9.14 8.13 -3.15
C THR A 31 10.64 8.29 -2.84
N ALA A 32 11.45 7.42 -3.45
CA ALA A 32 12.86 7.36 -3.14
C ALA A 32 13.60 8.63 -3.45
N ASP A 33 13.06 9.41 -4.35
CA ASP A 33 13.70 10.66 -4.85
C ASP A 33 13.34 11.91 -4.09
N MET A 34 12.46 11.77 -3.08
CA MET A 34 12.11 12.91 -2.25
C MET A 34 13.20 13.28 -1.23
N PHE A 35 13.26 14.59 -0.94
CA PHE A 35 14.11 15.14 0.08
C PHE A 35 15.54 14.68 -0.04
N GLY A 36 16.00 14.64 -1.28
CA GLY A 36 17.42 14.21 -1.54
C GLY A 36 17.76 12.75 -1.51
N GLY A 37 16.74 11.94 -1.26
CA GLY A 37 16.86 10.57 -1.21
C GLY A 37 16.31 10.00 0.07
N LEU A 38 15.30 9.10 -0.08
CA LEU A 38 14.73 8.40 1.04
C LEU A 38 15.02 6.94 1.06
N PRO A 39 15.06 6.36 2.25
CA PRO A 39 15.41 4.91 2.35
C PRO A 39 14.24 3.94 2.25
N VAL A 40 13.05 4.49 2.11
CA VAL A 40 11.81 3.71 2.01
C VAL A 40 10.88 4.45 1.05
N GLN A 41 9.88 3.74 0.54
CA GLN A 41 8.81 4.32 -0.25
C GLN A 41 7.46 3.94 0.41
N LEU A 42 6.39 4.65 0.10
CA LEU A 42 5.12 4.42 0.74
C LEU A 42 4.00 4.70 -0.20
N ALA A 43 3.11 3.77 -0.39
CA ALA A 43 2.00 3.97 -1.31
C ALA A 43 0.75 3.42 -0.72
N GLY A 44 -0.37 3.95 -1.14
CA GLY A 44 -1.64 3.44 -0.58
C GLY A 44 -2.78 4.34 -0.79
N GLY A 45 -3.84 4.12 -0.04
CA GLY A 45 -5.04 4.91 -0.22
C GLY A 45 -6.20 4.46 0.64
N GLU A 46 -7.28 5.19 0.45
CA GLU A 46 -8.51 5.04 1.16
C GLU A 46 -9.31 3.93 0.47
N LEU A 47 -9.89 2.97 1.20
CA LEU A 47 -10.58 1.84 0.50
C LEU A 47 -12.08 1.85 0.60
N SER A 48 -12.70 2.93 1.02
CA SER A 48 -14.17 2.87 1.07
C SER A 48 -14.76 2.55 -0.29
N THR A 49 -14.15 2.94 -1.40
CA THR A 49 -14.72 2.62 -2.73
C THR A 49 -14.15 1.37 -3.36
N LEU A 50 -13.20 0.68 -2.69
CA LEU A 50 -12.52 -0.51 -3.26
C LEU A 50 -13.00 -1.87 -2.67
N VAL A 51 -14.13 -1.92 -1.99
CA VAL A 51 -14.60 -3.18 -1.40
C VAL A 51 -14.96 -4.07 -2.59
N GLY A 52 -14.34 -5.22 -2.60
CA GLY A 52 -14.60 -6.16 -3.70
C GLY A 52 -13.85 -5.83 -4.97
N LYS A 53 -12.92 -4.88 -4.96
CA LYS A 53 -12.22 -4.41 -6.18
C LYS A 53 -10.73 -4.41 -5.99
N PRO A 54 -9.98 -5.39 -6.49
CA PRO A 54 -8.56 -5.43 -6.15
C PRO A 54 -7.77 -4.47 -7.00
N VAL A 55 -6.75 -3.84 -6.46
CA VAL A 55 -5.95 -2.91 -7.26
C VAL A 55 -4.83 -3.62 -8.05
N ALA A 56 -4.52 -4.89 -7.75
CA ALA A 56 -3.46 -5.56 -8.47
C ALA A 56 -3.65 -7.04 -8.51
N ALA A 57 -2.98 -7.64 -9.45
CA ALA A 57 -2.83 -9.11 -9.52
C ALA A 57 -1.64 -9.48 -8.67
N PRO A 58 -1.43 -10.79 -8.42
CA PRO A 58 -0.21 -11.22 -7.68
C PRO A 58 1.00 -10.67 -8.31
N HIS A 59 1.83 -10.05 -7.46
CA HIS A 59 3.04 -9.40 -7.93
C HIS A 59 4.12 -9.48 -6.87
N THR A 60 5.31 -9.00 -7.22
CA THR A 60 6.45 -9.06 -6.35
C THR A 60 7.22 -7.76 -6.29
N HIS A 61 8.09 -7.64 -5.23
CA HIS A 61 8.97 -6.46 -5.02
C HIS A 61 10.34 -6.94 -4.65
N PRO A 62 11.38 -6.26 -5.01
CA PRO A 62 12.66 -6.72 -4.63
C PRO A 62 13.05 -6.40 -3.24
N VAL A 63 12.14 -5.78 -2.46
CA VAL A 63 12.38 -5.38 -1.10
C VAL A 63 11.15 -5.88 -0.28
N ASP A 64 11.35 -5.96 1.00
CA ASP A 64 10.25 -6.31 1.88
C ASP A 64 9.22 -5.16 1.88
N GLU A 65 7.93 -5.54 1.98
CA GLU A 65 6.80 -4.58 1.96
C GLU A 65 5.89 -4.80 3.20
N LEU A 66 5.63 -3.74 4.02
CA LEU A 66 4.73 -3.89 5.21
C LEU A 66 3.41 -3.29 4.85
N TYR A 67 2.33 -4.02 4.96
CA TYR A 67 1.02 -3.46 4.84
C TYR A 67 0.60 -2.92 6.17
N LEU A 68 0.03 -1.72 6.18
CA LEU A 68 -0.60 -1.13 7.36
C LEU A 68 -2.03 -0.82 7.06
N LEU A 69 -2.94 -1.37 7.84
CA LEU A 69 -4.38 -1.22 7.65
C LEU A 69 -4.93 -0.51 8.87
N VAL A 70 -5.59 0.63 8.64
CA VAL A 70 -6.20 1.43 9.73
C VAL A 70 -7.62 1.82 9.37
N SER A 71 -8.49 2.11 10.36
CA SER A 71 -9.79 2.60 10.14
C SER A 71 -10.28 3.34 11.41
N PRO A 72 -11.21 4.32 11.18
CA PRO A 72 -11.58 5.12 12.38
C PRO A 72 -12.18 4.32 13.51
N ASN A 73 -12.94 3.34 13.18
CA ASN A 73 -13.45 2.42 14.19
C ASN A 73 -12.61 1.18 14.23
N LYS A 74 -12.36 0.66 15.44
CA LYS A 74 -11.73 -0.61 15.63
C LYS A 74 -12.47 -1.67 14.82
N GLY A 75 -11.70 -2.41 14.00
CA GLY A 75 -12.33 -3.42 13.12
C GLY A 75 -13.19 -2.90 11.97
N GLY A 76 -13.06 -1.62 11.65
CA GLY A 76 -13.77 -1.02 10.54
C GLY A 76 -13.38 -1.42 9.15
N ALA A 77 -12.21 -2.00 9.01
CA ALA A 77 -11.72 -2.48 7.76
C ALA A 77 -11.12 -3.84 7.83
N ARG A 78 -11.29 -4.63 6.77
CA ARG A 78 -10.72 -5.96 6.66
C ARG A 78 -10.18 -6.18 5.30
N ILE A 79 -8.99 -6.74 5.12
CA ILE A 79 -8.44 -7.07 3.82
C ILE A 79 -8.00 -8.55 3.82
N GLU A 80 -8.10 -9.14 2.66
CA GLU A 80 -7.48 -10.43 2.35
C GLU A 80 -6.17 -10.19 1.70
N VAL A 81 -5.11 -10.84 2.19
CA VAL A 81 -3.79 -10.82 1.52
C VAL A 81 -3.43 -12.23 1.06
N GLN A 82 -3.11 -12.40 -0.21
CA GLN A 82 -2.50 -13.64 -0.71
C GLN A 82 -1.03 -13.59 -0.60
N LEU A 83 -0.44 -14.57 0.10
CA LEU A 83 0.99 -14.63 0.26
C LEU A 83 1.44 -15.94 -0.34
N ASP A 84 2.11 -15.88 -1.49
CA ASP A 84 2.49 -17.12 -2.25
C ASP A 84 1.38 -18.18 -2.22
N GLY A 85 0.21 -17.69 -2.61
CA GLY A 85 -0.95 -18.51 -2.69
C GLY A 85 -1.73 -18.85 -1.46
N ARG A 86 -1.34 -18.36 -0.28
CA ARG A 86 -2.04 -18.70 0.91
C ARG A 86 -2.80 -17.45 1.38
N ARG A 87 -4.10 -17.64 1.58
CA ARG A 87 -4.96 -16.53 2.05
C ARG A 87 -4.69 -16.22 3.50
N HIS A 88 -4.56 -14.92 3.77
CA HIS A 88 -4.46 -14.33 5.08
C HIS A 88 -5.48 -13.21 5.21
N GLU A 89 -5.93 -12.93 6.39
CA GLU A 89 -6.83 -11.78 6.58
C GLU A 89 -6.33 -10.90 7.67
N LEU A 90 -6.53 -9.60 7.51
CA LEU A 90 -6.20 -8.58 8.46
C LEU A 90 -7.44 -7.80 8.83
N LEU A 91 -7.61 -7.58 10.15
CA LEU A 91 -8.68 -6.78 10.69
C LEU A 91 -8.07 -5.52 11.30
N SER A 92 -8.55 -4.35 10.89
CA SER A 92 -7.89 -3.11 11.36
C SER A 92 -8.01 -2.95 12.89
N PRO A 93 -6.96 -2.37 13.49
CA PRO A 93 -5.61 -2.05 12.90
C PRO A 93 -4.72 -3.23 12.86
N ALA A 94 -3.95 -3.33 11.76
CA ALA A 94 -3.05 -4.45 11.59
C ALA A 94 -1.88 -4.09 10.68
N VAL A 95 -0.82 -4.84 10.80
CA VAL A 95 0.36 -4.76 9.98
C VAL A 95 0.76 -6.18 9.56
N MET A 96 1.08 -6.36 8.27
CA MET A 96 1.53 -7.63 7.76
C MET A 96 2.77 -7.45 6.95
N ARG A 97 3.74 -8.28 7.26
CA ARG A 97 4.97 -8.31 6.48
C ARG A 97 4.86 -9.16 5.23
N ILE A 98 5.33 -8.59 4.08
CA ILE A 98 5.36 -9.31 2.82
C ILE A 98 6.83 -9.45 2.41
N PRO A 99 7.46 -10.63 2.58
CA PRO A 99 8.86 -10.79 2.25
C PRO A 99 9.19 -10.45 0.81
N ALA A 100 10.38 -9.93 0.62
CA ALA A 100 10.93 -9.62 -0.74
C ALA A 100 10.81 -10.90 -1.57
N GLY A 101 10.29 -10.72 -2.77
CA GLY A 101 10.13 -11.86 -3.68
C GLY A 101 8.84 -12.61 -3.60
N SER A 102 8.06 -12.44 -2.49
CA SER A 102 6.83 -13.14 -2.28
C SER A 102 5.77 -12.61 -3.29
N GLU A 103 5.06 -13.48 -3.98
CA GLU A 103 4.01 -13.11 -4.90
C GLU A 103 2.81 -12.83 -4.03
N HIS A 104 2.35 -11.56 -4.07
CA HIS A 104 1.27 -11.14 -3.18
C HIS A 104 0.32 -10.13 -3.81
N CYS A 105 -0.83 -9.99 -3.15
CA CYS A 105 -1.78 -8.90 -3.48
C CYS A 105 -2.75 -8.86 -2.35
N PHE A 106 -3.56 -7.79 -2.32
CA PHE A 106 -4.64 -7.70 -1.30
C PHE A 106 -5.97 -7.37 -1.96
N LEU A 107 -7.02 -7.71 -1.24
CA LEU A 107 -8.43 -7.46 -1.60
C LEU A 107 -9.14 -6.86 -0.41
N THR A 108 -9.83 -5.74 -0.61
CA THR A 108 -10.66 -5.16 0.41
C THR A 108 -11.94 -5.92 0.63
N LEU A 109 -12.12 -6.53 1.80
CA LEU A 109 -13.41 -7.25 2.08
C LEU A 109 -14.40 -6.41 2.86
N GLU A 110 -13.96 -5.37 3.62
CA GLU A 110 -14.84 -4.49 4.34
C GLU A 110 -14.09 -3.16 4.49
N ALA A 111 -14.82 -2.05 4.41
CA ALA A 111 -14.21 -0.73 4.64
C ALA A 111 -15.30 0.27 4.94
N GLU A 112 -14.97 1.18 5.79
CA GLU A 112 -15.76 2.39 6.08
C GLU A 112 -15.08 3.58 5.50
N VAL A 113 -15.77 4.71 5.57
CA VAL A 113 -15.15 6.01 5.20
C VAL A 113 -13.96 6.22 6.15
N GLY A 114 -12.80 6.46 5.56
CA GLY A 114 -11.65 6.58 6.34
C GLY A 114 -10.75 5.37 6.53
N SER A 115 -11.13 4.19 5.99
CA SER A 115 -10.24 3.05 6.02
C SER A 115 -9.12 3.33 5.07
N TYR A 116 -7.88 3.02 5.49
CA TYR A 116 -6.67 3.14 4.64
C TYR A 116 -5.86 1.88 4.69
N CYS A 117 -5.26 1.50 3.55
CA CYS A 117 -4.19 0.53 3.51
C CYS A 117 -2.98 1.22 2.86
N PHE A 118 -1.83 1.15 3.48
CA PHE A 118 -0.56 1.61 2.95
C PHE A 118 0.43 0.47 2.84
N GLY A 119 1.32 0.59 1.88
CA GLY A 119 2.38 -0.40 1.67
C GLY A 119 3.66 0.37 1.93
N ILE A 120 4.46 -0.06 2.90
CA ILE A 120 5.71 0.64 3.22
C ILE A 120 6.79 -0.24 2.68
N LEU A 121 7.48 0.23 1.62
CA LEU A 121 8.51 -0.60 0.93
C LEU A 121 9.84 -0.31 1.53
N LEU A 122 10.54 -1.34 2.05
CA LEU A 122 11.72 -1.17 2.85
C LEU A 122 12.96 -1.12 1.96
N GLY A 123 13.04 -0.11 1.18
CA GLY A 123 14.15 0.09 0.20
C GLY A 123 13.77 1.13 -0.77
N ASP A 124 14.76 1.46 -1.59
CA ASP A 124 14.51 2.46 -2.59
C ASP A 124 14.25 1.97 -4.01
N ARG A 125 14.16 0.64 -4.26
CA ARG A 125 13.79 0.10 -5.59
C ARG A 125 12.43 -0.57 -5.57
N LEU A 126 11.82 -0.57 -6.75
CA LEU A 126 10.63 -1.36 -7.07
C LEU A 126 11.02 -2.44 -8.11
ZN ZN B . 3.10 -4.93 -3.63
N TRP C . 1.68 -1.22 -1.69
CA TRP C . 0.53 -1.71 -2.50
C TRP C . 1.04 -2.67 -3.59
O TRP C . 2.24 -2.86 -3.67
CB TRP C . -0.22 -0.48 -3.11
CG TRP C . -1.41 -0.12 -2.27
CD1 TRP C . -1.51 -0.27 -0.92
CD2 TRP C . -2.69 0.46 -2.70
NE1 TRP C . -2.76 0.16 -0.50
CE2 TRP C . -3.52 0.62 -1.56
CE3 TRP C . -3.20 0.85 -3.95
CZ2 TRP C . -4.80 1.15 -1.66
CZ3 TRP C . -4.49 1.39 -4.05
CH2 TRP C . -5.29 1.54 -2.92
OXT TRP C . 0.21 -3.20 -4.31
H1 TRP C . 1.65 -1.65 -0.75
H2 TRP C . 1.63 -0.18 -1.61
H3 TRP C . 2.57 -1.49 -2.17
HA TRP C . -0.14 -2.24 -1.86
HB2 TRP C . 0.45 0.36 -3.14
HB3 TRP C . -0.55 -0.72 -4.10
HD1 TRP C . -0.75 -0.68 -0.28
HE1 TRP C . -3.09 0.16 0.42
HE3 TRP C . -2.59 0.74 -4.84
HZ2 TRP C . -5.42 1.28 -0.78
HZ3 TRP C . -4.87 1.69 -5.02
HH2 TRP C . -6.29 1.96 -3.00
N PRO A 4 7.19 30.67 -3.25
CA PRO A 4 6.64 30.15 -2.05
C PRO A 4 6.56 28.58 -2.04
N ALA A 5 7.19 27.84 -2.97
CA ALA A 5 7.33 26.37 -2.74
C ALA A 5 8.32 26.23 -1.62
N ASP A 6 7.97 25.36 -0.66
CA ASP A 6 8.83 25.21 0.54
C ASP A 6 9.54 23.88 0.33
N PRO A 7 10.88 23.81 0.40
CA PRO A 7 11.57 22.58 0.06
C PRO A 7 11.27 21.41 1.03
N GLU A 8 10.78 21.72 2.20
CA GLU A 8 10.46 20.74 3.21
C GLU A 8 9.03 20.15 3.04
N ILE A 9 8.23 20.67 2.09
CA ILE A 9 6.77 20.31 1.99
C ILE A 9 6.57 19.83 0.59
N VAL A 10 5.89 18.69 0.44
CA VAL A 10 5.42 18.19 -0.85
C VAL A 10 3.90 18.11 -0.79
N GLU A 11 3.25 18.91 -1.60
CA GLU A 11 1.76 18.95 -1.73
C GLU A 11 1.33 18.24 -3.01
N GLY A 12 2.27 17.99 -3.90
CA GLY A 12 1.94 17.35 -5.18
C GLY A 12 1.80 15.83 -5.11
N LEU A 13 0.68 15.43 -4.47
CA LEU A 13 0.42 14.04 -4.00
C LEU A 13 -0.98 13.64 -4.31
N PRO A 14 -1.23 12.35 -4.51
CA PRO A 14 -0.21 11.30 -4.63
C PRO A 14 0.55 11.39 -5.93
N ILE A 15 1.59 10.62 -5.99
CA ILE A 15 2.44 10.47 -7.17
C ILE A 15 2.10 9.13 -7.76
N PRO A 16 1.37 9.10 -8.88
CA PRO A 16 0.95 7.82 -9.39
C PRO A 16 2.05 7.23 -10.26
N LEU A 17 2.56 6.06 -9.86
CA LEU A 17 3.63 5.38 -10.51
C LEU A 17 3.18 4.06 -11.12
N ALA A 18 3.65 3.79 -12.33
CA ALA A 18 3.35 2.48 -12.92
C ALA A 18 4.02 1.36 -12.16
N VAL A 19 3.30 0.35 -11.73
CA VAL A 19 3.84 -0.77 -10.92
C VAL A 19 3.37 -2.05 -11.53
N ALA A 20 4.25 -3.02 -11.61
CA ALA A 20 3.83 -4.30 -12.21
C ALA A 20 2.68 -4.93 -11.42
N GLY A 21 1.76 -5.52 -12.18
CA GLY A 21 0.58 -6.14 -11.59
C GLY A 21 -0.64 -5.25 -11.42
N HIS A 22 -0.45 -3.96 -11.41
CA HIS A 22 -1.48 -2.94 -11.20
C HIS A 22 -2.10 -2.57 -12.56
N HIS A 23 -3.35 -2.14 -12.58
CA HIS A 23 -3.95 -1.74 -13.81
C HIS A 23 -4.18 -0.27 -13.95
N GLN A 24 -3.93 0.51 -12.87
CA GLN A 24 -3.78 1.92 -12.95
C GLN A 24 -2.52 2.22 -12.09
N PRO A 25 -1.97 3.40 -12.24
CA PRO A 25 -0.74 3.65 -11.49
C PRO A 25 -1.02 3.61 -10.00
N ALA A 26 -0.01 3.16 -9.21
CA ALA A 26 -0.13 3.02 -7.73
C ALA A 26 0.14 4.37 -7.03
N PRO A 27 -0.76 4.86 -6.19
CA PRO A 27 -0.60 6.17 -5.57
C PRO A 27 0.47 6.21 -4.50
N PHE A 28 1.63 6.84 -4.79
CA PHE A 28 2.70 6.97 -3.81
C PHE A 28 2.60 8.30 -3.09
N TYR A 29 2.90 8.23 -1.80
CA TYR A 29 3.07 9.41 -0.97
C TYR A 29 4.48 9.65 -0.59
N LEU A 30 5.31 8.60 -0.42
CA LEU A 30 6.79 8.78 -0.27
C LEU A 30 7.44 8.07 -1.38
N THR A 31 8.34 8.73 -2.10
CA THR A 31 9.14 8.13 -3.15
C THR A 31 10.64 8.29 -2.84
N ALA A 32 11.45 7.42 -3.45
CA ALA A 32 12.86 7.36 -3.14
C ALA A 32 13.60 8.63 -3.45
N ASP A 33 13.06 9.41 -4.35
CA ASP A 33 13.70 10.66 -4.85
C ASP A 33 13.34 11.91 -4.09
N MET A 34 12.46 11.77 -3.08
CA MET A 34 12.11 12.91 -2.25
C MET A 34 13.20 13.28 -1.23
N PHE A 35 13.26 14.59 -0.94
CA PHE A 35 14.11 15.14 0.08
C PHE A 35 15.54 14.68 -0.04
N GLY A 36 16.00 14.64 -1.28
CA GLY A 36 17.42 14.21 -1.54
C GLY A 36 17.76 12.75 -1.51
N GLY A 37 16.74 11.94 -1.26
CA GLY A 37 16.86 10.57 -1.21
C GLY A 37 16.31 10.00 0.07
N LEU A 38 15.30 9.10 -0.08
CA LEU A 38 14.73 8.40 1.04
C LEU A 38 15.02 6.94 1.06
N PRO A 39 15.06 6.36 2.25
CA PRO A 39 15.41 4.91 2.35
C PRO A 39 14.24 3.94 2.25
N VAL A 40 13.05 4.49 2.11
CA VAL A 40 11.81 3.71 2.01
C VAL A 40 10.88 4.45 1.05
N GLN A 41 9.88 3.74 0.54
CA GLN A 41 8.81 4.32 -0.25
C GLN A 41 7.46 3.94 0.41
N LEU A 42 6.39 4.65 0.10
CA LEU A 42 5.12 4.42 0.74
C LEU A 42 4.00 4.70 -0.20
N ALA A 43 3.12 3.73 -0.40
CA ALA A 43 2.01 3.91 -1.33
C ALA A 43 0.75 3.39 -0.73
N GLY A 44 -0.37 3.95 -1.14
CA GLY A 44 -1.64 3.44 -0.58
C GLY A 44 -2.78 4.34 -0.79
N GLY A 45 -3.84 4.12 -0.04
CA GLY A 45 -5.03 4.91 -0.22
C GLY A 45 -6.20 4.46 0.64
N GLU A 46 -7.28 5.19 0.45
CA GLU A 46 -8.51 5.04 1.16
C GLU A 46 -9.31 3.93 0.47
N LEU A 47 -9.89 2.98 1.19
CA LEU A 47 -10.57 1.87 0.48
C LEU A 47 -12.07 1.85 0.60
N SER A 48 -12.70 2.93 1.02
CA SER A 48 -14.17 2.87 1.07
C SER A 48 -14.76 2.55 -0.29
N THR A 49 -14.15 2.94 -1.40
CA THR A 49 -14.72 2.62 -2.73
C THR A 49 -14.15 1.37 -3.36
N LEU A 50 -13.20 0.68 -2.69
CA LEU A 50 -12.52 -0.51 -3.26
C LEU A 50 -13.00 -1.87 -2.67
N VAL A 51 -14.13 -1.92 -1.99
CA VAL A 51 -14.60 -3.18 -1.40
C VAL A 51 -14.96 -4.07 -2.59
N GLY A 52 -14.34 -5.22 -2.60
CA GLY A 52 -14.60 -6.16 -3.70
C GLY A 52 -13.85 -5.83 -4.97
N LYS A 53 -12.92 -4.88 -4.96
CA LYS A 53 -12.22 -4.41 -6.18
C LYS A 53 -10.73 -4.41 -5.99
N PRO A 54 -9.98 -5.39 -6.49
CA PRO A 54 -8.56 -5.43 -6.15
C PRO A 54 -7.77 -4.47 -7.00
N VAL A 55 -6.75 -3.83 -6.46
CA VAL A 55 -5.95 -2.90 -7.27
C VAL A 55 -4.83 -3.62 -8.05
N ALA A 56 -4.52 -4.89 -7.75
CA ALA A 56 -3.46 -5.56 -8.47
C ALA A 56 -3.65 -7.04 -8.51
N ALA A 57 -2.98 -7.64 -9.45
CA ALA A 57 -2.83 -9.11 -9.52
C ALA A 57 -1.64 -9.48 -8.67
N PRO A 58 -1.43 -10.79 -8.42
CA PRO A 58 -0.21 -11.22 -7.68
C PRO A 58 1.00 -10.67 -8.31
N HIS A 59 1.80 -9.99 -7.43
CA HIS A 59 2.99 -9.25 -7.85
C HIS A 59 4.10 -9.43 -6.84
N THR A 60 5.31 -9.00 -7.22
CA THR A 60 6.45 -9.06 -6.35
C THR A 60 7.22 -7.76 -6.29
N HIS A 61 8.11 -7.61 -5.29
CA HIS A 61 9.01 -6.44 -5.23
C HIS A 61 10.33 -6.93 -4.69
N PRO A 62 11.38 -6.26 -5.01
CA PRO A 62 12.66 -6.72 -4.63
C PRO A 62 13.05 -6.40 -3.24
N VAL A 63 12.14 -5.78 -2.46
CA VAL A 63 12.38 -5.38 -1.10
C VAL A 63 11.15 -5.88 -0.28
N ASP A 64 11.35 -5.96 1.00
CA ASP A 64 10.25 -6.31 1.88
C ASP A 64 9.22 -5.16 1.88
N GLU A 65 7.92 -5.52 1.98
CA GLU A 65 6.81 -4.54 2.00
C GLU A 65 5.90 -4.79 3.22
N LEU A 66 5.63 -3.74 4.02
CA LEU A 66 4.73 -3.89 5.21
C LEU A 66 3.41 -3.29 4.85
N TYR A 67 2.33 -4.02 4.96
CA TYR A 67 1.02 -3.46 4.84
C TYR A 67 0.60 -2.92 6.17
N LEU A 68 0.03 -1.72 6.18
CA LEU A 68 -0.60 -1.13 7.36
C LEU A 68 -2.03 -0.82 7.06
N LEU A 69 -2.94 -1.37 7.84
CA LEU A 69 -4.38 -1.22 7.65
C LEU A 69 -4.93 -0.51 8.87
N VAL A 70 -5.59 0.63 8.64
CA VAL A 70 -6.20 1.43 9.73
C VAL A 70 -7.62 1.82 9.37
N SER A 71 -8.49 2.11 10.36
CA SER A 71 -9.79 2.60 10.14
C SER A 71 -10.28 3.34 11.41
N PRO A 72 -11.21 4.32 11.18
CA PRO A 72 -11.58 5.12 12.38
C PRO A 72 -12.18 4.32 13.51
N ASN A 73 -12.94 3.34 13.18
CA ASN A 73 -13.45 2.42 14.19
C ASN A 73 -12.61 1.18 14.23
N LYS A 74 -12.36 0.66 15.44
CA LYS A 74 -11.73 -0.61 15.63
C LYS A 74 -12.47 -1.67 14.82
N GLY A 75 -11.70 -2.41 14.00
CA GLY A 75 -12.33 -3.42 13.12
C GLY A 75 -13.19 -2.90 11.97
N GLY A 76 -13.06 -1.62 11.65
CA GLY A 76 -13.77 -1.02 10.54
C GLY A 76 -13.38 -1.42 9.15
N ALA A 77 -12.21 -2.00 9.01
CA ALA A 77 -11.72 -2.48 7.76
C ALA A 77 -11.12 -3.84 7.83
N ARG A 78 -11.29 -4.63 6.77
CA ARG A 78 -10.72 -5.96 6.66
C ARG A 78 -10.18 -6.18 5.30
N ILE A 79 -8.99 -6.74 5.12
CA ILE A 79 -8.44 -7.07 3.82
C ILE A 79 -8.00 -8.55 3.82
N GLU A 80 -8.10 -9.14 2.66
CA GLU A 80 -7.48 -10.43 2.35
C GLU A 80 -6.17 -10.19 1.70
N VAL A 81 -5.11 -10.84 2.19
CA VAL A 81 -3.79 -10.82 1.52
C VAL A 81 -3.43 -12.23 1.06
N GLN A 82 -3.11 -12.40 -0.21
CA GLN A 82 -2.50 -13.64 -0.71
C GLN A 82 -1.03 -13.59 -0.60
N LEU A 83 -0.44 -14.57 0.10
CA LEU A 83 0.99 -14.63 0.26
C LEU A 83 1.44 -15.94 -0.34
N ASP A 84 2.11 -15.88 -1.49
CA ASP A 84 2.49 -17.12 -2.25
C ASP A 84 1.38 -18.18 -2.22
N GLY A 85 0.21 -17.69 -2.61
CA GLY A 85 -0.95 -18.51 -2.69
C GLY A 85 -1.73 -18.85 -1.46
N ARG A 86 -1.34 -18.36 -0.28
CA ARG A 86 -2.04 -18.70 0.91
C ARG A 86 -2.80 -17.45 1.38
N ARG A 87 -4.10 -17.64 1.58
CA ARG A 87 -4.96 -16.53 2.05
C ARG A 87 -4.69 -16.22 3.50
N HIS A 88 -4.56 -14.92 3.77
CA HIS A 88 -4.46 -14.33 5.08
C HIS A 88 -5.48 -13.21 5.21
N GLU A 89 -5.93 -12.93 6.39
CA GLU A 89 -6.83 -11.78 6.58
C GLU A 89 -6.33 -10.90 7.67
N LEU A 90 -6.53 -9.60 7.51
CA LEU A 90 -6.20 -8.58 8.46
C LEU A 90 -7.44 -7.80 8.83
N LEU A 91 -7.61 -7.58 10.15
CA LEU A 91 -8.68 -6.78 10.69
C LEU A 91 -8.07 -5.52 11.30
N SER A 92 -8.55 -4.35 10.89
CA SER A 92 -7.89 -3.11 11.36
C SER A 92 -8.01 -2.95 12.89
N PRO A 93 -6.96 -2.37 13.49
CA PRO A 93 -5.61 -2.05 12.90
C PRO A 93 -4.72 -3.23 12.86
N ALA A 94 -3.95 -3.33 11.76
CA ALA A 94 -3.05 -4.45 11.59
C ALA A 94 -1.88 -4.09 10.68
N VAL A 95 -0.82 -4.84 10.80
CA VAL A 95 0.36 -4.76 9.98
C VAL A 95 0.76 -6.18 9.56
N MET A 96 1.08 -6.36 8.27
CA MET A 96 1.53 -7.63 7.76
C MET A 96 2.77 -7.45 6.95
N ARG A 97 3.74 -8.28 7.26
CA ARG A 97 4.97 -8.31 6.48
C ARG A 97 4.86 -9.16 5.23
N ILE A 98 5.33 -8.59 4.08
CA ILE A 98 5.36 -9.31 2.82
C ILE A 98 6.83 -9.45 2.41
N PRO A 99 7.46 -10.63 2.58
CA PRO A 99 8.86 -10.79 2.25
C PRO A 99 9.19 -10.45 0.81
N ALA A 100 10.38 -9.93 0.62
CA ALA A 100 10.93 -9.62 -0.74
C ALA A 100 10.81 -10.90 -1.57
N GLY A 101 10.29 -10.72 -2.77
CA GLY A 101 10.13 -11.86 -3.68
C GLY A 101 8.84 -12.61 -3.60
N SER A 102 8.06 -12.44 -2.49
CA SER A 102 6.83 -13.14 -2.28
C SER A 102 5.77 -12.61 -3.29
N GLU A 103 5.06 -13.48 -3.98
CA GLU A 103 4.01 -13.11 -4.90
C GLU A 103 2.81 -12.83 -4.03
N HIS A 104 2.30 -11.60 -4.08
CA HIS A 104 1.18 -11.26 -3.22
C HIS A 104 0.29 -10.18 -3.84
N CYS A 105 -0.83 -9.99 -3.15
CA CYS A 105 -1.78 -8.90 -3.48
C CYS A 105 -2.75 -8.86 -2.35
N PHE A 106 -3.56 -7.79 -2.32
CA PHE A 106 -4.64 -7.70 -1.30
C PHE A 106 -5.97 -7.37 -1.96
N LEU A 107 -7.02 -7.71 -1.24
CA LEU A 107 -8.43 -7.46 -1.60
C LEU A 107 -9.14 -6.86 -0.41
N THR A 108 -9.83 -5.74 -0.61
CA THR A 108 -10.66 -5.16 0.41
C THR A 108 -11.94 -5.92 0.63
N LEU A 109 -12.12 -6.53 1.80
CA LEU A 109 -13.41 -7.25 2.08
C LEU A 109 -14.40 -6.41 2.86
N GLU A 110 -13.96 -5.37 3.62
CA GLU A 110 -14.84 -4.49 4.34
C GLU A 110 -14.09 -3.16 4.49
N ALA A 111 -14.82 -2.05 4.41
CA ALA A 111 -14.21 -0.73 4.64
C ALA A 111 -15.30 0.27 4.94
N GLU A 112 -14.97 1.18 5.79
CA GLU A 112 -15.76 2.39 6.08
C GLU A 112 -15.08 3.58 5.50
N VAL A 113 -15.77 4.71 5.57
CA VAL A 113 -15.15 6.01 5.20
C VAL A 113 -13.96 6.22 6.15
N GLY A 114 -12.80 6.46 5.56
CA GLY A 114 -11.65 6.58 6.34
C GLY A 114 -10.75 5.37 6.53
N SER A 115 -11.13 4.19 5.99
CA SER A 115 -10.24 3.05 6.02
C SER A 115 -9.12 3.33 5.07
N TYR A 116 -7.88 3.02 5.49
CA TYR A 116 -6.67 3.14 4.64
C TYR A 116 -5.86 1.88 4.69
N CYS A 117 -5.26 1.50 3.55
CA CYS A 117 -4.19 0.53 3.51
C CYS A 117 -2.98 1.22 2.86
N PHE A 118 -1.83 1.15 3.48
CA PHE A 118 -0.56 1.61 2.95
C PHE A 118 0.43 0.47 2.84
N GLY A 119 1.32 0.59 1.89
CA GLY A 119 2.38 -0.38 1.69
C GLY A 119 3.66 0.37 1.94
N ILE A 120 4.46 -0.06 2.90
CA ILE A 120 5.71 0.64 3.22
C ILE A 120 6.79 -0.24 2.68
N LEU A 121 7.48 0.23 1.62
CA LEU A 121 8.51 -0.60 0.93
C LEU A 121 9.84 -0.31 1.53
N LEU A 122 10.54 -1.34 2.05
CA LEU A 122 11.72 -1.17 2.85
C LEU A 122 12.96 -1.12 1.96
N GLY A 123 13.04 -0.11 1.18
CA GLY A 123 14.15 0.09 0.20
C GLY A 123 13.77 1.13 -0.77
N ASP A 124 14.76 1.46 -1.59
CA ASP A 124 14.51 2.46 -2.59
C ASP A 124 14.25 1.97 -4.01
N ARG A 125 14.16 0.64 -4.26
CA ARG A 125 13.79 0.10 -5.59
C ARG A 125 12.43 -0.57 -5.57
N LEU A 126 11.82 -0.57 -6.75
CA LEU A 126 10.63 -1.36 -7.07
C LEU A 126 11.02 -2.44 -8.11
ZN ZN B . 3.38 -5.28 -2.81
N TRP C . 2.12 -0.72 -2.35
CA TRP C . 0.97 -1.59 -1.98
C TRP C . 1.29 -3.03 -2.45
O TRP C . 2.43 -3.25 -2.88
CB TRP C . -0.32 -1.03 -2.66
CG TRP C . -1.42 -0.58 -1.68
CD1 TRP C . -1.46 -0.72 -0.32
CD2 TRP C . -2.68 0.09 -2.04
NE1 TRP C . -2.63 -0.16 0.16
CE2 TRP C . -3.42 0.34 -0.85
CE3 TRP C . -3.24 0.52 -3.26
CZ2 TRP C . -4.65 0.99 -0.89
CZ3 TRP C . -4.48 1.16 -3.29
CH2 TRP C . -5.19 1.39 -2.10
OXT TRP C . 0.41 -3.87 -2.39
H1 TRP C . 2.98 -1.28 -2.42
H2 TRP C . 2.24 0.01 -1.60
H3 TRP C . 1.91 -0.25 -3.26
HA TRP C . 0.88 -1.59 -0.92
HB2 TRP C . -0.04 -0.17 -3.25
HB3 TRP C . -0.73 -1.77 -3.32
HD1 TRP C . -0.72 -1.18 0.31
HE1 TRP C . -2.90 -0.13 1.10
HE3 TRP C . -2.71 0.34 -4.18
HZ2 TRP C . -5.21 1.17 0.03
HZ3 TRP C . -4.90 1.48 -4.23
HH2 TRP C . -6.16 1.89 -2.14
N PRO A 4 7.19 30.67 -3.25
CA PRO A 4 6.64 30.15 -2.05
C PRO A 4 6.56 28.58 -2.04
N ALA A 5 7.19 27.84 -2.97
CA ALA A 5 7.33 26.37 -2.74
C ALA A 5 8.32 26.23 -1.62
N ASP A 6 7.97 25.36 -0.66
CA ASP A 6 8.83 25.21 0.54
C ASP A 6 9.54 23.88 0.33
N PRO A 7 10.88 23.81 0.40
CA PRO A 7 11.57 22.58 0.06
C PRO A 7 11.27 21.41 1.03
N GLU A 8 10.78 21.72 2.20
CA GLU A 8 10.46 20.74 3.21
C GLU A 8 9.03 20.15 3.04
N ILE A 9 8.23 20.67 2.09
CA ILE A 9 6.77 20.31 1.99
C ILE A 9 6.57 19.83 0.59
N VAL A 10 5.89 18.69 0.44
CA VAL A 10 5.42 18.19 -0.85
C VAL A 10 3.90 18.11 -0.79
N GLU A 11 3.25 18.91 -1.60
CA GLU A 11 1.76 18.95 -1.73
C GLU A 11 1.33 18.24 -3.01
N GLY A 12 2.27 17.99 -3.90
CA GLY A 12 1.94 17.35 -5.18
C GLY A 12 1.80 15.83 -5.11
N LEU A 13 0.68 15.43 -4.47
CA LEU A 13 0.42 14.04 -4.00
C LEU A 13 -0.98 13.64 -4.31
N PRO A 14 -1.23 12.35 -4.51
CA PRO A 14 -0.21 11.30 -4.63
C PRO A 14 0.55 11.39 -5.93
N ILE A 15 1.59 10.62 -5.99
CA ILE A 15 2.44 10.47 -7.17
C ILE A 15 2.10 9.13 -7.76
N PRO A 16 1.37 9.10 -8.88
CA PRO A 16 0.95 7.82 -9.39
C PRO A 16 2.05 7.23 -10.26
N LEU A 17 2.56 6.06 -9.86
CA LEU A 17 3.63 5.38 -10.51
C LEU A 17 3.18 4.06 -11.12
N ALA A 18 3.65 3.79 -12.33
CA ALA A 18 3.35 2.48 -12.92
C ALA A 18 4.02 1.36 -12.16
N VAL A 19 3.30 0.35 -11.73
CA VAL A 19 3.84 -0.77 -10.92
C VAL A 19 3.37 -2.05 -11.53
N ALA A 20 4.25 -3.02 -11.61
CA ALA A 20 3.83 -4.30 -12.21
C ALA A 20 2.68 -4.93 -11.42
N GLY A 21 1.76 -5.52 -12.18
CA GLY A 21 0.58 -6.14 -11.59
C GLY A 21 -0.64 -5.25 -11.42
N HIS A 22 -0.45 -3.96 -11.41
CA HIS A 22 -1.48 -2.94 -11.20
C HIS A 22 -2.10 -2.57 -12.56
N HIS A 23 -3.35 -2.14 -12.58
CA HIS A 23 -3.95 -1.74 -13.81
C HIS A 23 -4.18 -0.27 -13.95
N GLN A 24 -3.93 0.51 -12.87
CA GLN A 24 -3.78 1.92 -12.95
C GLN A 24 -2.52 2.22 -12.09
N PRO A 25 -1.97 3.40 -12.24
CA PRO A 25 -0.74 3.65 -11.49
C PRO A 25 -1.02 3.61 -10.00
N ALA A 26 -0.01 3.16 -9.21
CA ALA A 26 -0.13 3.02 -7.73
C ALA A 26 0.13 4.37 -7.03
N PRO A 27 -0.76 4.86 -6.19
CA PRO A 27 -0.60 6.17 -5.57
C PRO A 27 0.47 6.21 -4.50
N PHE A 28 1.63 6.84 -4.79
CA PHE A 28 2.70 6.97 -3.81
C PHE A 28 2.60 8.30 -3.09
N TYR A 29 2.90 8.23 -1.80
CA TYR A 29 3.07 9.41 -0.97
C TYR A 29 4.48 9.65 -0.59
N LEU A 30 5.31 8.60 -0.42
CA LEU A 30 6.79 8.78 -0.27
C LEU A 30 7.44 8.07 -1.38
N THR A 31 8.34 8.73 -2.10
CA THR A 31 9.14 8.13 -3.15
C THR A 31 10.64 8.29 -2.84
N ALA A 32 11.45 7.42 -3.45
CA ALA A 32 12.86 7.36 -3.14
C ALA A 32 13.60 8.63 -3.45
N ASP A 33 13.06 9.41 -4.35
CA ASP A 33 13.70 10.66 -4.85
C ASP A 33 13.34 11.91 -4.09
N MET A 34 12.46 11.77 -3.08
CA MET A 34 12.11 12.91 -2.25
C MET A 34 13.20 13.28 -1.23
N PHE A 35 13.26 14.59 -0.94
CA PHE A 35 14.11 15.14 0.08
C PHE A 35 15.54 14.68 -0.04
N GLY A 36 16.00 14.64 -1.28
CA GLY A 36 17.42 14.21 -1.54
C GLY A 36 17.76 12.75 -1.51
N GLY A 37 16.74 11.94 -1.26
CA GLY A 37 16.86 10.57 -1.21
C GLY A 37 16.31 10.00 0.07
N LEU A 38 15.30 9.10 -0.08
CA LEU A 38 14.73 8.40 1.04
C LEU A 38 15.02 6.94 1.06
N PRO A 39 15.06 6.36 2.25
CA PRO A 39 15.41 4.91 2.35
C PRO A 39 14.24 3.94 2.25
N VAL A 40 13.05 4.49 2.11
CA VAL A 40 11.81 3.71 2.01
C VAL A 40 10.88 4.45 1.05
N GLN A 41 9.88 3.74 0.54
CA GLN A 41 8.81 4.32 -0.25
C GLN A 41 7.46 3.94 0.41
N LEU A 42 6.39 4.65 0.10
CA LEU A 42 5.12 4.42 0.74
C LEU A 42 4.00 4.70 -0.20
N ALA A 43 3.11 3.74 -0.40
CA ALA A 43 2.01 3.92 -1.33
C ALA A 43 0.75 3.40 -0.73
N GLY A 44 -0.37 3.95 -1.14
CA GLY A 44 -1.64 3.44 -0.58
C GLY A 44 -2.78 4.34 -0.79
N GLY A 45 -3.84 4.12 -0.04
CA GLY A 45 -5.04 4.91 -0.22
C GLY A 45 -6.20 4.46 0.64
N GLU A 46 -7.28 5.19 0.45
CA GLU A 46 -8.51 5.04 1.16
C GLU A 46 -9.31 3.93 0.47
N LEU A 47 -9.90 2.96 1.15
CA LEU A 47 -10.56 1.90 0.37
C LEU A 47 -12.06 1.84 0.56
N SER A 48 -12.70 2.93 1.02
CA SER A 48 -14.17 2.87 1.07
C SER A 48 -14.76 2.55 -0.29
N THR A 49 -14.15 2.94 -1.40
CA THR A 49 -14.72 2.62 -2.73
C THR A 49 -14.15 1.37 -3.36
N LEU A 50 -13.19 0.69 -2.68
CA LEU A 50 -12.49 -0.51 -3.24
C LEU A 50 -13.00 -1.87 -2.66
N VAL A 51 -14.13 -1.92 -1.99
CA VAL A 51 -14.60 -3.18 -1.40
C VAL A 51 -14.96 -4.07 -2.59
N GLY A 52 -14.34 -5.22 -2.60
CA GLY A 52 -14.60 -6.16 -3.70
C GLY A 52 -13.85 -5.83 -4.97
N LYS A 53 -12.92 -4.88 -4.96
CA LYS A 53 -12.22 -4.41 -6.18
C LYS A 53 -10.73 -4.41 -5.99
N PRO A 54 -9.98 -5.39 -6.49
CA PRO A 54 -8.56 -5.43 -6.15
C PRO A 54 -7.77 -4.47 -7.00
N VAL A 55 -6.74 -3.85 -6.44
CA VAL A 55 -5.89 -2.91 -7.17
C VAL A 55 -4.81 -3.61 -8.01
N ALA A 56 -4.52 -4.89 -7.75
CA ALA A 56 -3.46 -5.56 -8.47
C ALA A 56 -3.65 -7.04 -8.51
N ALA A 57 -2.98 -7.64 -9.45
CA ALA A 57 -2.83 -9.11 -9.52
C ALA A 57 -1.64 -9.48 -8.67
N PRO A 58 -1.43 -10.79 -8.42
CA PRO A 58 -0.21 -11.22 -7.68
C PRO A 58 1.00 -10.67 -8.31
N HIS A 59 1.86 -10.08 -7.48
CA HIS A 59 3.07 -9.46 -7.97
C HIS A 59 4.15 -9.52 -6.90
N THR A 60 5.31 -9.00 -7.22
CA THR A 60 6.45 -9.06 -6.35
C THR A 60 7.22 -7.76 -6.29
N HIS A 61 8.11 -7.61 -5.27
CA HIS A 61 9.01 -6.42 -5.17
C HIS A 61 10.33 -6.92 -4.68
N PRO A 62 11.38 -6.26 -5.01
CA PRO A 62 12.66 -6.72 -4.63
C PRO A 62 13.05 -6.40 -3.24
N VAL A 63 12.14 -5.78 -2.46
CA VAL A 63 12.38 -5.38 -1.10
C VAL A 63 11.15 -5.88 -0.28
N ASP A 64 11.35 -5.96 1.00
CA ASP A 64 10.25 -6.31 1.88
C ASP A 64 9.22 -5.16 1.88
N GLU A 65 7.93 -5.48 2.03
CA GLU A 65 6.90 -4.43 2.11
C GLU A 65 5.95 -4.76 3.24
N LEU A 66 5.63 -3.74 4.02
CA LEU A 66 4.73 -3.89 5.21
C LEU A 66 3.41 -3.29 4.85
N TYR A 67 2.33 -4.02 4.96
CA TYR A 67 1.02 -3.46 4.84
C TYR A 67 0.60 -2.92 6.17
N LEU A 68 0.03 -1.72 6.18
CA LEU A 68 -0.60 -1.13 7.36
C LEU A 68 -2.03 -0.82 7.06
N LEU A 69 -2.94 -1.37 7.84
CA LEU A 69 -4.38 -1.22 7.65
C LEU A 69 -4.93 -0.51 8.87
N VAL A 70 -5.59 0.63 8.64
CA VAL A 70 -6.20 1.43 9.73
C VAL A 70 -7.62 1.82 9.37
N SER A 71 -8.49 2.11 10.36
CA SER A 71 -9.79 2.60 10.14
C SER A 71 -10.28 3.34 11.41
N PRO A 72 -11.21 4.32 11.18
CA PRO A 72 -11.58 5.12 12.38
C PRO A 72 -12.18 4.32 13.51
N ASN A 73 -12.94 3.34 13.18
CA ASN A 73 -13.45 2.42 14.19
C ASN A 73 -12.61 1.18 14.23
N LYS A 74 -12.36 0.66 15.44
CA LYS A 74 -11.73 -0.61 15.63
C LYS A 74 -12.47 -1.67 14.82
N GLY A 75 -11.70 -2.41 14.00
CA GLY A 75 -12.33 -3.42 13.12
C GLY A 75 -13.19 -2.90 11.97
N GLY A 76 -13.06 -1.62 11.65
CA GLY A 76 -13.77 -1.02 10.54
C GLY A 76 -13.38 -1.42 9.15
N ALA A 77 -12.21 -2.00 9.01
CA ALA A 77 -11.72 -2.48 7.76
C ALA A 77 -11.12 -3.84 7.83
N ARG A 78 -11.29 -4.63 6.77
CA ARG A 78 -10.72 -5.96 6.66
C ARG A 78 -10.18 -6.18 5.30
N ILE A 79 -8.99 -6.74 5.12
CA ILE A 79 -8.44 -7.07 3.82
C ILE A 79 -8.00 -8.55 3.82
N GLU A 80 -8.10 -9.14 2.66
CA GLU A 80 -7.48 -10.43 2.35
C GLU A 80 -6.17 -10.19 1.70
N VAL A 81 -5.11 -10.84 2.19
CA VAL A 81 -3.79 -10.82 1.52
C VAL A 81 -3.43 -12.23 1.06
N GLN A 82 -3.11 -12.40 -0.21
CA GLN A 82 -2.50 -13.64 -0.71
C GLN A 82 -1.03 -13.59 -0.60
N LEU A 83 -0.44 -14.57 0.10
CA LEU A 83 0.99 -14.63 0.26
C LEU A 83 1.44 -15.94 -0.34
N ASP A 84 2.11 -15.88 -1.49
CA ASP A 84 2.49 -17.12 -2.25
C ASP A 84 1.38 -18.18 -2.22
N GLY A 85 0.21 -17.69 -2.61
CA GLY A 85 -0.95 -18.51 -2.69
C GLY A 85 -1.73 -18.85 -1.46
N ARG A 86 -1.34 -18.36 -0.28
CA ARG A 86 -2.04 -18.70 0.91
C ARG A 86 -2.80 -17.45 1.38
N ARG A 87 -4.10 -17.64 1.58
CA ARG A 87 -4.96 -16.53 2.05
C ARG A 87 -4.69 -16.22 3.50
N HIS A 88 -4.56 -14.92 3.77
CA HIS A 88 -4.46 -14.33 5.08
C HIS A 88 -5.48 -13.21 5.21
N GLU A 89 -5.93 -12.93 6.39
CA GLU A 89 -6.83 -11.78 6.58
C GLU A 89 -6.33 -10.90 7.67
N LEU A 90 -6.53 -9.60 7.51
CA LEU A 90 -6.20 -8.58 8.46
C LEU A 90 -7.44 -7.80 8.83
N LEU A 91 -7.61 -7.58 10.15
CA LEU A 91 -8.68 -6.78 10.69
C LEU A 91 -8.07 -5.52 11.30
N SER A 92 -8.55 -4.35 10.89
CA SER A 92 -7.89 -3.11 11.36
C SER A 92 -8.01 -2.95 12.89
N PRO A 93 -6.96 -2.37 13.49
CA PRO A 93 -5.61 -2.05 12.90
C PRO A 93 -4.72 -3.23 12.86
N ALA A 94 -3.95 -3.33 11.76
CA ALA A 94 -3.05 -4.45 11.59
C ALA A 94 -1.88 -4.09 10.68
N VAL A 95 -0.82 -4.84 10.80
CA VAL A 95 0.36 -4.76 9.98
C VAL A 95 0.76 -6.18 9.56
N MET A 96 1.08 -6.36 8.27
CA MET A 96 1.53 -7.63 7.76
C MET A 96 2.77 -7.45 6.95
N ARG A 97 3.74 -8.28 7.26
CA ARG A 97 4.97 -8.31 6.48
C ARG A 97 4.86 -9.16 5.23
N ILE A 98 5.33 -8.59 4.08
CA ILE A 98 5.36 -9.31 2.82
C ILE A 98 6.83 -9.45 2.41
N PRO A 99 7.46 -10.63 2.58
CA PRO A 99 8.86 -10.79 2.25
C PRO A 99 9.19 -10.45 0.81
N ALA A 100 10.38 -9.93 0.62
CA ALA A 100 10.93 -9.62 -0.74
C ALA A 100 10.81 -10.90 -1.57
N GLY A 101 10.29 -10.72 -2.77
CA GLY A 101 10.13 -11.86 -3.68
C GLY A 101 8.84 -12.61 -3.60
N SER A 102 8.06 -12.44 -2.49
CA SER A 102 6.83 -13.14 -2.28
C SER A 102 5.77 -12.61 -3.29
N GLU A 103 5.06 -13.48 -3.98
CA GLU A 103 4.01 -13.11 -4.90
C GLU A 103 2.81 -12.83 -4.03
N HIS A 104 2.29 -11.61 -4.09
CA HIS A 104 1.17 -11.28 -3.23
C HIS A 104 0.28 -10.20 -3.84
N CYS A 105 -0.83 -9.99 -3.15
CA CYS A 105 -1.78 -8.90 -3.48
C CYS A 105 -2.75 -8.86 -2.35
N PHE A 106 -3.56 -7.79 -2.32
CA PHE A 106 -4.64 -7.70 -1.30
C PHE A 106 -5.97 -7.37 -1.96
N LEU A 107 -7.02 -7.71 -1.24
CA LEU A 107 -8.43 -7.46 -1.60
C LEU A 107 -9.14 -6.86 -0.41
N THR A 108 -9.83 -5.74 -0.61
CA THR A 108 -10.66 -5.16 0.41
C THR A 108 -11.94 -5.92 0.63
N LEU A 109 -12.12 -6.53 1.80
CA LEU A 109 -13.41 -7.25 2.08
C LEU A 109 -14.40 -6.41 2.86
N GLU A 110 -13.96 -5.37 3.62
CA GLU A 110 -14.84 -4.49 4.34
C GLU A 110 -14.09 -3.16 4.49
N ALA A 111 -14.82 -2.05 4.41
CA ALA A 111 -14.21 -0.73 4.64
C ALA A 111 -15.30 0.27 4.94
N GLU A 112 -14.97 1.18 5.79
CA GLU A 112 -15.76 2.39 6.08
C GLU A 112 -15.08 3.58 5.50
N VAL A 113 -15.77 4.71 5.57
CA VAL A 113 -15.15 6.01 5.20
C VAL A 113 -13.96 6.22 6.15
N GLY A 114 -12.80 6.46 5.56
CA GLY A 114 -11.65 6.58 6.34
C GLY A 114 -10.75 5.37 6.53
N SER A 115 -11.13 4.19 5.99
CA SER A 115 -10.24 3.05 6.02
C SER A 115 -9.12 3.33 5.07
N TYR A 116 -7.88 3.02 5.49
CA TYR A 116 -6.67 3.14 4.64
C TYR A 116 -5.86 1.88 4.69
N CYS A 117 -5.26 1.50 3.55
CA CYS A 117 -4.19 0.53 3.51
C CYS A 117 -2.98 1.22 2.86
N PHE A 118 -1.83 1.15 3.48
CA PHE A 118 -0.56 1.61 2.95
C PHE A 118 0.43 0.47 2.84
N GLY A 119 1.33 0.58 1.90
CA GLY A 119 2.38 -0.39 1.71
C GLY A 119 3.66 0.37 1.94
N ILE A 120 4.46 -0.06 2.90
CA ILE A 120 5.71 0.64 3.22
C ILE A 120 6.79 -0.24 2.68
N LEU A 121 7.48 0.23 1.62
CA LEU A 121 8.51 -0.60 0.93
C LEU A 121 9.84 -0.31 1.53
N LEU A 122 10.54 -1.34 2.05
CA LEU A 122 11.72 -1.17 2.85
C LEU A 122 12.96 -1.12 1.96
N GLY A 123 13.04 -0.11 1.18
CA GLY A 123 14.15 0.09 0.20
C GLY A 123 13.77 1.13 -0.77
N ASP A 124 14.76 1.46 -1.59
CA ASP A 124 14.51 2.46 -2.59
C ASP A 124 14.25 1.97 -4.01
N ARG A 125 14.16 0.64 -4.26
CA ARG A 125 13.79 0.10 -5.59
C ARG A 125 12.43 -0.57 -5.57
N LEU A 126 11.82 -0.57 -6.75
CA LEU A 126 10.63 -1.36 -7.07
C LEU A 126 11.02 -2.44 -8.11
ZN ZN B . 3.12 -5.49 -3.56
N TRP C . 2.44 -0.48 -1.62
CA TRP C . 1.76 -1.70 -2.12
C TRP C . 2.75 -2.52 -2.95
O TRP C . 2.30 -3.43 -3.61
CB TRP C . 0.53 -1.29 -2.96
CG TRP C . -0.60 -0.81 -2.08
CD1 TRP C . -0.61 -0.80 -0.71
CD2 TRP C . -1.91 -0.23 -2.47
NE1 TRP C . -1.80 -0.29 -0.26
CE2 TRP C . -2.63 0.09 -1.30
CE3 TRP C . -2.54 0.07 -3.72
CZ2 TRP C . -3.91 0.66 -1.34
CZ3 TRP C . -3.82 0.63 -3.75
CH2 TRP C . -4.49 0.93 -2.56
OXT TRP C . 3.93 -2.22 -2.92
H1 TRP C . 2.70 0.14 -2.42
H2 TRP C . 3.30 -0.75 -1.09
H3 TRP C . 1.80 0.04 -0.98
HA TRP C . 1.46 -2.32 -1.29
HB2 TRP C . 0.81 -0.49 -3.63
HB3 TRP C . 0.20 -2.13 -3.54
HD1 TRP C . 0.19 -1.15 -0.07
HE1 TRP C . -2.05 -0.19 0.68
HE3 TRP C . -2.05 -0.17 -4.65
HZ2 TRP C . -4.43 0.88 -0.42
HZ3 TRP C . -4.26 0.87 -4.70
HH2 TRP C . -5.48 1.37 -2.61
N PRO A 4 7.19 30.67 -3.25
CA PRO A 4 6.64 30.15 -2.05
C PRO A 4 6.56 28.58 -2.04
N ALA A 5 7.19 27.84 -2.97
CA ALA A 5 7.33 26.37 -2.74
C ALA A 5 8.32 26.23 -1.62
N ASP A 6 7.97 25.36 -0.66
CA ASP A 6 8.83 25.21 0.54
C ASP A 6 9.54 23.88 0.33
N PRO A 7 10.88 23.81 0.40
CA PRO A 7 11.57 22.58 0.06
C PRO A 7 11.27 21.41 1.03
N GLU A 8 10.78 21.72 2.20
CA GLU A 8 10.46 20.74 3.21
C GLU A 8 9.03 20.15 3.04
N ILE A 9 8.23 20.67 2.09
CA ILE A 9 6.77 20.31 1.99
C ILE A 9 6.57 19.83 0.59
N VAL A 10 5.89 18.69 0.44
CA VAL A 10 5.42 18.19 -0.85
C VAL A 10 3.90 18.11 -0.79
N GLU A 11 3.25 18.91 -1.60
CA GLU A 11 1.76 18.95 -1.73
C GLU A 11 1.33 18.24 -3.01
N GLY A 12 2.27 17.99 -3.90
CA GLY A 12 1.94 17.35 -5.18
C GLY A 12 1.80 15.83 -5.11
N LEU A 13 0.68 15.43 -4.47
CA LEU A 13 0.42 14.04 -4.00
C LEU A 13 -0.98 13.64 -4.31
N PRO A 14 -1.23 12.35 -4.51
CA PRO A 14 -0.21 11.30 -4.63
C PRO A 14 0.55 11.39 -5.93
N ILE A 15 1.59 10.62 -5.99
CA ILE A 15 2.44 10.47 -7.17
C ILE A 15 2.10 9.13 -7.76
N PRO A 16 1.37 9.10 -8.88
CA PRO A 16 0.95 7.82 -9.39
C PRO A 16 2.05 7.23 -10.26
N LEU A 17 2.56 6.06 -9.86
CA LEU A 17 3.63 5.38 -10.51
C LEU A 17 3.18 4.06 -11.12
N ALA A 18 3.65 3.79 -12.33
CA ALA A 18 3.35 2.48 -12.92
C ALA A 18 4.02 1.36 -12.16
N VAL A 19 3.30 0.35 -11.73
CA VAL A 19 3.84 -0.77 -10.92
C VAL A 19 3.37 -2.05 -11.53
N ALA A 20 4.25 -3.02 -11.61
CA ALA A 20 3.83 -4.30 -12.21
C ALA A 20 2.68 -4.93 -11.42
N GLY A 21 1.76 -5.52 -12.18
CA GLY A 21 0.58 -6.14 -11.59
C GLY A 21 -0.64 -5.25 -11.42
N HIS A 22 -0.45 -3.96 -11.41
CA HIS A 22 -1.48 -2.94 -11.20
C HIS A 22 -2.10 -2.57 -12.56
N HIS A 23 -3.35 -2.14 -12.58
CA HIS A 23 -3.95 -1.74 -13.81
C HIS A 23 -4.18 -0.27 -13.95
N GLN A 24 -3.93 0.51 -12.87
CA GLN A 24 -3.78 1.92 -12.95
C GLN A 24 -2.52 2.22 -12.09
N PRO A 25 -1.97 3.40 -12.24
CA PRO A 25 -0.74 3.65 -11.49
C PRO A 25 -1.02 3.61 -10.00
N ALA A 26 -0.01 3.16 -9.21
CA ALA A 26 -0.13 3.02 -7.73
C ALA A 26 0.14 4.37 -7.03
N PRO A 27 -0.76 4.86 -6.19
CA PRO A 27 -0.60 6.17 -5.57
C PRO A 27 0.47 6.21 -4.50
N PHE A 28 1.63 6.84 -4.79
CA PHE A 28 2.70 6.97 -3.81
C PHE A 28 2.60 8.30 -3.09
N TYR A 29 2.90 8.23 -1.80
CA TYR A 29 3.07 9.41 -0.97
C TYR A 29 4.48 9.65 -0.59
N LEU A 30 5.31 8.60 -0.42
CA LEU A 30 6.79 8.78 -0.27
C LEU A 30 7.44 8.07 -1.38
N THR A 31 8.34 8.73 -2.10
CA THR A 31 9.14 8.13 -3.15
C THR A 31 10.64 8.29 -2.84
N ALA A 32 11.45 7.42 -3.45
CA ALA A 32 12.86 7.36 -3.14
C ALA A 32 13.60 8.63 -3.45
N ASP A 33 13.06 9.41 -4.35
CA ASP A 33 13.70 10.66 -4.85
C ASP A 33 13.34 11.91 -4.09
N MET A 34 12.46 11.77 -3.08
CA MET A 34 12.11 12.91 -2.25
C MET A 34 13.20 13.28 -1.23
N PHE A 35 13.26 14.59 -0.94
CA PHE A 35 14.11 15.14 0.08
C PHE A 35 15.54 14.68 -0.04
N GLY A 36 16.00 14.64 -1.28
CA GLY A 36 17.42 14.21 -1.54
C GLY A 36 17.76 12.75 -1.51
N GLY A 37 16.74 11.94 -1.26
CA GLY A 37 16.86 10.57 -1.21
C GLY A 37 16.31 10.00 0.07
N LEU A 38 15.30 9.10 -0.08
CA LEU A 38 14.73 8.40 1.04
C LEU A 38 15.02 6.94 1.06
N PRO A 39 15.06 6.36 2.25
CA PRO A 39 15.41 4.91 2.35
C PRO A 39 14.24 3.94 2.25
N VAL A 40 13.05 4.49 2.11
CA VAL A 40 11.81 3.71 2.01
C VAL A 40 10.88 4.45 1.05
N GLN A 41 9.88 3.74 0.54
CA GLN A 41 8.81 4.32 -0.25
C GLN A 41 7.46 3.94 0.41
N LEU A 42 6.39 4.65 0.10
CA LEU A 42 5.12 4.42 0.74
C LEU A 42 4.00 4.70 -0.20
N ALA A 43 3.11 3.77 -0.39
CA ALA A 43 2.00 3.97 -1.31
C ALA A 43 0.75 3.42 -0.72
N GLY A 44 -0.37 3.95 -1.14
CA GLY A 44 -1.64 3.44 -0.58
C GLY A 44 -2.78 4.34 -0.79
N GLY A 45 -3.84 4.12 -0.04
CA GLY A 45 -5.04 4.91 -0.22
C GLY A 45 -6.20 4.46 0.64
N GLU A 46 -7.28 5.19 0.45
CA GLU A 46 -8.51 5.04 1.16
C GLU A 46 -9.31 3.93 0.47
N LEU A 47 -9.89 2.97 1.20
CA LEU A 47 -10.58 1.84 0.50
C LEU A 47 -12.08 1.85 0.60
N SER A 48 -12.70 2.93 1.02
CA SER A 48 -14.17 2.87 1.07
C SER A 48 -14.76 2.55 -0.29
N THR A 49 -14.15 2.94 -1.40
CA THR A 49 -14.72 2.62 -2.73
C THR A 49 -14.15 1.37 -3.36
N LEU A 50 -13.20 0.68 -2.69
CA LEU A 50 -12.52 -0.51 -3.26
C LEU A 50 -13.00 -1.87 -2.67
N VAL A 51 -14.13 -1.92 -1.99
CA VAL A 51 -14.60 -3.18 -1.40
C VAL A 51 -14.96 -4.07 -2.59
N GLY A 52 -14.34 -5.22 -2.60
CA GLY A 52 -14.60 -6.16 -3.70
C GLY A 52 -13.85 -5.83 -4.97
N LYS A 53 -12.92 -4.88 -4.96
CA LYS A 53 -12.22 -4.41 -6.18
C LYS A 53 -10.73 -4.41 -5.99
N PRO A 54 -9.98 -5.39 -6.49
CA PRO A 54 -8.56 -5.43 -6.15
C PRO A 54 -7.77 -4.47 -7.00
N VAL A 55 -6.75 -3.84 -6.46
CA VAL A 55 -5.95 -2.91 -7.26
C VAL A 55 -4.83 -3.62 -8.05
N ALA A 56 -4.52 -4.89 -7.75
CA ALA A 56 -3.46 -5.56 -8.47
C ALA A 56 -3.65 -7.04 -8.51
N ALA A 57 -2.98 -7.64 -9.45
CA ALA A 57 -2.83 -9.11 -9.52
C ALA A 57 -1.64 -9.48 -8.67
N PRO A 58 -1.43 -10.79 -8.42
CA PRO A 58 -0.21 -11.22 -7.68
C PRO A 58 1.00 -10.67 -8.31
N HIS A 59 1.83 -10.05 -7.46
CA HIS A 59 3.04 -9.40 -7.93
C HIS A 59 4.12 -9.48 -6.87
N THR A 60 5.31 -9.00 -7.22
CA THR A 60 6.45 -9.06 -6.35
C THR A 60 7.22 -7.76 -6.29
N HIS A 61 8.09 -7.64 -5.23
CA HIS A 61 8.97 -6.46 -5.02
C HIS A 61 10.34 -6.94 -4.65
N PRO A 62 11.38 -6.26 -5.01
CA PRO A 62 12.66 -6.72 -4.63
C PRO A 62 13.05 -6.40 -3.24
N VAL A 63 12.14 -5.78 -2.46
CA VAL A 63 12.38 -5.38 -1.10
C VAL A 63 11.15 -5.88 -0.28
N ASP A 64 11.35 -5.96 1.00
CA ASP A 64 10.25 -6.31 1.88
C ASP A 64 9.22 -5.16 1.88
N GLU A 65 7.93 -5.54 1.98
CA GLU A 65 6.80 -4.58 1.96
C GLU A 65 5.89 -4.80 3.20
N LEU A 66 5.63 -3.74 4.02
CA LEU A 66 4.73 -3.89 5.21
C LEU A 66 3.41 -3.29 4.85
N TYR A 67 2.33 -4.02 4.96
CA TYR A 67 1.02 -3.46 4.84
C TYR A 67 0.60 -2.92 6.17
N LEU A 68 0.03 -1.72 6.18
CA LEU A 68 -0.60 -1.13 7.36
C LEU A 68 -2.03 -0.82 7.06
N LEU A 69 -2.94 -1.37 7.84
CA LEU A 69 -4.38 -1.22 7.65
C LEU A 69 -4.93 -0.51 8.87
N VAL A 70 -5.59 0.63 8.64
CA VAL A 70 -6.20 1.43 9.73
C VAL A 70 -7.62 1.82 9.37
N SER A 71 -8.49 2.11 10.36
CA SER A 71 -9.79 2.60 10.14
C SER A 71 -10.28 3.34 11.41
N PRO A 72 -11.21 4.32 11.18
CA PRO A 72 -11.58 5.12 12.38
C PRO A 72 -12.18 4.32 13.51
N ASN A 73 -12.94 3.34 13.18
CA ASN A 73 -13.45 2.42 14.19
C ASN A 73 -12.61 1.18 14.23
N LYS A 74 -12.36 0.66 15.44
CA LYS A 74 -11.73 -0.61 15.63
C LYS A 74 -12.47 -1.67 14.82
N GLY A 75 -11.70 -2.41 14.00
CA GLY A 75 -12.33 -3.42 13.12
C GLY A 75 -13.19 -2.90 11.97
N GLY A 76 -13.06 -1.62 11.65
CA GLY A 76 -13.77 -1.02 10.54
C GLY A 76 -13.38 -1.42 9.15
N ALA A 77 -12.21 -2.00 9.01
CA ALA A 77 -11.72 -2.48 7.76
C ALA A 77 -11.12 -3.84 7.83
N ARG A 78 -11.29 -4.63 6.77
CA ARG A 78 -10.72 -5.96 6.66
C ARG A 78 -10.18 -6.18 5.30
N ILE A 79 -8.99 -6.74 5.12
CA ILE A 79 -8.44 -7.07 3.82
C ILE A 79 -8.00 -8.55 3.82
N GLU A 80 -8.10 -9.14 2.66
CA GLU A 80 -7.48 -10.43 2.35
C GLU A 80 -6.17 -10.19 1.70
N VAL A 81 -5.11 -10.84 2.19
CA VAL A 81 -3.79 -10.82 1.52
C VAL A 81 -3.43 -12.23 1.06
N GLN A 82 -3.11 -12.40 -0.21
CA GLN A 82 -2.50 -13.64 -0.71
C GLN A 82 -1.03 -13.59 -0.60
N LEU A 83 -0.44 -14.57 0.10
CA LEU A 83 0.99 -14.63 0.26
C LEU A 83 1.44 -15.94 -0.34
N ASP A 84 2.11 -15.88 -1.49
CA ASP A 84 2.49 -17.12 -2.25
C ASP A 84 1.38 -18.18 -2.22
N GLY A 85 0.21 -17.69 -2.61
CA GLY A 85 -0.95 -18.51 -2.69
C GLY A 85 -1.73 -18.85 -1.46
N ARG A 86 -1.34 -18.36 -0.28
CA ARG A 86 -2.04 -18.70 0.91
C ARG A 86 -2.80 -17.45 1.38
N ARG A 87 -4.10 -17.64 1.58
CA ARG A 87 -4.96 -16.53 2.05
C ARG A 87 -4.69 -16.22 3.50
N HIS A 88 -4.56 -14.92 3.77
CA HIS A 88 -4.46 -14.33 5.08
C HIS A 88 -5.48 -13.21 5.21
N GLU A 89 -5.93 -12.93 6.39
CA GLU A 89 -6.83 -11.78 6.58
C GLU A 89 -6.33 -10.90 7.67
N LEU A 90 -6.53 -9.60 7.51
CA LEU A 90 -6.20 -8.58 8.46
C LEU A 90 -7.44 -7.80 8.83
N LEU A 91 -7.61 -7.58 10.15
CA LEU A 91 -8.68 -6.78 10.69
C LEU A 91 -8.07 -5.52 11.30
N SER A 92 -8.55 -4.35 10.89
CA SER A 92 -7.89 -3.11 11.36
C SER A 92 -8.01 -2.95 12.89
N PRO A 93 -6.96 -2.37 13.49
CA PRO A 93 -5.61 -2.05 12.90
C PRO A 93 -4.72 -3.23 12.86
N ALA A 94 -3.95 -3.33 11.76
CA ALA A 94 -3.05 -4.45 11.59
C ALA A 94 -1.88 -4.09 10.68
N VAL A 95 -0.82 -4.84 10.80
CA VAL A 95 0.36 -4.76 9.98
C VAL A 95 0.76 -6.18 9.56
N MET A 96 1.08 -6.36 8.27
CA MET A 96 1.53 -7.63 7.76
C MET A 96 2.77 -7.45 6.95
N ARG A 97 3.74 -8.28 7.26
CA ARG A 97 4.97 -8.31 6.48
C ARG A 97 4.86 -9.16 5.23
N ILE A 98 5.33 -8.59 4.08
CA ILE A 98 5.36 -9.31 2.82
C ILE A 98 6.83 -9.45 2.41
N PRO A 99 7.46 -10.63 2.58
CA PRO A 99 8.86 -10.79 2.25
C PRO A 99 9.19 -10.45 0.81
N ALA A 100 10.38 -9.93 0.62
CA ALA A 100 10.93 -9.62 -0.74
C ALA A 100 10.81 -10.90 -1.57
N GLY A 101 10.29 -10.72 -2.77
CA GLY A 101 10.13 -11.86 -3.68
C GLY A 101 8.84 -12.61 -3.60
N SER A 102 8.06 -12.44 -2.49
CA SER A 102 6.83 -13.14 -2.28
C SER A 102 5.77 -12.61 -3.29
N GLU A 103 5.06 -13.48 -3.98
CA GLU A 103 4.01 -13.11 -4.90
C GLU A 103 2.81 -12.83 -4.03
N HIS A 104 2.35 -11.56 -4.07
CA HIS A 104 1.27 -11.14 -3.18
C HIS A 104 0.32 -10.13 -3.81
N CYS A 105 -0.83 -9.99 -3.15
CA CYS A 105 -1.78 -8.90 -3.48
C CYS A 105 -2.75 -8.86 -2.35
N PHE A 106 -3.56 -7.79 -2.32
CA PHE A 106 -4.64 -7.70 -1.30
C PHE A 106 -5.97 -7.37 -1.96
N LEU A 107 -7.02 -7.71 -1.24
CA LEU A 107 -8.43 -7.46 -1.60
C LEU A 107 -9.14 -6.86 -0.41
N THR A 108 -9.83 -5.74 -0.61
CA THR A 108 -10.66 -5.16 0.41
C THR A 108 -11.94 -5.92 0.63
N LEU A 109 -12.12 -6.53 1.80
CA LEU A 109 -13.41 -7.25 2.08
C LEU A 109 -14.40 -6.41 2.86
N GLU A 110 -13.96 -5.37 3.62
CA GLU A 110 -14.84 -4.49 4.34
C GLU A 110 -14.09 -3.16 4.49
N ALA A 111 -14.82 -2.05 4.41
CA ALA A 111 -14.21 -0.73 4.64
C ALA A 111 -15.30 0.27 4.94
N GLU A 112 -14.97 1.18 5.79
CA GLU A 112 -15.76 2.39 6.08
C GLU A 112 -15.08 3.58 5.50
N VAL A 113 -15.77 4.71 5.57
CA VAL A 113 -15.15 6.01 5.20
C VAL A 113 -13.96 6.22 6.15
N GLY A 114 -12.80 6.46 5.56
CA GLY A 114 -11.65 6.58 6.34
C GLY A 114 -10.75 5.37 6.53
N SER A 115 -11.13 4.19 5.99
CA SER A 115 -10.24 3.05 6.02
C SER A 115 -9.12 3.33 5.07
N TYR A 116 -7.88 3.02 5.49
CA TYR A 116 -6.67 3.14 4.64
C TYR A 116 -5.86 1.88 4.69
N CYS A 117 -5.26 1.50 3.55
CA CYS A 117 -4.19 0.53 3.51
C CYS A 117 -2.98 1.22 2.86
N PHE A 118 -1.83 1.15 3.48
CA PHE A 118 -0.56 1.61 2.95
C PHE A 118 0.43 0.47 2.84
N GLY A 119 1.32 0.59 1.88
CA GLY A 119 2.38 -0.39 1.68
C GLY A 119 3.66 0.37 1.93
N ILE A 120 4.46 -0.06 2.90
CA ILE A 120 5.71 0.64 3.22
C ILE A 120 6.79 -0.24 2.68
N LEU A 121 7.48 0.23 1.62
CA LEU A 121 8.51 -0.60 0.93
C LEU A 121 9.84 -0.31 1.53
N LEU A 122 10.54 -1.34 2.05
CA LEU A 122 11.72 -1.17 2.85
C LEU A 122 12.96 -1.12 1.96
N GLY A 123 13.04 -0.11 1.18
CA GLY A 123 14.15 0.09 0.20
C GLY A 123 13.77 1.13 -0.77
N ASP A 124 14.76 1.46 -1.59
CA ASP A 124 14.51 2.46 -2.59
C ASP A 124 14.25 1.97 -4.01
N ARG A 125 14.16 0.64 -4.26
CA ARG A 125 13.79 0.10 -5.59
C ARG A 125 12.43 -0.57 -5.57
N LEU A 126 11.82 -0.57 -6.75
CA LEU A 126 10.63 -1.36 -7.07
C LEU A 126 11.02 -2.44 -8.11
ZN ZN B . 3.10 -4.93 -3.63
N TRP C . 1.70 -1.23 -1.69
CA TRP C . 0.54 -1.71 -2.50
C TRP C . 1.04 -2.67 -3.59
O TRP C . 2.25 -2.88 -3.67
CB TRP C . -0.21 -0.48 -3.10
CG TRP C . -1.41 -0.12 -2.26
CD1 TRP C . -1.50 -0.28 -0.92
CD2 TRP C . -2.68 0.45 -2.70
NE1 TRP C . -2.75 0.16 -0.50
CE2 TRP C . -3.52 0.61 -1.57
CE3 TRP C . -3.19 0.84 -3.95
CZ2 TRP C . -4.81 1.14 -1.67
CZ3 TRP C . -4.49 1.38 -4.05
CH2 TRP C . -5.29 1.53 -2.92
OXT TRP C . 0.21 -3.20 -4.31
H1 TRP C . 1.77 -1.79 -0.83
H2 TRP C . 1.55 -0.22 -1.45
H3 TRP C . 2.56 -1.33 -2.25
HA TRP C . -0.13 -2.24 -1.86
HB2 TRP C . 0.46 0.35 -3.13
HB3 TRP C . -0.54 -0.71 -4.10
HD1 TRP C . -0.74 -0.68 -0.28
HE1 TRP C . -3.08 0.15 0.42
HE3 TRP C . -2.59 0.73 -4.84
HZ2 TRP C . -5.41 1.25 -0.79
HZ3 TRP C . -4.86 1.67 -5.02
HH2 TRP C . -6.28 1.94 -3.01
N PRO A 4 7.19 30.67 -3.25
CA PRO A 4 6.64 30.15 -2.05
C PRO A 4 6.56 28.58 -2.04
N ALA A 5 7.19 27.84 -2.97
CA ALA A 5 7.33 26.37 -2.74
C ALA A 5 8.32 26.23 -1.62
N ASP A 6 7.97 25.36 -0.66
CA ASP A 6 8.83 25.21 0.54
C ASP A 6 9.54 23.88 0.33
N PRO A 7 10.88 23.81 0.40
CA PRO A 7 11.57 22.58 0.06
C PRO A 7 11.27 21.41 1.03
N GLU A 8 10.78 21.72 2.20
CA GLU A 8 10.46 20.74 3.21
C GLU A 8 9.03 20.15 3.04
N ILE A 9 8.23 20.67 2.09
CA ILE A 9 6.77 20.31 1.99
C ILE A 9 6.57 19.83 0.59
N VAL A 10 5.89 18.69 0.44
CA VAL A 10 5.42 18.19 -0.85
C VAL A 10 3.90 18.11 -0.79
N GLU A 11 3.25 18.91 -1.60
CA GLU A 11 1.76 18.95 -1.73
C GLU A 11 1.33 18.24 -3.01
N GLY A 12 2.27 17.99 -3.90
CA GLY A 12 1.94 17.35 -5.18
C GLY A 12 1.80 15.83 -5.11
N LEU A 13 0.68 15.43 -4.47
CA LEU A 13 0.42 14.04 -4.00
C LEU A 13 -0.98 13.64 -4.31
N PRO A 14 -1.23 12.35 -4.51
CA PRO A 14 -0.21 11.30 -4.63
C PRO A 14 0.55 11.39 -5.93
N ILE A 15 1.59 10.62 -5.99
CA ILE A 15 2.44 10.47 -7.17
C ILE A 15 2.10 9.13 -7.76
N PRO A 16 1.37 9.10 -8.88
CA PRO A 16 0.95 7.82 -9.39
C PRO A 16 2.05 7.23 -10.26
N LEU A 17 2.56 6.06 -9.86
CA LEU A 17 3.63 5.38 -10.51
C LEU A 17 3.18 4.06 -11.12
N ALA A 18 3.65 3.79 -12.33
CA ALA A 18 3.35 2.48 -12.92
C ALA A 18 4.02 1.36 -12.16
N VAL A 19 3.30 0.35 -11.73
CA VAL A 19 3.84 -0.77 -10.92
C VAL A 19 3.37 -2.05 -11.53
N ALA A 20 4.25 -3.02 -11.61
CA ALA A 20 3.83 -4.30 -12.21
C ALA A 20 2.68 -4.93 -11.42
N GLY A 21 1.76 -5.52 -12.18
CA GLY A 21 0.58 -6.14 -11.59
C GLY A 21 -0.64 -5.25 -11.42
N HIS A 22 -0.45 -3.96 -11.41
CA HIS A 22 -1.48 -2.94 -11.20
C HIS A 22 -2.10 -2.57 -12.56
N HIS A 23 -3.35 -2.14 -12.58
CA HIS A 23 -3.95 -1.74 -13.81
C HIS A 23 -4.18 -0.27 -13.95
N GLN A 24 -3.93 0.51 -12.87
CA GLN A 24 -3.78 1.92 -12.95
C GLN A 24 -2.52 2.22 -12.09
N PRO A 25 -1.97 3.40 -12.24
CA PRO A 25 -0.74 3.65 -11.49
C PRO A 25 -1.02 3.61 -10.00
N ALA A 26 -0.01 3.16 -9.21
CA ALA A 26 -0.13 3.02 -7.73
C ALA A 26 0.14 4.37 -7.03
N PRO A 27 -0.76 4.86 -6.19
CA PRO A 27 -0.60 6.17 -5.57
C PRO A 27 0.47 6.21 -4.50
N PHE A 28 1.63 6.84 -4.79
CA PHE A 28 2.70 6.97 -3.81
C PHE A 28 2.60 8.30 -3.09
N TYR A 29 2.90 8.23 -1.80
CA TYR A 29 3.07 9.41 -0.97
C TYR A 29 4.48 9.65 -0.59
N LEU A 30 5.31 8.60 -0.42
CA LEU A 30 6.79 8.78 -0.27
C LEU A 30 7.44 8.07 -1.38
N THR A 31 8.34 8.73 -2.10
CA THR A 31 9.14 8.13 -3.15
C THR A 31 10.64 8.29 -2.84
N ALA A 32 11.45 7.42 -3.45
CA ALA A 32 12.86 7.36 -3.14
C ALA A 32 13.60 8.63 -3.45
N ASP A 33 13.06 9.41 -4.35
CA ASP A 33 13.70 10.66 -4.85
C ASP A 33 13.34 11.91 -4.09
N MET A 34 12.46 11.77 -3.08
CA MET A 34 12.11 12.91 -2.25
C MET A 34 13.20 13.28 -1.23
N PHE A 35 13.26 14.59 -0.94
CA PHE A 35 14.11 15.14 0.08
C PHE A 35 15.54 14.68 -0.04
N GLY A 36 16.00 14.64 -1.28
CA GLY A 36 17.42 14.21 -1.54
C GLY A 36 17.76 12.75 -1.51
N GLY A 37 16.74 11.94 -1.26
CA GLY A 37 16.86 10.57 -1.21
C GLY A 37 16.31 10.00 0.07
N LEU A 38 15.30 9.10 -0.08
CA LEU A 38 14.73 8.40 1.04
C LEU A 38 15.02 6.94 1.06
N PRO A 39 15.06 6.36 2.25
CA PRO A 39 15.41 4.91 2.35
C PRO A 39 14.24 3.94 2.25
N VAL A 40 13.05 4.49 2.11
CA VAL A 40 11.81 3.71 2.01
C VAL A 40 10.88 4.45 1.05
N GLN A 41 9.88 3.74 0.54
CA GLN A 41 8.81 4.32 -0.25
C GLN A 41 7.46 3.94 0.41
N LEU A 42 6.39 4.65 0.10
CA LEU A 42 5.12 4.42 0.74
C LEU A 42 4.00 4.70 -0.20
N ALA A 43 3.11 3.76 -0.39
CA ALA A 43 2.00 3.97 -1.31
C ALA A 43 0.75 3.42 -0.72
N GLY A 44 -0.37 3.95 -1.14
CA GLY A 44 -1.64 3.44 -0.58
C GLY A 44 -2.78 4.34 -0.79
N GLY A 45 -3.84 4.12 -0.04
CA GLY A 45 -5.04 4.91 -0.22
C GLY A 45 -6.20 4.46 0.64
N GLU A 46 -7.28 5.19 0.45
CA GLU A 46 -8.51 5.04 1.16
C GLU A 46 -9.31 3.93 0.47
N LEU A 47 -9.89 2.97 1.20
CA LEU A 47 -10.58 1.84 0.50
C LEU A 47 -12.09 1.85 0.60
N SER A 48 -12.70 2.93 1.02
CA SER A 48 -14.17 2.87 1.07
C SER A 48 -14.76 2.55 -0.29
N THR A 49 -14.15 2.94 -1.40
CA THR A 49 -14.72 2.62 -2.73
C THR A 49 -14.15 1.37 -3.36
N LEU A 50 -13.20 0.68 -2.69
CA LEU A 50 -12.52 -0.51 -3.26
C LEU A 50 -13.00 -1.87 -2.67
N VAL A 51 -14.13 -1.92 -1.99
CA VAL A 51 -14.60 -3.18 -1.40
C VAL A 51 -14.96 -4.07 -2.59
N GLY A 52 -14.34 -5.22 -2.60
CA GLY A 52 -14.60 -6.16 -3.70
C GLY A 52 -13.85 -5.83 -4.97
N LYS A 53 -12.92 -4.88 -4.96
CA LYS A 53 -12.22 -4.41 -6.18
C LYS A 53 -10.73 -4.41 -5.99
N PRO A 54 -9.98 -5.39 -6.49
CA PRO A 54 -8.56 -5.43 -6.15
C PRO A 54 -7.77 -4.47 -7.00
N VAL A 55 -6.75 -3.84 -6.46
CA VAL A 55 -5.95 -2.91 -7.25
C VAL A 55 -4.83 -3.62 -8.05
N ALA A 56 -4.52 -4.89 -7.75
CA ALA A 56 -3.46 -5.56 -8.47
C ALA A 56 -3.65 -7.04 -8.51
N ALA A 57 -2.98 -7.64 -9.45
CA ALA A 57 -2.83 -9.11 -9.52
C ALA A 57 -1.64 -9.48 -8.67
N PRO A 58 -1.43 -10.79 -8.42
CA PRO A 58 -0.21 -11.22 -7.68
C PRO A 58 1.00 -10.67 -8.31
N HIS A 59 1.82 -10.02 -7.46
CA HIS A 59 3.02 -9.32 -7.90
C HIS A 59 4.13 -9.48 -6.86
N THR A 60 5.31 -9.00 -7.22
CA THR A 60 6.45 -9.06 -6.35
C THR A 60 7.22 -7.76 -6.29
N HIS A 61 8.12 -7.61 -5.30
CA HIS A 61 9.03 -6.45 -5.26
C HIS A 61 10.33 -6.92 -4.69
N PRO A 62 11.38 -6.26 -5.01
CA PRO A 62 12.66 -6.72 -4.63
C PRO A 62 13.05 -6.40 -3.24
N VAL A 63 12.14 -5.78 -2.46
CA VAL A 63 12.38 -5.38 -1.10
C VAL A 63 11.15 -5.88 -0.28
N ASP A 64 11.35 -5.96 1.00
CA ASP A 64 10.25 -6.31 1.88
C ASP A 64 9.22 -5.16 1.88
N GLU A 65 7.91 -5.51 1.98
CA GLU A 65 6.81 -4.52 2.00
C GLU A 65 5.90 -4.78 3.21
N LEU A 66 5.63 -3.74 4.02
CA LEU A 66 4.73 -3.89 5.21
C LEU A 66 3.41 -3.29 4.85
N TYR A 67 2.33 -4.02 4.96
CA TYR A 67 1.02 -3.46 4.84
C TYR A 67 0.60 -2.92 6.17
N LEU A 68 0.03 -1.72 6.18
CA LEU A 68 -0.60 -1.13 7.36
C LEU A 68 -2.03 -0.82 7.06
N LEU A 69 -2.94 -1.37 7.84
CA LEU A 69 -4.38 -1.22 7.65
C LEU A 69 -4.93 -0.51 8.87
N VAL A 70 -5.59 0.63 8.64
CA VAL A 70 -6.20 1.43 9.73
C VAL A 70 -7.62 1.82 9.37
N SER A 71 -8.49 2.11 10.36
CA SER A 71 -9.79 2.60 10.14
C SER A 71 -10.28 3.34 11.41
N PRO A 72 -11.21 4.32 11.18
CA PRO A 72 -11.58 5.12 12.38
C PRO A 72 -12.18 4.32 13.51
N ASN A 73 -12.94 3.34 13.18
CA ASN A 73 -13.45 2.42 14.19
C ASN A 73 -12.61 1.18 14.23
N LYS A 74 -12.36 0.66 15.44
CA LYS A 74 -11.73 -0.61 15.63
C LYS A 74 -12.47 -1.67 14.82
N GLY A 75 -11.70 -2.41 14.00
CA GLY A 75 -12.33 -3.42 13.12
C GLY A 75 -13.19 -2.90 11.97
N GLY A 76 -13.06 -1.62 11.65
CA GLY A 76 -13.77 -1.02 10.54
C GLY A 76 -13.38 -1.42 9.15
N ALA A 77 -12.21 -2.00 9.01
CA ALA A 77 -11.72 -2.48 7.76
C ALA A 77 -11.12 -3.84 7.83
N ARG A 78 -11.29 -4.63 6.77
CA ARG A 78 -10.72 -5.96 6.66
C ARG A 78 -10.18 -6.18 5.30
N ILE A 79 -8.99 -6.74 5.12
CA ILE A 79 -8.44 -7.07 3.82
C ILE A 79 -8.00 -8.55 3.82
N GLU A 80 -8.10 -9.14 2.66
CA GLU A 80 -7.48 -10.43 2.35
C GLU A 80 -6.17 -10.19 1.70
N VAL A 81 -5.11 -10.84 2.19
CA VAL A 81 -3.79 -10.82 1.52
C VAL A 81 -3.43 -12.23 1.06
N GLN A 82 -3.11 -12.40 -0.21
CA GLN A 82 -2.50 -13.64 -0.71
C GLN A 82 -1.03 -13.59 -0.60
N LEU A 83 -0.44 -14.57 0.10
CA LEU A 83 0.99 -14.63 0.26
C LEU A 83 1.44 -15.94 -0.34
N ASP A 84 2.11 -15.88 -1.49
CA ASP A 84 2.49 -17.12 -2.25
C ASP A 84 1.38 -18.18 -2.22
N GLY A 85 0.21 -17.69 -2.61
CA GLY A 85 -0.95 -18.51 -2.69
C GLY A 85 -1.73 -18.85 -1.46
N ARG A 86 -1.34 -18.36 -0.28
CA ARG A 86 -2.04 -18.70 0.91
C ARG A 86 -2.80 -17.45 1.38
N ARG A 87 -4.10 -17.64 1.58
CA ARG A 87 -4.96 -16.53 2.05
C ARG A 87 -4.69 -16.22 3.50
N HIS A 88 -4.56 -14.92 3.77
CA HIS A 88 -4.46 -14.33 5.08
C HIS A 88 -5.48 -13.21 5.21
N GLU A 89 -5.93 -12.93 6.39
CA GLU A 89 -6.83 -11.78 6.58
C GLU A 89 -6.33 -10.90 7.67
N LEU A 90 -6.53 -9.60 7.51
CA LEU A 90 -6.20 -8.58 8.46
C LEU A 90 -7.44 -7.80 8.83
N LEU A 91 -7.61 -7.58 10.15
CA LEU A 91 -8.68 -6.78 10.69
C LEU A 91 -8.07 -5.52 11.30
N SER A 92 -8.55 -4.35 10.89
CA SER A 92 -7.89 -3.11 11.36
C SER A 92 -8.01 -2.95 12.89
N PRO A 93 -6.96 -2.37 13.49
CA PRO A 93 -5.61 -2.05 12.90
C PRO A 93 -4.72 -3.23 12.86
N ALA A 94 -3.95 -3.33 11.76
CA ALA A 94 -3.05 -4.45 11.59
C ALA A 94 -1.88 -4.09 10.68
N VAL A 95 -0.82 -4.84 10.80
CA VAL A 95 0.36 -4.76 9.98
C VAL A 95 0.76 -6.18 9.56
N MET A 96 1.08 -6.36 8.27
CA MET A 96 1.53 -7.63 7.76
C MET A 96 2.77 -7.45 6.95
N ARG A 97 3.74 -8.28 7.26
CA ARG A 97 4.97 -8.31 6.48
C ARG A 97 4.86 -9.16 5.23
N ILE A 98 5.33 -8.59 4.08
CA ILE A 98 5.36 -9.31 2.82
C ILE A 98 6.83 -9.45 2.41
N PRO A 99 7.46 -10.63 2.58
CA PRO A 99 8.86 -10.79 2.25
C PRO A 99 9.19 -10.45 0.81
N ALA A 100 10.38 -9.93 0.62
CA ALA A 100 10.93 -9.62 -0.74
C ALA A 100 10.81 -10.90 -1.57
N GLY A 101 10.29 -10.72 -2.77
CA GLY A 101 10.13 -11.86 -3.68
C GLY A 101 8.84 -12.61 -3.60
N SER A 102 8.06 -12.44 -2.49
CA SER A 102 6.83 -13.14 -2.28
C SER A 102 5.77 -12.61 -3.29
N GLU A 103 5.06 -13.48 -3.98
CA GLU A 103 4.01 -13.11 -4.90
C GLU A 103 2.81 -12.83 -4.03
N HIS A 104 2.32 -11.60 -4.08
CA HIS A 104 1.20 -11.22 -3.22
C HIS A 104 0.29 -10.17 -3.84
N CYS A 105 -0.83 -9.99 -3.15
CA CYS A 105 -1.78 -8.90 -3.48
C CYS A 105 -2.75 -8.86 -2.35
N PHE A 106 -3.56 -7.79 -2.32
CA PHE A 106 -4.64 -7.70 -1.30
C PHE A 106 -5.97 -7.37 -1.96
N LEU A 107 -7.02 -7.71 -1.24
CA LEU A 107 -8.43 -7.46 -1.60
C LEU A 107 -9.14 -6.86 -0.41
N THR A 108 -9.83 -5.74 -0.61
CA THR A 108 -10.66 -5.16 0.41
C THR A 108 -11.94 -5.92 0.63
N LEU A 109 -12.12 -6.53 1.80
CA LEU A 109 -13.41 -7.25 2.08
C LEU A 109 -14.40 -6.41 2.86
N GLU A 110 -13.96 -5.37 3.62
CA GLU A 110 -14.84 -4.49 4.34
C GLU A 110 -14.09 -3.16 4.49
N ALA A 111 -14.82 -2.05 4.41
CA ALA A 111 -14.21 -0.73 4.64
C ALA A 111 -15.30 0.27 4.94
N GLU A 112 -14.97 1.18 5.79
CA GLU A 112 -15.76 2.39 6.08
C GLU A 112 -15.08 3.58 5.50
N VAL A 113 -15.77 4.71 5.57
CA VAL A 113 -15.15 6.01 5.20
C VAL A 113 -13.96 6.22 6.15
N GLY A 114 -12.80 6.46 5.56
CA GLY A 114 -11.65 6.58 6.34
C GLY A 114 -10.75 5.37 6.53
N SER A 115 -11.13 4.19 5.99
CA SER A 115 -10.24 3.05 6.02
C SER A 115 -9.12 3.33 5.07
N TYR A 116 -7.88 3.02 5.49
CA TYR A 116 -6.67 3.14 4.64
C TYR A 116 -5.86 1.88 4.69
N CYS A 117 -5.26 1.50 3.55
CA CYS A 117 -4.19 0.53 3.51
C CYS A 117 -2.98 1.22 2.86
N PHE A 118 -1.83 1.15 3.48
CA PHE A 118 -0.56 1.61 2.95
C PHE A 118 0.43 0.47 2.84
N GLY A 119 1.33 0.58 1.88
CA GLY A 119 2.39 -0.40 1.67
C GLY A 119 3.67 0.36 1.93
N ILE A 120 4.46 -0.06 2.90
CA ILE A 120 5.71 0.64 3.22
C ILE A 120 6.79 -0.24 2.68
N LEU A 121 7.48 0.23 1.62
CA LEU A 121 8.51 -0.60 0.93
C LEU A 121 9.84 -0.31 1.53
N LEU A 122 10.54 -1.34 2.05
CA LEU A 122 11.72 -1.17 2.85
C LEU A 122 12.96 -1.12 1.96
N GLY A 123 13.04 -0.11 1.18
CA GLY A 123 14.15 0.09 0.20
C GLY A 123 13.77 1.13 -0.77
N ASP A 124 14.76 1.46 -1.59
CA ASP A 124 14.51 2.46 -2.59
C ASP A 124 14.25 1.97 -4.01
N ARG A 125 14.16 0.64 -4.26
CA ARG A 125 13.79 0.10 -5.59
C ARG A 125 12.43 -0.57 -5.57
N LEU A 126 11.82 -0.57 -6.75
CA LEU A 126 10.63 -1.36 -7.07
C LEU A 126 11.02 -2.44 -8.11
ZN ZN B . 3.32 -5.09 -3.07
N TRP C . 1.65 -1.12 -1.80
CA TRP C . 0.56 -1.86 -2.50
C TRP C . 1.17 -2.94 -3.42
O TRP C . 2.39 -3.10 -3.41
CB TRP C . -0.30 -0.86 -3.31
CG TRP C . -1.43 -0.31 -2.48
CD1 TRP C . -1.51 -0.28 -1.12
CD2 TRP C . -2.66 0.30 -2.97
NE1 TRP C . -2.72 0.28 -0.77
CE2 TRP C . -3.46 0.67 -1.86
CE3 TRP C . -3.15 0.57 -4.26
CZ2 TRP C . -4.70 1.27 -2.04
CZ3 TRP C . -4.40 1.18 -4.43
CH2 TRP C . -5.17 1.54 -3.32
OXT TRP C . 0.40 -3.59 -4.11
H1 TRP C . 2.40 -0.89 -2.47
H2 TRP C . 2.03 -1.71 -1.03
H3 TRP C . 1.27 -0.24 -1.40
HA TRP C . -0.04 -2.34 -1.78
HB2 TRP C . 0.32 -0.05 -3.65
HB3 TRP C . -0.72 -1.36 -4.14
HD1 TRP C . -0.77 -0.65 -0.44
HE1 TRP C . -3.04 0.41 0.16
HE3 TRP C . -2.56 0.31 -5.13
HZ2 TRP C . -5.30 1.55 -1.17
HZ3 TRP C . -4.77 1.39 -5.44
HH2 TRP C . -6.14 2.01 -3.47
N PRO A 4 7.19 30.67 -3.25
CA PRO A 4 6.64 30.15 -2.05
C PRO A 4 6.56 28.58 -2.04
N ALA A 5 7.19 27.84 -2.97
CA ALA A 5 7.33 26.37 -2.74
C ALA A 5 8.32 26.23 -1.62
N ASP A 6 7.97 25.36 -0.66
CA ASP A 6 8.83 25.21 0.54
C ASP A 6 9.54 23.88 0.33
N PRO A 7 10.88 23.81 0.40
CA PRO A 7 11.57 22.58 0.06
C PRO A 7 11.27 21.41 1.03
N GLU A 8 10.78 21.72 2.20
CA GLU A 8 10.46 20.74 3.21
C GLU A 8 9.03 20.15 3.04
N ILE A 9 8.23 20.67 2.09
CA ILE A 9 6.77 20.31 1.99
C ILE A 9 6.57 19.83 0.59
N VAL A 10 5.89 18.69 0.44
CA VAL A 10 5.42 18.19 -0.85
C VAL A 10 3.90 18.11 -0.79
N GLU A 11 3.25 18.91 -1.60
CA GLU A 11 1.76 18.95 -1.73
C GLU A 11 1.33 18.24 -3.01
N GLY A 12 2.27 17.99 -3.90
CA GLY A 12 1.94 17.35 -5.18
C GLY A 12 1.80 15.83 -5.11
N LEU A 13 0.68 15.43 -4.47
CA LEU A 13 0.42 14.04 -4.00
C LEU A 13 -0.98 13.64 -4.31
N PRO A 14 -1.23 12.35 -4.51
CA PRO A 14 -0.21 11.30 -4.63
C PRO A 14 0.55 11.39 -5.93
N ILE A 15 1.59 10.62 -5.99
CA ILE A 15 2.44 10.47 -7.17
C ILE A 15 2.10 9.13 -7.76
N PRO A 16 1.37 9.10 -8.88
CA PRO A 16 0.95 7.82 -9.39
C PRO A 16 2.05 7.23 -10.26
N LEU A 17 2.56 6.06 -9.86
CA LEU A 17 3.63 5.38 -10.51
C LEU A 17 3.18 4.06 -11.12
N ALA A 18 3.65 3.79 -12.33
CA ALA A 18 3.35 2.48 -12.92
C ALA A 18 4.02 1.36 -12.16
N VAL A 19 3.30 0.35 -11.73
CA VAL A 19 3.84 -0.77 -10.92
C VAL A 19 3.37 -2.05 -11.53
N ALA A 20 4.25 -3.02 -11.61
CA ALA A 20 3.83 -4.30 -12.21
C ALA A 20 2.68 -4.93 -11.42
N GLY A 21 1.76 -5.52 -12.18
CA GLY A 21 0.58 -6.14 -11.59
C GLY A 21 -0.64 -5.25 -11.42
N HIS A 22 -0.45 -3.96 -11.41
CA HIS A 22 -1.48 -2.94 -11.20
C HIS A 22 -2.10 -2.57 -12.56
N HIS A 23 -3.35 -2.14 -12.58
CA HIS A 23 -3.95 -1.74 -13.81
C HIS A 23 -4.18 -0.27 -13.95
N GLN A 24 -3.93 0.51 -12.87
CA GLN A 24 -3.78 1.92 -12.95
C GLN A 24 -2.52 2.22 -12.09
N PRO A 25 -1.97 3.40 -12.24
CA PRO A 25 -0.74 3.65 -11.49
C PRO A 25 -1.02 3.61 -10.00
N ALA A 26 -0.01 3.16 -9.21
CA ALA A 26 -0.13 3.02 -7.73
C ALA A 26 0.14 4.37 -7.03
N PRO A 27 -0.76 4.86 -6.19
CA PRO A 27 -0.60 6.17 -5.57
C PRO A 27 0.47 6.21 -4.50
N PHE A 28 1.63 6.84 -4.79
CA PHE A 28 2.70 6.97 -3.81
C PHE A 28 2.60 8.30 -3.09
N TYR A 29 2.90 8.23 -1.80
CA TYR A 29 3.07 9.41 -0.97
C TYR A 29 4.48 9.65 -0.59
N LEU A 30 5.31 8.60 -0.42
CA LEU A 30 6.79 8.78 -0.27
C LEU A 30 7.44 8.07 -1.38
N THR A 31 8.34 8.73 -2.10
CA THR A 31 9.14 8.13 -3.15
C THR A 31 10.64 8.29 -2.84
N ALA A 32 11.45 7.42 -3.45
CA ALA A 32 12.86 7.36 -3.14
C ALA A 32 13.60 8.63 -3.45
N ASP A 33 13.06 9.41 -4.35
CA ASP A 33 13.70 10.66 -4.85
C ASP A 33 13.34 11.91 -4.09
N MET A 34 12.46 11.77 -3.08
CA MET A 34 12.11 12.91 -2.25
C MET A 34 13.20 13.28 -1.23
N PHE A 35 13.26 14.59 -0.94
CA PHE A 35 14.11 15.14 0.08
C PHE A 35 15.54 14.68 -0.04
N GLY A 36 16.00 14.64 -1.28
CA GLY A 36 17.42 14.21 -1.54
C GLY A 36 17.76 12.75 -1.51
N GLY A 37 16.74 11.94 -1.26
CA GLY A 37 16.86 10.57 -1.21
C GLY A 37 16.31 10.00 0.07
N LEU A 38 15.30 9.10 -0.08
CA LEU A 38 14.73 8.40 1.04
C LEU A 38 15.02 6.94 1.06
N PRO A 39 15.06 6.36 2.25
CA PRO A 39 15.41 4.91 2.35
C PRO A 39 14.24 3.94 2.25
N VAL A 40 13.05 4.49 2.11
CA VAL A 40 11.81 3.71 2.01
C VAL A 40 10.88 4.45 1.05
N GLN A 41 9.88 3.74 0.54
CA GLN A 41 8.81 4.32 -0.25
C GLN A 41 7.46 3.94 0.41
N LEU A 42 6.39 4.65 0.10
CA LEU A 42 5.12 4.42 0.74
C LEU A 42 4.00 4.70 -0.20
N ALA A 43 3.11 3.74 -0.40
CA ALA A 43 2.01 3.93 -1.32
C ALA A 43 0.75 3.40 -0.72
N GLY A 44 -0.37 3.95 -1.14
CA GLY A 44 -1.64 3.44 -0.58
C GLY A 44 -2.78 4.34 -0.79
N GLY A 45 -3.84 4.12 -0.04
CA GLY A 45 -5.04 4.91 -0.22
C GLY A 45 -6.20 4.46 0.64
N GLU A 46 -7.28 5.19 0.45
CA GLU A 46 -8.51 5.04 1.16
C GLU A 46 -9.31 3.93 0.47
N LEU A 47 -9.89 2.97 1.20
CA LEU A 47 -10.58 1.84 0.50
C LEU A 47 -12.08 1.85 0.60
N SER A 48 -12.70 2.93 1.02
CA SER A 48 -14.17 2.87 1.07
C SER A 48 -14.76 2.55 -0.29
N THR A 49 -14.15 2.94 -1.40
CA THR A 49 -14.72 2.62 -2.73
C THR A 49 -14.15 1.37 -3.36
N LEU A 50 -13.20 0.68 -2.69
CA LEU A 50 -12.51 -0.52 -3.25
C LEU A 50 -13.00 -1.87 -2.67
N VAL A 51 -14.13 -1.92 -1.99
CA VAL A 51 -14.60 -3.18 -1.40
C VAL A 51 -14.96 -4.07 -2.59
N GLY A 52 -14.34 -5.22 -2.60
CA GLY A 52 -14.60 -6.16 -3.70
C GLY A 52 -13.85 -5.83 -4.97
N LYS A 53 -12.92 -4.88 -4.96
CA LYS A 53 -12.22 -4.41 -6.18
C LYS A 53 -10.73 -4.41 -5.99
N PRO A 54 -9.98 -5.39 -6.49
CA PRO A 54 -8.56 -5.43 -6.15
C PRO A 54 -7.77 -4.47 -7.00
N VAL A 55 -6.75 -3.85 -6.45
CA VAL A 55 -5.91 -2.90 -7.19
C VAL A 55 -4.81 -3.61 -8.02
N ALA A 56 -4.52 -4.89 -7.75
CA ALA A 56 -3.46 -5.56 -8.47
C ALA A 56 -3.65 -7.04 -8.51
N ALA A 57 -2.98 -7.64 -9.45
CA ALA A 57 -2.83 -9.11 -9.52
C ALA A 57 -1.64 -9.48 -8.67
N PRO A 58 -1.43 -10.79 -8.42
CA PRO A 58 -0.21 -11.22 -7.68
C PRO A 58 1.00 -10.67 -8.31
N HIS A 59 1.82 -10.02 -7.46
CA HIS A 59 3.02 -9.32 -7.90
C HIS A 59 4.12 -9.48 -6.87
N THR A 60 5.31 -9.00 -7.22
CA THR A 60 6.45 -9.06 -6.35
C THR A 60 7.22 -7.76 -6.29
N HIS A 61 8.10 -7.61 -5.29
CA HIS A 61 9.02 -6.43 -5.24
C HIS A 61 10.32 -6.92 -4.67
N PRO A 62 11.38 -6.26 -5.01
CA PRO A 62 12.66 -6.72 -4.63
C PRO A 62 13.05 -6.40 -3.24
N VAL A 63 12.14 -5.78 -2.46
CA VAL A 63 12.38 -5.38 -1.10
C VAL A 63 11.15 -5.88 -0.28
N ASP A 64 11.35 -5.96 1.00
CA ASP A 64 10.25 -6.31 1.88
C ASP A 64 9.22 -5.16 1.88
N GLU A 65 7.91 -5.57 1.96
CA GLU A 65 6.70 -4.66 1.93
C GLU A 65 5.86 -4.81 3.22
N LEU A 66 5.63 -3.74 4.02
CA LEU A 66 4.73 -3.89 5.21
C LEU A 66 3.41 -3.29 4.85
N TYR A 67 2.33 -4.02 4.96
CA TYR A 67 1.02 -3.46 4.84
C TYR A 67 0.60 -2.92 6.17
N LEU A 68 0.03 -1.72 6.18
CA LEU A 68 -0.60 -1.13 7.36
C LEU A 68 -2.03 -0.82 7.06
N LEU A 69 -2.94 -1.37 7.84
CA LEU A 69 -4.38 -1.22 7.65
C LEU A 69 -4.93 -0.51 8.87
N VAL A 70 -5.59 0.63 8.64
CA VAL A 70 -6.20 1.43 9.73
C VAL A 70 -7.62 1.82 9.37
N SER A 71 -8.49 2.11 10.36
CA SER A 71 -9.79 2.60 10.14
C SER A 71 -10.28 3.34 11.41
N PRO A 72 -11.21 4.32 11.18
CA PRO A 72 -11.58 5.12 12.38
C PRO A 72 -12.18 4.32 13.51
N ASN A 73 -12.94 3.34 13.18
CA ASN A 73 -13.45 2.42 14.19
C ASN A 73 -12.61 1.18 14.23
N LYS A 74 -12.36 0.66 15.44
CA LYS A 74 -11.73 -0.61 15.63
C LYS A 74 -12.47 -1.67 14.82
N GLY A 75 -11.70 -2.41 14.00
CA GLY A 75 -12.33 -3.42 13.12
C GLY A 75 -13.19 -2.90 11.97
N GLY A 76 -13.06 -1.62 11.65
CA GLY A 76 -13.77 -1.02 10.54
C GLY A 76 -13.38 -1.42 9.15
N ALA A 77 -12.21 -2.00 9.01
CA ALA A 77 -11.72 -2.48 7.76
C ALA A 77 -11.12 -3.84 7.83
N ARG A 78 -11.29 -4.63 6.77
CA ARG A 78 -10.72 -5.96 6.66
C ARG A 78 -10.18 -6.18 5.30
N ILE A 79 -8.99 -6.74 5.12
CA ILE A 79 -8.44 -7.07 3.82
C ILE A 79 -8.00 -8.55 3.82
N GLU A 80 -8.10 -9.14 2.66
CA GLU A 80 -7.48 -10.43 2.35
C GLU A 80 -6.17 -10.19 1.70
N VAL A 81 -5.11 -10.84 2.19
CA VAL A 81 -3.79 -10.82 1.52
C VAL A 81 -3.43 -12.23 1.06
N GLN A 82 -3.11 -12.40 -0.21
CA GLN A 82 -2.50 -13.64 -0.71
C GLN A 82 -1.03 -13.59 -0.60
N LEU A 83 -0.44 -14.57 0.10
CA LEU A 83 0.99 -14.63 0.26
C LEU A 83 1.44 -15.94 -0.34
N ASP A 84 2.11 -15.88 -1.49
CA ASP A 84 2.49 -17.12 -2.25
C ASP A 84 1.38 -18.18 -2.22
N GLY A 85 0.21 -17.69 -2.61
CA GLY A 85 -0.95 -18.51 -2.69
C GLY A 85 -1.73 -18.85 -1.46
N ARG A 86 -1.34 -18.36 -0.28
CA ARG A 86 -2.04 -18.70 0.91
C ARG A 86 -2.80 -17.45 1.38
N ARG A 87 -4.10 -17.64 1.58
CA ARG A 87 -4.96 -16.53 2.05
C ARG A 87 -4.69 -16.22 3.50
N HIS A 88 -4.56 -14.92 3.77
CA HIS A 88 -4.46 -14.33 5.08
C HIS A 88 -5.48 -13.21 5.21
N GLU A 89 -5.93 -12.93 6.39
CA GLU A 89 -6.83 -11.78 6.58
C GLU A 89 -6.33 -10.90 7.67
N LEU A 90 -6.53 -9.60 7.51
CA LEU A 90 -6.20 -8.58 8.46
C LEU A 90 -7.44 -7.80 8.83
N LEU A 91 -7.61 -7.58 10.15
CA LEU A 91 -8.68 -6.78 10.69
C LEU A 91 -8.07 -5.52 11.30
N SER A 92 -8.55 -4.35 10.89
CA SER A 92 -7.89 -3.11 11.36
C SER A 92 -8.01 -2.95 12.89
N PRO A 93 -6.96 -2.37 13.49
CA PRO A 93 -5.61 -2.05 12.90
C PRO A 93 -4.72 -3.23 12.86
N ALA A 94 -3.95 -3.33 11.76
CA ALA A 94 -3.05 -4.45 11.59
C ALA A 94 -1.88 -4.09 10.68
N VAL A 95 -0.82 -4.84 10.80
CA VAL A 95 0.36 -4.76 9.98
C VAL A 95 0.76 -6.18 9.56
N MET A 96 1.08 -6.36 8.27
CA MET A 96 1.53 -7.63 7.76
C MET A 96 2.77 -7.45 6.95
N ARG A 97 3.74 -8.28 7.26
CA ARG A 97 4.97 -8.31 6.48
C ARG A 97 4.86 -9.16 5.23
N ILE A 98 5.33 -8.59 4.08
CA ILE A 98 5.36 -9.31 2.82
C ILE A 98 6.83 -9.45 2.41
N PRO A 99 7.46 -10.63 2.58
CA PRO A 99 8.86 -10.79 2.25
C PRO A 99 9.19 -10.45 0.81
N ALA A 100 10.38 -9.93 0.62
CA ALA A 100 10.93 -9.62 -0.74
C ALA A 100 10.81 -10.90 -1.57
N GLY A 101 10.29 -10.72 -2.77
CA GLY A 101 10.13 -11.86 -3.68
C GLY A 101 8.84 -12.61 -3.60
N SER A 102 8.06 -12.44 -2.49
CA SER A 102 6.83 -13.14 -2.28
C SER A 102 5.77 -12.61 -3.29
N GLU A 103 5.06 -13.48 -3.98
CA GLU A 103 4.01 -13.11 -4.90
C GLU A 103 2.81 -12.83 -4.03
N HIS A 104 2.31 -11.61 -4.08
CA HIS A 104 1.19 -11.25 -3.21
C HIS A 104 0.30 -10.18 -3.83
N CYS A 105 -0.83 -9.99 -3.15
CA CYS A 105 -1.78 -8.90 -3.48
C CYS A 105 -2.75 -8.86 -2.35
N PHE A 106 -3.56 -7.79 -2.32
CA PHE A 106 -4.64 -7.70 -1.30
C PHE A 106 -5.97 -7.37 -1.96
N LEU A 107 -7.02 -7.71 -1.24
CA LEU A 107 -8.43 -7.46 -1.60
C LEU A 107 -9.14 -6.86 -0.41
N THR A 108 -9.83 -5.74 -0.61
CA THR A 108 -10.66 -5.16 0.41
C THR A 108 -11.94 -5.92 0.63
N LEU A 109 -12.12 -6.53 1.80
CA LEU A 109 -13.41 -7.25 2.08
C LEU A 109 -14.40 -6.41 2.86
N GLU A 110 -13.96 -5.37 3.62
CA GLU A 110 -14.84 -4.49 4.34
C GLU A 110 -14.09 -3.16 4.49
N ALA A 111 -14.82 -2.05 4.41
CA ALA A 111 -14.21 -0.73 4.64
C ALA A 111 -15.30 0.27 4.94
N GLU A 112 -14.97 1.18 5.79
CA GLU A 112 -15.76 2.39 6.08
C GLU A 112 -15.08 3.58 5.50
N VAL A 113 -15.77 4.71 5.57
CA VAL A 113 -15.15 6.01 5.20
C VAL A 113 -13.96 6.22 6.15
N GLY A 114 -12.80 6.46 5.56
CA GLY A 114 -11.65 6.58 6.34
C GLY A 114 -10.75 5.37 6.53
N SER A 115 -11.13 4.19 5.99
CA SER A 115 -10.24 3.05 6.02
C SER A 115 -9.12 3.33 5.07
N TYR A 116 -7.88 3.02 5.49
CA TYR A 116 -6.67 3.14 4.64
C TYR A 116 -5.86 1.88 4.69
N CYS A 117 -5.26 1.50 3.55
CA CYS A 117 -4.19 0.53 3.51
C CYS A 117 -2.98 1.22 2.86
N PHE A 118 -1.83 1.15 3.48
CA PHE A 118 -0.56 1.61 2.95
C PHE A 118 0.43 0.47 2.84
N GLY A 119 1.33 0.58 1.89
CA GLY A 119 2.38 -0.39 1.70
C GLY A 119 3.66 0.37 1.94
N ILE A 120 4.46 -0.06 2.90
CA ILE A 120 5.71 0.64 3.22
C ILE A 120 6.79 -0.24 2.68
N LEU A 121 7.48 0.23 1.62
CA LEU A 121 8.51 -0.60 0.93
C LEU A 121 9.84 -0.31 1.53
N LEU A 122 10.54 -1.34 2.05
CA LEU A 122 11.72 -1.17 2.85
C LEU A 122 12.96 -1.12 1.96
N GLY A 123 13.04 -0.11 1.18
CA GLY A 123 14.15 0.09 0.20
C GLY A 123 13.77 1.13 -0.77
N ASP A 124 14.76 1.46 -1.59
CA ASP A 124 14.51 2.46 -2.59
C ASP A 124 14.25 1.97 -4.01
N ARG A 125 14.16 0.64 -4.26
CA ARG A 125 13.79 0.10 -5.59
C ARG A 125 12.43 -0.57 -5.57
N LEU A 126 11.82 -0.57 -6.75
CA LEU A 126 10.63 -1.36 -7.07
C LEU A 126 11.02 -2.44 -8.11
ZN ZN B . 3.24 -5.25 -3.04
N TRP C . 2.15 -0.16 -1.60
CA TRP C . 1.53 -1.46 -2.01
C TRP C . 2.54 -2.27 -2.81
O TRP C . 2.15 -3.32 -3.31
CB TRP C . 0.26 -1.18 -2.86
CG TRP C . -0.89 -0.69 -2.00
CD1 TRP C . -0.95 -0.70 -0.63
CD2 TRP C . -2.18 -0.11 -2.44
NE1 TRP C . -2.16 -0.18 -0.23
CE2 TRP C . -2.95 0.20 -1.29
CE3 TRP C . -2.75 0.17 -3.71
CZ2 TRP C . -4.22 0.77 -1.38
CZ3 TRP C . -4.03 0.74 -3.80
CH2 TRP C . -4.76 1.04 -2.64
OXT TRP C . 3.68 -1.85 -2.91
H1 TRP C . 2.47 0.36 -2.45
H2 TRP C . 2.96 -0.35 -0.98
H3 TRP C . 1.44 0.41 -1.10
HA TRP C . 1.28 -2.02 -1.14
HB2 TRP C . 0.49 -0.43 -3.60
HB3 TRP C . -0.03 -2.09 -3.36
HD1 TRP C . -0.18 -1.05 0.04
HE1 TRP C . -2.45 -0.08 0.70
HE3 TRP C . -2.22 -0.06 -4.61
HZ2 TRP C . -4.78 1.00 -0.49
HZ3 TRP C . -4.44 0.97 -4.76
HH2 TRP C . -5.74 1.49 -2.72
N PRO A 4 7.19 30.67 -3.25
CA PRO A 4 6.64 30.15 -2.05
C PRO A 4 6.56 28.58 -2.04
N ALA A 5 7.19 27.84 -2.97
CA ALA A 5 7.33 26.37 -2.74
C ALA A 5 8.32 26.23 -1.62
N ASP A 6 7.97 25.36 -0.66
CA ASP A 6 8.83 25.21 0.54
C ASP A 6 9.54 23.88 0.33
N PRO A 7 10.88 23.81 0.40
CA PRO A 7 11.57 22.58 0.06
C PRO A 7 11.27 21.41 1.03
N GLU A 8 10.78 21.72 2.20
CA GLU A 8 10.46 20.74 3.21
C GLU A 8 9.03 20.15 3.04
N ILE A 9 8.23 20.67 2.09
CA ILE A 9 6.77 20.31 1.99
C ILE A 9 6.57 19.83 0.59
N VAL A 10 5.89 18.69 0.44
CA VAL A 10 5.42 18.19 -0.85
C VAL A 10 3.90 18.11 -0.79
N GLU A 11 3.25 18.91 -1.60
CA GLU A 11 1.76 18.95 -1.73
C GLU A 11 1.33 18.24 -3.01
N GLY A 12 2.27 17.99 -3.90
CA GLY A 12 1.94 17.35 -5.18
C GLY A 12 1.80 15.83 -5.11
N LEU A 13 0.68 15.43 -4.47
CA LEU A 13 0.42 14.04 -4.00
C LEU A 13 -0.98 13.64 -4.31
N PRO A 14 -1.23 12.35 -4.51
CA PRO A 14 -0.21 11.30 -4.63
C PRO A 14 0.55 11.39 -5.93
N ILE A 15 1.59 10.62 -5.99
CA ILE A 15 2.44 10.47 -7.17
C ILE A 15 2.10 9.13 -7.76
N PRO A 16 1.37 9.10 -8.88
CA PRO A 16 0.95 7.82 -9.39
C PRO A 16 2.05 7.23 -10.26
N LEU A 17 2.56 6.06 -9.86
CA LEU A 17 3.63 5.38 -10.51
C LEU A 17 3.18 4.06 -11.12
N ALA A 18 3.65 3.79 -12.33
CA ALA A 18 3.35 2.48 -12.92
C ALA A 18 4.02 1.36 -12.16
N VAL A 19 3.30 0.35 -11.73
CA VAL A 19 3.84 -0.77 -10.92
C VAL A 19 3.37 -2.05 -11.53
N ALA A 20 4.25 -3.02 -11.61
CA ALA A 20 3.83 -4.30 -12.21
C ALA A 20 2.68 -4.93 -11.42
N GLY A 21 1.76 -5.52 -12.18
CA GLY A 21 0.58 -6.14 -11.59
C GLY A 21 -0.64 -5.25 -11.42
N HIS A 22 -0.45 -3.96 -11.41
CA HIS A 22 -1.48 -2.94 -11.20
C HIS A 22 -2.10 -2.57 -12.56
N HIS A 23 -3.35 -2.14 -12.58
CA HIS A 23 -3.95 -1.74 -13.81
C HIS A 23 -4.18 -0.27 -13.95
N GLN A 24 -3.93 0.51 -12.87
CA GLN A 24 -3.78 1.92 -12.95
C GLN A 24 -2.52 2.22 -12.09
N PRO A 25 -1.97 3.40 -12.24
CA PRO A 25 -0.74 3.65 -11.49
C PRO A 25 -1.02 3.61 -10.00
N ALA A 26 -0.01 3.16 -9.21
CA ALA A 26 -0.13 3.02 -7.73
C ALA A 26 0.14 4.37 -7.03
N PRO A 27 -0.76 4.86 -6.19
CA PRO A 27 -0.60 6.17 -5.57
C PRO A 27 0.47 6.21 -4.50
N PHE A 28 1.63 6.84 -4.79
CA PHE A 28 2.70 6.97 -3.81
C PHE A 28 2.60 8.30 -3.09
N TYR A 29 2.90 8.23 -1.80
CA TYR A 29 3.07 9.41 -0.97
C TYR A 29 4.48 9.65 -0.59
N LEU A 30 5.31 8.60 -0.42
CA LEU A 30 6.79 8.78 -0.27
C LEU A 30 7.44 8.07 -1.38
N THR A 31 8.34 8.73 -2.10
CA THR A 31 9.14 8.13 -3.15
C THR A 31 10.64 8.29 -2.84
N ALA A 32 11.45 7.42 -3.45
CA ALA A 32 12.86 7.36 -3.14
C ALA A 32 13.60 8.63 -3.45
N ASP A 33 13.06 9.41 -4.35
CA ASP A 33 13.70 10.66 -4.85
C ASP A 33 13.34 11.91 -4.09
N MET A 34 12.46 11.77 -3.08
CA MET A 34 12.11 12.91 -2.25
C MET A 34 13.20 13.28 -1.23
N PHE A 35 13.26 14.59 -0.94
CA PHE A 35 14.11 15.14 0.08
C PHE A 35 15.54 14.68 -0.04
N GLY A 36 16.00 14.64 -1.28
CA GLY A 36 17.42 14.21 -1.54
C GLY A 36 17.76 12.75 -1.51
N GLY A 37 16.74 11.94 -1.26
CA GLY A 37 16.86 10.57 -1.21
C GLY A 37 16.31 10.00 0.07
N LEU A 38 15.30 9.10 -0.08
CA LEU A 38 14.73 8.40 1.04
C LEU A 38 15.02 6.94 1.06
N PRO A 39 15.06 6.36 2.25
CA PRO A 39 15.41 4.91 2.35
C PRO A 39 14.24 3.94 2.25
N VAL A 40 13.05 4.49 2.11
CA VAL A 40 11.81 3.71 2.01
C VAL A 40 10.88 4.45 1.05
N GLN A 41 9.88 3.74 0.54
CA GLN A 41 8.81 4.32 -0.25
C GLN A 41 7.46 3.94 0.41
N LEU A 42 6.39 4.65 0.10
CA LEU A 42 5.12 4.42 0.74
C LEU A 42 4.00 4.70 -0.20
N ALA A 43 3.11 3.76 -0.39
CA ALA A 43 2.01 3.95 -1.32
C ALA A 43 0.75 3.41 -0.72
N GLY A 44 -0.37 3.95 -1.14
CA GLY A 44 -1.64 3.44 -0.58
C GLY A 44 -2.78 4.34 -0.79
N GLY A 45 -3.84 4.12 -0.04
CA GLY A 45 -5.04 4.91 -0.22
C GLY A 45 -6.20 4.46 0.64
N GLU A 46 -7.28 5.19 0.45
CA GLU A 46 -8.51 5.04 1.16
C GLU A 46 -9.31 3.93 0.47
N LEU A 47 -9.89 2.97 1.20
CA LEU A 47 -10.58 1.84 0.50
C LEU A 47 -12.08 1.85 0.60
N SER A 48 -12.70 2.93 1.02
CA SER A 48 -14.17 2.87 1.07
C SER A 48 -14.76 2.55 -0.29
N THR A 49 -14.15 2.94 -1.40
CA THR A 49 -14.72 2.62 -2.73
C THR A 49 -14.15 1.37 -3.36
N LEU A 50 -13.20 0.68 -2.69
CA LEU A 50 -12.52 -0.51 -3.26
C LEU A 50 -13.00 -1.87 -2.67
N VAL A 51 -14.13 -1.92 -1.99
CA VAL A 51 -14.60 -3.18 -1.40
C VAL A 51 -14.96 -4.07 -2.59
N GLY A 52 -14.34 -5.22 -2.60
CA GLY A 52 -14.60 -6.16 -3.70
C GLY A 52 -13.85 -5.83 -4.97
N LYS A 53 -12.92 -4.88 -4.96
CA LYS A 53 -12.22 -4.41 -6.18
C LYS A 53 -10.73 -4.41 -5.99
N PRO A 54 -9.98 -5.39 -6.49
CA PRO A 54 -8.56 -5.43 -6.15
C PRO A 54 -7.77 -4.47 -7.00
N VAL A 55 -6.75 -3.84 -6.46
CA VAL A 55 -5.95 -2.91 -7.26
C VAL A 55 -4.83 -3.62 -8.05
N ALA A 56 -4.52 -4.89 -7.75
CA ALA A 56 -3.46 -5.56 -8.47
C ALA A 56 -3.65 -7.04 -8.51
N ALA A 57 -2.98 -7.64 -9.45
CA ALA A 57 -2.83 -9.11 -9.52
C ALA A 57 -1.64 -9.48 -8.67
N PRO A 58 -1.43 -10.79 -8.42
CA PRO A 58 -0.21 -11.22 -7.68
C PRO A 58 1.00 -10.67 -8.31
N HIS A 59 1.84 -10.05 -7.47
CA HIS A 59 3.05 -9.41 -7.95
C HIS A 59 4.13 -9.50 -6.89
N THR A 60 5.31 -9.00 -7.22
CA THR A 60 6.45 -9.06 -6.35
C THR A 60 7.22 -7.76 -6.29
N HIS A 61 8.11 -7.61 -5.28
CA HIS A 61 9.03 -6.42 -5.21
C HIS A 61 10.33 -6.92 -4.69
N PRO A 62 11.38 -6.26 -5.01
CA PRO A 62 12.66 -6.72 -4.63
C PRO A 62 13.05 -6.40 -3.24
N VAL A 63 12.14 -5.78 -2.46
CA VAL A 63 12.38 -5.38 -1.10
C VAL A 63 11.15 -5.88 -0.28
N ASP A 64 11.35 -5.96 1.00
CA ASP A 64 10.25 -6.31 1.88
C ASP A 64 9.22 -5.16 1.88
N GLU A 65 7.93 -5.58 1.99
CA GLU A 65 6.73 -4.69 1.99
C GLU A 65 5.89 -4.82 3.26
N LEU A 66 5.63 -3.74 4.02
CA LEU A 66 4.73 -3.89 5.21
C LEU A 66 3.41 -3.29 4.85
N TYR A 67 2.33 -4.02 4.96
CA TYR A 67 1.02 -3.46 4.84
C TYR A 67 0.60 -2.92 6.17
N LEU A 68 0.03 -1.72 6.18
CA LEU A 68 -0.60 -1.13 7.36
C LEU A 68 -2.03 -0.82 7.06
N LEU A 69 -2.94 -1.37 7.84
CA LEU A 69 -4.38 -1.22 7.65
C LEU A 69 -4.93 -0.51 8.87
N VAL A 70 -5.59 0.63 8.64
CA VAL A 70 -6.20 1.43 9.73
C VAL A 70 -7.62 1.82 9.37
N SER A 71 -8.49 2.11 10.36
CA SER A 71 -9.79 2.60 10.14
C SER A 71 -10.28 3.34 11.41
N PRO A 72 -11.21 4.32 11.18
CA PRO A 72 -11.58 5.12 12.38
C PRO A 72 -12.18 4.32 13.51
N ASN A 73 -12.94 3.34 13.18
CA ASN A 73 -13.45 2.42 14.19
C ASN A 73 -12.61 1.18 14.23
N LYS A 74 -12.36 0.66 15.44
CA LYS A 74 -11.73 -0.61 15.63
C LYS A 74 -12.47 -1.67 14.82
N GLY A 75 -11.70 -2.41 14.00
CA GLY A 75 -12.33 -3.42 13.12
C GLY A 75 -13.19 -2.90 11.97
N GLY A 76 -13.06 -1.62 11.65
CA GLY A 76 -13.77 -1.02 10.54
C GLY A 76 -13.38 -1.42 9.15
N ALA A 77 -12.21 -2.00 9.01
CA ALA A 77 -11.72 -2.48 7.76
C ALA A 77 -11.12 -3.84 7.83
N ARG A 78 -11.29 -4.63 6.77
CA ARG A 78 -10.72 -5.96 6.66
C ARG A 78 -10.18 -6.18 5.30
N ILE A 79 -8.99 -6.74 5.12
CA ILE A 79 -8.44 -7.07 3.82
C ILE A 79 -8.00 -8.55 3.82
N GLU A 80 -8.10 -9.14 2.66
CA GLU A 80 -7.48 -10.43 2.35
C GLU A 80 -6.17 -10.19 1.70
N VAL A 81 -5.11 -10.84 2.19
CA VAL A 81 -3.79 -10.82 1.52
C VAL A 81 -3.43 -12.23 1.06
N GLN A 82 -3.11 -12.40 -0.21
CA GLN A 82 -2.50 -13.64 -0.71
C GLN A 82 -1.03 -13.59 -0.60
N LEU A 83 -0.44 -14.57 0.10
CA LEU A 83 0.99 -14.63 0.26
C LEU A 83 1.44 -15.94 -0.34
N ASP A 84 2.11 -15.88 -1.49
CA ASP A 84 2.49 -17.12 -2.25
C ASP A 84 1.38 -18.18 -2.22
N GLY A 85 0.21 -17.69 -2.61
CA GLY A 85 -0.95 -18.51 -2.69
C GLY A 85 -1.73 -18.85 -1.46
N ARG A 86 -1.34 -18.36 -0.28
CA ARG A 86 -2.04 -18.70 0.91
C ARG A 86 -2.80 -17.45 1.38
N ARG A 87 -4.10 -17.64 1.58
CA ARG A 87 -4.96 -16.53 2.05
C ARG A 87 -4.69 -16.22 3.50
N HIS A 88 -4.56 -14.92 3.77
CA HIS A 88 -4.46 -14.33 5.08
C HIS A 88 -5.48 -13.21 5.21
N GLU A 89 -5.93 -12.93 6.39
CA GLU A 89 -6.83 -11.78 6.58
C GLU A 89 -6.33 -10.90 7.67
N LEU A 90 -6.53 -9.60 7.51
CA LEU A 90 -6.20 -8.58 8.46
C LEU A 90 -7.44 -7.80 8.83
N LEU A 91 -7.61 -7.58 10.15
CA LEU A 91 -8.68 -6.78 10.69
C LEU A 91 -8.07 -5.52 11.30
N SER A 92 -8.55 -4.35 10.89
CA SER A 92 -7.89 -3.11 11.36
C SER A 92 -8.01 -2.95 12.89
N PRO A 93 -6.96 -2.37 13.49
CA PRO A 93 -5.61 -2.05 12.90
C PRO A 93 -4.72 -3.23 12.86
N ALA A 94 -3.95 -3.33 11.76
CA ALA A 94 -3.05 -4.45 11.59
C ALA A 94 -1.88 -4.09 10.68
N VAL A 95 -0.82 -4.84 10.80
CA VAL A 95 0.36 -4.76 9.98
C VAL A 95 0.76 -6.18 9.56
N MET A 96 1.08 -6.36 8.27
CA MET A 96 1.53 -7.63 7.76
C MET A 96 2.77 -7.45 6.95
N ARG A 97 3.74 -8.28 7.26
CA ARG A 97 4.97 -8.31 6.48
C ARG A 97 4.86 -9.16 5.23
N ILE A 98 5.33 -8.59 4.08
CA ILE A 98 5.36 -9.31 2.82
C ILE A 98 6.83 -9.45 2.41
N PRO A 99 7.46 -10.63 2.58
CA PRO A 99 8.86 -10.79 2.25
C PRO A 99 9.19 -10.45 0.81
N ALA A 100 10.38 -9.93 0.62
CA ALA A 100 10.93 -9.62 -0.74
C ALA A 100 10.81 -10.90 -1.57
N GLY A 101 10.29 -10.72 -2.77
CA GLY A 101 10.13 -11.86 -3.68
C GLY A 101 8.84 -12.61 -3.60
N SER A 102 8.06 -12.44 -2.49
CA SER A 102 6.83 -13.14 -2.28
C SER A 102 5.77 -12.61 -3.29
N GLU A 103 5.06 -13.48 -3.98
CA GLU A 103 4.01 -13.11 -4.90
C GLU A 103 2.81 -12.83 -4.03
N HIS A 104 2.30 -11.60 -4.08
CA HIS A 104 1.18 -11.25 -3.22
C HIS A 104 0.29 -10.18 -3.84
N CYS A 105 -0.83 -9.99 -3.15
CA CYS A 105 -1.78 -8.90 -3.48
C CYS A 105 -2.75 -8.86 -2.35
N PHE A 106 -3.56 -7.79 -2.32
CA PHE A 106 -4.64 -7.70 -1.30
C PHE A 106 -5.97 -7.37 -1.96
N LEU A 107 -7.02 -7.71 -1.24
CA LEU A 107 -8.43 -7.46 -1.60
C LEU A 107 -9.14 -6.86 -0.41
N THR A 108 -9.83 -5.74 -0.61
CA THR A 108 -10.66 -5.16 0.41
C THR A 108 -11.94 -5.92 0.63
N LEU A 109 -12.12 -6.53 1.80
CA LEU A 109 -13.41 -7.25 2.08
C LEU A 109 -14.40 -6.41 2.86
N GLU A 110 -13.96 -5.37 3.62
CA GLU A 110 -14.84 -4.49 4.34
C GLU A 110 -14.09 -3.16 4.49
N ALA A 111 -14.82 -2.05 4.41
CA ALA A 111 -14.21 -0.73 4.64
C ALA A 111 -15.30 0.27 4.94
N GLU A 112 -14.97 1.18 5.79
CA GLU A 112 -15.76 2.39 6.08
C GLU A 112 -15.08 3.58 5.50
N VAL A 113 -15.77 4.71 5.57
CA VAL A 113 -15.15 6.01 5.20
C VAL A 113 -13.96 6.22 6.15
N GLY A 114 -12.80 6.46 5.56
CA GLY A 114 -11.65 6.58 6.34
C GLY A 114 -10.75 5.37 6.53
N SER A 115 -11.13 4.19 5.99
CA SER A 115 -10.24 3.05 6.02
C SER A 115 -9.12 3.33 5.07
N TYR A 116 -7.88 3.02 5.49
CA TYR A 116 -6.67 3.14 4.64
C TYR A 116 -5.86 1.88 4.69
N CYS A 117 -5.26 1.50 3.55
CA CYS A 117 -4.19 0.53 3.51
C CYS A 117 -2.98 1.22 2.86
N PHE A 118 -1.83 1.15 3.48
CA PHE A 118 -0.56 1.61 2.95
C PHE A 118 0.43 0.47 2.84
N GLY A 119 1.33 0.58 1.88
CA GLY A 119 2.38 -0.39 1.69
C GLY A 119 3.66 0.37 1.93
N ILE A 120 4.46 -0.06 2.90
CA ILE A 120 5.71 0.64 3.22
C ILE A 120 6.79 -0.24 2.68
N LEU A 121 7.48 0.23 1.62
CA LEU A 121 8.51 -0.60 0.93
C LEU A 121 9.84 -0.31 1.53
N LEU A 122 10.54 -1.34 2.05
CA LEU A 122 11.72 -1.17 2.85
C LEU A 122 12.96 -1.12 1.96
N GLY A 123 13.04 -0.11 1.18
CA GLY A 123 14.15 0.09 0.20
C GLY A 123 13.77 1.13 -0.77
N ASP A 124 14.76 1.46 -1.59
CA ASP A 124 14.51 2.46 -2.59
C ASP A 124 14.25 1.97 -4.01
N ARG A 125 14.16 0.64 -4.26
CA ARG A 125 13.79 0.10 -5.59
C ARG A 125 12.43 -0.57 -5.57
N LEU A 126 11.82 -0.57 -6.75
CA LEU A 126 10.63 -1.36 -7.07
C LEU A 126 11.02 -2.44 -8.11
ZN ZN B . 3.29 -5.40 -3.39
N TRP C . 2.06 -1.09 -1.98
CA TRP C . 0.96 -1.93 -2.53
C TRP C . 1.53 -2.90 -3.56
O TRP C . 2.69 -3.25 -3.41
CB TRP C . -0.12 -1.01 -3.13
CG TRP C . -1.13 -0.57 -2.11
CD1 TRP C . -1.02 -0.67 -0.76
CD2 TRP C . -2.42 0.07 -2.36
NE1 TRP C . -2.17 -0.17 -0.18
CE2 TRP C . -3.06 0.30 -1.12
CE3 TRP C . -3.11 0.45 -3.53
CZ2 TRP C . -4.32 0.89 -1.05
CZ3 TRP C . -4.37 1.05 -3.46
CH2 TRP C . -4.98 1.27 -2.22
OXT TRP C . 0.82 -3.28 -4.47
H1 TRP C . 2.39 -0.43 -2.70
H2 TRP C . 2.84 -1.69 -1.68
H3 TRP C . 1.71 -0.56 -1.16
HA TRP C . 0.54 -2.50 -1.75
HB2 TRP C . 0.35 -0.14 -3.56
HB3 TRP C . -0.64 -1.54 -3.91
HD1 TRP C . -0.18 -1.09 -0.22
HE1 TRP C . -2.35 -0.14 0.79
HE3 TRP C . -2.65 0.27 -4.49
HZ2 TRP C . -4.78 1.07 -0.08
HZ3 TRP C . -4.86 1.35 -4.36
HH2 TRP C . -5.95 1.75 -2.17
N PRO A 4 7.19 30.67 -3.25
CA PRO A 4 6.64 30.15 -2.05
C PRO A 4 6.56 28.58 -2.04
N ALA A 5 7.19 27.84 -2.97
CA ALA A 5 7.33 26.37 -2.74
C ALA A 5 8.32 26.23 -1.62
N ASP A 6 7.97 25.36 -0.66
CA ASP A 6 8.83 25.21 0.54
C ASP A 6 9.54 23.88 0.33
N PRO A 7 10.88 23.81 0.40
CA PRO A 7 11.57 22.58 0.06
C PRO A 7 11.27 21.41 1.03
N GLU A 8 10.78 21.72 2.20
CA GLU A 8 10.46 20.74 3.21
C GLU A 8 9.03 20.15 3.04
N ILE A 9 8.23 20.67 2.09
CA ILE A 9 6.77 20.31 1.99
C ILE A 9 6.57 19.83 0.59
N VAL A 10 5.89 18.69 0.44
CA VAL A 10 5.42 18.19 -0.85
C VAL A 10 3.90 18.11 -0.79
N GLU A 11 3.25 18.91 -1.60
CA GLU A 11 1.76 18.95 -1.73
C GLU A 11 1.33 18.24 -3.01
N GLY A 12 2.27 17.99 -3.90
CA GLY A 12 1.94 17.35 -5.18
C GLY A 12 1.80 15.83 -5.11
N LEU A 13 0.68 15.43 -4.47
CA LEU A 13 0.42 14.04 -4.00
C LEU A 13 -0.98 13.64 -4.31
N PRO A 14 -1.23 12.35 -4.51
CA PRO A 14 -0.21 11.30 -4.63
C PRO A 14 0.55 11.39 -5.93
N ILE A 15 1.59 10.62 -5.99
CA ILE A 15 2.44 10.47 -7.17
C ILE A 15 2.10 9.13 -7.76
N PRO A 16 1.37 9.10 -8.88
CA PRO A 16 0.95 7.82 -9.39
C PRO A 16 2.05 7.23 -10.26
N LEU A 17 2.56 6.06 -9.86
CA LEU A 17 3.63 5.38 -10.51
C LEU A 17 3.18 4.06 -11.12
N ALA A 18 3.65 3.79 -12.33
CA ALA A 18 3.35 2.48 -12.92
C ALA A 18 4.02 1.36 -12.16
N VAL A 19 3.30 0.35 -11.73
CA VAL A 19 3.84 -0.77 -10.92
C VAL A 19 3.37 -2.05 -11.53
N ALA A 20 4.25 -3.02 -11.61
CA ALA A 20 3.83 -4.30 -12.21
C ALA A 20 2.68 -4.93 -11.42
N GLY A 21 1.76 -5.52 -12.18
CA GLY A 21 0.58 -6.14 -11.59
C GLY A 21 -0.64 -5.25 -11.42
N HIS A 22 -0.45 -3.96 -11.41
CA HIS A 22 -1.48 -2.94 -11.20
C HIS A 22 -2.10 -2.57 -12.56
N HIS A 23 -3.35 -2.14 -12.58
CA HIS A 23 -3.95 -1.74 -13.81
C HIS A 23 -4.18 -0.27 -13.95
N GLN A 24 -3.93 0.51 -12.87
CA GLN A 24 -3.78 1.92 -12.95
C GLN A 24 -2.52 2.22 -12.09
N PRO A 25 -1.97 3.40 -12.24
CA PRO A 25 -0.74 3.65 -11.49
C PRO A 25 -1.02 3.61 -10.00
N ALA A 26 -0.01 3.16 -9.21
CA ALA A 26 -0.13 3.02 -7.73
C ALA A 26 0.14 4.37 -7.03
N PRO A 27 -0.76 4.86 -6.19
CA PRO A 27 -0.60 6.17 -5.57
C PRO A 27 0.47 6.21 -4.50
N PHE A 28 1.63 6.84 -4.79
CA PHE A 28 2.70 6.97 -3.81
C PHE A 28 2.60 8.30 -3.09
N TYR A 29 2.90 8.23 -1.80
CA TYR A 29 3.07 9.41 -0.97
C TYR A 29 4.48 9.65 -0.59
N LEU A 30 5.31 8.60 -0.42
CA LEU A 30 6.79 8.78 -0.27
C LEU A 30 7.44 8.07 -1.38
N THR A 31 8.34 8.73 -2.10
CA THR A 31 9.14 8.13 -3.15
C THR A 31 10.64 8.29 -2.84
N ALA A 32 11.45 7.42 -3.45
CA ALA A 32 12.86 7.36 -3.14
C ALA A 32 13.60 8.63 -3.45
N ASP A 33 13.06 9.41 -4.35
CA ASP A 33 13.70 10.66 -4.85
C ASP A 33 13.34 11.91 -4.09
N MET A 34 12.46 11.77 -3.08
CA MET A 34 12.11 12.91 -2.25
C MET A 34 13.20 13.28 -1.23
N PHE A 35 13.26 14.59 -0.94
CA PHE A 35 14.11 15.14 0.08
C PHE A 35 15.54 14.68 -0.04
N GLY A 36 16.00 14.64 -1.28
CA GLY A 36 17.42 14.21 -1.54
C GLY A 36 17.76 12.75 -1.51
N GLY A 37 16.74 11.94 -1.26
CA GLY A 37 16.86 10.57 -1.21
C GLY A 37 16.31 10.00 0.07
N LEU A 38 15.30 9.10 -0.08
CA LEU A 38 14.73 8.40 1.04
C LEU A 38 15.02 6.94 1.06
N PRO A 39 15.06 6.36 2.25
CA PRO A 39 15.41 4.91 2.35
C PRO A 39 14.24 3.94 2.25
N VAL A 40 13.05 4.49 2.11
CA VAL A 40 11.81 3.71 2.01
C VAL A 40 10.88 4.45 1.05
N GLN A 41 9.88 3.74 0.54
CA GLN A 41 8.81 4.32 -0.25
C GLN A 41 7.46 3.94 0.41
N LEU A 42 6.39 4.65 0.10
CA LEU A 42 5.12 4.42 0.74
C LEU A 42 4.00 4.70 -0.20
N ALA A 43 3.11 3.77 -0.39
CA ALA A 43 2.00 3.98 -1.31
C ALA A 43 0.74 3.42 -0.71
N GLY A 44 -0.37 3.95 -1.14
CA GLY A 44 -1.64 3.44 -0.58
C GLY A 44 -2.78 4.34 -0.79
N GLY A 45 -3.84 4.12 -0.04
CA GLY A 45 -5.04 4.91 -0.22
C GLY A 45 -6.20 4.46 0.64
N GLU A 46 -7.28 5.19 0.45
CA GLU A 46 -8.51 5.04 1.16
C GLU A 46 -9.31 3.93 0.47
N LEU A 47 -9.88 2.97 1.15
CA LEU A 47 -10.55 1.91 0.36
C LEU A 47 -12.05 1.84 0.54
N SER A 48 -12.70 2.93 1.02
CA SER A 48 -14.17 2.87 1.07
C SER A 48 -14.76 2.55 -0.29
N THR A 49 -14.15 2.94 -1.40
CA THR A 49 -14.72 2.62 -2.73
C THR A 49 -14.15 1.37 -3.36
N LEU A 50 -13.39 0.72 -2.68
CA LEU A 50 -12.52 -0.51 -3.26
C LEU A 50 -13.00 -1.87 -2.67
N VAL A 51 -14.13 -1.92 -1.99
CA VAL A 51 -14.60 -3.18 -1.40
C VAL A 51 -14.96 -4.07 -2.59
N GLY A 52 -14.34 -5.22 -2.60
CA GLY A 52 -14.60 -6.16 -3.70
C GLY A 52 -13.85 -5.83 -4.97
N LYS A 53 -12.92 -4.88 -4.96
CA LYS A 53 -12.22 -4.41 -6.18
C LYS A 53 -10.73 -4.41 -5.99
N PRO A 54 -9.98 -5.39 -6.49
CA PRO A 54 -8.56 -5.43 -6.15
C PRO A 54 -7.77 -4.47 -7.00
N VAL A 55 -6.75 -3.84 -6.45
CA VAL A 55 -5.94 -2.90 -7.23
C VAL A 55 -4.83 -3.61 -8.04
N ALA A 56 -4.52 -4.89 -7.75
CA ALA A 56 -3.46 -5.56 -8.47
C ALA A 56 -3.65 -7.04 -8.51
N ALA A 57 -2.98 -7.64 -9.45
CA ALA A 57 -2.83 -9.11 -9.52
C ALA A 57 -1.64 -9.48 -8.67
N PRO A 58 -1.43 -10.79 -8.42
CA PRO A 58 -0.21 -11.22 -7.68
C PRO A 58 1.00 -10.67 -8.31
N HIS A 59 1.83 -10.02 -7.46
CA HIS A 59 3.02 -9.33 -7.91
C HIS A 59 4.12 -9.48 -6.87
N THR A 60 5.31 -9.00 -7.22
CA THR A 60 6.45 -9.06 -6.35
C THR A 60 7.22 -7.76 -6.29
N HIS A 61 8.11 -7.61 -5.29
CA HIS A 61 9.01 -6.44 -5.25
C HIS A 61 10.32 -6.92 -4.68
N PRO A 62 11.38 -6.26 -5.01
CA PRO A 62 12.66 -6.72 -4.63
C PRO A 62 13.05 -6.40 -3.24
N VAL A 63 12.14 -5.78 -2.46
CA VAL A 63 12.38 -5.38 -1.10
C VAL A 63 11.15 -5.88 -0.28
N ASP A 64 11.35 -5.96 1.00
CA ASP A 64 10.25 -6.31 1.88
C ASP A 64 9.22 -5.16 1.88
N GLU A 65 7.93 -5.52 1.99
CA GLU A 65 6.83 -4.53 2.01
C GLU A 65 5.91 -4.79 3.22
N LEU A 66 5.63 -3.74 4.02
CA LEU A 66 4.73 -3.89 5.21
C LEU A 66 3.41 -3.29 4.85
N TYR A 67 2.33 -4.02 4.96
CA TYR A 67 1.02 -3.46 4.84
C TYR A 67 0.60 -2.92 6.17
N LEU A 68 -0.16 -1.68 6.19
CA LEU A 68 -0.60 -1.13 7.36
C LEU A 68 -2.03 -0.82 7.06
N LEU A 69 -2.94 -1.37 7.84
CA LEU A 69 -4.38 -1.22 7.65
C LEU A 69 -4.93 -0.51 8.87
N VAL A 70 -5.59 0.63 8.64
CA VAL A 70 -6.20 1.43 9.73
C VAL A 70 -7.62 1.82 9.37
N SER A 71 -8.49 2.11 10.36
CA SER A 71 -9.79 2.60 10.14
C SER A 71 -10.28 3.34 11.41
N PRO A 72 -11.21 4.32 11.18
CA PRO A 72 -11.58 5.12 12.38
C PRO A 72 -12.18 4.32 13.51
N ASN A 73 -12.94 3.34 13.18
CA ASN A 73 -13.45 2.42 14.19
C ASN A 73 -12.61 1.18 14.23
N LYS A 74 -12.36 0.66 15.44
CA LYS A 74 -11.73 -0.61 15.63
C LYS A 74 -12.47 -1.67 14.82
N GLY A 75 -11.70 -2.41 14.00
CA GLY A 75 -12.33 -3.42 13.12
C GLY A 75 -13.19 -2.90 11.97
N GLY A 76 -13.06 -1.62 11.65
CA GLY A 76 -13.77 -1.02 10.54
C GLY A 76 -13.38 -1.42 9.15
N ALA A 77 -12.21 -2.00 9.01
CA ALA A 77 -11.72 -2.48 7.76
C ALA A 77 -11.12 -3.84 7.83
N ARG A 78 -11.29 -4.63 6.77
CA ARG A 78 -10.72 -5.96 6.66
C ARG A 78 -10.18 -6.18 5.30
N ILE A 79 -8.99 -6.74 5.12
CA ILE A 79 -8.44 -7.07 3.82
C ILE A 79 -8.00 -8.55 3.82
N GLU A 80 -8.10 -9.14 2.66
CA GLU A 80 -7.48 -10.43 2.35
C GLU A 80 -6.17 -10.19 1.70
N VAL A 81 -5.11 -10.84 2.19
CA VAL A 81 -3.79 -10.82 1.52
C VAL A 81 -3.43 -12.23 1.06
N GLN A 82 -3.11 -12.40 -0.21
CA GLN A 82 -2.50 -13.64 -0.71
C GLN A 82 -1.03 -13.59 -0.60
N LEU A 83 -0.44 -14.57 0.10
CA LEU A 83 0.99 -14.63 0.26
C LEU A 83 1.44 -15.94 -0.34
N ASP A 84 2.11 -15.88 -1.49
CA ASP A 84 2.49 -17.12 -2.25
C ASP A 84 1.38 -18.18 -2.22
N GLY A 85 0.21 -17.69 -2.61
CA GLY A 85 -0.95 -18.51 -2.69
C GLY A 85 -1.73 -18.85 -1.46
N ARG A 86 -1.34 -18.36 -0.28
CA ARG A 86 -2.04 -18.70 0.91
C ARG A 86 -2.80 -17.45 1.38
N ARG A 87 -4.10 -17.64 1.58
CA ARG A 87 -4.96 -16.53 2.05
C ARG A 87 -4.69 -16.22 3.50
N HIS A 88 -4.56 -14.92 3.77
CA HIS A 88 -4.46 -14.33 5.08
C HIS A 88 -5.48 -13.21 5.21
N GLU A 89 -5.93 -12.93 6.39
CA GLU A 89 -6.83 -11.78 6.58
C GLU A 89 -6.33 -10.90 7.67
N LEU A 90 -6.53 -9.60 7.51
CA LEU A 90 -6.20 -8.58 8.46
C LEU A 90 -7.44 -7.80 8.83
N LEU A 91 -7.61 -7.58 10.15
CA LEU A 91 -8.68 -6.78 10.69
C LEU A 91 -8.07 -5.52 11.30
N SER A 92 -8.55 -4.35 10.89
CA SER A 92 -7.89 -3.11 11.36
C SER A 92 -8.01 -2.95 12.89
N PRO A 93 -6.96 -2.37 13.49
CA PRO A 93 -5.61 -2.05 12.90
C PRO A 93 -4.72 -3.23 12.86
N ALA A 94 -3.95 -3.33 11.76
CA ALA A 94 -3.05 -4.45 11.59
C ALA A 94 -1.88 -4.09 10.68
N VAL A 95 -0.82 -4.84 10.80
CA VAL A 95 0.36 -4.76 9.98
C VAL A 95 0.76 -6.18 9.56
N MET A 96 1.08 -6.36 8.27
CA MET A 96 1.53 -7.63 7.76
C MET A 96 2.77 -7.45 6.95
N ARG A 97 3.74 -8.28 7.26
CA ARG A 97 4.97 -8.31 6.48
C ARG A 97 4.86 -9.16 5.23
N ILE A 98 5.33 -8.59 4.08
CA ILE A 98 5.36 -9.31 2.82
C ILE A 98 6.83 -9.45 2.41
N PRO A 99 7.46 -10.63 2.58
CA PRO A 99 8.86 -10.79 2.25
C PRO A 99 9.19 -10.45 0.81
N ALA A 100 10.38 -9.93 0.62
CA ALA A 100 10.93 -9.62 -0.74
C ALA A 100 10.81 -10.90 -1.57
N GLY A 101 10.29 -10.72 -2.77
CA GLY A 101 10.13 -11.86 -3.68
C GLY A 101 8.84 -12.61 -3.60
N SER A 102 8.06 -12.44 -2.49
CA SER A 102 6.83 -13.14 -2.28
C SER A 102 5.77 -12.61 -3.29
N GLU A 103 5.06 -13.48 -3.98
CA GLU A 103 4.01 -13.11 -4.90
C GLU A 103 2.81 -12.83 -4.03
N HIS A 104 2.32 -11.60 -4.08
CA HIS A 104 1.21 -11.23 -3.21
C HIS A 104 0.30 -10.17 -3.83
N CYS A 105 -0.83 -9.99 -3.15
CA CYS A 105 -1.78 -8.90 -3.48
C CYS A 105 -2.75 -8.86 -2.35
N PHE A 106 -3.56 -7.79 -2.32
CA PHE A 106 -4.64 -7.70 -1.30
C PHE A 106 -5.97 -7.37 -1.96
N LEU A 107 -7.02 -7.71 -1.24
CA LEU A 107 -8.43 -7.46 -1.60
C LEU A 107 -9.14 -6.86 -0.41
N THR A 108 -9.83 -5.74 -0.61
CA THR A 108 -10.66 -5.16 0.41
C THR A 108 -11.94 -5.92 0.63
N LEU A 109 -12.12 -6.53 1.80
CA LEU A 109 -13.41 -7.25 2.08
C LEU A 109 -14.40 -6.41 2.86
N GLU A 110 -13.96 -5.37 3.62
CA GLU A 110 -14.84 -4.49 4.34
C GLU A 110 -14.09 -3.16 4.49
N ALA A 111 -14.82 -2.05 4.41
CA ALA A 111 -14.21 -0.73 4.64
C ALA A 111 -15.30 0.27 4.94
N GLU A 112 -14.97 1.18 5.79
CA GLU A 112 -15.76 2.39 6.08
C GLU A 112 -15.08 3.58 5.50
N VAL A 113 -15.77 4.71 5.57
CA VAL A 113 -15.15 6.01 5.20
C VAL A 113 -13.96 6.22 6.15
N GLY A 114 -12.80 6.46 5.56
CA GLY A 114 -11.65 6.58 6.34
C GLY A 114 -10.75 5.37 6.53
N SER A 115 -11.13 4.19 5.99
CA SER A 115 -10.24 3.05 6.02
C SER A 115 -9.12 3.33 5.07
N TYR A 116 -7.88 3.02 5.49
CA TYR A 116 -6.67 3.14 4.64
C TYR A 116 -5.86 1.88 4.69
N CYS A 117 -5.26 1.50 3.55
CA CYS A 117 -4.19 0.53 3.51
C CYS A 117 -2.98 1.22 2.86
N PHE A 118 -1.83 1.15 3.48
CA PHE A 118 -0.56 1.61 2.95
C PHE A 118 0.43 0.47 2.84
N GLY A 119 1.33 0.58 1.89
CA GLY A 119 2.38 -0.39 1.70
C GLY A 119 3.66 0.37 1.94
N ILE A 120 4.46 -0.06 2.90
CA ILE A 120 5.71 0.64 3.22
C ILE A 120 6.79 -0.24 2.68
N LEU A 121 7.48 0.23 1.62
CA LEU A 121 8.51 -0.60 0.93
C LEU A 121 9.84 -0.31 1.53
N LEU A 122 10.54 -1.34 2.05
CA LEU A 122 11.72 -1.17 2.85
C LEU A 122 12.96 -1.12 1.96
N GLY A 123 13.04 -0.11 1.18
CA GLY A 123 14.15 0.09 0.20
C GLY A 123 13.77 1.13 -0.77
N ASP A 124 14.76 1.46 -1.59
CA ASP A 124 14.51 2.46 -2.59
C ASP A 124 14.25 1.97 -4.01
N ARG A 125 14.16 0.64 -4.26
CA ARG A 125 13.79 0.10 -5.59
C ARG A 125 12.43 -0.57 -5.57
N LEU A 126 11.82 -0.57 -6.75
CA LEU A 126 10.63 -1.36 -7.07
C LEU A 126 11.02 -2.44 -8.11
ZN ZN B . 3.26 -5.11 -3.14
N TRP C . 1.66 -1.19 -1.79
CA TRP C . 0.52 -1.85 -2.48
C TRP C . 1.06 -2.97 -3.40
O TRP C . 2.28 -3.12 -3.46
CB TRP C . -0.26 -0.78 -3.27
CG TRP C . -1.44 -0.23 -2.49
CD1 TRP C . -1.58 -0.24 -1.14
CD2 TRP C . -2.63 0.41 -3.02
NE1 TRP C . -2.80 0.34 -0.82
CE2 TRP C . -3.48 0.76 -1.95
CE3 TRP C . -3.06 0.73 -4.32
CZ2 TRP C . -4.70 1.40 -2.15
CZ3 TRP C . -4.29 1.37 -4.53
CH2 TRP C . -5.11 1.71 -3.44
OXT TRP C . 0.24 -3.64 -4.01
H1 TRP C . 2.48 -1.17 -2.43
H2 TRP C . 1.90 -1.72 -0.93
H3 TRP C . 1.40 -0.22 -1.54
HA TRP C . -0.13 -2.29 -1.76
HB2 TRP C . 0.41 0.04 -3.52
HB3 TRP C . -0.64 -1.21 -4.17
HD1 TRP C . -0.88 -0.65 -0.43
HE1 TRP C . -3.15 0.44 0.08
HE3 TRP C . -2.44 0.49 -5.18
HZ2 TRP C . -5.33 1.65 -1.30
HZ3 TRP C . -4.61 1.62 -5.53
HH2 TRP C . -6.05 2.20 -3.61
N PRO A 4 7.19 30.67 -3.25
CA PRO A 4 6.64 30.15 -2.05
C PRO A 4 6.56 28.58 -2.04
N ALA A 5 7.19 27.84 -2.97
CA ALA A 5 7.33 26.37 -2.74
C ALA A 5 8.32 26.23 -1.62
N ASP A 6 7.97 25.36 -0.66
CA ASP A 6 8.83 25.21 0.54
C ASP A 6 9.54 23.88 0.33
N PRO A 7 10.88 23.81 0.40
CA PRO A 7 11.57 22.58 0.06
C PRO A 7 11.27 21.41 1.03
N GLU A 8 10.78 21.72 2.20
CA GLU A 8 10.46 20.74 3.21
C GLU A 8 9.03 20.15 3.04
N ILE A 9 8.23 20.67 2.09
CA ILE A 9 6.77 20.31 1.99
C ILE A 9 6.57 19.83 0.59
N VAL A 10 5.89 18.69 0.44
CA VAL A 10 5.42 18.19 -0.85
C VAL A 10 3.90 18.11 -0.79
N GLU A 11 3.25 18.91 -1.60
CA GLU A 11 1.76 18.95 -1.73
C GLU A 11 1.33 18.24 -3.01
N GLY A 12 2.27 17.99 -3.90
CA GLY A 12 1.94 17.35 -5.18
C GLY A 12 1.80 15.83 -5.11
N LEU A 13 0.68 15.43 -4.47
CA LEU A 13 0.42 14.04 -4.00
C LEU A 13 -0.98 13.64 -4.31
N PRO A 14 -1.23 12.35 -4.51
CA PRO A 14 -0.21 11.30 -4.63
C PRO A 14 0.55 11.39 -5.93
N ILE A 15 1.59 10.62 -5.99
CA ILE A 15 2.44 10.47 -7.17
C ILE A 15 2.10 9.13 -7.76
N PRO A 16 1.37 9.10 -8.88
CA PRO A 16 0.95 7.82 -9.39
C PRO A 16 2.05 7.23 -10.26
N LEU A 17 2.56 6.06 -9.86
CA LEU A 17 3.63 5.38 -10.51
C LEU A 17 3.18 4.06 -11.12
N ALA A 18 3.65 3.79 -12.33
CA ALA A 18 3.35 2.48 -12.92
C ALA A 18 4.02 1.36 -12.16
N VAL A 19 3.30 0.35 -11.73
CA VAL A 19 3.84 -0.77 -10.92
C VAL A 19 3.37 -2.05 -11.53
N ALA A 20 4.25 -3.02 -11.61
CA ALA A 20 3.83 -4.30 -12.21
C ALA A 20 2.68 -4.93 -11.42
N GLY A 21 1.76 -5.52 -12.18
CA GLY A 21 0.58 -6.14 -11.59
C GLY A 21 -0.64 -5.25 -11.42
N HIS A 22 -0.45 -3.96 -11.41
CA HIS A 22 -1.48 -2.94 -11.20
C HIS A 22 -2.10 -2.57 -12.56
N HIS A 23 -3.35 -2.14 -12.58
CA HIS A 23 -3.95 -1.74 -13.81
C HIS A 23 -4.18 -0.27 -13.95
N GLN A 24 -3.93 0.51 -12.87
CA GLN A 24 -3.78 1.92 -12.95
C GLN A 24 -2.52 2.22 -12.09
N PRO A 25 -1.97 3.40 -12.24
CA PRO A 25 -0.74 3.65 -11.49
C PRO A 25 -1.02 3.61 -10.00
N ALA A 26 -0.01 3.16 -9.21
CA ALA A 26 -0.13 3.02 -7.73
C ALA A 26 0.14 4.37 -7.03
N PRO A 27 -0.76 4.86 -6.19
CA PRO A 27 -0.60 6.17 -5.57
C PRO A 27 0.47 6.21 -4.50
N PHE A 28 1.63 6.84 -4.79
CA PHE A 28 2.70 6.97 -3.81
C PHE A 28 2.60 8.30 -3.09
N TYR A 29 2.90 8.23 -1.80
CA TYR A 29 3.07 9.41 -0.97
C TYR A 29 4.48 9.65 -0.59
N LEU A 30 5.31 8.60 -0.42
CA LEU A 30 6.79 8.78 -0.27
C LEU A 30 7.44 8.07 -1.38
N THR A 31 8.34 8.73 -2.10
CA THR A 31 9.14 8.13 -3.15
C THR A 31 10.64 8.29 -2.84
N ALA A 32 11.45 7.42 -3.45
CA ALA A 32 12.86 7.36 -3.14
C ALA A 32 13.60 8.63 -3.45
N ASP A 33 13.06 9.41 -4.35
CA ASP A 33 13.70 10.66 -4.85
C ASP A 33 13.34 11.91 -4.09
N MET A 34 12.46 11.77 -3.08
CA MET A 34 12.11 12.91 -2.25
C MET A 34 13.20 13.28 -1.23
N PHE A 35 13.26 14.59 -0.94
CA PHE A 35 14.11 15.14 0.08
C PHE A 35 15.54 14.68 -0.04
N GLY A 36 16.00 14.64 -1.28
CA GLY A 36 17.42 14.21 -1.54
C GLY A 36 17.76 12.75 -1.51
N GLY A 37 16.74 11.94 -1.26
CA GLY A 37 16.86 10.57 -1.21
C GLY A 37 16.31 10.00 0.07
N LEU A 38 15.30 9.10 -0.08
CA LEU A 38 14.73 8.40 1.04
C LEU A 38 15.02 6.94 1.06
N PRO A 39 15.06 6.36 2.25
CA PRO A 39 15.41 4.91 2.35
C PRO A 39 14.24 3.94 2.25
N VAL A 40 13.05 4.49 2.11
CA VAL A 40 11.81 3.71 2.01
C VAL A 40 10.88 4.45 1.05
N GLN A 41 9.88 3.74 0.54
CA GLN A 41 8.81 4.32 -0.25
C GLN A 41 7.46 3.94 0.41
N LEU A 42 6.39 4.65 0.10
CA LEU A 42 5.12 4.42 0.74
C LEU A 42 4.00 4.70 -0.20
N ALA A 43 3.11 3.77 -0.39
CA ALA A 43 2.00 3.97 -1.31
C ALA A 43 0.75 3.42 -0.72
N GLY A 44 -0.37 3.95 -1.14
CA GLY A 44 -1.64 3.44 -0.58
C GLY A 44 -2.78 4.34 -0.79
N GLY A 45 -3.84 4.12 -0.04
CA GLY A 45 -5.04 4.91 -0.22
C GLY A 45 -6.20 4.46 0.64
N GLU A 46 -7.28 5.19 0.45
CA GLU A 46 -8.51 5.04 1.16
C GLU A 46 -9.31 3.93 0.47
N LEU A 47 -9.89 2.97 1.21
CA LEU A 47 -10.58 1.84 0.51
C LEU A 47 -12.08 1.85 0.61
N SER A 48 -12.70 2.93 1.02
CA SER A 48 -14.17 2.87 1.07
C SER A 48 -14.76 2.55 -0.29
N THR A 49 -14.15 2.94 -1.40
CA THR A 49 -14.72 2.62 -2.73
C THR A 49 -14.15 1.37 -3.36
N LEU A 50 -13.20 0.68 -2.69
CA LEU A 50 -12.50 -0.51 -3.24
C LEU A 50 -13.00 -1.87 -2.67
N VAL A 51 -14.13 -1.92 -1.99
CA VAL A 51 -14.60 -3.18 -1.40
C VAL A 51 -14.96 -4.07 -2.59
N GLY A 52 -14.34 -5.22 -2.60
CA GLY A 52 -14.60 -6.16 -3.70
C GLY A 52 -13.85 -5.83 -4.97
N LYS A 53 -12.92 -4.88 -4.96
CA LYS A 53 -12.22 -4.41 -6.18
C LYS A 53 -10.73 -4.41 -5.99
N PRO A 54 -9.98 -5.39 -6.49
CA PRO A 54 -8.56 -5.43 -6.15
C PRO A 54 -7.77 -4.47 -7.00
N VAL A 55 -6.75 -3.84 -6.46
CA VAL A 55 -5.95 -2.91 -7.25
C VAL A 55 -4.83 -3.62 -8.05
N ALA A 56 -4.52 -4.89 -7.75
CA ALA A 56 -3.46 -5.56 -8.47
C ALA A 56 -3.65 -7.04 -8.51
N ALA A 57 -2.98 -7.64 -9.45
CA ALA A 57 -2.83 -9.11 -9.52
C ALA A 57 -1.64 -9.48 -8.67
N PRO A 58 -1.43 -10.79 -8.42
CA PRO A 58 -0.21 -11.22 -7.68
C PRO A 58 1.00 -10.67 -8.31
N HIS A 59 1.83 -10.05 -7.46
CA HIS A 59 3.03 -9.39 -7.92
C HIS A 59 4.12 -9.48 -6.87
N THR A 60 5.31 -9.00 -7.22
CA THR A 60 6.45 -9.06 -6.35
C THR A 60 7.22 -7.76 -6.29
N HIS A 61 8.09 -7.64 -5.23
CA HIS A 61 8.97 -6.46 -5.02
C HIS A 61 10.34 -6.94 -4.65
N PRO A 62 11.38 -6.26 -5.01
CA PRO A 62 12.66 -6.72 -4.63
C PRO A 62 13.05 -6.40 -3.24
N VAL A 63 12.14 -5.78 -2.46
CA VAL A 63 12.38 -5.38 -1.10
C VAL A 63 11.15 -5.88 -0.28
N ASP A 64 11.35 -5.96 1.00
CA ASP A 64 10.25 -6.31 1.88
C ASP A 64 9.22 -5.16 1.88
N GLU A 65 7.93 -5.54 1.98
CA GLU A 65 6.80 -4.58 1.96
C GLU A 65 5.89 -4.79 3.20
N LEU A 66 5.63 -3.74 4.02
CA LEU A 66 4.73 -3.89 5.21
C LEU A 66 3.41 -3.29 4.85
N TYR A 67 2.33 -4.02 4.96
CA TYR A 67 1.02 -3.46 4.84
C TYR A 67 0.60 -2.92 6.17
N LEU A 68 0.03 -1.72 6.18
CA LEU A 68 -0.60 -1.13 7.36
C LEU A 68 -2.03 -0.82 7.06
N LEU A 69 -2.94 -1.37 7.84
CA LEU A 69 -4.38 -1.22 7.65
C LEU A 69 -4.93 -0.51 8.87
N VAL A 70 -5.59 0.63 8.64
CA VAL A 70 -6.20 1.43 9.73
C VAL A 70 -7.62 1.82 9.37
N SER A 71 -8.49 2.11 10.36
CA SER A 71 -9.79 2.60 10.14
C SER A 71 -10.28 3.34 11.41
N PRO A 72 -11.21 4.32 11.18
CA PRO A 72 -11.58 5.12 12.38
C PRO A 72 -12.18 4.32 13.51
N ASN A 73 -12.94 3.34 13.18
CA ASN A 73 -13.45 2.42 14.19
C ASN A 73 -12.61 1.18 14.23
N LYS A 74 -12.36 0.66 15.44
CA LYS A 74 -11.73 -0.61 15.63
C LYS A 74 -12.47 -1.67 14.82
N GLY A 75 -11.70 -2.41 14.00
CA GLY A 75 -12.33 -3.42 13.12
C GLY A 75 -13.19 -2.90 11.97
N GLY A 76 -13.06 -1.62 11.65
CA GLY A 76 -13.77 -1.02 10.54
C GLY A 76 -13.38 -1.42 9.15
N ALA A 77 -12.21 -2.00 9.01
CA ALA A 77 -11.72 -2.48 7.76
C ALA A 77 -11.12 -3.84 7.83
N ARG A 78 -11.29 -4.63 6.77
CA ARG A 78 -10.72 -5.96 6.66
C ARG A 78 -10.18 -6.18 5.30
N ILE A 79 -8.99 -6.74 5.12
CA ILE A 79 -8.44 -7.07 3.82
C ILE A 79 -8.00 -8.55 3.82
N GLU A 80 -8.10 -9.14 2.66
CA GLU A 80 -7.48 -10.43 2.35
C GLU A 80 -6.17 -10.19 1.70
N VAL A 81 -5.11 -10.84 2.19
CA VAL A 81 -3.79 -10.82 1.52
C VAL A 81 -3.43 -12.23 1.06
N GLN A 82 -3.11 -12.40 -0.21
CA GLN A 82 -2.50 -13.64 -0.71
C GLN A 82 -1.03 -13.59 -0.60
N LEU A 83 -0.44 -14.57 0.10
CA LEU A 83 0.99 -14.63 0.26
C LEU A 83 1.44 -15.94 -0.34
N ASP A 84 2.11 -15.88 -1.49
CA ASP A 84 2.49 -17.12 -2.25
C ASP A 84 1.38 -18.18 -2.22
N GLY A 85 0.21 -17.69 -2.61
CA GLY A 85 -0.95 -18.51 -2.69
C GLY A 85 -1.73 -18.85 -1.46
N ARG A 86 -1.34 -18.36 -0.28
CA ARG A 86 -2.04 -18.70 0.91
C ARG A 86 -2.80 -17.45 1.38
N ARG A 87 -4.10 -17.64 1.58
CA ARG A 87 -4.96 -16.53 2.05
C ARG A 87 -4.69 -16.22 3.50
N HIS A 88 -4.56 -14.92 3.77
CA HIS A 88 -4.46 -14.33 5.08
C HIS A 88 -5.48 -13.21 5.21
N GLU A 89 -5.93 -12.93 6.39
CA GLU A 89 -6.83 -11.78 6.58
C GLU A 89 -6.33 -10.90 7.67
N LEU A 90 -6.53 -9.60 7.51
CA LEU A 90 -6.20 -8.58 8.46
C LEU A 90 -7.44 -7.80 8.83
N LEU A 91 -7.61 -7.58 10.15
CA LEU A 91 -8.68 -6.78 10.69
C LEU A 91 -8.07 -5.52 11.30
N SER A 92 -8.55 -4.35 10.89
CA SER A 92 -7.89 -3.11 11.36
C SER A 92 -8.01 -2.95 12.89
N PRO A 93 -6.96 -2.37 13.49
CA PRO A 93 -5.61 -2.05 12.90
C PRO A 93 -4.72 -3.23 12.86
N ALA A 94 -3.95 -3.33 11.76
CA ALA A 94 -3.05 -4.45 11.59
C ALA A 94 -1.88 -4.09 10.68
N VAL A 95 -0.82 -4.84 10.80
CA VAL A 95 0.36 -4.76 9.98
C VAL A 95 0.76 -6.18 9.56
N MET A 96 1.08 -6.36 8.27
CA MET A 96 1.53 -7.63 7.76
C MET A 96 2.77 -7.45 6.95
N ARG A 97 3.74 -8.28 7.26
CA ARG A 97 4.97 -8.31 6.48
C ARG A 97 4.86 -9.16 5.23
N ILE A 98 5.33 -8.59 4.08
CA ILE A 98 5.36 -9.31 2.82
C ILE A 98 6.83 -9.45 2.41
N PRO A 99 7.46 -10.63 2.58
CA PRO A 99 8.86 -10.79 2.25
C PRO A 99 9.19 -10.45 0.81
N ALA A 100 10.38 -9.93 0.62
CA ALA A 100 10.93 -9.62 -0.74
C ALA A 100 10.81 -10.90 -1.57
N GLY A 101 10.29 -10.72 -2.77
CA GLY A 101 10.13 -11.86 -3.68
C GLY A 101 8.84 -12.61 -3.60
N SER A 102 8.06 -12.44 -2.49
CA SER A 102 6.83 -13.14 -2.28
C SER A 102 5.77 -12.61 -3.29
N GLU A 103 5.06 -13.48 -3.98
CA GLU A 103 4.01 -13.11 -4.90
C GLU A 103 2.81 -12.83 -4.03
N HIS A 104 2.36 -11.57 -4.07
CA HIS A 104 1.28 -11.14 -3.18
C HIS A 104 0.32 -10.13 -3.81
N CYS A 105 -0.83 -9.99 -3.15
CA CYS A 105 -1.78 -8.90 -3.48
C CYS A 105 -2.75 -8.86 -2.35
N PHE A 106 -3.56 -7.79 -2.32
CA PHE A 106 -4.64 -7.70 -1.30
C PHE A 106 -5.97 -7.37 -1.96
N LEU A 107 -7.02 -7.71 -1.24
CA LEU A 107 -8.43 -7.46 -1.60
C LEU A 107 -9.14 -6.86 -0.41
N THR A 108 -9.83 -5.74 -0.61
CA THR A 108 -10.66 -5.16 0.41
C THR A 108 -11.94 -5.92 0.63
N LEU A 109 -12.12 -6.53 1.80
CA LEU A 109 -13.41 -7.25 2.08
C LEU A 109 -14.40 -6.41 2.86
N GLU A 110 -13.96 -5.37 3.62
CA GLU A 110 -14.84 -4.49 4.34
C GLU A 110 -14.09 -3.16 4.49
N ALA A 111 -14.82 -2.05 4.41
CA ALA A 111 -14.21 -0.73 4.64
C ALA A 111 -15.30 0.27 4.94
N GLU A 112 -14.97 1.18 5.79
CA GLU A 112 -15.76 2.39 6.08
C GLU A 112 -15.08 3.58 5.50
N VAL A 113 -15.77 4.71 5.57
CA VAL A 113 -15.15 6.01 5.20
C VAL A 113 -13.96 6.22 6.15
N GLY A 114 -12.80 6.46 5.56
CA GLY A 114 -11.65 6.58 6.34
C GLY A 114 -10.75 5.37 6.53
N SER A 115 -11.13 4.19 5.99
CA SER A 115 -10.24 3.05 6.02
C SER A 115 -9.12 3.33 5.07
N TYR A 116 -7.88 3.02 5.49
CA TYR A 116 -6.67 3.14 4.64
C TYR A 116 -5.86 1.88 4.69
N CYS A 117 -5.26 1.50 3.55
CA CYS A 117 -4.19 0.53 3.51
C CYS A 117 -2.98 1.22 2.86
N PHE A 118 -1.83 1.15 3.48
CA PHE A 118 -0.56 1.61 2.95
C PHE A 118 0.43 0.47 2.84
N GLY A 119 1.32 0.58 1.88
CA GLY A 119 2.38 -0.40 1.67
C GLY A 119 3.66 0.36 1.93
N ILE A 120 4.46 -0.06 2.90
CA ILE A 120 5.71 0.64 3.22
C ILE A 120 6.79 -0.24 2.68
N LEU A 121 7.48 0.23 1.62
CA LEU A 121 8.51 -0.60 0.93
C LEU A 121 9.84 -0.31 1.53
N LEU A 122 10.54 -1.34 2.05
CA LEU A 122 11.72 -1.17 2.85
C LEU A 122 12.96 -1.12 1.96
N GLY A 123 13.04 -0.11 1.18
CA GLY A 123 14.15 0.09 0.20
C GLY A 123 13.77 1.13 -0.77
N ASP A 124 14.76 1.46 -1.59
CA ASP A 124 14.51 2.46 -2.59
C ASP A 124 14.25 1.97 -4.01
N ARG A 125 14.16 0.64 -4.26
CA ARG A 125 13.79 0.10 -5.59
C ARG A 125 12.43 -0.57 -5.57
N LEU A 126 11.82 -0.57 -6.75
CA LEU A 126 10.63 -1.36 -7.07
C LEU A 126 11.02 -2.44 -8.11
ZN ZN B . 3.09 -4.91 -3.63
N TRP C . 1.66 -1.25 -1.65
CA TRP C . 0.51 -1.71 -2.48
C TRP C . 1.02 -2.67 -3.58
O TRP C . 2.22 -2.86 -3.66
CB TRP C . -0.22 -0.48 -3.07
CG TRP C . -1.42 -0.12 -2.23
CD1 TRP C . -1.52 -0.27 -0.89
CD2 TRP C . -2.70 0.45 -2.66
NE1 TRP C . -2.76 0.16 -0.47
CE2 TRP C . -3.53 0.61 -1.53
CE3 TRP C . -3.21 0.85 -3.92
CZ2 TRP C . -4.81 1.14 -1.63
CZ3 TRP C . -4.51 1.37 -4.02
CH2 TRP C . -5.31 1.52 -2.88
OXT TRP C . 0.19 -3.20 -4.30
H1 TRP C . 1.31 -0.77 -0.80
H2 TRP C . 2.24 -0.59 -2.21
H3 TRP C . 2.24 -2.06 -1.37
HA TRP C . -0.16 -2.25 -1.85
HB2 TRP C . 0.46 0.36 -3.09
HB3 TRP C . -0.55 -0.70 -4.07
HD1 TRP C . -0.74 -0.67 -0.24
HE1 TRP C . -3.09 0.14 0.46
HE3 TRP C . -2.60 0.73 -4.80
HZ2 TRP C . -5.43 1.26 -0.75
HZ3 TRP C . -4.88 1.67 -4.99
HH2 TRP C . -6.30 1.93 -2.97
N PRO A 4 7.19 30.67 -3.25
CA PRO A 4 6.64 30.15 -2.05
C PRO A 4 6.56 28.58 -2.04
N ALA A 5 7.19 27.84 -2.97
CA ALA A 5 7.33 26.37 -2.74
C ALA A 5 8.32 26.23 -1.62
N ASP A 6 7.97 25.36 -0.66
CA ASP A 6 8.83 25.21 0.54
C ASP A 6 9.54 23.88 0.33
N PRO A 7 10.88 23.81 0.40
CA PRO A 7 11.57 22.58 0.06
C PRO A 7 11.27 21.41 1.03
N GLU A 8 10.78 21.72 2.20
CA GLU A 8 10.46 20.74 3.21
C GLU A 8 9.03 20.15 3.04
N ILE A 9 8.23 20.67 2.09
CA ILE A 9 6.77 20.31 1.99
C ILE A 9 6.57 19.83 0.59
N VAL A 10 5.89 18.69 0.44
CA VAL A 10 5.42 18.19 -0.85
C VAL A 10 3.90 18.11 -0.79
N GLU A 11 3.25 18.91 -1.60
CA GLU A 11 1.76 18.95 -1.73
C GLU A 11 1.33 18.24 -3.01
N GLY A 12 2.27 17.99 -3.90
CA GLY A 12 1.94 17.35 -5.18
C GLY A 12 1.80 15.83 -5.11
N LEU A 13 0.68 15.43 -4.47
CA LEU A 13 0.42 14.04 -4.00
C LEU A 13 -0.98 13.64 -4.31
N PRO A 14 -1.23 12.35 -4.51
CA PRO A 14 -0.21 11.30 -4.63
C PRO A 14 0.55 11.39 -5.93
N ILE A 15 1.59 10.62 -5.99
CA ILE A 15 2.44 10.47 -7.17
C ILE A 15 2.10 9.13 -7.76
N PRO A 16 1.37 9.10 -8.88
CA PRO A 16 0.95 7.82 -9.39
C PRO A 16 2.05 7.23 -10.26
N LEU A 17 2.56 6.06 -9.86
CA LEU A 17 3.63 5.38 -10.51
C LEU A 17 3.18 4.06 -11.12
N ALA A 18 3.65 3.79 -12.33
CA ALA A 18 3.35 2.48 -12.92
C ALA A 18 4.02 1.36 -12.16
N VAL A 19 3.30 0.35 -11.73
CA VAL A 19 3.84 -0.77 -10.92
C VAL A 19 3.37 -2.05 -11.53
N ALA A 20 4.25 -3.02 -11.61
CA ALA A 20 3.83 -4.30 -12.21
C ALA A 20 2.68 -4.93 -11.42
N GLY A 21 1.76 -5.52 -12.18
CA GLY A 21 0.58 -6.14 -11.59
C GLY A 21 -0.64 -5.25 -11.42
N HIS A 22 -0.45 -3.96 -11.41
CA HIS A 22 -1.48 -2.94 -11.20
C HIS A 22 -2.10 -2.57 -12.56
N HIS A 23 -3.35 -2.14 -12.58
CA HIS A 23 -3.95 -1.74 -13.81
C HIS A 23 -4.18 -0.27 -13.95
N GLN A 24 -3.93 0.51 -12.87
CA GLN A 24 -3.78 1.92 -12.95
C GLN A 24 -2.52 2.22 -12.09
N PRO A 25 -1.97 3.40 -12.24
CA PRO A 25 -0.74 3.65 -11.49
C PRO A 25 -1.02 3.61 -10.00
N ALA A 26 -0.01 3.16 -9.21
CA ALA A 26 -0.13 3.02 -7.73
C ALA A 26 0.14 4.37 -7.03
N PRO A 27 -0.76 4.86 -6.19
CA PRO A 27 -0.60 6.17 -5.57
C PRO A 27 0.47 6.21 -4.50
N PHE A 28 1.63 6.84 -4.79
CA PHE A 28 2.70 6.97 -3.81
C PHE A 28 2.60 8.30 -3.09
N TYR A 29 2.90 8.23 -1.80
CA TYR A 29 3.07 9.41 -0.97
C TYR A 29 4.48 9.65 -0.59
N LEU A 30 5.31 8.60 -0.42
CA LEU A 30 6.79 8.78 -0.27
C LEU A 30 7.44 8.07 -1.38
N THR A 31 8.34 8.73 -2.10
CA THR A 31 9.14 8.13 -3.15
C THR A 31 10.64 8.29 -2.84
N ALA A 32 11.45 7.42 -3.45
CA ALA A 32 12.86 7.36 -3.14
C ALA A 32 13.60 8.63 -3.45
N ASP A 33 13.06 9.41 -4.35
CA ASP A 33 13.70 10.66 -4.85
C ASP A 33 13.34 11.91 -4.09
N MET A 34 12.46 11.77 -3.08
CA MET A 34 12.11 12.91 -2.25
C MET A 34 13.20 13.28 -1.23
N PHE A 35 13.26 14.59 -0.94
CA PHE A 35 14.11 15.14 0.08
C PHE A 35 15.54 14.68 -0.04
N GLY A 36 16.00 14.64 -1.28
CA GLY A 36 17.42 14.21 -1.54
C GLY A 36 17.76 12.75 -1.51
N GLY A 37 16.74 11.94 -1.26
CA GLY A 37 16.86 10.57 -1.21
C GLY A 37 16.31 10.00 0.07
N LEU A 38 15.30 9.10 -0.08
CA LEU A 38 14.73 8.40 1.04
C LEU A 38 15.02 6.94 1.06
N PRO A 39 15.06 6.36 2.25
CA PRO A 39 15.41 4.91 2.35
C PRO A 39 14.24 3.94 2.25
N VAL A 40 13.05 4.49 2.11
CA VAL A 40 11.81 3.71 2.01
C VAL A 40 10.88 4.45 1.05
N GLN A 41 9.88 3.74 0.54
CA GLN A 41 8.81 4.32 -0.25
C GLN A 41 7.46 3.94 0.41
N LEU A 42 6.39 4.65 0.10
CA LEU A 42 5.12 4.42 0.74
C LEU A 42 4.00 4.70 -0.20
N ALA A 43 3.12 3.75 -0.39
CA ALA A 43 2.01 3.95 -1.31
C ALA A 43 0.75 3.41 -0.72
N GLY A 44 -0.37 3.95 -1.14
CA GLY A 44 -1.64 3.44 -0.58
C GLY A 44 -2.78 4.34 -0.79
N GLY A 45 -3.84 4.12 -0.04
CA GLY A 45 -5.04 4.91 -0.22
C GLY A 45 -6.20 4.46 0.64
N GLU A 46 -7.28 5.19 0.45
CA GLU A 46 -8.51 5.04 1.16
C GLU A 46 -9.31 3.93 0.47
N LEU A 47 -9.89 2.96 1.15
CA LEU A 47 -10.56 1.91 0.37
C LEU A 47 -12.05 1.84 0.55
N SER A 48 -12.70 2.93 1.02
CA SER A 48 -14.17 2.87 1.07
C SER A 48 -14.76 2.55 -0.29
N THR A 49 -14.15 2.94 -1.40
CA THR A 49 -14.72 2.62 -2.73
C THR A 49 -14.15 1.37 -3.36
N LEU A 50 -13.20 0.68 -2.69
CA LEU A 50 -12.52 -0.52 -3.25
C LEU A 50 -13.00 -1.87 -2.67
N VAL A 51 -14.13 -1.92 -1.99
CA VAL A 51 -14.60 -3.18 -1.40
C VAL A 51 -14.96 -4.07 -2.59
N GLY A 52 -14.34 -5.22 -2.60
CA GLY A 52 -14.60 -6.16 -3.70
C GLY A 52 -13.85 -5.83 -4.97
N LYS A 53 -12.92 -4.88 -4.96
CA LYS A 53 -12.22 -4.41 -6.18
C LYS A 53 -10.73 -4.41 -5.99
N PRO A 54 -9.98 -5.39 -6.49
CA PRO A 54 -8.56 -5.43 -6.15
C PRO A 54 -7.77 -4.47 -7.00
N VAL A 55 -6.75 -3.84 -6.46
CA VAL A 55 -5.95 -2.91 -7.26
C VAL A 55 -4.83 -3.62 -8.05
N ALA A 56 -4.52 -4.89 -7.75
CA ALA A 56 -3.46 -5.56 -8.47
C ALA A 56 -3.65 -7.04 -8.51
N ALA A 57 -2.98 -7.64 -9.45
CA ALA A 57 -2.83 -9.11 -9.52
C ALA A 57 -1.64 -9.48 -8.67
N PRO A 58 -1.43 -10.79 -8.42
CA PRO A 58 -0.21 -11.22 -7.68
C PRO A 58 1.00 -10.67 -8.31
N HIS A 59 1.81 -10.00 -7.44
CA HIS A 59 3.01 -9.28 -7.88
C HIS A 59 4.11 -9.46 -6.85
N THR A 60 5.31 -9.00 -7.22
CA THR A 60 6.45 -9.06 -6.35
C THR A 60 7.22 -7.76 -6.29
N HIS A 61 8.12 -7.61 -5.30
CA HIS A 61 9.02 -6.45 -5.26
C HIS A 61 10.32 -6.92 -4.68
N PRO A 62 11.38 -6.26 -5.01
CA PRO A 62 12.66 -6.72 -4.63
C PRO A 62 13.05 -6.40 -3.24
N VAL A 63 12.14 -5.78 -2.46
CA VAL A 63 12.38 -5.38 -1.10
C VAL A 63 11.15 -5.88 -0.28
N ASP A 64 11.35 -5.96 1.00
CA ASP A 64 10.25 -6.31 1.88
C ASP A 64 9.22 -5.16 1.88
N GLU A 65 7.91 -5.52 1.97
CA GLU A 65 6.78 -4.54 1.98
C GLU A 65 5.89 -4.78 3.21
N LEU A 66 5.63 -3.74 4.02
CA LEU A 66 4.73 -3.89 5.21
C LEU A 66 3.41 -3.29 4.85
N TYR A 67 2.33 -4.02 4.96
CA TYR A 67 1.02 -3.46 4.84
C TYR A 67 0.60 -2.92 6.17
N LEU A 68 0.03 -1.72 6.18
CA LEU A 68 -0.60 -1.13 7.36
C LEU A 68 -2.03 -0.82 7.06
N LEU A 69 -2.94 -1.37 7.84
CA LEU A 69 -4.38 -1.22 7.65
C LEU A 69 -4.93 -0.51 8.87
N VAL A 70 -5.59 0.63 8.64
CA VAL A 70 -6.20 1.43 9.73
C VAL A 70 -7.62 1.82 9.37
N SER A 71 -8.49 2.11 10.36
CA SER A 71 -9.79 2.60 10.14
C SER A 71 -10.28 3.34 11.41
N PRO A 72 -11.21 4.32 11.18
CA PRO A 72 -11.58 5.12 12.38
C PRO A 72 -12.18 4.32 13.51
N ASN A 73 -12.94 3.34 13.18
CA ASN A 73 -13.45 2.42 14.19
C ASN A 73 -12.61 1.18 14.23
N LYS A 74 -12.36 0.66 15.44
CA LYS A 74 -11.73 -0.61 15.63
C LYS A 74 -12.47 -1.67 14.82
N GLY A 75 -11.70 -2.41 14.00
CA GLY A 75 -12.33 -3.42 13.12
C GLY A 75 -13.19 -2.90 11.97
N GLY A 76 -13.06 -1.62 11.65
CA GLY A 76 -13.77 -1.02 10.54
C GLY A 76 -13.38 -1.42 9.15
N ALA A 77 -12.21 -2.00 9.01
CA ALA A 77 -11.72 -2.48 7.76
C ALA A 77 -11.12 -3.84 7.83
N ARG A 78 -11.29 -4.63 6.77
CA ARG A 78 -10.72 -5.96 6.66
C ARG A 78 -10.18 -6.18 5.30
N ILE A 79 -8.99 -6.74 5.12
CA ILE A 79 -8.44 -7.07 3.82
C ILE A 79 -8.00 -8.55 3.82
N GLU A 80 -8.10 -9.14 2.66
CA GLU A 80 -7.48 -10.43 2.35
C GLU A 80 -6.17 -10.19 1.70
N VAL A 81 -5.11 -10.84 2.19
CA VAL A 81 -3.79 -10.82 1.52
C VAL A 81 -3.43 -12.23 1.06
N GLN A 82 -3.11 -12.40 -0.21
CA GLN A 82 -2.50 -13.64 -0.71
C GLN A 82 -1.03 -13.59 -0.60
N LEU A 83 -0.44 -14.57 0.10
CA LEU A 83 0.99 -14.63 0.26
C LEU A 83 1.44 -15.94 -0.34
N ASP A 84 2.11 -15.88 -1.49
CA ASP A 84 2.49 -17.12 -2.25
C ASP A 84 1.38 -18.18 -2.22
N GLY A 85 0.21 -17.69 -2.61
CA GLY A 85 -0.95 -18.51 -2.69
C GLY A 85 -1.73 -18.85 -1.46
N ARG A 86 -1.34 -18.36 -0.28
CA ARG A 86 -2.04 -18.70 0.91
C ARG A 86 -2.80 -17.45 1.38
N ARG A 87 -4.10 -17.64 1.58
CA ARG A 87 -4.96 -16.53 2.05
C ARG A 87 -4.69 -16.22 3.50
N HIS A 88 -4.56 -14.92 3.77
CA HIS A 88 -4.46 -14.33 5.08
C HIS A 88 -5.48 -13.21 5.21
N GLU A 89 -5.93 -12.93 6.39
CA GLU A 89 -6.83 -11.78 6.58
C GLU A 89 -6.33 -10.90 7.67
N LEU A 90 -6.53 -9.60 7.51
CA LEU A 90 -6.20 -8.58 8.46
C LEU A 90 -7.44 -7.80 8.83
N LEU A 91 -7.61 -7.58 10.15
CA LEU A 91 -8.68 -6.78 10.69
C LEU A 91 -8.07 -5.52 11.30
N SER A 92 -8.55 -4.35 10.89
CA SER A 92 -7.89 -3.11 11.36
C SER A 92 -8.01 -2.95 12.89
N PRO A 93 -6.96 -2.37 13.49
CA PRO A 93 -5.61 -2.05 12.90
C PRO A 93 -4.72 -3.23 12.86
N ALA A 94 -3.95 -3.33 11.76
CA ALA A 94 -3.05 -4.45 11.59
C ALA A 94 -1.88 -4.09 10.68
N VAL A 95 -0.82 -4.84 10.80
CA VAL A 95 0.36 -4.76 9.98
C VAL A 95 0.76 -6.18 9.56
N MET A 96 1.08 -6.36 8.27
CA MET A 96 1.53 -7.63 7.76
C MET A 96 2.77 -7.45 6.95
N ARG A 97 3.74 -8.28 7.26
CA ARG A 97 4.97 -8.31 6.48
C ARG A 97 4.86 -9.16 5.23
N ILE A 98 5.33 -8.59 4.08
CA ILE A 98 5.36 -9.31 2.82
C ILE A 98 6.83 -9.45 2.41
N PRO A 99 7.46 -10.63 2.58
CA PRO A 99 8.86 -10.79 2.25
C PRO A 99 9.19 -10.45 0.81
N ALA A 100 10.38 -9.93 0.62
CA ALA A 100 10.93 -9.62 -0.74
C ALA A 100 10.81 -10.90 -1.57
N GLY A 101 10.29 -10.72 -2.77
CA GLY A 101 10.13 -11.86 -3.68
C GLY A 101 8.84 -12.61 -3.60
N SER A 102 8.06 -12.44 -2.49
CA SER A 102 6.83 -13.14 -2.28
C SER A 102 5.77 -12.61 -3.29
N GLU A 103 5.06 -13.48 -3.98
CA GLU A 103 4.01 -13.11 -4.90
C GLU A 103 2.81 -12.83 -4.03
N HIS A 104 2.30 -11.60 -4.08
CA HIS A 104 1.18 -11.25 -3.22
C HIS A 104 0.29 -10.18 -3.84
N CYS A 105 -0.83 -9.99 -3.15
CA CYS A 105 -1.78 -8.90 -3.48
C CYS A 105 -2.75 -8.86 -2.35
N PHE A 106 -3.56 -7.79 -2.32
CA PHE A 106 -4.64 -7.70 -1.30
C PHE A 106 -5.97 -7.37 -1.96
N LEU A 107 -7.02 -7.71 -1.24
CA LEU A 107 -8.43 -7.46 -1.60
C LEU A 107 -9.14 -6.86 -0.41
N THR A 108 -9.83 -5.74 -0.61
CA THR A 108 -10.66 -5.16 0.41
C THR A 108 -11.94 -5.92 0.63
N LEU A 109 -12.12 -6.53 1.80
CA LEU A 109 -13.41 -7.25 2.08
C LEU A 109 -14.40 -6.41 2.86
N GLU A 110 -13.96 -5.37 3.62
CA GLU A 110 -14.84 -4.49 4.34
C GLU A 110 -14.09 -3.16 4.49
N ALA A 111 -14.82 -2.05 4.41
CA ALA A 111 -14.21 -0.73 4.64
C ALA A 111 -15.30 0.27 4.94
N GLU A 112 -14.97 1.18 5.79
CA GLU A 112 -15.76 2.39 6.08
C GLU A 112 -15.08 3.58 5.50
N VAL A 113 -15.77 4.71 5.57
CA VAL A 113 -15.15 6.01 5.20
C VAL A 113 -13.96 6.22 6.15
N GLY A 114 -12.80 6.46 5.56
CA GLY A 114 -11.65 6.58 6.34
C GLY A 114 -10.75 5.37 6.53
N SER A 115 -11.13 4.19 5.99
CA SER A 115 -10.24 3.05 6.02
C SER A 115 -9.12 3.33 5.07
N TYR A 116 -7.88 3.02 5.49
CA TYR A 116 -6.67 3.14 4.64
C TYR A 116 -5.86 1.88 4.69
N CYS A 117 -5.26 1.50 3.55
CA CYS A 117 -4.19 0.53 3.51
C CYS A 117 -2.98 1.22 2.86
N PHE A 118 -1.83 1.15 3.48
CA PHE A 118 -0.56 1.61 2.95
C PHE A 118 0.43 0.47 2.84
N GLY A 119 1.32 0.58 1.88
CA GLY A 119 2.38 -0.40 1.67
C GLY A 119 3.66 0.36 1.93
N ILE A 120 4.46 -0.06 2.90
CA ILE A 120 5.71 0.64 3.22
C ILE A 120 6.79 -0.24 2.68
N LEU A 121 7.48 0.23 1.62
CA LEU A 121 8.51 -0.60 0.93
C LEU A 121 9.84 -0.31 1.53
N LEU A 122 10.54 -1.34 2.05
CA LEU A 122 11.72 -1.17 2.85
C LEU A 122 12.96 -1.12 1.96
N GLY A 123 13.04 -0.11 1.18
CA GLY A 123 14.15 0.09 0.20
C GLY A 123 13.77 1.13 -0.77
N ASP A 124 14.76 1.46 -1.59
CA ASP A 124 14.51 2.46 -2.59
C ASP A 124 14.25 1.97 -4.01
N ARG A 125 14.16 0.64 -4.26
CA ARG A 125 13.79 0.10 -5.59
C ARG A 125 12.43 -0.57 -5.57
N LEU A 126 11.82 -0.57 -6.75
CA LEU A 126 10.63 -1.36 -7.07
C LEU A 126 11.02 -2.44 -8.11
ZN ZN B . 3.32 -5.19 -2.90
N TRP C . 1.51 -1.16 -1.56
CA TRP C . 0.50 -1.90 -2.35
C TRP C . 1.19 -2.99 -3.20
O TRP C . 2.39 -3.16 -3.05
CB TRP C . -0.27 -0.91 -3.23
CG TRP C . -1.44 -0.31 -2.49
CD1 TRP C . -1.60 -0.27 -1.14
CD2 TRP C . -2.63 0.32 -3.05
NE1 TRP C . -2.81 0.33 -0.85
CE2 TRP C . -3.48 0.72 -1.99
CE3 TRP C . -3.06 0.59 -4.37
CZ2 TRP C . -4.69 1.37 -2.23
CZ3 TRP C . -4.28 1.23 -4.60
CH2 TRP C . -5.10 1.62 -3.54
OXT TRP C . 0.50 -3.63 -3.98
H1 TRP C . 2.06 -0.54 -2.19
H2 TRP C . 2.15 -1.84 -1.11
H3 TRP C . 1.04 -0.59 -0.84
HA TRP C . -0.18 -2.37 -1.70
HB2 TRP C . 0.38 -0.12 -3.56
HB3 TRP C . -0.65 -1.42 -4.08
HD1 TRP C . -0.90 -0.65 -0.41
HE1 TRP C . -3.16 0.48 0.05
HE3 TRP C . -2.44 0.29 -5.20
HZ2 TRP C . -5.32 1.66 -1.40
HZ3 TRP C . -4.59 1.44 -5.62
HH2 TRP C . -6.04 2.12 -3.73
N PRO A 4 7.19 30.67 -3.25
CA PRO A 4 6.64 30.15 -2.05
C PRO A 4 6.56 28.58 -2.04
N ALA A 5 7.19 27.84 -2.97
CA ALA A 5 7.33 26.37 -2.74
C ALA A 5 8.32 26.23 -1.62
N ASP A 6 7.97 25.36 -0.66
CA ASP A 6 8.83 25.21 0.54
C ASP A 6 9.54 23.88 0.33
N PRO A 7 10.88 23.81 0.40
CA PRO A 7 11.57 22.58 0.06
C PRO A 7 11.27 21.41 1.03
N GLU A 8 10.78 21.72 2.20
CA GLU A 8 10.46 20.74 3.21
C GLU A 8 9.03 20.15 3.04
N ILE A 9 8.23 20.67 2.09
CA ILE A 9 6.77 20.31 1.99
C ILE A 9 6.57 19.83 0.59
N VAL A 10 5.89 18.69 0.44
CA VAL A 10 5.42 18.19 -0.85
C VAL A 10 3.90 18.11 -0.79
N GLU A 11 3.25 18.91 -1.60
CA GLU A 11 1.76 18.95 -1.73
C GLU A 11 1.33 18.24 -3.01
N GLY A 12 2.27 17.99 -3.90
CA GLY A 12 1.94 17.35 -5.18
C GLY A 12 1.80 15.83 -5.11
N LEU A 13 0.68 15.43 -4.47
CA LEU A 13 0.42 14.04 -4.00
C LEU A 13 -0.98 13.64 -4.31
N PRO A 14 -1.23 12.35 -4.51
CA PRO A 14 -0.21 11.30 -4.63
C PRO A 14 0.55 11.39 -5.93
N ILE A 15 1.59 10.62 -5.99
CA ILE A 15 2.44 10.47 -7.17
C ILE A 15 2.10 9.13 -7.76
N PRO A 16 1.37 9.10 -8.88
CA PRO A 16 0.95 7.82 -9.39
C PRO A 16 2.05 7.23 -10.26
N LEU A 17 2.56 6.06 -9.86
CA LEU A 17 3.63 5.38 -10.51
C LEU A 17 3.18 4.06 -11.12
N ALA A 18 3.65 3.79 -12.33
CA ALA A 18 3.35 2.48 -12.92
C ALA A 18 4.02 1.36 -12.16
N VAL A 19 3.30 0.35 -11.73
CA VAL A 19 3.84 -0.77 -10.92
C VAL A 19 3.37 -2.05 -11.53
N ALA A 20 4.25 -3.02 -11.61
CA ALA A 20 3.83 -4.30 -12.21
C ALA A 20 2.68 -4.93 -11.42
N GLY A 21 1.76 -5.52 -12.18
CA GLY A 21 0.58 -6.14 -11.59
C GLY A 21 -0.64 -5.25 -11.42
N HIS A 22 -0.45 -3.96 -11.41
CA HIS A 22 -1.48 -2.94 -11.20
C HIS A 22 -2.10 -2.57 -12.56
N HIS A 23 -3.35 -2.14 -12.58
CA HIS A 23 -3.95 -1.74 -13.81
C HIS A 23 -4.18 -0.27 -13.95
N GLN A 24 -3.93 0.51 -12.87
CA GLN A 24 -3.78 1.92 -12.95
C GLN A 24 -2.52 2.22 -12.09
N PRO A 25 -1.97 3.40 -12.24
CA PRO A 25 -0.74 3.65 -11.49
C PRO A 25 -1.02 3.61 -10.00
N ALA A 26 -0.01 3.16 -9.21
CA ALA A 26 -0.13 3.02 -7.73
C ALA A 26 0.14 4.37 -7.03
N PRO A 27 -0.76 4.86 -6.19
CA PRO A 27 -0.60 6.17 -5.57
C PRO A 27 0.47 6.21 -4.50
N PHE A 28 1.63 6.84 -4.79
CA PHE A 28 2.70 6.97 -3.81
C PHE A 28 2.60 8.30 -3.09
N TYR A 29 2.90 8.23 -1.80
CA TYR A 29 3.07 9.41 -0.97
C TYR A 29 4.48 9.65 -0.59
N LEU A 30 5.31 8.60 -0.42
CA LEU A 30 6.79 8.78 -0.27
C LEU A 30 7.44 8.07 -1.38
N THR A 31 8.34 8.73 -2.10
CA THR A 31 9.14 8.13 -3.15
C THR A 31 10.64 8.29 -2.84
N ALA A 32 11.45 7.42 -3.45
CA ALA A 32 12.86 7.36 -3.14
C ALA A 32 13.60 8.63 -3.45
N ASP A 33 13.06 9.41 -4.35
CA ASP A 33 13.70 10.66 -4.85
C ASP A 33 13.34 11.91 -4.09
N MET A 34 12.46 11.77 -3.08
CA MET A 34 12.11 12.91 -2.25
C MET A 34 13.20 13.28 -1.23
N PHE A 35 13.26 14.59 -0.94
CA PHE A 35 14.11 15.14 0.08
C PHE A 35 15.54 14.68 -0.04
N GLY A 36 16.00 14.64 -1.28
CA GLY A 36 17.42 14.21 -1.54
C GLY A 36 17.76 12.75 -1.51
N GLY A 37 16.74 11.94 -1.26
CA GLY A 37 16.86 10.57 -1.21
C GLY A 37 16.31 10.00 0.07
N LEU A 38 15.30 9.10 -0.08
CA LEU A 38 14.73 8.40 1.04
C LEU A 38 15.02 6.94 1.06
N PRO A 39 15.06 6.36 2.25
CA PRO A 39 15.41 4.91 2.35
C PRO A 39 14.24 3.94 2.25
N VAL A 40 13.05 4.49 2.11
CA VAL A 40 11.81 3.71 2.01
C VAL A 40 10.88 4.45 1.05
N GLN A 41 9.88 3.74 0.54
CA GLN A 41 8.81 4.32 -0.25
C GLN A 41 7.46 3.94 0.41
N LEU A 42 6.39 4.65 0.10
CA LEU A 42 5.12 4.42 0.74
C LEU A 42 4.00 4.70 -0.20
N ALA A 43 3.11 3.77 -0.39
CA ALA A 43 2.00 3.97 -1.31
C ALA A 43 0.75 3.42 -0.72
N GLY A 44 -0.37 3.95 -1.14
CA GLY A 44 -1.64 3.44 -0.58
C GLY A 44 -2.78 4.34 -0.79
N GLY A 45 -3.84 4.12 -0.04
CA GLY A 45 -5.04 4.91 -0.22
C GLY A 45 -6.20 4.46 0.64
N GLU A 46 -7.28 5.19 0.45
CA GLU A 46 -8.51 5.04 1.16
C GLU A 46 -9.31 3.93 0.47
N LEU A 47 -9.89 2.96 1.15
CA LEU A 47 -10.56 1.91 0.37
C LEU A 47 -12.05 1.84 0.55
N SER A 48 -12.70 2.93 1.02
CA SER A 48 -14.17 2.87 1.07
C SER A 48 -14.76 2.55 -0.29
N THR A 49 -14.15 2.94 -1.40
CA THR A 49 -14.72 2.62 -2.73
C THR A 49 -14.15 1.37 -3.36
N LEU A 50 -13.20 0.68 -2.69
CA LEU A 50 -12.51 -0.51 -3.25
C LEU A 50 -13.00 -1.87 -2.67
N VAL A 51 -14.13 -1.92 -1.99
CA VAL A 51 -14.60 -3.18 -1.40
C VAL A 51 -14.96 -4.07 -2.59
N GLY A 52 -14.34 -5.22 -2.60
CA GLY A 52 -14.60 -6.16 -3.70
C GLY A 52 -13.85 -5.83 -4.97
N LYS A 53 -12.92 -4.88 -4.96
CA LYS A 53 -12.22 -4.41 -6.18
C LYS A 53 -10.73 -4.41 -5.99
N PRO A 54 -9.98 -5.39 -6.49
CA PRO A 54 -8.56 -5.43 -6.15
C PRO A 54 -7.77 -4.47 -7.00
N VAL A 55 -6.75 -3.84 -6.46
CA VAL A 55 -5.95 -2.91 -7.26
C VAL A 55 -4.83 -3.62 -8.05
N ALA A 56 -4.52 -4.89 -7.75
CA ALA A 56 -3.46 -5.56 -8.47
C ALA A 56 -3.65 -7.04 -8.51
N ALA A 57 -2.98 -7.64 -9.45
CA ALA A 57 -2.83 -9.11 -9.52
C ALA A 57 -1.64 -9.48 -8.67
N PRO A 58 -1.43 -10.79 -8.42
CA PRO A 58 -0.21 -11.22 -7.68
C PRO A 58 1.00 -10.67 -8.31
N HIS A 59 1.83 -10.05 -7.46
CA HIS A 59 3.04 -9.40 -7.93
C HIS A 59 4.12 -9.48 -6.87
N THR A 60 5.31 -9.00 -7.22
CA THR A 60 6.45 -9.06 -6.35
C THR A 60 7.22 -7.76 -6.29
N HIS A 61 8.09 -7.64 -5.23
CA HIS A 61 8.97 -6.46 -5.02
C HIS A 61 10.34 -6.94 -4.65
N PRO A 62 11.38 -6.26 -5.01
CA PRO A 62 12.66 -6.72 -4.63
C PRO A 62 13.05 -6.40 -3.24
N VAL A 63 12.14 -5.78 -2.46
CA VAL A 63 12.38 -5.38 -1.10
C VAL A 63 11.15 -5.88 -0.28
N ASP A 64 11.35 -5.96 1.00
CA ASP A 64 10.25 -6.31 1.88
C ASP A 64 9.22 -5.16 1.88
N GLU A 65 7.93 -5.54 1.98
CA GLU A 65 6.80 -4.58 1.96
C GLU A 65 5.89 -4.80 3.20
N LEU A 66 5.63 -3.74 4.02
CA LEU A 66 4.73 -3.89 5.21
C LEU A 66 3.41 -3.29 4.85
N TYR A 67 2.33 -4.02 4.96
CA TYR A 67 1.02 -3.46 4.84
C TYR A 67 0.60 -2.92 6.17
N LEU A 68 0.03 -1.72 6.18
CA LEU A 68 -0.60 -1.13 7.36
C LEU A 68 -2.03 -0.82 7.06
N LEU A 69 -2.94 -1.37 7.84
CA LEU A 69 -4.38 -1.22 7.65
C LEU A 69 -4.93 -0.51 8.87
N VAL A 70 -5.59 0.63 8.64
CA VAL A 70 -6.20 1.43 9.73
C VAL A 70 -7.62 1.82 9.37
N SER A 71 -8.49 2.11 10.36
CA SER A 71 -9.79 2.60 10.14
C SER A 71 -10.28 3.34 11.41
N PRO A 72 -11.21 4.32 11.18
CA PRO A 72 -11.58 5.12 12.38
C PRO A 72 -12.18 4.32 13.51
N ASN A 73 -12.94 3.34 13.18
CA ASN A 73 -13.45 2.42 14.19
C ASN A 73 -12.61 1.18 14.23
N LYS A 74 -12.36 0.66 15.44
CA LYS A 74 -11.73 -0.61 15.63
C LYS A 74 -12.47 -1.67 14.82
N GLY A 75 -11.70 -2.41 14.00
CA GLY A 75 -12.33 -3.42 13.12
C GLY A 75 -13.19 -2.90 11.97
N GLY A 76 -13.06 -1.62 11.65
CA GLY A 76 -13.77 -1.02 10.54
C GLY A 76 -13.38 -1.42 9.15
N ALA A 77 -12.21 -2.00 9.01
CA ALA A 77 -11.72 -2.48 7.76
C ALA A 77 -11.12 -3.84 7.83
N ARG A 78 -11.29 -4.63 6.77
CA ARG A 78 -10.72 -5.96 6.66
C ARG A 78 -10.18 -6.18 5.30
N ILE A 79 -8.99 -6.74 5.12
CA ILE A 79 -8.44 -7.07 3.82
C ILE A 79 -8.00 -8.55 3.82
N GLU A 80 -8.10 -9.14 2.66
CA GLU A 80 -7.48 -10.43 2.35
C GLU A 80 -6.17 -10.19 1.70
N VAL A 81 -5.11 -10.84 2.19
CA VAL A 81 -3.79 -10.82 1.52
C VAL A 81 -3.43 -12.23 1.06
N GLN A 82 -3.11 -12.40 -0.21
CA GLN A 82 -2.50 -13.64 -0.71
C GLN A 82 -1.03 -13.59 -0.60
N LEU A 83 -0.44 -14.57 0.10
CA LEU A 83 0.99 -14.63 0.26
C LEU A 83 1.44 -15.94 -0.34
N ASP A 84 2.11 -15.88 -1.49
CA ASP A 84 2.49 -17.12 -2.25
C ASP A 84 1.38 -18.18 -2.22
N GLY A 85 0.21 -17.69 -2.61
CA GLY A 85 -0.95 -18.51 -2.69
C GLY A 85 -1.73 -18.85 -1.46
N ARG A 86 -1.34 -18.36 -0.28
CA ARG A 86 -2.04 -18.70 0.91
C ARG A 86 -2.80 -17.45 1.38
N ARG A 87 -4.10 -17.64 1.58
CA ARG A 87 -4.96 -16.53 2.05
C ARG A 87 -4.69 -16.22 3.50
N HIS A 88 -4.56 -14.92 3.77
CA HIS A 88 -4.46 -14.33 5.08
C HIS A 88 -5.48 -13.21 5.21
N GLU A 89 -5.93 -12.93 6.39
CA GLU A 89 -6.83 -11.78 6.58
C GLU A 89 -6.33 -10.90 7.67
N LEU A 90 -6.53 -9.60 7.51
CA LEU A 90 -6.20 -8.58 8.46
C LEU A 90 -7.44 -7.80 8.83
N LEU A 91 -7.61 -7.58 10.15
CA LEU A 91 -8.68 -6.78 10.69
C LEU A 91 -8.07 -5.52 11.30
N SER A 92 -8.55 -4.35 10.89
CA SER A 92 -7.89 -3.11 11.36
C SER A 92 -8.01 -2.95 12.89
N PRO A 93 -6.96 -2.37 13.49
CA PRO A 93 -5.61 -2.05 12.90
C PRO A 93 -4.72 -3.23 12.86
N ALA A 94 -3.95 -3.33 11.76
CA ALA A 94 -3.05 -4.45 11.59
C ALA A 94 -1.88 -4.09 10.68
N VAL A 95 -0.82 -4.84 10.80
CA VAL A 95 0.36 -4.76 9.98
C VAL A 95 0.76 -6.18 9.56
N MET A 96 1.08 -6.36 8.27
CA MET A 96 1.53 -7.63 7.76
C MET A 96 2.77 -7.45 6.95
N ARG A 97 3.74 -8.28 7.26
CA ARG A 97 4.97 -8.31 6.48
C ARG A 97 4.86 -9.16 5.23
N ILE A 98 5.33 -8.59 4.08
CA ILE A 98 5.36 -9.31 2.82
C ILE A 98 6.83 -9.45 2.41
N PRO A 99 7.46 -10.63 2.58
CA PRO A 99 8.86 -10.79 2.25
C PRO A 99 9.19 -10.45 0.81
N ALA A 100 10.38 -9.93 0.62
CA ALA A 100 10.93 -9.62 -0.74
C ALA A 100 10.81 -10.90 -1.57
N GLY A 101 10.29 -10.72 -2.77
CA GLY A 101 10.13 -11.86 -3.68
C GLY A 101 8.84 -12.61 -3.60
N SER A 102 8.06 -12.44 -2.49
CA SER A 102 6.83 -13.14 -2.28
C SER A 102 5.77 -12.61 -3.29
N GLU A 103 5.06 -13.48 -3.98
CA GLU A 103 4.01 -13.11 -4.90
C GLU A 103 2.81 -12.83 -4.03
N HIS A 104 2.35 -11.56 -4.07
CA HIS A 104 1.27 -11.14 -3.18
C HIS A 104 0.32 -10.13 -3.81
N CYS A 105 -0.83 -9.99 -3.15
CA CYS A 105 -1.78 -8.90 -3.48
C CYS A 105 -2.75 -8.86 -2.35
N PHE A 106 -3.56 -7.79 -2.32
CA PHE A 106 -4.64 -7.70 -1.30
C PHE A 106 -5.97 -7.37 -1.96
N LEU A 107 -7.02 -7.71 -1.24
CA LEU A 107 -8.43 -7.46 -1.60
C LEU A 107 -9.14 -6.86 -0.41
N THR A 108 -9.83 -5.74 -0.61
CA THR A 108 -10.66 -5.16 0.41
C THR A 108 -11.94 -5.92 0.63
N LEU A 109 -12.12 -6.53 1.80
CA LEU A 109 -13.41 -7.25 2.08
C LEU A 109 -14.40 -6.41 2.86
N GLU A 110 -13.96 -5.37 3.62
CA GLU A 110 -14.84 -4.49 4.34
C GLU A 110 -14.09 -3.16 4.49
N ALA A 111 -14.82 -2.05 4.41
CA ALA A 111 -14.21 -0.73 4.64
C ALA A 111 -15.30 0.27 4.94
N GLU A 112 -14.97 1.18 5.79
CA GLU A 112 -15.76 2.39 6.08
C GLU A 112 -15.08 3.58 5.50
N VAL A 113 -15.77 4.71 5.57
CA VAL A 113 -15.15 6.01 5.20
C VAL A 113 -13.96 6.22 6.15
N GLY A 114 -12.80 6.46 5.56
CA GLY A 114 -11.65 6.58 6.34
C GLY A 114 -10.75 5.37 6.53
N SER A 115 -11.13 4.19 5.99
CA SER A 115 -10.24 3.05 6.02
C SER A 115 -9.12 3.33 5.07
N TYR A 116 -7.88 3.02 5.49
CA TYR A 116 -6.67 3.14 4.64
C TYR A 116 -5.86 1.88 4.69
N CYS A 117 -5.26 1.50 3.55
CA CYS A 117 -4.19 0.53 3.51
C CYS A 117 -2.98 1.22 2.86
N PHE A 118 -1.83 1.15 3.48
CA PHE A 118 -0.56 1.61 2.95
C PHE A 118 0.43 0.47 2.84
N GLY A 119 1.32 0.59 1.88
CA GLY A 119 2.38 -0.39 1.68
C GLY A 119 3.66 0.37 1.93
N ILE A 120 4.46 -0.06 2.90
CA ILE A 120 5.71 0.64 3.22
C ILE A 120 6.79 -0.24 2.68
N LEU A 121 7.48 0.23 1.62
CA LEU A 121 8.51 -0.60 0.93
C LEU A 121 9.84 -0.31 1.53
N LEU A 122 10.54 -1.34 2.05
CA LEU A 122 11.72 -1.17 2.85
C LEU A 122 12.96 -1.12 1.96
N GLY A 123 13.04 -0.11 1.18
CA GLY A 123 14.15 0.09 0.20
C GLY A 123 13.77 1.13 -0.77
N ASP A 124 14.76 1.46 -1.59
CA ASP A 124 14.51 2.46 -2.59
C ASP A 124 14.25 1.97 -4.01
N ARG A 125 14.16 0.64 -4.26
CA ARG A 125 13.79 0.10 -5.59
C ARG A 125 12.43 -0.57 -5.57
N LEU A 126 11.82 -0.57 -6.75
CA LEU A 126 10.63 -1.36 -7.07
C LEU A 126 11.02 -2.44 -8.11
ZN ZN B . 3.11 -4.93 -3.63
N TRP C . 1.69 -1.22 -1.69
CA TRP C . 0.54 -1.71 -2.50
C TRP C . 1.04 -2.67 -3.59
O TRP C . 2.25 -2.87 -3.67
CB TRP C . -0.21 -0.49 -3.10
CG TRP C . -1.41 -0.12 -2.25
CD1 TRP C . -1.50 -0.29 -0.90
CD2 TRP C . -2.69 0.45 -2.67
NE1 TRP C . -2.74 0.14 -0.49
CE2 TRP C . -3.51 0.61 -1.54
CE3 TRP C . -3.20 0.85 -3.93
CZ2 TRP C . -4.79 1.14 -1.63
CZ3 TRP C . -4.49 1.38 -4.02
CH2 TRP C . -5.29 1.53 -2.88
OXT TRP C . 0.21 -3.20 -4.31
H1 TRP C . 1.34 -0.65 -0.89
H2 TRP C . 2.30 -0.63 -2.30
H3 TRP C . 2.23 -2.03 -1.34
HA TRP C . -0.12 -2.25 -1.85
HB2 TRP C . 0.46 0.35 -3.14
HB3 TRP C . -0.55 -0.72 -4.09
HD1 TRP C . -0.73 -0.68 -0.27
HE1 TRP C . -3.07 0.14 0.44
HE3 TRP C . -2.60 0.73 -4.82
HZ2 TRP C . -5.41 1.25 -0.75
HZ3 TRP C . -4.88 1.68 -4.99
HH2 TRP C . -6.29 1.95 -2.96
N PRO A 4 7.19 30.67 -3.25
CA PRO A 4 6.64 30.15 -2.05
C PRO A 4 6.56 28.58 -2.04
N ALA A 5 7.19 27.84 -2.97
CA ALA A 5 7.33 26.37 -2.74
C ALA A 5 8.32 26.23 -1.62
N ASP A 6 7.97 25.36 -0.66
CA ASP A 6 8.83 25.21 0.54
C ASP A 6 9.54 23.88 0.33
N PRO A 7 10.88 23.81 0.40
CA PRO A 7 11.57 22.58 0.06
C PRO A 7 11.27 21.41 1.03
N GLU A 8 10.78 21.72 2.20
CA GLU A 8 10.46 20.74 3.21
C GLU A 8 9.03 20.15 3.04
N ILE A 9 8.23 20.67 2.09
CA ILE A 9 6.77 20.31 1.99
C ILE A 9 6.57 19.83 0.59
N VAL A 10 5.89 18.69 0.44
CA VAL A 10 5.42 18.19 -0.85
C VAL A 10 3.90 18.11 -0.79
N GLU A 11 3.25 18.91 -1.60
CA GLU A 11 1.76 18.95 -1.73
C GLU A 11 1.33 18.24 -3.01
N GLY A 12 2.27 17.99 -3.90
CA GLY A 12 1.94 17.35 -5.18
C GLY A 12 1.80 15.83 -5.11
N LEU A 13 0.68 15.43 -4.47
CA LEU A 13 0.42 14.04 -4.00
C LEU A 13 -0.98 13.64 -4.31
N PRO A 14 -1.23 12.35 -4.51
CA PRO A 14 -0.21 11.30 -4.63
C PRO A 14 0.55 11.39 -5.93
N ILE A 15 1.59 10.62 -5.99
CA ILE A 15 2.44 10.47 -7.17
C ILE A 15 2.10 9.13 -7.76
N PRO A 16 1.37 9.10 -8.88
CA PRO A 16 0.95 7.82 -9.39
C PRO A 16 2.05 7.23 -10.26
N LEU A 17 2.56 6.06 -9.86
CA LEU A 17 3.63 5.38 -10.51
C LEU A 17 3.18 4.06 -11.12
N ALA A 18 3.65 3.79 -12.33
CA ALA A 18 3.35 2.48 -12.92
C ALA A 18 4.02 1.36 -12.16
N VAL A 19 3.30 0.35 -11.73
CA VAL A 19 3.84 -0.77 -10.92
C VAL A 19 3.37 -2.05 -11.53
N ALA A 20 4.25 -3.02 -11.61
CA ALA A 20 3.83 -4.30 -12.21
C ALA A 20 2.68 -4.93 -11.42
N GLY A 21 1.76 -5.52 -12.18
CA GLY A 21 0.58 -6.14 -11.59
C GLY A 21 -0.64 -5.25 -11.42
N HIS A 22 -0.45 -3.96 -11.41
CA HIS A 22 -1.48 -2.94 -11.20
C HIS A 22 -2.10 -2.57 -12.56
N HIS A 23 -3.35 -2.14 -12.58
CA HIS A 23 -3.95 -1.74 -13.81
C HIS A 23 -4.18 -0.27 -13.95
N GLN A 24 -3.93 0.51 -12.87
CA GLN A 24 -3.78 1.92 -12.95
C GLN A 24 -2.52 2.22 -12.09
N PRO A 25 -1.97 3.40 -12.24
CA PRO A 25 -0.74 3.65 -11.49
C PRO A 25 -1.02 3.61 -10.00
N ALA A 26 -0.01 3.16 -9.21
CA ALA A 26 -0.13 3.02 -7.73
C ALA A 26 0.14 4.37 -7.03
N PRO A 27 -0.76 4.86 -6.19
CA PRO A 27 -0.60 6.17 -5.57
C PRO A 27 0.47 6.21 -4.50
N PHE A 28 1.63 6.84 -4.79
CA PHE A 28 2.70 6.97 -3.81
C PHE A 28 2.60 8.30 -3.09
N TYR A 29 2.90 8.23 -1.80
CA TYR A 29 3.07 9.41 -0.97
C TYR A 29 4.48 9.65 -0.59
N LEU A 30 5.31 8.60 -0.42
CA LEU A 30 6.79 8.78 -0.27
C LEU A 30 7.44 8.07 -1.38
N THR A 31 8.34 8.73 -2.10
CA THR A 31 9.14 8.13 -3.15
C THR A 31 10.64 8.29 -2.84
N ALA A 32 11.45 7.42 -3.45
CA ALA A 32 12.86 7.36 -3.14
C ALA A 32 13.60 8.63 -3.45
N ASP A 33 13.06 9.41 -4.35
CA ASP A 33 13.70 10.66 -4.85
C ASP A 33 13.34 11.91 -4.09
N MET A 34 12.46 11.77 -3.08
CA MET A 34 12.11 12.91 -2.25
C MET A 34 13.20 13.28 -1.23
N PHE A 35 13.26 14.59 -0.94
CA PHE A 35 14.11 15.14 0.08
C PHE A 35 15.54 14.68 -0.04
N GLY A 36 16.00 14.64 -1.28
CA GLY A 36 17.42 14.21 -1.54
C GLY A 36 17.76 12.75 -1.51
N GLY A 37 16.74 11.94 -1.26
CA GLY A 37 16.86 10.57 -1.21
C GLY A 37 16.31 10.00 0.07
N LEU A 38 15.30 9.10 -0.08
CA LEU A 38 14.73 8.40 1.04
C LEU A 38 15.02 6.94 1.06
N PRO A 39 15.06 6.36 2.25
CA PRO A 39 15.41 4.91 2.35
C PRO A 39 14.24 3.94 2.25
N VAL A 40 13.05 4.49 2.11
CA VAL A 40 11.81 3.71 2.01
C VAL A 40 10.88 4.45 1.05
N GLN A 41 9.88 3.74 0.54
CA GLN A 41 8.81 4.32 -0.25
C GLN A 41 7.46 3.94 0.41
N LEU A 42 6.39 4.65 0.10
CA LEU A 42 5.12 4.42 0.74
C LEU A 42 4.00 4.70 -0.20
N ALA A 43 3.12 3.74 -0.40
CA ALA A 43 2.01 3.92 -1.33
C ALA A 43 0.75 3.39 -0.73
N GLY A 44 -0.37 3.95 -1.14
CA GLY A 44 -1.64 3.44 -0.58
C GLY A 44 -2.78 4.34 -0.79
N GLY A 45 -3.84 4.12 -0.04
CA GLY A 45 -5.04 4.91 -0.22
C GLY A 45 -6.20 4.46 0.64
N GLU A 46 -7.28 5.19 0.45
CA GLU A 46 -8.51 5.04 1.16
C GLU A 46 -9.31 3.93 0.47
N LEU A 47 -9.87 2.97 1.22
CA LEU A 47 -10.57 1.83 0.56
C LEU A 47 -12.07 1.84 0.64
N SER A 48 -12.70 2.93 1.02
CA SER A 48 -14.17 2.87 1.07
C SER A 48 -14.76 2.55 -0.29
N THR A 49 -14.15 2.94 -1.40
CA THR A 49 -14.72 2.62 -2.73
C THR A 49 -14.15 1.37 -3.36
N LEU A 50 -13.19 0.68 -2.70
CA LEU A 50 -12.53 -0.52 -3.27
C LEU A 50 -13.00 -1.87 -2.68
N VAL A 51 -14.13 -1.92 -1.99
CA VAL A 51 -14.60 -3.18 -1.40
C VAL A 51 -14.96 -4.07 -2.59
N GLY A 52 -14.34 -5.22 -2.60
CA GLY A 52 -14.60 -6.16 -3.70
C GLY A 52 -13.85 -5.83 -4.97
N LYS A 53 -12.92 -4.88 -4.96
CA LYS A 53 -12.22 -4.41 -6.18
C LYS A 53 -10.73 -4.41 -5.99
N PRO A 54 -9.98 -5.39 -6.49
CA PRO A 54 -8.56 -5.43 -6.15
C PRO A 54 -7.77 -4.47 -7.00
N VAL A 55 -6.74 -3.83 -6.48
CA VAL A 55 -5.95 -2.91 -7.32
C VAL A 55 -4.84 -3.63 -8.09
N ALA A 56 -4.52 -4.89 -7.75
CA ALA A 56 -3.46 -5.56 -8.47
C ALA A 56 -3.65 -7.04 -8.51
N ALA A 57 -2.98 -7.64 -9.45
CA ALA A 57 -2.83 -9.11 -9.52
C ALA A 57 -1.64 -9.48 -8.67
N PRO A 58 -1.43 -10.79 -8.42
CA PRO A 58 -0.21 -11.22 -7.68
C PRO A 58 1.00 -10.67 -8.31
N HIS A 59 1.85 -10.07 -7.47
CA HIS A 59 3.07 -9.44 -7.96
C HIS A 59 4.14 -9.51 -6.90
N THR A 60 5.31 -9.00 -7.22
CA THR A 60 6.45 -9.06 -6.35
C THR A 60 7.22 -7.76 -6.29
N HIS A 61 8.11 -7.61 -5.28
CA HIS A 61 9.02 -6.43 -5.19
C HIS A 61 10.33 -6.92 -4.68
N PRO A 62 11.38 -6.26 -5.01
CA PRO A 62 12.66 -6.72 -4.63
C PRO A 62 13.05 -6.40 -3.24
N VAL A 63 12.14 -5.78 -2.46
CA VAL A 63 12.38 -5.38 -1.10
C VAL A 63 11.15 -5.88 -0.28
N ASP A 64 11.35 -5.96 1.00
CA ASP A 64 10.25 -6.31 1.88
C ASP A 64 9.22 -5.16 1.88
N GLU A 65 7.94 -5.48 2.04
CA GLU A 65 6.92 -4.43 2.12
C GLU A 65 5.96 -4.76 3.24
N LEU A 66 5.63 -3.74 4.02
CA LEU A 66 4.73 -3.89 5.21
C LEU A 66 3.41 -3.29 4.85
N TYR A 67 2.33 -4.02 4.96
CA TYR A 67 1.02 -3.46 4.84
C TYR A 67 0.60 -2.92 6.17
N LEU A 68 0.03 -1.72 6.18
CA LEU A 68 -0.60 -1.13 7.36
C LEU A 68 -2.03 -0.82 7.06
N LEU A 69 -2.94 -1.37 7.84
CA LEU A 69 -4.38 -1.22 7.65
C LEU A 69 -4.93 -0.51 8.87
N VAL A 70 -5.59 0.63 8.64
CA VAL A 70 -6.20 1.43 9.73
C VAL A 70 -7.62 1.82 9.37
N SER A 71 -8.49 2.11 10.36
CA SER A 71 -9.79 2.60 10.14
C SER A 71 -10.28 3.34 11.41
N PRO A 72 -11.21 4.32 11.18
CA PRO A 72 -11.58 5.12 12.38
C PRO A 72 -12.18 4.32 13.51
N ASN A 73 -12.94 3.34 13.18
CA ASN A 73 -13.45 2.42 14.19
C ASN A 73 -12.61 1.18 14.23
N LYS A 74 -12.36 0.66 15.44
CA LYS A 74 -11.73 -0.61 15.63
C LYS A 74 -12.47 -1.67 14.82
N GLY A 75 -11.70 -2.41 14.00
CA GLY A 75 -12.33 -3.42 13.12
C GLY A 75 -13.19 -2.90 11.97
N GLY A 76 -13.06 -1.62 11.65
CA GLY A 76 -13.77 -1.02 10.54
C GLY A 76 -13.38 -1.42 9.15
N ALA A 77 -12.21 -2.00 9.01
CA ALA A 77 -11.72 -2.48 7.76
C ALA A 77 -11.12 -3.84 7.83
N ARG A 78 -11.29 -4.63 6.77
CA ARG A 78 -10.72 -5.96 6.66
C ARG A 78 -10.18 -6.18 5.30
N ILE A 79 -8.99 -6.74 5.12
CA ILE A 79 -8.44 -7.07 3.82
C ILE A 79 -8.00 -8.55 3.82
N GLU A 80 -8.10 -9.14 2.66
CA GLU A 80 -7.48 -10.43 2.35
C GLU A 80 -6.17 -10.19 1.70
N VAL A 81 -5.11 -10.84 2.19
CA VAL A 81 -3.79 -10.82 1.52
C VAL A 81 -3.43 -12.23 1.06
N GLN A 82 -3.11 -12.40 -0.21
CA GLN A 82 -2.50 -13.64 -0.71
C GLN A 82 -1.03 -13.59 -0.60
N LEU A 83 -0.44 -14.57 0.10
CA LEU A 83 0.99 -14.63 0.26
C LEU A 83 1.44 -15.94 -0.34
N ASP A 84 2.11 -15.88 -1.49
CA ASP A 84 2.49 -17.12 -2.25
C ASP A 84 1.38 -18.18 -2.22
N GLY A 85 0.21 -17.69 -2.61
CA GLY A 85 -0.95 -18.51 -2.69
C GLY A 85 -1.73 -18.85 -1.46
N ARG A 86 -1.34 -18.36 -0.28
CA ARG A 86 -2.04 -18.70 0.91
C ARG A 86 -2.80 -17.45 1.38
N ARG A 87 -4.10 -17.64 1.58
CA ARG A 87 -4.96 -16.53 2.05
C ARG A 87 -4.69 -16.22 3.50
N HIS A 88 -4.56 -14.92 3.77
CA HIS A 88 -4.46 -14.33 5.08
C HIS A 88 -5.48 -13.21 5.21
N GLU A 89 -5.93 -12.93 6.39
CA GLU A 89 -6.83 -11.78 6.58
C GLU A 89 -6.33 -10.90 7.67
N LEU A 90 -6.53 -9.60 7.51
CA LEU A 90 -6.20 -8.58 8.46
C LEU A 90 -7.44 -7.80 8.83
N LEU A 91 -7.61 -7.58 10.15
CA LEU A 91 -8.68 -6.78 10.69
C LEU A 91 -8.07 -5.52 11.30
N SER A 92 -8.55 -4.35 10.89
CA SER A 92 -7.89 -3.11 11.36
C SER A 92 -8.01 -2.95 12.89
N PRO A 93 -6.96 -2.37 13.49
CA PRO A 93 -5.61 -2.05 12.90
C PRO A 93 -4.72 -3.23 12.86
N ALA A 94 -3.95 -3.33 11.76
CA ALA A 94 -3.05 -4.45 11.59
C ALA A 94 -1.88 -4.09 10.68
N VAL A 95 -0.82 -4.84 10.80
CA VAL A 95 0.36 -4.76 9.98
C VAL A 95 0.76 -6.18 9.56
N MET A 96 1.08 -6.36 8.27
CA MET A 96 1.53 -7.63 7.76
C MET A 96 2.77 -7.45 6.95
N ARG A 97 3.74 -8.28 7.26
CA ARG A 97 4.97 -8.31 6.48
C ARG A 97 4.86 -9.16 5.23
N ILE A 98 5.33 -8.59 4.08
CA ILE A 98 5.36 -9.31 2.82
C ILE A 98 6.83 -9.45 2.41
N PRO A 99 7.46 -10.63 2.58
CA PRO A 99 8.86 -10.79 2.25
C PRO A 99 9.19 -10.45 0.81
N ALA A 100 10.38 -9.93 0.62
CA ALA A 100 10.93 -9.62 -0.74
C ALA A 100 10.81 -10.90 -1.57
N GLY A 101 10.29 -10.72 -2.77
CA GLY A 101 10.13 -11.86 -3.68
C GLY A 101 8.84 -12.61 -3.60
N SER A 102 8.06 -12.44 -2.49
CA SER A 102 6.83 -13.14 -2.28
C SER A 102 5.77 -12.61 -3.29
N GLU A 103 5.06 -13.48 -3.98
CA GLU A 103 4.01 -13.11 -4.90
C GLU A 103 2.81 -12.83 -4.03
N HIS A 104 2.29 -11.61 -4.09
CA HIS A 104 1.17 -11.27 -3.23
C HIS A 104 0.28 -10.19 -3.84
N CYS A 105 -0.83 -9.99 -3.15
CA CYS A 105 -1.78 -8.90 -3.48
C CYS A 105 -2.75 -8.86 -2.35
N PHE A 106 -3.56 -7.79 -2.32
CA PHE A 106 -4.64 -7.70 -1.30
C PHE A 106 -5.97 -7.37 -1.96
N LEU A 107 -7.02 -7.71 -1.24
CA LEU A 107 -8.43 -7.46 -1.60
C LEU A 107 -9.14 -6.86 -0.41
N THR A 108 -9.83 -5.74 -0.61
CA THR A 108 -10.66 -5.16 0.41
C THR A 108 -11.94 -5.92 0.63
N LEU A 109 -12.12 -6.53 1.80
CA LEU A 109 -13.41 -7.25 2.08
C LEU A 109 -14.40 -6.41 2.86
N GLU A 110 -13.96 -5.37 3.62
CA GLU A 110 -14.84 -4.49 4.34
C GLU A 110 -14.09 -3.16 4.49
N ALA A 111 -14.82 -2.05 4.41
CA ALA A 111 -14.21 -0.73 4.64
C ALA A 111 -15.30 0.27 4.94
N GLU A 112 -14.97 1.18 5.79
CA GLU A 112 -15.76 2.39 6.08
C GLU A 112 -15.08 3.58 5.50
N VAL A 113 -15.77 4.71 5.57
CA VAL A 113 -15.15 6.01 5.20
C VAL A 113 -13.96 6.22 6.15
N GLY A 114 -12.80 6.46 5.56
CA GLY A 114 -11.65 6.58 6.34
C GLY A 114 -10.75 5.37 6.53
N SER A 115 -11.13 4.19 5.99
CA SER A 115 -10.24 3.05 6.02
C SER A 115 -9.12 3.33 5.07
N TYR A 116 -7.88 3.02 5.49
CA TYR A 116 -6.67 3.14 4.64
C TYR A 116 -5.86 1.88 4.69
N CYS A 117 -5.26 1.50 3.55
CA CYS A 117 -4.19 0.53 3.51
C CYS A 117 -2.98 1.22 2.86
N PHE A 118 -1.83 1.15 3.48
CA PHE A 118 -0.56 1.61 2.95
C PHE A 118 0.43 0.47 2.84
N GLY A 119 1.33 0.58 1.89
CA GLY A 119 2.38 -0.38 1.69
C GLY A 119 3.66 0.37 1.94
N ILE A 120 4.46 -0.06 2.90
CA ILE A 120 5.71 0.64 3.22
C ILE A 120 6.79 -0.24 2.68
N LEU A 121 7.48 0.23 1.62
CA LEU A 121 8.51 -0.60 0.93
C LEU A 121 9.84 -0.31 1.53
N LEU A 122 10.54 -1.34 2.05
CA LEU A 122 11.72 -1.17 2.85
C LEU A 122 12.96 -1.12 1.96
N GLY A 123 13.04 -0.11 1.18
CA GLY A 123 14.15 0.09 0.20
C GLY A 123 13.77 1.13 -0.77
N ASP A 124 14.76 1.46 -1.59
CA ASP A 124 14.51 2.46 -2.59
C ASP A 124 14.25 1.97 -4.01
N ARG A 125 14.16 0.64 -4.26
CA ARG A 125 13.79 0.10 -5.59
C ARG A 125 12.43 -0.57 -5.57
N LEU A 126 11.82 -0.57 -6.75
CA LEU A 126 10.63 -1.36 -7.07
C LEU A 126 11.02 -2.44 -8.11
ZN ZN B . 3.20 -5.49 -3.52
N TRP C . 2.08 -1.05 -2.18
CA TRP C . 0.94 -1.93 -2.57
C TRP C . 1.44 -2.98 -3.58
O TRP C . 2.60 -3.34 -3.46
CB TRP C . -0.20 -1.06 -3.16
CG TRP C . -1.16 -0.59 -2.09
CD1 TRP C . -0.97 -0.62 -0.75
CD2 TRP C . -2.47 0.02 -2.30
NE1 TRP C . -2.10 -0.10 -0.12
CE2 TRP C . -3.04 0.32 -1.04
CE3 TRP C . -3.22 0.34 -3.46
CZ2 TRP C . -4.31 0.91 -0.93
CZ3 TRP C . -4.48 0.94 -3.34
CH2 TRP C . -5.02 1.22 -2.08
OXT TRP C . 0.66 -3.41 -4.41
H1 TRP C . 2.15 -0.26 -2.85
H2 TRP C . 2.96 -1.60 -2.20
H3 TRP C . 1.91 -0.67 -1.22
HA TRP C . 0.59 -2.44 -1.72
HB2 TRP C . 0.23 -0.20 -3.65
HB3 TRP C . -0.74 -1.64 -3.88
HD1 TRP C . -0.11 -1.01 -0.23
HE1 TRP C . -2.22 -0.02 0.84
HE3 TRP C . -2.81 0.13 -4.43
HZ2 TRP C . -4.71 1.14 0.04
HZ3 TRP C . -5.04 1.19 -4.22
HH2 TRP C . -6.00 1.68 -2.00
N PRO A 4 7.19 30.67 -3.25
CA PRO A 4 6.64 30.15 -2.05
C PRO A 4 6.56 28.58 -2.04
N ALA A 5 7.19 27.84 -2.97
CA ALA A 5 7.33 26.37 -2.74
C ALA A 5 8.32 26.23 -1.62
N ASP A 6 7.97 25.36 -0.66
CA ASP A 6 8.83 25.21 0.54
C ASP A 6 9.54 23.88 0.33
N PRO A 7 10.88 23.81 0.40
CA PRO A 7 11.57 22.58 0.06
C PRO A 7 11.27 21.41 1.03
N GLU A 8 10.78 21.72 2.20
CA GLU A 8 10.46 20.74 3.21
C GLU A 8 9.03 20.15 3.04
N ILE A 9 8.23 20.67 2.09
CA ILE A 9 6.77 20.31 1.99
C ILE A 9 6.57 19.83 0.59
N VAL A 10 5.89 18.69 0.44
CA VAL A 10 5.42 18.19 -0.85
C VAL A 10 3.90 18.11 -0.79
N GLU A 11 3.25 18.91 -1.60
CA GLU A 11 1.76 18.95 -1.73
C GLU A 11 1.33 18.24 -3.01
N GLY A 12 2.27 17.99 -3.90
CA GLY A 12 1.94 17.35 -5.18
C GLY A 12 1.80 15.83 -5.11
N LEU A 13 0.68 15.43 -4.47
CA LEU A 13 0.42 14.04 -4.00
C LEU A 13 -0.98 13.64 -4.31
N PRO A 14 -1.23 12.35 -4.51
CA PRO A 14 -0.21 11.30 -4.63
C PRO A 14 0.55 11.39 -5.93
N ILE A 15 1.59 10.62 -5.99
CA ILE A 15 2.44 10.47 -7.17
C ILE A 15 2.10 9.13 -7.76
N PRO A 16 1.37 9.10 -8.88
CA PRO A 16 0.95 7.82 -9.39
C PRO A 16 2.05 7.23 -10.26
N LEU A 17 2.56 6.06 -9.86
CA LEU A 17 3.63 5.38 -10.51
C LEU A 17 3.18 4.06 -11.12
N ALA A 18 3.65 3.79 -12.33
CA ALA A 18 3.35 2.48 -12.92
C ALA A 18 4.02 1.36 -12.16
N VAL A 19 3.30 0.35 -11.73
CA VAL A 19 3.84 -0.77 -10.92
C VAL A 19 3.37 -2.05 -11.53
N ALA A 20 4.25 -3.02 -11.61
CA ALA A 20 3.83 -4.30 -12.21
C ALA A 20 2.68 -4.93 -11.42
N GLY A 21 1.76 -5.52 -12.18
CA GLY A 21 0.58 -6.14 -11.59
C GLY A 21 -0.64 -5.25 -11.42
N HIS A 22 -0.45 -3.96 -11.41
CA HIS A 22 -1.48 -2.94 -11.20
C HIS A 22 -2.10 -2.57 -12.56
N HIS A 23 -3.35 -2.14 -12.58
CA HIS A 23 -3.95 -1.74 -13.81
C HIS A 23 -4.18 -0.27 -13.95
N GLN A 24 -3.93 0.51 -12.87
CA GLN A 24 -3.78 1.92 -12.95
C GLN A 24 -2.52 2.22 -12.09
N PRO A 25 -1.97 3.40 -12.24
CA PRO A 25 -0.74 3.65 -11.49
C PRO A 25 -1.02 3.61 -10.00
N ALA A 26 -0.01 3.16 -9.21
CA ALA A 26 -0.13 3.02 -7.73
C ALA A 26 0.14 4.37 -7.03
N PRO A 27 -0.76 4.86 -6.19
CA PRO A 27 -0.60 6.17 -5.57
C PRO A 27 0.47 6.21 -4.50
N PHE A 28 1.63 6.84 -4.79
CA PHE A 28 2.70 6.97 -3.81
C PHE A 28 2.60 8.30 -3.09
N TYR A 29 2.90 8.23 -1.80
CA TYR A 29 3.07 9.41 -0.97
C TYR A 29 4.48 9.65 -0.59
N LEU A 30 5.31 8.60 -0.42
CA LEU A 30 6.79 8.78 -0.27
C LEU A 30 7.44 8.07 -1.38
N THR A 31 8.34 8.73 -2.10
CA THR A 31 9.14 8.13 -3.15
C THR A 31 10.64 8.29 -2.84
N ALA A 32 11.45 7.42 -3.45
CA ALA A 32 12.86 7.36 -3.14
C ALA A 32 13.60 8.63 -3.45
N ASP A 33 13.06 9.41 -4.35
CA ASP A 33 13.70 10.66 -4.85
C ASP A 33 13.34 11.91 -4.09
N MET A 34 12.46 11.77 -3.08
CA MET A 34 12.11 12.91 -2.25
C MET A 34 13.20 13.28 -1.23
N PHE A 35 13.26 14.59 -0.94
CA PHE A 35 14.11 15.14 0.08
C PHE A 35 15.54 14.68 -0.04
N GLY A 36 16.00 14.64 -1.28
CA GLY A 36 17.42 14.21 -1.54
C GLY A 36 17.76 12.75 -1.51
N GLY A 37 16.74 11.94 -1.26
CA GLY A 37 16.86 10.57 -1.21
C GLY A 37 16.31 10.00 0.07
N LEU A 38 15.30 9.10 -0.08
CA LEU A 38 14.73 8.40 1.04
C LEU A 38 15.02 6.94 1.06
N PRO A 39 15.06 6.36 2.25
CA PRO A 39 15.41 4.91 2.35
C PRO A 39 14.24 3.94 2.25
N VAL A 40 13.05 4.49 2.11
CA VAL A 40 11.81 3.71 2.01
C VAL A 40 10.88 4.45 1.05
N GLN A 41 9.88 3.74 0.54
CA GLN A 41 8.81 4.32 -0.25
C GLN A 41 7.46 3.94 0.41
N LEU A 42 6.39 4.65 0.10
CA LEU A 42 5.12 4.42 0.74
C LEU A 42 4.00 4.70 -0.20
N ALA A 43 3.11 3.74 -0.40
CA ALA A 43 2.01 3.92 -1.32
C ALA A 43 0.75 3.40 -0.72
N GLY A 44 -0.37 3.95 -1.14
CA GLY A 44 -1.64 3.44 -0.58
C GLY A 44 -2.78 4.34 -0.79
N GLY A 45 -3.84 4.12 -0.04
CA GLY A 45 -5.04 4.91 -0.22
C GLY A 45 -6.20 4.46 0.64
N GLU A 46 -7.28 5.19 0.45
CA GLU A 46 -8.51 5.04 1.16
C GLU A 46 -9.31 3.93 0.47
N LEU A 47 -9.89 2.97 1.20
CA LEU A 47 -10.58 1.84 0.50
C LEU A 47 -12.08 1.85 0.60
N SER A 48 -12.70 2.93 1.02
CA SER A 48 -14.17 2.87 1.07
C SER A 48 -14.76 2.55 -0.29
N THR A 49 -14.15 2.94 -1.40
CA THR A 49 -14.72 2.62 -2.73
C THR A 49 -14.15 1.37 -3.36
N LEU A 50 -13.20 0.68 -2.69
CA LEU A 50 -12.51 -0.52 -3.25
C LEU A 50 -13.00 -1.87 -2.67
N VAL A 51 -14.13 -1.92 -1.99
CA VAL A 51 -14.60 -3.18 -1.40
C VAL A 51 -14.96 -4.07 -2.59
N GLY A 52 -14.34 -5.22 -2.60
CA GLY A 52 -14.60 -6.16 -3.70
C GLY A 52 -13.85 -5.83 -4.97
N LYS A 53 -12.92 -4.88 -4.96
CA LYS A 53 -12.22 -4.41 -6.18
C LYS A 53 -10.73 -4.41 -5.99
N PRO A 54 -9.98 -5.39 -6.49
CA PRO A 54 -8.56 -5.43 -6.15
C PRO A 54 -7.77 -4.47 -7.00
N VAL A 55 -6.75 -3.85 -6.45
CA VAL A 55 -5.90 -2.91 -7.18
C VAL A 55 -4.81 -3.61 -8.01
N ALA A 56 -4.52 -4.89 -7.75
CA ALA A 56 -3.46 -5.56 -8.47
C ALA A 56 -3.65 -7.04 -8.51
N ALA A 57 -2.98 -7.64 -9.45
CA ALA A 57 -2.83 -9.11 -9.52
C ALA A 57 -1.64 -9.48 -8.67
N PRO A 58 -1.43 -10.79 -8.42
CA PRO A 58 -0.21 -11.22 -7.68
C PRO A 58 1.00 -10.67 -8.31
N HIS A 59 1.82 -10.02 -7.46
CA HIS A 59 3.02 -9.32 -7.91
C HIS A 59 4.12 -9.48 -6.87
N THR A 60 5.31 -9.00 -7.22
CA THR A 60 6.45 -9.06 -6.35
C THR A 60 7.22 -7.76 -6.29
N HIS A 61 8.11 -7.61 -5.29
CA HIS A 61 9.01 -6.44 -5.24
C HIS A 61 10.32 -6.92 -4.68
N PRO A 62 11.38 -6.26 -5.01
CA PRO A 62 12.66 -6.72 -4.63
C PRO A 62 13.05 -6.40 -3.24
N VAL A 63 12.14 -5.78 -2.46
CA VAL A 63 12.38 -5.38 -1.10
C VAL A 63 11.15 -5.88 -0.28
N ASP A 64 11.35 -5.96 1.00
CA ASP A 64 10.25 -6.31 1.88
C ASP A 64 9.22 -5.16 1.88
N GLU A 65 7.91 -5.57 1.96
CA GLU A 65 6.70 -4.66 1.93
C GLU A 65 5.86 -4.81 3.23
N LEU A 66 5.63 -3.74 4.02
CA LEU A 66 4.73 -3.89 5.21
C LEU A 66 3.41 -3.29 4.85
N TYR A 67 2.33 -4.02 4.96
CA TYR A 67 1.02 -3.46 4.84
C TYR A 67 0.60 -2.92 6.17
N LEU A 68 0.03 -1.72 6.18
CA LEU A 68 -0.60 -1.13 7.36
C LEU A 68 -2.03 -0.82 7.06
N LEU A 69 -2.94 -1.37 7.84
CA LEU A 69 -4.38 -1.22 7.65
C LEU A 69 -4.93 -0.51 8.87
N VAL A 70 -5.59 0.63 8.64
CA VAL A 70 -6.20 1.43 9.73
C VAL A 70 -7.62 1.82 9.37
N SER A 71 -8.49 2.11 10.36
CA SER A 71 -9.79 2.60 10.14
C SER A 71 -10.28 3.34 11.41
N PRO A 72 -11.21 4.32 11.18
CA PRO A 72 -11.58 5.12 12.38
C PRO A 72 -12.18 4.32 13.51
N ASN A 73 -12.94 3.34 13.18
CA ASN A 73 -13.45 2.42 14.19
C ASN A 73 -12.61 1.18 14.23
N LYS A 74 -12.36 0.66 15.44
CA LYS A 74 -11.73 -0.61 15.63
C LYS A 74 -12.47 -1.67 14.82
N GLY A 75 -11.70 -2.41 14.00
CA GLY A 75 -12.33 -3.42 13.12
C GLY A 75 -13.19 -2.90 11.97
N GLY A 76 -13.06 -1.62 11.65
CA GLY A 76 -13.77 -1.02 10.54
C GLY A 76 -13.38 -1.42 9.15
N ALA A 77 -12.21 -2.00 9.01
CA ALA A 77 -11.72 -2.48 7.76
C ALA A 77 -11.12 -3.84 7.83
N ARG A 78 -11.29 -4.63 6.77
CA ARG A 78 -10.72 -5.96 6.66
C ARG A 78 -10.18 -6.18 5.30
N ILE A 79 -8.99 -6.74 5.12
CA ILE A 79 -8.44 -7.07 3.82
C ILE A 79 -8.00 -8.55 3.82
N GLU A 80 -8.10 -9.14 2.66
CA GLU A 80 -7.48 -10.43 2.35
C GLU A 80 -6.17 -10.19 1.70
N VAL A 81 -5.11 -10.84 2.19
CA VAL A 81 -3.79 -10.82 1.52
C VAL A 81 -3.43 -12.23 1.06
N GLN A 82 -3.11 -12.40 -0.21
CA GLN A 82 -2.50 -13.64 -0.71
C GLN A 82 -1.03 -13.59 -0.60
N LEU A 83 -0.44 -14.57 0.10
CA LEU A 83 0.99 -14.63 0.26
C LEU A 83 1.44 -15.94 -0.34
N ASP A 84 2.11 -15.88 -1.49
CA ASP A 84 2.49 -17.12 -2.25
C ASP A 84 1.38 -18.18 -2.22
N GLY A 85 0.21 -17.69 -2.61
CA GLY A 85 -0.95 -18.51 -2.69
C GLY A 85 -1.73 -18.85 -1.46
N ARG A 86 -1.34 -18.36 -0.28
CA ARG A 86 -2.04 -18.70 0.91
C ARG A 86 -2.80 -17.45 1.38
N ARG A 87 -4.10 -17.64 1.58
CA ARG A 87 -4.96 -16.53 2.05
C ARG A 87 -4.69 -16.22 3.50
N HIS A 88 -4.56 -14.92 3.77
CA HIS A 88 -4.46 -14.33 5.08
C HIS A 88 -5.48 -13.21 5.21
N GLU A 89 -5.93 -12.93 6.39
CA GLU A 89 -6.83 -11.78 6.58
C GLU A 89 -6.33 -10.90 7.67
N LEU A 90 -6.53 -9.60 7.51
CA LEU A 90 -6.20 -8.58 8.46
C LEU A 90 -7.44 -7.80 8.83
N LEU A 91 -7.61 -7.58 10.15
CA LEU A 91 -8.68 -6.78 10.69
C LEU A 91 -8.07 -5.52 11.30
N SER A 92 -8.55 -4.35 10.89
CA SER A 92 -7.89 -3.11 11.36
C SER A 92 -8.01 -2.95 12.89
N PRO A 93 -6.96 -2.37 13.49
CA PRO A 93 -5.61 -2.05 12.90
C PRO A 93 -4.72 -3.23 12.86
N ALA A 94 -3.95 -3.33 11.76
CA ALA A 94 -3.05 -4.45 11.59
C ALA A 94 -1.88 -4.09 10.68
N VAL A 95 -0.82 -4.84 10.80
CA VAL A 95 0.36 -4.76 9.98
C VAL A 95 0.76 -6.18 9.56
N MET A 96 1.08 -6.36 8.27
CA MET A 96 1.53 -7.63 7.76
C MET A 96 2.77 -7.45 6.95
N ARG A 97 3.74 -8.28 7.26
CA ARG A 97 4.97 -8.31 6.48
C ARG A 97 4.86 -9.16 5.23
N ILE A 98 5.33 -8.59 4.08
CA ILE A 98 5.36 -9.31 2.82
C ILE A 98 6.83 -9.45 2.41
N PRO A 99 7.46 -10.63 2.58
CA PRO A 99 8.86 -10.79 2.25
C PRO A 99 9.19 -10.45 0.81
N ALA A 100 10.38 -9.93 0.62
CA ALA A 100 10.93 -9.62 -0.74
C ALA A 100 10.81 -10.90 -1.57
N GLY A 101 10.29 -10.72 -2.77
CA GLY A 101 10.13 -11.86 -3.68
C GLY A 101 8.84 -12.61 -3.60
N SER A 102 8.06 -12.44 -2.49
CA SER A 102 6.83 -13.14 -2.28
C SER A 102 5.77 -12.61 -3.29
N GLU A 103 5.06 -13.48 -3.98
CA GLU A 103 4.01 -13.11 -4.90
C GLU A 103 2.81 -12.83 -4.03
N HIS A 104 2.31 -11.61 -4.08
CA HIS A 104 1.19 -11.25 -3.21
C HIS A 104 0.30 -10.18 -3.83
N CYS A 105 -0.83 -9.99 -3.15
CA CYS A 105 -1.78 -8.90 -3.48
C CYS A 105 -2.75 -8.86 -2.35
N PHE A 106 -3.56 -7.79 -2.32
CA PHE A 106 -4.64 -7.70 -1.30
C PHE A 106 -5.97 -7.37 -1.96
N LEU A 107 -7.02 -7.71 -1.24
CA LEU A 107 -8.43 -7.46 -1.60
C LEU A 107 -9.14 -6.86 -0.41
N THR A 108 -9.83 -5.74 -0.61
CA THR A 108 -10.66 -5.16 0.41
C THR A 108 -11.94 -5.92 0.63
N LEU A 109 -12.12 -6.53 1.80
CA LEU A 109 -13.41 -7.25 2.08
C LEU A 109 -14.40 -6.41 2.86
N GLU A 110 -13.96 -5.37 3.62
CA GLU A 110 -14.84 -4.49 4.34
C GLU A 110 -14.09 -3.16 4.49
N ALA A 111 -14.82 -2.05 4.41
CA ALA A 111 -14.21 -0.73 4.64
C ALA A 111 -15.30 0.27 4.94
N GLU A 112 -14.97 1.18 5.79
CA GLU A 112 -15.76 2.39 6.08
C GLU A 112 -15.08 3.58 5.50
N VAL A 113 -15.77 4.71 5.57
CA VAL A 113 -15.15 6.01 5.20
C VAL A 113 -13.96 6.22 6.15
N GLY A 114 -12.80 6.46 5.56
CA GLY A 114 -11.65 6.58 6.34
C GLY A 114 -10.75 5.37 6.53
N SER A 115 -11.13 4.19 5.99
CA SER A 115 -10.24 3.05 6.02
C SER A 115 -9.12 3.33 5.07
N TYR A 116 -7.88 3.02 5.49
CA TYR A 116 -6.67 3.14 4.64
C TYR A 116 -5.86 1.88 4.69
N CYS A 117 -5.26 1.50 3.55
CA CYS A 117 -4.19 0.53 3.51
C CYS A 117 -2.98 1.22 2.86
N PHE A 118 -1.83 1.15 3.48
CA PHE A 118 -0.56 1.61 2.95
C PHE A 118 0.43 0.47 2.84
N GLY A 119 1.33 0.58 1.89
CA GLY A 119 2.38 -0.39 1.70
C GLY A 119 3.66 0.37 1.94
N ILE A 120 4.46 -0.06 2.90
CA ILE A 120 5.71 0.64 3.22
C ILE A 120 6.79 -0.24 2.68
N LEU A 121 7.48 0.23 1.62
CA LEU A 121 8.51 -0.60 0.93
C LEU A 121 9.84 -0.31 1.53
N LEU A 122 10.54 -1.34 2.05
CA LEU A 122 11.72 -1.17 2.85
C LEU A 122 12.96 -1.12 1.96
N GLY A 123 13.04 -0.11 1.18
CA GLY A 123 14.15 0.09 0.20
C GLY A 123 13.77 1.13 -0.77
N ASP A 124 14.76 1.46 -1.59
CA ASP A 124 14.51 2.46 -2.59
C ASP A 124 14.25 1.97 -4.01
N ARG A 125 14.16 0.64 -4.26
CA ARG A 125 13.79 0.10 -5.59
C ARG A 125 12.43 -0.57 -5.57
N LEU A 126 11.82 -0.57 -6.75
CA LEU A 126 10.63 -1.36 -7.07
C LEU A 126 11.02 -2.44 -8.11
ZN ZN B . 3.24 -5.25 -3.05
N TRP C . 2.13 -0.17 -1.61
CA TRP C . 1.53 -1.47 -2.03
C TRP C . 2.55 -2.29 -2.82
O TRP C . 2.16 -3.32 -3.33
CB TRP C . 0.27 -1.19 -2.88
CG TRP C . -0.90 -0.70 -2.05
CD1 TRP C . -0.97 -0.70 -0.68
CD2 TRP C . -2.17 -0.10 -2.50
NE1 TRP C . -2.19 -0.17 -0.30
CE2 TRP C . -2.96 0.21 -1.37
CE3 TRP C . -2.72 0.18 -3.78
CZ2 TRP C . -4.21 0.79 -1.49
CZ3 TRP C . -3.99 0.77 -3.89
CH2 TRP C . -4.74 1.08 -2.74
OXT TRP C . 3.69 -1.86 -2.90
H1 TRP C . 2.44 0.35 -2.45
H2 TRP C . 2.95 -0.36 -1.00
H3 TRP C . 1.44 0.40 -1.10
HA TRP C . 1.26 -2.03 -1.16
HB2 TRP C . 0.51 -0.44 -3.62
HB3 TRP C . -0.02 -2.09 -3.39
HD1 TRP C . -0.22 -1.05 0.00
HE1 TRP C . -2.49 -0.06 0.63
HE3 TRP C . -2.18 -0.05 -4.68
HZ2 TRP C . -4.79 1.03 -0.60
HZ3 TRP C . -4.39 1.00 -4.87
HH2 TRP C . -5.71 1.52 -2.85
N PRO A 4 7.19 30.67 -3.25
CA PRO A 4 6.64 30.15 -2.05
C PRO A 4 6.56 28.58 -2.04
N ALA A 5 7.19 27.84 -2.97
CA ALA A 5 7.33 26.37 -2.74
C ALA A 5 8.32 26.23 -1.62
N ASP A 6 7.97 25.36 -0.66
CA ASP A 6 8.83 25.21 0.54
C ASP A 6 9.54 23.88 0.33
N PRO A 7 10.88 23.81 0.40
CA PRO A 7 11.57 22.58 0.06
C PRO A 7 11.27 21.41 1.03
N GLU A 8 10.78 21.72 2.20
CA GLU A 8 10.46 20.74 3.21
C GLU A 8 9.03 20.15 3.04
N ILE A 9 8.23 20.67 2.09
CA ILE A 9 6.77 20.31 1.99
C ILE A 9 6.57 19.83 0.59
N VAL A 10 5.89 18.69 0.44
CA VAL A 10 5.42 18.19 -0.85
C VAL A 10 3.90 18.11 -0.79
N GLU A 11 3.25 18.91 -1.60
CA GLU A 11 1.76 18.95 -1.73
C GLU A 11 1.33 18.24 -3.01
N GLY A 12 2.27 17.99 -3.90
CA GLY A 12 1.94 17.35 -5.18
C GLY A 12 1.80 15.83 -5.11
N LEU A 13 0.68 15.43 -4.47
CA LEU A 13 0.42 14.04 -4.00
C LEU A 13 -0.98 13.64 -4.31
N PRO A 14 -1.23 12.35 -4.51
CA PRO A 14 -0.21 11.30 -4.63
C PRO A 14 0.55 11.39 -5.93
N ILE A 15 1.59 10.62 -5.99
CA ILE A 15 2.44 10.47 -7.17
C ILE A 15 2.10 9.13 -7.76
N PRO A 16 1.37 9.10 -8.88
CA PRO A 16 0.95 7.82 -9.39
C PRO A 16 2.05 7.23 -10.26
N LEU A 17 2.56 6.06 -9.86
CA LEU A 17 3.63 5.38 -10.51
C LEU A 17 3.18 4.06 -11.12
N ALA A 18 3.65 3.79 -12.33
CA ALA A 18 3.35 2.48 -12.92
C ALA A 18 4.02 1.36 -12.16
N VAL A 19 3.30 0.35 -11.73
CA VAL A 19 3.84 -0.77 -10.92
C VAL A 19 3.37 -2.05 -11.53
N ALA A 20 4.25 -3.02 -11.61
CA ALA A 20 3.83 -4.30 -12.21
C ALA A 20 2.68 -4.93 -11.42
N GLY A 21 1.76 -5.52 -12.18
CA GLY A 21 0.58 -6.14 -11.59
C GLY A 21 -0.64 -5.25 -11.42
N HIS A 22 -0.45 -3.96 -11.41
CA HIS A 22 -1.48 -2.94 -11.20
C HIS A 22 -2.10 -2.57 -12.56
N HIS A 23 -3.35 -2.14 -12.58
CA HIS A 23 -3.95 -1.74 -13.81
C HIS A 23 -4.18 -0.27 -13.95
N GLN A 24 -3.93 0.51 -12.87
CA GLN A 24 -3.78 1.92 -12.95
C GLN A 24 -2.52 2.22 -12.09
N PRO A 25 -1.97 3.40 -12.24
CA PRO A 25 -0.74 3.65 -11.49
C PRO A 25 -1.02 3.61 -10.00
N ALA A 26 -0.01 3.16 -9.21
CA ALA A 26 -0.13 3.02 -7.73
C ALA A 26 0.14 4.37 -7.03
N PRO A 27 -0.76 4.86 -6.19
CA PRO A 27 -0.60 6.17 -5.57
C PRO A 27 0.47 6.21 -4.50
N PHE A 28 1.63 6.84 -4.79
CA PHE A 28 2.70 6.97 -3.81
C PHE A 28 2.60 8.30 -3.09
N TYR A 29 2.90 8.23 -1.80
CA TYR A 29 3.07 9.41 -0.97
C TYR A 29 4.48 9.65 -0.59
N LEU A 30 5.31 8.60 -0.42
CA LEU A 30 6.79 8.78 -0.27
C LEU A 30 7.44 8.07 -1.38
N THR A 31 8.34 8.73 -2.10
CA THR A 31 9.14 8.13 -3.15
C THR A 31 10.64 8.29 -2.84
N ALA A 32 11.45 7.42 -3.45
CA ALA A 32 12.86 7.36 -3.14
C ALA A 32 13.60 8.63 -3.45
N ASP A 33 13.06 9.41 -4.35
CA ASP A 33 13.70 10.66 -4.85
C ASP A 33 13.34 11.91 -4.09
N MET A 34 12.46 11.77 -3.08
CA MET A 34 12.11 12.91 -2.25
C MET A 34 13.20 13.28 -1.23
N PHE A 35 13.26 14.59 -0.94
CA PHE A 35 14.11 15.14 0.08
C PHE A 35 15.54 14.68 -0.04
N GLY A 36 16.00 14.64 -1.28
CA GLY A 36 17.42 14.21 -1.54
C GLY A 36 17.76 12.75 -1.51
N GLY A 37 16.74 11.94 -1.26
CA GLY A 37 16.86 10.57 -1.21
C GLY A 37 16.31 10.00 0.07
N LEU A 38 15.30 9.10 -0.08
CA LEU A 38 14.73 8.40 1.04
C LEU A 38 15.02 6.94 1.06
N PRO A 39 15.06 6.36 2.25
CA PRO A 39 15.41 4.91 2.35
C PRO A 39 14.24 3.94 2.25
N VAL A 40 13.05 4.49 2.11
CA VAL A 40 11.81 3.71 2.01
C VAL A 40 10.88 4.45 1.05
N GLN A 41 9.88 3.74 0.54
CA GLN A 41 8.81 4.32 -0.25
C GLN A 41 7.46 3.94 0.41
N LEU A 42 6.39 4.65 0.10
CA LEU A 42 5.12 4.42 0.74
C LEU A 42 4.00 4.70 -0.20
N ALA A 43 3.11 3.77 -0.39
CA ALA A 43 2.00 3.97 -1.31
C ALA A 43 0.75 3.42 -0.72
N GLY A 44 -0.37 3.95 -1.14
CA GLY A 44 -1.64 3.44 -0.58
C GLY A 44 -2.78 4.34 -0.79
N GLY A 45 -3.84 4.12 -0.04
CA GLY A 45 -5.04 4.91 -0.22
C GLY A 45 -6.20 4.46 0.64
N GLU A 46 -7.28 5.19 0.45
CA GLU A 46 -8.51 5.04 1.16
C GLU A 46 -9.31 3.93 0.47
N LEU A 47 -9.89 2.97 1.20
CA LEU A 47 -10.58 1.84 0.50
C LEU A 47 -12.08 1.85 0.61
N SER A 48 -12.70 2.93 1.02
CA SER A 48 -14.17 2.87 1.07
C SER A 48 -14.76 2.55 -0.29
N THR A 49 -14.15 2.94 -1.40
CA THR A 49 -14.72 2.62 -2.73
C THR A 49 -14.15 1.37 -3.36
N LEU A 50 -13.20 0.68 -2.69
CA LEU A 50 -12.52 -0.51 -3.26
C LEU A 50 -13.00 -1.87 -2.67
N VAL A 51 -14.13 -1.92 -1.99
CA VAL A 51 -14.60 -3.18 -1.40
C VAL A 51 -14.96 -4.07 -2.59
N GLY A 52 -14.34 -5.22 -2.60
CA GLY A 52 -14.60 -6.16 -3.70
C GLY A 52 -13.85 -5.83 -4.97
N LYS A 53 -12.92 -4.88 -4.96
CA LYS A 53 -12.22 -4.41 -6.18
C LYS A 53 -10.73 -4.41 -5.99
N PRO A 54 -9.98 -5.39 -6.49
CA PRO A 54 -8.56 -5.43 -6.15
C PRO A 54 -7.77 -4.47 -7.00
N VAL A 55 -6.75 -3.84 -6.46
CA VAL A 55 -5.95 -2.91 -7.25
C VAL A 55 -4.83 -3.62 -8.05
N ALA A 56 -4.52 -4.89 -7.75
CA ALA A 56 -3.46 -5.56 -8.47
C ALA A 56 -3.65 -7.04 -8.51
N ALA A 57 -2.98 -7.64 -9.45
CA ALA A 57 -2.83 -9.11 -9.52
C ALA A 57 -1.64 -9.48 -8.67
N PRO A 58 -1.43 -10.79 -8.42
CA PRO A 58 -0.21 -11.22 -7.68
C PRO A 58 1.00 -10.67 -8.31
N HIS A 59 1.83 -10.05 -7.46
CA HIS A 59 3.04 -9.40 -7.93
C HIS A 59 4.12 -9.48 -6.87
N THR A 60 5.31 -9.00 -7.22
CA THR A 60 6.45 -9.06 -6.35
C THR A 60 7.22 -7.76 -6.29
N HIS A 61 8.09 -7.64 -5.23
CA HIS A 61 8.97 -6.46 -5.02
C HIS A 61 10.34 -6.94 -4.65
N PRO A 62 11.38 -6.26 -5.01
CA PRO A 62 12.66 -6.72 -4.63
C PRO A 62 13.05 -6.40 -3.24
N VAL A 63 12.14 -5.78 -2.46
CA VAL A 63 12.38 -5.38 -1.10
C VAL A 63 11.15 -5.88 -0.28
N ASP A 64 11.35 -5.96 1.00
CA ASP A 64 10.25 -6.31 1.88
C ASP A 64 9.22 -5.16 1.88
N GLU A 65 7.93 -5.54 1.98
CA GLU A 65 6.80 -4.58 1.96
C GLU A 65 5.89 -4.80 3.20
N LEU A 66 5.63 -3.74 4.02
CA LEU A 66 4.73 -3.89 5.21
C LEU A 66 3.41 -3.29 4.85
N TYR A 67 2.33 -4.02 4.96
CA TYR A 67 1.02 -3.46 4.84
C TYR A 67 0.60 -2.92 6.17
N LEU A 68 0.03 -1.72 6.18
CA LEU A 68 -0.60 -1.13 7.36
C LEU A 68 -2.03 -0.82 7.06
N LEU A 69 -2.94 -1.37 7.84
CA LEU A 69 -4.38 -1.22 7.65
C LEU A 69 -4.93 -0.51 8.87
N VAL A 70 -5.59 0.63 8.64
CA VAL A 70 -6.20 1.43 9.73
C VAL A 70 -7.62 1.82 9.37
N SER A 71 -8.49 2.11 10.36
CA SER A 71 -9.79 2.60 10.14
C SER A 71 -10.28 3.34 11.41
N PRO A 72 -11.21 4.32 11.18
CA PRO A 72 -11.58 5.12 12.38
C PRO A 72 -12.18 4.32 13.51
N ASN A 73 -12.94 3.34 13.18
CA ASN A 73 -13.45 2.42 14.19
C ASN A 73 -12.61 1.18 14.23
N LYS A 74 -12.36 0.66 15.44
CA LYS A 74 -11.73 -0.61 15.63
C LYS A 74 -12.47 -1.67 14.82
N GLY A 75 -11.70 -2.41 14.00
CA GLY A 75 -12.33 -3.42 13.12
C GLY A 75 -13.19 -2.90 11.97
N GLY A 76 -13.06 -1.62 11.65
CA GLY A 76 -13.77 -1.02 10.54
C GLY A 76 -13.38 -1.42 9.15
N ALA A 77 -12.21 -2.00 9.01
CA ALA A 77 -11.72 -2.48 7.76
C ALA A 77 -11.12 -3.84 7.83
N ARG A 78 -11.29 -4.63 6.77
CA ARG A 78 -10.72 -5.96 6.66
C ARG A 78 -10.18 -6.18 5.30
N ILE A 79 -8.99 -6.74 5.12
CA ILE A 79 -8.44 -7.07 3.82
C ILE A 79 -8.00 -8.55 3.82
N GLU A 80 -8.10 -9.14 2.66
CA GLU A 80 -7.48 -10.43 2.35
C GLU A 80 -6.17 -10.19 1.70
N VAL A 81 -5.11 -10.84 2.19
CA VAL A 81 -3.79 -10.82 1.52
C VAL A 81 -3.43 -12.23 1.06
N GLN A 82 -3.11 -12.40 -0.21
CA GLN A 82 -2.50 -13.64 -0.71
C GLN A 82 -1.03 -13.59 -0.60
N LEU A 83 -0.44 -14.57 0.10
CA LEU A 83 0.99 -14.63 0.26
C LEU A 83 1.44 -15.94 -0.34
N ASP A 84 2.11 -15.88 -1.49
CA ASP A 84 2.49 -17.12 -2.25
C ASP A 84 1.38 -18.18 -2.22
N GLY A 85 0.21 -17.69 -2.61
CA GLY A 85 -0.95 -18.51 -2.69
C GLY A 85 -1.73 -18.85 -1.46
N ARG A 86 -1.34 -18.36 -0.28
CA ARG A 86 -2.04 -18.70 0.91
C ARG A 86 -2.80 -17.45 1.38
N ARG A 87 -4.10 -17.64 1.58
CA ARG A 87 -4.96 -16.53 2.05
C ARG A 87 -4.69 -16.22 3.50
N HIS A 88 -4.56 -14.92 3.77
CA HIS A 88 -4.46 -14.33 5.08
C HIS A 88 -5.48 -13.21 5.21
N GLU A 89 -5.93 -12.93 6.39
CA GLU A 89 -6.83 -11.78 6.58
C GLU A 89 -6.33 -10.90 7.67
N LEU A 90 -6.53 -9.60 7.51
CA LEU A 90 -6.20 -8.58 8.46
C LEU A 90 -7.44 -7.80 8.83
N LEU A 91 -7.61 -7.58 10.15
CA LEU A 91 -8.68 -6.78 10.69
C LEU A 91 -8.07 -5.52 11.30
N SER A 92 -8.55 -4.35 10.89
CA SER A 92 -7.89 -3.11 11.36
C SER A 92 -8.01 -2.95 12.89
N PRO A 93 -6.96 -2.37 13.49
CA PRO A 93 -5.61 -2.05 12.90
C PRO A 93 -4.72 -3.23 12.86
N ALA A 94 -3.95 -3.33 11.76
CA ALA A 94 -3.05 -4.45 11.59
C ALA A 94 -1.88 -4.09 10.68
N VAL A 95 -0.82 -4.84 10.80
CA VAL A 95 0.36 -4.76 9.98
C VAL A 95 0.76 -6.18 9.56
N MET A 96 1.08 -6.36 8.27
CA MET A 96 1.53 -7.63 7.76
C MET A 96 2.77 -7.45 6.95
N ARG A 97 3.74 -8.28 7.26
CA ARG A 97 4.97 -8.31 6.48
C ARG A 97 4.86 -9.16 5.23
N ILE A 98 5.33 -8.59 4.08
CA ILE A 98 5.36 -9.31 2.82
C ILE A 98 6.83 -9.45 2.41
N PRO A 99 7.46 -10.63 2.58
CA PRO A 99 8.86 -10.79 2.25
C PRO A 99 9.19 -10.45 0.81
N ALA A 100 10.38 -9.93 0.62
CA ALA A 100 10.93 -9.62 -0.74
C ALA A 100 10.81 -10.90 -1.57
N GLY A 101 10.29 -10.72 -2.77
CA GLY A 101 10.13 -11.86 -3.68
C GLY A 101 8.84 -12.61 -3.60
N SER A 102 8.06 -12.44 -2.49
CA SER A 102 6.83 -13.14 -2.28
C SER A 102 5.77 -12.61 -3.29
N GLU A 103 5.06 -13.48 -3.98
CA GLU A 103 4.01 -13.11 -4.90
C GLU A 103 2.81 -12.83 -4.03
N HIS A 104 2.35 -11.56 -4.07
CA HIS A 104 1.27 -11.14 -3.18
C HIS A 104 0.32 -10.13 -3.81
N CYS A 105 -0.83 -9.99 -3.15
CA CYS A 105 -1.78 -8.90 -3.48
C CYS A 105 -2.75 -8.86 -2.35
N PHE A 106 -3.56 -7.79 -2.32
CA PHE A 106 -4.64 -7.70 -1.30
C PHE A 106 -5.97 -7.37 -1.96
N LEU A 107 -7.02 -7.71 -1.24
CA LEU A 107 -8.43 -7.46 -1.60
C LEU A 107 -9.14 -6.86 -0.41
N THR A 108 -9.83 -5.74 -0.61
CA THR A 108 -10.66 -5.16 0.41
C THR A 108 -11.94 -5.92 0.63
N LEU A 109 -12.12 -6.53 1.80
CA LEU A 109 -13.41 -7.25 2.08
C LEU A 109 -14.40 -6.41 2.86
N GLU A 110 -13.96 -5.37 3.62
CA GLU A 110 -14.84 -4.49 4.34
C GLU A 110 -14.09 -3.16 4.49
N ALA A 111 -14.82 -2.05 4.41
CA ALA A 111 -14.21 -0.73 4.64
C ALA A 111 -15.30 0.27 4.94
N GLU A 112 -14.97 1.18 5.79
CA GLU A 112 -15.76 2.39 6.08
C GLU A 112 -15.08 3.58 5.50
N VAL A 113 -15.77 4.71 5.57
CA VAL A 113 -15.15 6.01 5.20
C VAL A 113 -13.96 6.22 6.15
N GLY A 114 -12.80 6.46 5.56
CA GLY A 114 -11.65 6.58 6.34
C GLY A 114 -10.75 5.37 6.53
N SER A 115 -11.13 4.19 5.99
CA SER A 115 -10.24 3.05 6.02
C SER A 115 -9.12 3.33 5.07
N TYR A 116 -7.88 3.02 5.49
CA TYR A 116 -6.67 3.14 4.64
C TYR A 116 -5.86 1.88 4.69
N CYS A 117 -5.26 1.50 3.55
CA CYS A 117 -4.19 0.53 3.51
C CYS A 117 -2.98 1.22 2.86
N PHE A 118 -1.83 1.15 3.48
CA PHE A 118 -0.56 1.61 2.95
C PHE A 118 0.43 0.47 2.84
N GLY A 119 1.33 0.57 1.88
CA GLY A 119 2.38 -0.40 1.68
C GLY A 119 3.66 0.37 1.94
N ILE A 120 4.46 -0.06 2.90
CA ILE A 120 5.71 0.64 3.22
C ILE A 120 6.79 -0.24 2.68
N LEU A 121 7.48 0.23 1.62
CA LEU A 121 8.51 -0.60 0.93
C LEU A 121 9.84 -0.31 1.53
N LEU A 122 10.54 -1.34 2.05
CA LEU A 122 11.72 -1.17 2.85
C LEU A 122 12.96 -1.12 1.96
N GLY A 123 13.04 -0.11 1.18
CA GLY A 123 14.15 0.09 0.20
C GLY A 123 13.77 1.13 -0.77
N ASP A 124 14.76 1.46 -1.59
CA ASP A 124 14.51 2.46 -2.59
C ASP A 124 14.25 1.97 -4.01
N ARG A 125 14.16 0.64 -4.26
CA ARG A 125 13.79 0.10 -5.59
C ARG A 125 12.43 -0.57 -5.57
N LEU A 126 11.82 -0.57 -6.75
CA LEU A 126 10.63 -1.36 -7.07
C LEU A 126 11.02 -2.44 -8.11
ZN ZN B . 3.10 -4.93 -3.64
N TRP C . 1.69 -1.21 -1.72
CA TRP C . 0.54 -1.72 -2.50
C TRP C . 1.04 -2.67 -3.60
O TRP C . 2.25 -2.86 -3.68
CB TRP C . -0.25 -0.51 -3.09
CG TRP C . -1.42 -0.16 -2.21
CD1 TRP C . -1.48 -0.32 -0.86
CD2 TRP C . -2.70 0.43 -2.59
NE1 TRP C . -2.71 0.10 -0.41
CE2 TRP C . -3.50 0.57 -1.44
CE3 TRP C . -3.24 0.83 -3.84
CZ2 TRP C . -4.79 1.10 -1.51
CZ3 TRP C . -4.53 1.36 -3.90
CH2 TRP C . -5.31 1.49 -2.74
OXT TRP C . 0.21 -3.20 -4.32
H1 TRP C . 2.41 -1.96 -1.64
H2 TRP C . 1.37 -0.91 -0.77
H3 TRP C . 2.11 -0.39 -2.21
HA TRP C . -0.10 -2.27 -1.85
HB2 TRP C . 0.42 0.34 -3.16
HB3 TRP C . -0.61 -0.76 -4.07
HD1 TRP C . -0.68 -0.72 -0.24
HE1 TRP C . -3.01 0.08 0.52
HE3 TRP C . -2.65 0.72 -4.74
HZ2 TRP C . -5.38 1.20 -0.60
HZ3 TRP C . -4.94 1.67 -4.86
HH2 TRP C . -6.31 1.91 -2.80
N PRO A 4 7.19 30.67 -3.25
CA PRO A 4 6.64 30.15 -2.05
C PRO A 4 6.56 28.58 -2.04
N ALA A 5 7.19 27.84 -2.97
CA ALA A 5 7.33 26.37 -2.74
C ALA A 5 8.32 26.23 -1.62
N ASP A 6 7.97 25.36 -0.66
CA ASP A 6 8.83 25.21 0.54
C ASP A 6 9.54 23.88 0.33
N PRO A 7 10.88 23.81 0.40
CA PRO A 7 11.57 22.58 0.06
C PRO A 7 11.27 21.41 1.03
N GLU A 8 10.78 21.72 2.20
CA GLU A 8 10.46 20.74 3.21
C GLU A 8 9.03 20.15 3.04
N ILE A 9 8.23 20.67 2.09
CA ILE A 9 6.77 20.31 1.99
C ILE A 9 6.57 19.83 0.59
N VAL A 10 5.89 18.69 0.44
CA VAL A 10 5.42 18.19 -0.85
C VAL A 10 3.90 18.11 -0.79
N GLU A 11 3.25 18.91 -1.60
CA GLU A 11 1.76 18.95 -1.73
C GLU A 11 1.33 18.24 -3.01
N GLY A 12 2.27 17.99 -3.90
CA GLY A 12 1.94 17.35 -5.18
C GLY A 12 1.80 15.83 -5.11
N LEU A 13 0.68 15.43 -4.47
CA LEU A 13 0.42 14.04 -4.00
C LEU A 13 -0.98 13.64 -4.31
N PRO A 14 -1.23 12.35 -4.51
CA PRO A 14 -0.21 11.30 -4.63
C PRO A 14 0.55 11.39 -5.93
N ILE A 15 1.59 10.62 -5.99
CA ILE A 15 2.44 10.47 -7.17
C ILE A 15 2.10 9.13 -7.76
N PRO A 16 1.37 9.10 -8.88
CA PRO A 16 0.95 7.82 -9.39
C PRO A 16 2.05 7.23 -10.26
N LEU A 17 2.56 6.06 -9.86
CA LEU A 17 3.63 5.38 -10.51
C LEU A 17 3.18 4.06 -11.12
N ALA A 18 3.65 3.79 -12.33
CA ALA A 18 3.35 2.48 -12.92
C ALA A 18 4.02 1.36 -12.16
N VAL A 19 3.30 0.35 -11.73
CA VAL A 19 3.84 -0.77 -10.92
C VAL A 19 3.37 -2.05 -11.53
N ALA A 20 4.25 -3.02 -11.61
CA ALA A 20 3.83 -4.30 -12.21
C ALA A 20 2.68 -4.93 -11.42
N GLY A 21 1.76 -5.52 -12.18
CA GLY A 21 0.58 -6.14 -11.59
C GLY A 21 -0.64 -5.25 -11.42
N HIS A 22 -0.45 -3.96 -11.41
CA HIS A 22 -1.48 -2.94 -11.20
C HIS A 22 -2.10 -2.57 -12.56
N HIS A 23 -3.35 -2.14 -12.58
CA HIS A 23 -3.95 -1.74 -13.81
C HIS A 23 -4.18 -0.27 -13.95
N GLN A 24 -3.93 0.51 -12.87
CA GLN A 24 -3.78 1.92 -12.95
C GLN A 24 -2.52 2.22 -12.09
N PRO A 25 -1.97 3.40 -12.24
CA PRO A 25 -0.74 3.65 -11.49
C PRO A 25 -1.02 3.61 -10.00
N ALA A 26 -0.01 3.16 -9.21
CA ALA A 26 -0.13 3.02 -7.73
C ALA A 26 0.14 4.37 -7.03
N PRO A 27 -0.76 4.86 -6.19
CA PRO A 27 -0.60 6.17 -5.57
C PRO A 27 0.47 6.21 -4.50
N PHE A 28 1.63 6.84 -4.79
CA PHE A 28 2.70 6.97 -3.81
C PHE A 28 2.60 8.30 -3.09
N TYR A 29 2.90 8.23 -1.80
CA TYR A 29 3.07 9.41 -0.97
C TYR A 29 4.48 9.65 -0.59
N LEU A 30 5.31 8.60 -0.42
CA LEU A 30 6.79 8.78 -0.27
C LEU A 30 7.44 8.07 -1.38
N THR A 31 8.34 8.73 -2.10
CA THR A 31 9.14 8.13 -3.15
C THR A 31 10.64 8.29 -2.84
N ALA A 32 11.45 7.42 -3.45
CA ALA A 32 12.86 7.36 -3.14
C ALA A 32 13.60 8.63 -3.45
N ASP A 33 13.06 9.41 -4.35
CA ASP A 33 13.70 10.66 -4.85
C ASP A 33 13.34 11.91 -4.09
N MET A 34 12.46 11.77 -3.08
CA MET A 34 12.11 12.91 -2.25
C MET A 34 13.20 13.28 -1.23
N PHE A 35 13.26 14.59 -0.94
CA PHE A 35 14.11 15.14 0.08
C PHE A 35 15.54 14.68 -0.04
N GLY A 36 16.00 14.64 -1.28
CA GLY A 36 17.42 14.21 -1.54
C GLY A 36 17.76 12.75 -1.51
N GLY A 37 16.74 11.94 -1.26
CA GLY A 37 16.86 10.57 -1.21
C GLY A 37 16.31 10.00 0.07
N LEU A 38 15.30 9.10 -0.08
CA LEU A 38 14.73 8.40 1.04
C LEU A 38 15.02 6.94 1.06
N PRO A 39 15.06 6.36 2.25
CA PRO A 39 15.41 4.91 2.35
C PRO A 39 14.24 3.94 2.25
N VAL A 40 13.05 4.49 2.11
CA VAL A 40 11.81 3.71 2.01
C VAL A 40 10.88 4.45 1.05
N GLN A 41 9.88 3.74 0.54
CA GLN A 41 8.81 4.32 -0.25
C GLN A 41 7.46 3.94 0.41
N LEU A 42 6.39 4.65 0.10
CA LEU A 42 5.12 4.42 0.74
C LEU A 42 4.00 4.70 -0.20
N ALA A 43 3.11 3.76 -0.39
CA ALA A 43 2.00 3.96 -1.31
C ALA A 43 0.75 3.41 -0.72
N GLY A 44 -0.37 3.95 -1.14
CA GLY A 44 -1.64 3.44 -0.58
C GLY A 44 -2.78 4.34 -0.79
N GLY A 45 -3.84 4.12 -0.04
CA GLY A 45 -5.04 4.91 -0.23
C GLY A 45 -6.20 4.46 0.64
N GLU A 46 -7.28 5.19 0.45
CA GLU A 46 -8.51 5.04 1.16
C GLU A 46 -9.31 3.93 0.47
N LEU A 47 -9.89 2.97 1.16
CA LEU A 47 -10.57 1.91 0.40
C LEU A 47 -12.06 1.84 0.58
N SER A 48 -12.70 2.93 1.02
CA SER A 48 -14.17 2.87 1.07
C SER A 48 -14.76 2.55 -0.29
N THR A 49 -14.15 2.94 -1.40
CA THR A 49 -14.72 2.62 -2.73
C THR A 49 -14.15 1.37 -3.36
N LEU A 50 -13.17 0.69 -2.70
CA LEU A 50 -12.51 -0.51 -3.27
C LEU A 50 -12.99 -1.86 -2.68
N VAL A 51 -14.13 -1.92 -1.99
CA VAL A 51 -14.60 -3.18 -1.40
C VAL A 51 -14.96 -4.07 -2.59
N GLY A 52 -14.34 -5.22 -2.60
CA GLY A 52 -14.60 -6.16 -3.70
C GLY A 52 -13.85 -5.83 -4.97
N LYS A 53 -12.92 -4.88 -4.96
CA LYS A 53 -12.22 -4.41 -6.18
C LYS A 53 -10.73 -4.41 -5.99
N PRO A 54 -9.98 -5.39 -6.49
CA PRO A 54 -8.56 -5.43 -6.15
C PRO A 54 -7.77 -4.47 -7.00
N VAL A 55 -6.74 -3.83 -6.47
CA VAL A 55 -5.95 -2.91 -7.30
C VAL A 55 -4.83 -3.62 -8.07
N ALA A 56 -4.52 -4.89 -7.75
CA ALA A 56 -3.46 -5.56 -8.47
C ALA A 56 -3.65 -7.04 -8.51
N ALA A 57 -2.98 -7.64 -9.45
CA ALA A 57 -2.83 -9.11 -9.52
C ALA A 57 -1.64 -9.48 -8.67
N PRO A 58 -1.43 -10.79 -8.42
CA PRO A 58 -0.21 -11.22 -7.68
C PRO A 58 1.00 -10.67 -8.31
N HIS A 59 1.82 -10.02 -7.46
CA HIS A 59 3.02 -9.32 -7.91
C HIS A 59 4.12 -9.48 -6.87
N THR A 60 5.31 -9.00 -7.22
CA THR A 60 6.45 -9.06 -6.35
C THR A 60 7.22 -7.76 -6.29
N HIS A 61 8.11 -7.61 -5.29
CA HIS A 61 9.02 -6.44 -5.25
C HIS A 61 10.33 -6.93 -4.69
N PRO A 62 11.38 -6.26 -5.01
CA PRO A 62 12.66 -6.72 -4.63
C PRO A 62 13.05 -6.40 -3.24
N VAL A 63 12.14 -5.78 -2.46
CA VAL A 63 12.38 -5.38 -1.10
C VAL A 63 11.15 -5.88 -0.28
N ASP A 64 11.35 -5.96 1.00
CA ASP A 64 10.25 -6.31 1.88
C ASP A 64 9.22 -5.16 1.88
N GLU A 65 7.92 -5.52 1.99
CA GLU A 65 6.80 -4.54 2.01
C GLU A 65 5.90 -4.79 3.22
N LEU A 66 5.63 -3.74 4.02
CA LEU A 66 4.73 -3.89 5.21
C LEU A 66 3.41 -3.29 4.85
N TYR A 67 2.33 -4.02 4.96
CA TYR A 67 1.02 -3.46 4.84
C TYR A 67 0.60 -2.92 6.17
N LEU A 68 0.03 -1.72 6.18
CA LEU A 68 -0.60 -1.13 7.36
C LEU A 68 -2.03 -0.82 7.06
N LEU A 69 -2.94 -1.37 7.84
CA LEU A 69 -4.38 -1.22 7.65
C LEU A 69 -4.93 -0.51 8.87
N VAL A 70 -5.59 0.63 8.64
CA VAL A 70 -6.20 1.43 9.73
C VAL A 70 -7.62 1.82 9.37
N SER A 71 -8.49 2.11 10.36
CA SER A 71 -9.79 2.60 10.14
C SER A 71 -10.28 3.34 11.41
N PRO A 72 -11.21 4.32 11.18
CA PRO A 72 -11.58 5.12 12.38
C PRO A 72 -12.18 4.32 13.51
N ASN A 73 -12.94 3.34 13.18
CA ASN A 73 -13.45 2.42 14.19
C ASN A 73 -12.61 1.18 14.23
N LYS A 74 -12.36 0.66 15.44
CA LYS A 74 -11.73 -0.61 15.63
C LYS A 74 -12.47 -1.67 14.82
N GLY A 75 -11.70 -2.41 14.00
CA GLY A 75 -12.33 -3.42 13.12
C GLY A 75 -13.19 -2.90 11.97
N GLY A 76 -13.06 -1.62 11.65
CA GLY A 76 -13.77 -1.02 10.54
C GLY A 76 -13.38 -1.42 9.15
N ALA A 77 -12.21 -2.00 9.01
CA ALA A 77 -11.72 -2.48 7.76
C ALA A 77 -11.12 -3.84 7.83
N ARG A 78 -11.29 -4.63 6.77
CA ARG A 78 -10.72 -5.96 6.66
C ARG A 78 -10.18 -6.18 5.30
N ILE A 79 -8.99 -6.74 5.12
CA ILE A 79 -8.44 -7.07 3.82
C ILE A 79 -8.00 -8.55 3.82
N GLU A 80 -8.10 -9.14 2.66
CA GLU A 80 -7.48 -10.43 2.35
C GLU A 80 -6.17 -10.19 1.70
N VAL A 81 -5.11 -10.84 2.19
CA VAL A 81 -3.79 -10.82 1.52
C VAL A 81 -3.43 -12.23 1.06
N GLN A 82 -3.11 -12.40 -0.21
CA GLN A 82 -2.50 -13.64 -0.71
C GLN A 82 -1.03 -13.59 -0.60
N LEU A 83 -0.44 -14.57 0.10
CA LEU A 83 0.99 -14.63 0.26
C LEU A 83 1.44 -15.94 -0.34
N ASP A 84 2.11 -15.88 -1.49
CA ASP A 84 2.49 -17.12 -2.25
C ASP A 84 1.38 -18.18 -2.22
N GLY A 85 0.21 -17.69 -2.61
CA GLY A 85 -0.95 -18.51 -2.69
C GLY A 85 -1.73 -18.85 -1.46
N ARG A 86 -1.34 -18.36 -0.28
CA ARG A 86 -2.04 -18.70 0.91
C ARG A 86 -2.80 -17.45 1.38
N ARG A 87 -4.10 -17.64 1.58
CA ARG A 87 -4.96 -16.53 2.05
C ARG A 87 -4.69 -16.22 3.50
N HIS A 88 -4.56 -14.92 3.77
CA HIS A 88 -4.46 -14.33 5.08
C HIS A 88 -5.48 -13.21 5.21
N GLU A 89 -5.93 -12.93 6.39
CA GLU A 89 -6.83 -11.78 6.58
C GLU A 89 -6.33 -10.90 7.67
N LEU A 90 -6.53 -9.60 7.51
CA LEU A 90 -6.20 -8.58 8.46
C LEU A 90 -7.44 -7.80 8.83
N LEU A 91 -7.61 -7.58 10.15
CA LEU A 91 -8.68 -6.78 10.69
C LEU A 91 -8.07 -5.52 11.30
N SER A 92 -8.55 -4.35 10.89
CA SER A 92 -7.89 -3.11 11.36
C SER A 92 -8.01 -2.95 12.89
N PRO A 93 -6.96 -2.37 13.49
CA PRO A 93 -5.61 -2.05 12.90
C PRO A 93 -4.72 -3.23 12.86
N ALA A 94 -3.95 -3.33 11.76
CA ALA A 94 -3.05 -4.45 11.59
C ALA A 94 -1.88 -4.09 10.68
N VAL A 95 -0.82 -4.84 10.80
CA VAL A 95 0.36 -4.76 9.98
C VAL A 95 0.76 -6.18 9.56
N MET A 96 1.08 -6.36 8.27
CA MET A 96 1.53 -7.63 7.76
C MET A 96 2.77 -7.45 6.95
N ARG A 97 3.74 -8.28 7.26
CA ARG A 97 4.97 -8.31 6.48
C ARG A 97 4.86 -9.16 5.23
N ILE A 98 5.33 -8.59 4.08
CA ILE A 98 5.36 -9.31 2.82
C ILE A 98 6.83 -9.45 2.41
N PRO A 99 7.46 -10.63 2.58
CA PRO A 99 8.86 -10.79 2.25
C PRO A 99 9.19 -10.45 0.81
N ALA A 100 10.38 -9.93 0.62
CA ALA A 100 10.93 -9.62 -0.74
C ALA A 100 10.81 -10.90 -1.57
N GLY A 101 10.29 -10.72 -2.77
CA GLY A 101 10.13 -11.86 -3.68
C GLY A 101 8.84 -12.61 -3.60
N SER A 102 8.06 -12.44 -2.49
CA SER A 102 6.83 -13.14 -2.28
C SER A 102 5.77 -12.61 -3.29
N GLU A 103 5.06 -13.48 -3.98
CA GLU A 103 4.01 -13.11 -4.90
C GLU A 103 2.81 -12.83 -4.03
N HIS A 104 2.31 -11.61 -4.08
CA HIS A 104 1.19 -11.25 -3.22
C HIS A 104 0.30 -10.18 -3.83
N CYS A 105 -0.83 -9.99 -3.15
CA CYS A 105 -1.78 -8.90 -3.48
C CYS A 105 -2.75 -8.86 -2.35
N PHE A 106 -3.56 -7.79 -2.32
CA PHE A 106 -4.64 -7.70 -1.30
C PHE A 106 -5.97 -7.37 -1.96
N LEU A 107 -7.02 -7.71 -1.24
CA LEU A 107 -8.43 -7.46 -1.60
C LEU A 107 -9.14 -6.86 -0.41
N THR A 108 -9.83 -5.74 -0.61
CA THR A 108 -10.66 -5.16 0.41
C THR A 108 -11.94 -5.92 0.63
N LEU A 109 -12.12 -6.53 1.80
CA LEU A 109 -13.41 -7.25 2.08
C LEU A 109 -14.40 -6.41 2.86
N GLU A 110 -13.96 -5.37 3.62
CA GLU A 110 -14.84 -4.49 4.34
C GLU A 110 -14.09 -3.16 4.49
N ALA A 111 -14.82 -2.05 4.41
CA ALA A 111 -14.21 -0.73 4.64
C ALA A 111 -15.30 0.27 4.94
N GLU A 112 -14.97 1.18 5.79
CA GLU A 112 -15.76 2.39 6.08
C GLU A 112 -15.08 3.58 5.50
N VAL A 113 -15.77 4.71 5.57
CA VAL A 113 -15.15 6.01 5.20
C VAL A 113 -13.96 6.22 6.15
N GLY A 114 -12.80 6.46 5.56
CA GLY A 114 -11.65 6.58 6.34
C GLY A 114 -10.75 5.37 6.53
N SER A 115 -11.13 4.19 5.99
CA SER A 115 -10.24 3.05 6.02
C SER A 115 -9.12 3.33 5.07
N TYR A 116 -7.88 3.02 5.49
CA TYR A 116 -6.67 3.14 4.64
C TYR A 116 -5.86 1.88 4.69
N CYS A 117 -5.26 1.50 3.55
CA CYS A 117 -4.19 0.53 3.51
C CYS A 117 -2.98 1.22 2.86
N PHE A 118 -1.83 1.15 3.48
CA PHE A 118 -0.56 1.61 2.95
C PHE A 118 0.43 0.47 2.84
N GLY A 119 1.33 0.58 1.89
CA GLY A 119 2.38 -0.39 1.69
C GLY A 119 3.66 0.37 1.94
N ILE A 120 4.46 -0.06 2.90
CA ILE A 120 5.71 0.64 3.22
C ILE A 120 6.79 -0.24 2.68
N LEU A 121 7.48 0.23 1.62
CA LEU A 121 8.51 -0.60 0.93
C LEU A 121 9.84 -0.31 1.53
N LEU A 122 10.54 -1.34 2.05
CA LEU A 122 11.72 -1.17 2.85
C LEU A 122 12.96 -1.12 1.96
N GLY A 123 13.04 -0.11 1.18
CA GLY A 123 14.15 0.09 0.20
C GLY A 123 13.77 1.13 -0.77
N ASP A 124 14.76 1.46 -1.59
CA ASP A 124 14.51 2.46 -2.59
C ASP A 124 14.25 1.97 -4.01
N ARG A 125 14.16 0.64 -4.26
CA ARG A 125 13.79 0.10 -5.59
C ARG A 125 12.43 -0.57 -5.57
N LEU A 126 11.82 -0.57 -6.75
CA LEU A 126 10.63 -1.36 -7.07
C LEU A 126 11.02 -2.44 -8.11
ZN ZN B . 3.30 -5.20 -3.05
N TRP C . 2.27 -0.76 -2.63
CA TRP C . 1.08 -1.57 -2.24
C TRP C . 1.28 -3.00 -2.76
O TRP C . 2.29 -3.27 -3.39
CB TRP C . -0.19 -0.91 -2.86
CG TRP C . -1.27 -0.52 -1.85
CD1 TRP C . -1.25 -0.66 -0.49
CD2 TRP C . -2.56 0.11 -2.16
NE1 TRP C . -2.43 -0.14 0.02
CE2 TRP C . -3.26 0.34 -0.95
CE3 TRP C . -3.17 0.51 -3.36
CZ2 TRP C . -4.53 0.94 -0.95
CZ3 TRP C . -4.44 1.11 -3.35
CH2 TRP C . -5.11 1.32 -2.15
OXT TRP C . 0.40 -3.81 -2.52
H1 TRP C . 3.11 -1.13 -2.14
H2 TRP C . 2.12 0.24 -2.35
H3 TRP C . 2.41 -0.82 -3.65
HA TRP C . 1.02 -1.59 -1.18
HB2 TRP C . 0.10 -0.02 -3.39
HB3 TRP C . -0.63 -1.60 -3.58
HD1 TRP C . -0.47 -1.08 0.10
HE1 TRP C . -2.66 -0.12 0.99
HE3 TRP C . -2.65 0.35 -4.31
HZ2 TRP C . -5.04 1.10 -0.02
HZ3 TRP C . -4.91 1.41 -4.28
HH2 TRP C . -6.09 1.78 -2.15
N PRO A 4 7.19 30.67 -3.25
CA PRO A 4 6.64 30.15 -2.05
C PRO A 4 6.56 28.58 -2.04
N ALA A 5 7.19 27.84 -2.97
CA ALA A 5 7.33 26.37 -2.74
C ALA A 5 8.32 26.23 -1.62
N ASP A 6 7.97 25.36 -0.66
CA ASP A 6 8.83 25.21 0.54
C ASP A 6 9.54 23.88 0.33
N PRO A 7 10.88 23.81 0.40
CA PRO A 7 11.57 22.58 0.06
C PRO A 7 11.27 21.41 1.03
N GLU A 8 10.78 21.72 2.20
CA GLU A 8 10.46 20.74 3.21
C GLU A 8 9.03 20.15 3.04
N ILE A 9 8.23 20.67 2.09
CA ILE A 9 6.77 20.31 1.99
C ILE A 9 6.57 19.83 0.59
N VAL A 10 5.89 18.69 0.44
CA VAL A 10 5.42 18.19 -0.85
C VAL A 10 3.90 18.11 -0.79
N GLU A 11 3.25 18.91 -1.60
CA GLU A 11 1.76 18.95 -1.73
C GLU A 11 1.33 18.24 -3.01
N GLY A 12 2.27 17.99 -3.90
CA GLY A 12 1.94 17.35 -5.18
C GLY A 12 1.80 15.83 -5.11
N LEU A 13 0.68 15.43 -4.47
CA LEU A 13 0.42 14.04 -4.00
C LEU A 13 -0.98 13.64 -4.31
N PRO A 14 -1.23 12.35 -4.51
CA PRO A 14 -0.21 11.30 -4.63
C PRO A 14 0.55 11.39 -5.93
N ILE A 15 1.59 10.62 -5.99
CA ILE A 15 2.44 10.47 -7.17
C ILE A 15 2.10 9.13 -7.76
N PRO A 16 1.37 9.10 -8.88
CA PRO A 16 0.95 7.82 -9.39
C PRO A 16 2.05 7.23 -10.26
N LEU A 17 2.56 6.06 -9.86
CA LEU A 17 3.63 5.38 -10.51
C LEU A 17 3.18 4.06 -11.12
N ALA A 18 3.65 3.79 -12.33
CA ALA A 18 3.35 2.48 -12.92
C ALA A 18 4.02 1.36 -12.16
N VAL A 19 3.30 0.35 -11.73
CA VAL A 19 3.84 -0.77 -10.92
C VAL A 19 3.37 -2.05 -11.53
N ALA A 20 4.25 -3.02 -11.61
CA ALA A 20 3.83 -4.30 -12.21
C ALA A 20 2.68 -4.93 -11.42
N GLY A 21 1.76 -5.52 -12.18
CA GLY A 21 0.58 -6.14 -11.59
C GLY A 21 -0.64 -5.25 -11.42
N HIS A 22 -0.45 -3.96 -11.41
CA HIS A 22 -1.48 -2.94 -11.20
C HIS A 22 -2.10 -2.57 -12.56
N HIS A 23 -3.35 -2.14 -12.58
CA HIS A 23 -3.95 -1.74 -13.81
C HIS A 23 -4.18 -0.27 -13.95
N GLN A 24 -3.93 0.51 -12.87
CA GLN A 24 -3.78 1.92 -12.95
C GLN A 24 -2.52 2.22 -12.09
N PRO A 25 -1.97 3.40 -12.24
CA PRO A 25 -0.74 3.65 -11.49
C PRO A 25 -1.02 3.61 -10.00
N ALA A 26 -0.01 3.16 -9.21
CA ALA A 26 -0.13 3.02 -7.73
C ALA A 26 0.14 4.37 -7.03
N PRO A 27 -0.76 4.86 -6.19
CA PRO A 27 -0.60 6.17 -5.57
C PRO A 27 0.47 6.21 -4.50
N PHE A 28 1.63 6.84 -4.79
CA PHE A 28 2.70 6.97 -3.81
C PHE A 28 2.60 8.30 -3.09
N TYR A 29 2.90 8.23 -1.80
CA TYR A 29 3.07 9.41 -0.97
C TYR A 29 4.48 9.65 -0.59
N LEU A 30 5.31 8.60 -0.42
CA LEU A 30 6.79 8.78 -0.27
C LEU A 30 7.44 8.07 -1.38
N THR A 31 8.34 8.73 -2.10
CA THR A 31 9.14 8.13 -3.15
C THR A 31 10.64 8.29 -2.84
N ALA A 32 11.45 7.42 -3.45
CA ALA A 32 12.86 7.36 -3.14
C ALA A 32 13.60 8.63 -3.45
N ASP A 33 13.06 9.41 -4.35
CA ASP A 33 13.70 10.66 -4.85
C ASP A 33 13.34 11.91 -4.09
N MET A 34 12.46 11.77 -3.08
CA MET A 34 12.11 12.91 -2.25
C MET A 34 13.20 13.28 -1.23
N PHE A 35 13.26 14.59 -0.94
CA PHE A 35 14.11 15.14 0.08
C PHE A 35 15.54 14.68 -0.04
N GLY A 36 16.00 14.64 -1.28
CA GLY A 36 17.42 14.21 -1.54
C GLY A 36 17.76 12.75 -1.51
N GLY A 37 16.74 11.94 -1.26
CA GLY A 37 16.86 10.57 -1.21
C GLY A 37 16.31 10.00 0.07
N LEU A 38 15.30 9.10 -0.08
CA LEU A 38 14.73 8.40 1.04
C LEU A 38 15.02 6.94 1.06
N PRO A 39 15.06 6.36 2.25
CA PRO A 39 15.41 4.91 2.35
C PRO A 39 14.24 3.94 2.25
N VAL A 40 13.05 4.49 2.11
CA VAL A 40 11.81 3.71 2.01
C VAL A 40 10.88 4.45 1.05
N GLN A 41 9.88 3.74 0.54
CA GLN A 41 8.81 4.32 -0.25
C GLN A 41 7.46 3.94 0.41
N LEU A 42 6.39 4.65 0.10
CA LEU A 42 5.12 4.42 0.74
C LEU A 42 4.00 4.70 -0.20
N ALA A 43 3.11 3.74 -0.40
CA ALA A 43 2.01 3.92 -1.33
C ALA A 43 0.75 3.40 -0.72
N GLY A 44 -0.37 3.95 -1.14
CA GLY A 44 -1.64 3.44 -0.58
C GLY A 44 -2.78 4.34 -0.79
N GLY A 45 -3.84 4.12 -0.04
CA GLY A 45 -5.04 4.91 -0.22
C GLY A 45 -6.20 4.46 0.64
N GLU A 46 -7.28 5.19 0.45
CA GLU A 46 -8.51 5.04 1.16
C GLU A 46 -9.31 3.93 0.47
N LEU A 47 -9.89 2.97 1.21
CA LEU A 47 -10.58 1.84 0.52
C LEU A 47 -12.08 1.85 0.62
N SER A 48 -12.70 2.93 1.02
CA SER A 48 -14.17 2.87 1.07
C SER A 48 -14.76 2.55 -0.29
N THR A 49 -14.15 2.94 -1.40
CA THR A 49 -14.72 2.62 -2.73
C THR A 49 -14.15 1.37 -3.36
N LEU A 50 -13.20 0.67 -2.69
CA LEU A 50 -12.53 -0.52 -3.27
C LEU A 50 -13.00 -1.87 -2.68
N VAL A 51 -14.13 -1.92 -1.99
CA VAL A 51 -14.60 -3.18 -1.40
C VAL A 51 -14.96 -4.07 -2.59
N GLY A 52 -14.34 -5.22 -2.60
CA GLY A 52 -14.60 -6.16 -3.70
C GLY A 52 -13.85 -5.83 -4.97
N LYS A 53 -12.92 -4.88 -4.96
CA LYS A 53 -12.22 -4.41 -6.18
C LYS A 53 -10.73 -4.41 -5.99
N PRO A 54 -9.98 -5.39 -6.49
CA PRO A 54 -8.56 -5.43 -6.15
C PRO A 54 -7.77 -4.47 -7.00
N VAL A 55 -6.74 -3.83 -6.48
CA VAL A 55 -5.95 -2.91 -7.31
C VAL A 55 -4.83 -3.62 -8.07
N ALA A 56 -4.52 -4.89 -7.75
CA ALA A 56 -3.46 -5.56 -8.47
C ALA A 56 -3.65 -7.04 -8.51
N ALA A 57 -2.98 -7.64 -9.45
CA ALA A 57 -2.83 -9.11 -9.52
C ALA A 57 -1.64 -9.48 -8.67
N PRO A 58 -1.43 -10.79 -8.42
CA PRO A 58 -0.21 -11.22 -7.68
C PRO A 58 1.00 -10.67 -8.31
N HIS A 59 1.85 -10.07 -7.48
CA HIS A 59 3.07 -9.44 -7.97
C HIS A 59 4.14 -9.51 -6.90
N THR A 60 5.31 -9.00 -7.22
CA THR A 60 6.45 -9.06 -6.35
C THR A 60 7.22 -7.76 -6.29
N HIS A 61 8.11 -7.62 -5.28
CA HIS A 61 9.02 -6.43 -5.19
C HIS A 61 10.33 -6.92 -4.68
N PRO A 62 11.38 -6.26 -5.01
CA PRO A 62 12.66 -6.72 -4.63
C PRO A 62 13.05 -6.40 -3.24
N VAL A 63 12.14 -5.78 -2.46
CA VAL A 63 12.38 -5.38 -1.10
C VAL A 63 11.15 -5.88 -0.28
N ASP A 64 11.35 -5.96 1.00
CA ASP A 64 10.25 -6.31 1.88
C ASP A 64 9.22 -5.16 1.88
N GLU A 65 7.94 -5.48 2.04
CA GLU A 65 6.92 -4.43 2.11
C GLU A 65 5.96 -4.76 3.24
N LEU A 66 5.63 -3.74 4.02
CA LEU A 66 4.73 -3.89 5.21
C LEU A 66 3.41 -3.29 4.85
N TYR A 67 2.33 -4.02 4.96
CA TYR A 67 1.02 -3.46 4.84
C TYR A 67 0.60 -2.92 6.17
N LEU A 68 0.03 -1.72 6.18
CA LEU A 68 -0.60 -1.13 7.36
C LEU A 68 -2.03 -0.82 7.06
N LEU A 69 -2.94 -1.37 7.84
CA LEU A 69 -4.38 -1.22 7.65
C LEU A 69 -4.93 -0.51 8.87
N VAL A 70 -5.59 0.63 8.64
CA VAL A 70 -6.20 1.43 9.73
C VAL A 70 -7.62 1.82 9.37
N SER A 71 -8.49 2.11 10.36
CA SER A 71 -9.79 2.60 10.14
C SER A 71 -10.28 3.34 11.41
N PRO A 72 -11.21 4.32 11.18
CA PRO A 72 -11.58 5.12 12.38
C PRO A 72 -12.18 4.32 13.51
N ASN A 73 -12.94 3.34 13.18
CA ASN A 73 -13.45 2.42 14.19
C ASN A 73 -12.61 1.18 14.23
N LYS A 74 -12.36 0.66 15.44
CA LYS A 74 -11.73 -0.61 15.63
C LYS A 74 -12.47 -1.67 14.82
N GLY A 75 -11.70 -2.41 14.00
CA GLY A 75 -12.33 -3.42 13.12
C GLY A 75 -13.19 -2.90 11.97
N GLY A 76 -13.06 -1.62 11.65
CA GLY A 76 -13.77 -1.02 10.54
C GLY A 76 -13.38 -1.42 9.15
N ALA A 77 -12.21 -2.00 9.01
CA ALA A 77 -11.72 -2.48 7.76
C ALA A 77 -11.12 -3.84 7.83
N ARG A 78 -11.29 -4.63 6.77
CA ARG A 78 -10.72 -5.96 6.66
C ARG A 78 -10.18 -6.18 5.30
N ILE A 79 -8.99 -6.74 5.12
CA ILE A 79 -8.44 -7.07 3.82
C ILE A 79 -8.00 -8.55 3.82
N GLU A 80 -8.10 -9.14 2.66
CA GLU A 80 -7.48 -10.43 2.35
C GLU A 80 -6.17 -10.19 1.70
N VAL A 81 -5.11 -10.84 2.19
CA VAL A 81 -3.79 -10.82 1.52
C VAL A 81 -3.43 -12.23 1.06
N GLN A 82 -3.11 -12.40 -0.21
CA GLN A 82 -2.50 -13.64 -0.71
C GLN A 82 -1.03 -13.59 -0.60
N LEU A 83 -0.44 -14.57 0.10
CA LEU A 83 0.99 -14.63 0.26
C LEU A 83 1.44 -15.94 -0.34
N ASP A 84 2.11 -15.88 -1.49
CA ASP A 84 2.49 -17.12 -2.25
C ASP A 84 1.38 -18.18 -2.22
N GLY A 85 0.21 -17.69 -2.61
CA GLY A 85 -0.95 -18.51 -2.69
C GLY A 85 -1.73 -18.85 -1.46
N ARG A 86 -1.34 -18.36 -0.28
CA ARG A 86 -2.04 -18.70 0.91
C ARG A 86 -2.80 -17.45 1.38
N ARG A 87 -4.10 -17.64 1.58
CA ARG A 87 -4.96 -16.53 2.05
C ARG A 87 -4.69 -16.22 3.50
N HIS A 88 -4.56 -14.92 3.77
CA HIS A 88 -4.46 -14.33 5.08
C HIS A 88 -5.48 -13.21 5.21
N GLU A 89 -5.93 -12.93 6.39
CA GLU A 89 -6.83 -11.78 6.58
C GLU A 89 -6.33 -10.90 7.67
N LEU A 90 -6.53 -9.60 7.51
CA LEU A 90 -6.20 -8.58 8.46
C LEU A 90 -7.44 -7.80 8.83
N LEU A 91 -7.61 -7.58 10.15
CA LEU A 91 -8.68 -6.78 10.69
C LEU A 91 -8.07 -5.52 11.30
N SER A 92 -8.55 -4.35 10.89
CA SER A 92 -7.89 -3.11 11.36
C SER A 92 -8.01 -2.95 12.89
N PRO A 93 -6.96 -2.37 13.49
CA PRO A 93 -5.61 -2.05 12.90
C PRO A 93 -4.72 -3.23 12.86
N ALA A 94 -3.95 -3.33 11.76
CA ALA A 94 -3.05 -4.45 11.59
C ALA A 94 -1.88 -4.09 10.68
N VAL A 95 -0.82 -4.84 10.80
CA VAL A 95 0.36 -4.76 9.98
C VAL A 95 0.76 -6.18 9.56
N MET A 96 1.08 -6.36 8.27
CA MET A 96 1.53 -7.63 7.76
C MET A 96 2.77 -7.45 6.95
N ARG A 97 3.74 -8.28 7.26
CA ARG A 97 4.97 -8.31 6.48
C ARG A 97 4.86 -9.16 5.23
N ILE A 98 5.33 -8.59 4.08
CA ILE A 98 5.36 -9.31 2.82
C ILE A 98 6.83 -9.45 2.41
N PRO A 99 7.46 -10.63 2.58
CA PRO A 99 8.86 -10.79 2.25
C PRO A 99 9.19 -10.45 0.81
N ALA A 100 10.38 -9.93 0.62
CA ALA A 100 10.93 -9.62 -0.74
C ALA A 100 10.81 -10.90 -1.57
N GLY A 101 10.29 -10.72 -2.77
CA GLY A 101 10.13 -11.86 -3.68
C GLY A 101 8.84 -12.61 -3.60
N SER A 102 8.06 -12.44 -2.49
CA SER A 102 6.83 -13.14 -2.28
C SER A 102 5.77 -12.61 -3.29
N GLU A 103 5.06 -13.48 -3.98
CA GLU A 103 4.01 -13.11 -4.90
C GLU A 103 2.81 -12.83 -4.03
N HIS A 104 2.29 -11.61 -4.09
CA HIS A 104 1.17 -11.27 -3.23
C HIS A 104 0.28 -10.19 -3.84
N CYS A 105 -0.83 -9.99 -3.15
CA CYS A 105 -1.78 -8.90 -3.48
C CYS A 105 -2.75 -8.86 -2.35
N PHE A 106 -3.56 -7.79 -2.32
CA PHE A 106 -4.64 -7.70 -1.30
C PHE A 106 -5.97 -7.37 -1.96
N LEU A 107 -7.02 -7.71 -1.24
CA LEU A 107 -8.43 -7.46 -1.60
C LEU A 107 -9.14 -6.86 -0.41
N THR A 108 -9.83 -5.74 -0.61
CA THR A 108 -10.66 -5.16 0.41
C THR A 108 -11.94 -5.92 0.63
N LEU A 109 -12.12 -6.53 1.80
CA LEU A 109 -13.41 -7.25 2.08
C LEU A 109 -14.40 -6.41 2.86
N GLU A 110 -13.96 -5.37 3.62
CA GLU A 110 -14.84 -4.49 4.34
C GLU A 110 -14.09 -3.16 4.49
N ALA A 111 -14.82 -2.05 4.41
CA ALA A 111 -14.21 -0.73 4.64
C ALA A 111 -15.30 0.27 4.94
N GLU A 112 -14.97 1.18 5.79
CA GLU A 112 -15.76 2.39 6.08
C GLU A 112 -15.08 3.58 5.50
N VAL A 113 -15.77 4.71 5.57
CA VAL A 113 -15.15 6.01 5.20
C VAL A 113 -13.96 6.22 6.15
N GLY A 114 -12.80 6.46 5.56
CA GLY A 114 -11.65 6.58 6.34
C GLY A 114 -10.75 5.37 6.53
N SER A 115 -11.13 4.19 5.99
CA SER A 115 -10.24 3.05 6.02
C SER A 115 -9.12 3.33 5.07
N TYR A 116 -7.88 3.02 5.49
CA TYR A 116 -6.67 3.14 4.64
C TYR A 116 -5.86 1.88 4.69
N CYS A 117 -5.26 1.50 3.55
CA CYS A 117 -4.19 0.53 3.51
C CYS A 117 -2.98 1.22 2.86
N PHE A 118 -1.83 1.15 3.48
CA PHE A 118 -0.56 1.61 2.95
C PHE A 118 0.43 0.47 2.84
N GLY A 119 1.33 0.58 1.89
CA GLY A 119 2.38 -0.39 1.69
C GLY A 119 3.66 0.37 1.94
N ILE A 120 4.46 -0.06 2.90
CA ILE A 120 5.71 0.64 3.22
C ILE A 120 6.79 -0.24 2.68
N LEU A 121 7.48 0.23 1.62
CA LEU A 121 8.51 -0.60 0.93
C LEU A 121 9.84 -0.31 1.53
N LEU A 122 10.54 -1.34 2.05
CA LEU A 122 11.72 -1.17 2.85
C LEU A 122 12.96 -1.12 1.96
N GLY A 123 13.04 -0.11 1.18
CA GLY A 123 14.15 0.09 0.20
C GLY A 123 13.77 1.13 -0.77
N ASP A 124 14.76 1.46 -1.59
CA ASP A 124 14.51 2.46 -2.59
C ASP A 124 14.25 1.97 -4.01
N ARG A 125 14.16 0.64 -4.26
CA ARG A 125 13.79 0.10 -5.59
C ARG A 125 12.43 -0.57 -5.57
N LEU A 126 11.82 -0.57 -6.75
CA LEU A 126 10.63 -1.36 -7.07
C LEU A 126 11.02 -2.44 -8.11
ZN ZN B . 3.20 -5.49 -3.54
N TRP C . 2.07 -1.09 -2.11
CA TRP C . 0.95 -1.95 -2.57
C TRP C . 1.47 -2.96 -3.60
O TRP C . 2.62 -3.34 -3.47
CB TRP C . -0.17 -1.05 -3.16
CG TRP C . -1.13 -0.58 -2.09
CD1 TRP C . -0.95 -0.63 -0.75
CD2 TRP C . -2.44 0.02 -2.30
NE1 TRP C . -2.07 -0.10 -0.13
CE2 TRP C . -3.01 0.31 -1.05
CE3 TRP C . -3.18 0.36 -3.46
CZ2 TRP C . -4.28 0.91 -0.94
CZ3 TRP C . -4.45 0.95 -3.34
CH2 TRP C . -4.99 1.22 -2.08
OXT TRP C . 0.71 -3.36 -4.47
H1 TRP C . 1.70 -0.25 -1.63
H2 TRP C . 2.65 -0.80 -2.92
H3 TRP C . 2.66 -1.62 -1.44
HA TRP C . 0.56 -2.49 -1.75
HB2 TRP C . 0.28 -0.20 -3.63
HB3 TRP C . -0.71 -1.60 -3.89
HD1 TRP C . -0.09 -1.01 -0.23
HE1 TRP C . -2.20 -0.03 0.84
HE3 TRP C . -2.77 0.15 -4.43
HZ2 TRP C . -4.69 1.13 0.03
HZ3 TRP C . -5.00 1.20 -4.23
HH2 TRP C . -5.97 1.68 -2.00
N PRO A 4 7.19 30.67 -3.25
CA PRO A 4 6.64 30.15 -2.05
C PRO A 4 6.56 28.58 -2.04
N ALA A 5 7.19 27.84 -2.97
CA ALA A 5 7.33 26.37 -2.74
C ALA A 5 8.32 26.23 -1.62
N ASP A 6 7.97 25.36 -0.66
CA ASP A 6 8.83 25.21 0.54
C ASP A 6 9.54 23.88 0.33
N PRO A 7 10.88 23.81 0.40
CA PRO A 7 11.57 22.58 0.06
C PRO A 7 11.27 21.41 1.03
N GLU A 8 10.78 21.72 2.20
CA GLU A 8 10.46 20.74 3.21
C GLU A 8 9.03 20.15 3.04
N ILE A 9 8.23 20.67 2.09
CA ILE A 9 6.77 20.31 1.99
C ILE A 9 6.57 19.83 0.59
N VAL A 10 5.89 18.69 0.44
CA VAL A 10 5.42 18.19 -0.85
C VAL A 10 3.90 18.11 -0.79
N GLU A 11 3.25 18.91 -1.60
CA GLU A 11 1.76 18.95 -1.73
C GLU A 11 1.33 18.24 -3.01
N GLY A 12 2.27 17.99 -3.90
CA GLY A 12 1.94 17.35 -5.18
C GLY A 12 1.80 15.83 -5.11
N LEU A 13 0.68 15.43 -4.47
CA LEU A 13 0.42 14.04 -4.00
C LEU A 13 -0.98 13.64 -4.31
N PRO A 14 -1.23 12.35 -4.51
CA PRO A 14 -0.21 11.30 -4.63
C PRO A 14 0.55 11.39 -5.93
N ILE A 15 1.59 10.62 -5.99
CA ILE A 15 2.44 10.47 -7.17
C ILE A 15 2.10 9.13 -7.76
N PRO A 16 1.37 9.10 -8.88
CA PRO A 16 0.95 7.82 -9.39
C PRO A 16 2.05 7.23 -10.26
N LEU A 17 2.56 6.06 -9.86
CA LEU A 17 3.63 5.38 -10.51
C LEU A 17 3.18 4.06 -11.12
N ALA A 18 3.65 3.79 -12.33
CA ALA A 18 3.35 2.48 -12.92
C ALA A 18 4.02 1.36 -12.16
N VAL A 19 3.30 0.35 -11.73
CA VAL A 19 3.84 -0.77 -10.92
C VAL A 19 3.37 -2.05 -11.53
N ALA A 20 4.25 -3.02 -11.61
CA ALA A 20 3.83 -4.30 -12.21
C ALA A 20 2.68 -4.93 -11.42
N GLY A 21 1.76 -5.52 -12.18
CA GLY A 21 0.58 -6.14 -11.59
C GLY A 21 -0.64 -5.25 -11.42
N HIS A 22 -0.45 -3.96 -11.41
CA HIS A 22 -1.48 -2.94 -11.20
C HIS A 22 -2.10 -2.57 -12.56
N HIS A 23 -3.35 -2.14 -12.58
CA HIS A 23 -3.95 -1.74 -13.81
C HIS A 23 -4.18 -0.27 -13.95
N GLN A 24 -3.93 0.51 -12.87
CA GLN A 24 -3.78 1.92 -12.95
C GLN A 24 -2.52 2.22 -12.09
N PRO A 25 -1.97 3.40 -12.24
CA PRO A 25 -0.74 3.65 -11.49
C PRO A 25 -1.02 3.61 -10.00
N ALA A 26 -0.01 3.16 -9.21
CA ALA A 26 -0.13 3.02 -7.73
C ALA A 26 0.13 4.37 -7.03
N PRO A 27 -0.76 4.86 -6.19
CA PRO A 27 -0.60 6.17 -5.57
C PRO A 27 0.47 6.21 -4.50
N PHE A 28 1.63 6.84 -4.79
CA PHE A 28 2.70 6.97 -3.81
C PHE A 28 2.60 8.30 -3.09
N TYR A 29 2.90 8.23 -1.80
CA TYR A 29 3.07 9.41 -0.97
C TYR A 29 4.48 9.65 -0.59
N LEU A 30 5.31 8.60 -0.42
CA LEU A 30 6.79 8.78 -0.27
C LEU A 30 7.44 8.07 -1.38
N THR A 31 8.34 8.73 -2.10
CA THR A 31 9.14 8.13 -3.15
C THR A 31 10.64 8.29 -2.84
N ALA A 32 11.45 7.42 -3.45
CA ALA A 32 12.86 7.36 -3.14
C ALA A 32 13.60 8.63 -3.45
N ASP A 33 13.06 9.41 -4.35
CA ASP A 33 13.70 10.66 -4.85
C ASP A 33 13.34 11.91 -4.09
N MET A 34 12.46 11.77 -3.08
CA MET A 34 12.11 12.91 -2.25
C MET A 34 13.20 13.28 -1.23
N PHE A 35 13.26 14.59 -0.94
CA PHE A 35 14.11 15.14 0.08
C PHE A 35 15.54 14.68 -0.04
N GLY A 36 16.00 14.64 -1.28
CA GLY A 36 17.42 14.21 -1.54
C GLY A 36 17.76 12.75 -1.51
N GLY A 37 16.74 11.94 -1.26
CA GLY A 37 16.86 10.57 -1.21
C GLY A 37 16.31 10.00 0.07
N LEU A 38 15.30 9.10 -0.08
CA LEU A 38 14.73 8.40 1.04
C LEU A 38 15.02 6.94 1.06
N PRO A 39 15.06 6.36 2.25
CA PRO A 39 15.41 4.91 2.35
C PRO A 39 14.24 3.94 2.25
N VAL A 40 13.05 4.49 2.11
CA VAL A 40 11.81 3.71 2.01
C VAL A 40 10.88 4.45 1.05
N GLN A 41 9.88 3.74 0.54
CA GLN A 41 8.81 4.32 -0.25
C GLN A 41 7.46 3.94 0.41
N LEU A 42 6.39 4.65 0.10
CA LEU A 42 5.12 4.42 0.74
C LEU A 42 4.00 4.70 -0.20
N ALA A 43 3.12 3.73 -0.40
CA ALA A 43 2.01 3.91 -1.33
C ALA A 43 0.75 3.39 -0.73
N GLY A 44 -0.37 3.95 -1.14
CA GLY A 44 -1.64 3.44 -0.58
C GLY A 44 -2.78 4.34 -0.79
N GLY A 45 -3.84 4.12 -0.04
CA GLY A 45 -5.04 4.91 -0.22
C GLY A 45 -6.20 4.46 0.64
N GLU A 46 -7.28 5.19 0.45
CA GLU A 46 -8.51 5.04 1.16
C GLU A 46 -9.31 3.93 0.47
N LEU A 47 -9.90 2.97 1.21
CA LEU A 47 -10.59 1.84 0.52
C LEU A 47 -12.09 1.85 0.62
N SER A 48 -12.70 2.93 1.02
CA SER A 48 -14.17 2.87 1.07
C SER A 48 -14.76 2.55 -0.29
N THR A 49 -14.15 2.94 -1.40
CA THR A 49 -14.72 2.62 -2.73
C THR A 49 -14.15 1.37 -3.36
N LEU A 50 -13.19 0.67 -2.70
CA LEU A 50 -12.53 -0.53 -3.28
C LEU A 50 -13.01 -1.88 -2.69
N VAL A 51 -14.13 -1.92 -1.99
CA VAL A 51 -14.60 -3.18 -1.40
C VAL A 51 -14.96 -4.07 -2.59
N GLY A 52 -14.34 -5.22 -2.60
CA GLY A 52 -14.60 -6.16 -3.70
C GLY A 52 -13.85 -5.83 -4.97
N LYS A 53 -12.92 -4.88 -4.96
CA LYS A 53 -12.22 -4.41 -6.18
C LYS A 53 -10.73 -4.41 -5.99
N PRO A 54 -9.98 -5.39 -6.49
CA PRO A 54 -8.56 -5.43 -6.15
C PRO A 54 -7.77 -4.47 -7.00
N VAL A 55 -6.74 -3.83 -6.48
CA VAL A 55 -5.94 -2.91 -7.32
C VAL A 55 -4.83 -3.63 -8.09
N ALA A 56 -4.52 -4.89 -7.75
CA ALA A 56 -3.46 -5.56 -8.47
C ALA A 56 -3.65 -7.04 -8.51
N ALA A 57 -2.98 -7.64 -9.45
CA ALA A 57 -2.83 -9.11 -9.52
C ALA A 57 -1.64 -9.48 -8.67
N PRO A 58 -1.43 -10.79 -8.42
CA PRO A 58 -0.21 -11.22 -7.68
C PRO A 58 1.00 -10.67 -8.31
N HIS A 59 1.86 -10.08 -7.48
CA HIS A 59 3.07 -9.46 -7.97
C HIS A 59 4.15 -9.52 -6.90
N THR A 60 5.31 -9.00 -7.22
CA THR A 60 6.45 -9.06 -6.35
C THR A 60 7.22 -7.76 -6.29
N HIS A 61 8.12 -7.61 -5.28
CA HIS A 61 9.02 -6.43 -5.21
C HIS A 61 10.33 -6.92 -4.69
N PRO A 62 11.38 -6.26 -5.01
CA PRO A 62 12.66 -6.72 -4.63
C PRO A 62 13.05 -6.40 -3.24
N VAL A 63 12.14 -5.78 -2.46
CA VAL A 63 12.38 -5.38 -1.10
C VAL A 63 11.15 -5.88 -0.28
N ASP A 64 11.35 -5.96 1.00
CA ASP A 64 10.25 -6.31 1.88
C ASP A 64 9.22 -5.16 1.88
N GLU A 65 7.94 -5.47 2.04
CA GLU A 65 6.92 -4.43 2.12
C GLU A 65 5.96 -4.76 3.24
N LEU A 66 5.63 -3.74 4.02
CA LEU A 66 4.73 -3.89 5.21
C LEU A 66 3.41 -3.29 4.85
N TYR A 67 2.33 -4.02 4.96
CA TYR A 67 1.02 -3.46 4.84
C TYR A 67 0.60 -2.92 6.17
N LEU A 68 0.03 -1.72 6.18
CA LEU A 68 -0.60 -1.13 7.36
C LEU A 68 -2.03 -0.82 7.06
N LEU A 69 -2.94 -1.37 7.84
CA LEU A 69 -4.38 -1.22 7.65
C LEU A 69 -4.93 -0.51 8.87
N VAL A 70 -5.59 0.63 8.64
CA VAL A 70 -6.20 1.43 9.73
C VAL A 70 -7.62 1.82 9.37
N SER A 71 -8.49 2.11 10.36
CA SER A 71 -9.79 2.60 10.14
C SER A 71 -10.28 3.34 11.41
N PRO A 72 -11.21 4.32 11.18
CA PRO A 72 -11.58 5.12 12.38
C PRO A 72 -12.18 4.32 13.51
N ASN A 73 -12.94 3.34 13.18
CA ASN A 73 -13.45 2.42 14.19
C ASN A 73 -12.61 1.18 14.23
N LYS A 74 -12.36 0.66 15.44
CA LYS A 74 -11.73 -0.61 15.63
C LYS A 74 -12.47 -1.67 14.82
N GLY A 75 -11.70 -2.41 14.00
CA GLY A 75 -12.33 -3.42 13.12
C GLY A 75 -13.19 -2.90 11.97
N GLY A 76 -13.06 -1.62 11.65
CA GLY A 76 -13.77 -1.02 10.54
C GLY A 76 -13.38 -1.42 9.15
N ALA A 77 -12.21 -2.00 9.01
CA ALA A 77 -11.72 -2.48 7.76
C ALA A 77 -11.12 -3.84 7.83
N ARG A 78 -11.29 -4.63 6.77
CA ARG A 78 -10.72 -5.96 6.66
C ARG A 78 -10.18 -6.18 5.30
N ILE A 79 -8.99 -6.74 5.12
CA ILE A 79 -8.44 -7.07 3.82
C ILE A 79 -8.00 -8.55 3.82
N GLU A 80 -8.10 -9.14 2.66
CA GLU A 80 -7.48 -10.43 2.35
C GLU A 80 -6.17 -10.19 1.70
N VAL A 81 -5.11 -10.84 2.19
CA VAL A 81 -3.79 -10.82 1.52
C VAL A 81 -3.43 -12.23 1.06
N GLN A 82 -3.11 -12.40 -0.21
CA GLN A 82 -2.50 -13.64 -0.71
C GLN A 82 -1.03 -13.59 -0.60
N LEU A 83 -0.44 -14.57 0.10
CA LEU A 83 0.99 -14.63 0.26
C LEU A 83 1.44 -15.94 -0.34
N ASP A 84 2.11 -15.88 -1.49
CA ASP A 84 2.49 -17.12 -2.25
C ASP A 84 1.38 -18.18 -2.22
N GLY A 85 0.21 -17.69 -2.61
CA GLY A 85 -0.95 -18.51 -2.69
C GLY A 85 -1.73 -18.85 -1.46
N ARG A 86 -1.34 -18.36 -0.28
CA ARG A 86 -2.04 -18.70 0.91
C ARG A 86 -2.80 -17.45 1.38
N ARG A 87 -4.10 -17.64 1.58
CA ARG A 87 -4.96 -16.53 2.05
C ARG A 87 -4.69 -16.22 3.50
N HIS A 88 -4.56 -14.92 3.77
CA HIS A 88 -4.46 -14.33 5.08
C HIS A 88 -5.48 -13.21 5.21
N GLU A 89 -5.93 -12.93 6.39
CA GLU A 89 -6.83 -11.78 6.58
C GLU A 89 -6.33 -10.90 7.67
N LEU A 90 -6.53 -9.60 7.51
CA LEU A 90 -6.20 -8.58 8.46
C LEU A 90 -7.44 -7.80 8.83
N LEU A 91 -7.61 -7.58 10.15
CA LEU A 91 -8.68 -6.78 10.69
C LEU A 91 -8.07 -5.52 11.30
N SER A 92 -8.55 -4.35 10.89
CA SER A 92 -7.89 -3.11 11.36
C SER A 92 -8.01 -2.95 12.89
N PRO A 93 -6.96 -2.37 13.49
CA PRO A 93 -5.61 -2.05 12.90
C PRO A 93 -4.72 -3.23 12.86
N ALA A 94 -3.95 -3.33 11.76
CA ALA A 94 -3.05 -4.45 11.59
C ALA A 94 -1.88 -4.09 10.68
N VAL A 95 -0.82 -4.84 10.80
CA VAL A 95 0.36 -4.76 9.98
C VAL A 95 0.76 -6.18 9.56
N MET A 96 1.08 -6.36 8.27
CA MET A 96 1.53 -7.63 7.76
C MET A 96 2.77 -7.45 6.95
N ARG A 97 3.74 -8.28 7.26
CA ARG A 97 4.97 -8.31 6.48
C ARG A 97 4.86 -9.16 5.23
N ILE A 98 5.33 -8.59 4.08
CA ILE A 98 5.36 -9.31 2.82
C ILE A 98 6.83 -9.45 2.41
N PRO A 99 7.46 -10.63 2.58
CA PRO A 99 8.86 -10.79 2.25
C PRO A 99 9.19 -10.45 0.81
N ALA A 100 10.38 -9.93 0.62
CA ALA A 100 10.93 -9.62 -0.74
C ALA A 100 10.81 -10.90 -1.57
N GLY A 101 10.29 -10.72 -2.77
CA GLY A 101 10.13 -11.86 -3.68
C GLY A 101 8.84 -12.61 -3.60
N SER A 102 8.06 -12.44 -2.49
CA SER A 102 6.83 -13.14 -2.28
C SER A 102 5.77 -12.61 -3.29
N GLU A 103 5.06 -13.48 -3.98
CA GLU A 103 4.01 -13.11 -4.90
C GLU A 103 2.81 -12.83 -4.03
N HIS A 104 2.30 -11.61 -4.09
CA HIS A 104 1.17 -11.26 -3.22
C HIS A 104 0.28 -10.19 -3.84
N CYS A 105 -0.83 -9.99 -3.15
CA CYS A 105 -1.78 -8.90 -3.48
C CYS A 105 -2.75 -8.86 -2.35
N PHE A 106 -3.56 -7.79 -2.32
CA PHE A 106 -4.64 -7.70 -1.30
C PHE A 106 -5.97 -7.37 -1.96
N LEU A 107 -7.02 -7.71 -1.24
CA LEU A 107 -8.43 -7.46 -1.60
C LEU A 107 -9.14 -6.86 -0.41
N THR A 108 -9.83 -5.74 -0.61
CA THR A 108 -10.66 -5.16 0.41
C THR A 108 -11.94 -5.92 0.63
N LEU A 109 -12.12 -6.53 1.80
CA LEU A 109 -13.41 -7.25 2.08
C LEU A 109 -14.40 -6.41 2.86
N GLU A 110 -13.96 -5.37 3.62
CA GLU A 110 -14.84 -4.49 4.34
C GLU A 110 -14.09 -3.16 4.49
N ALA A 111 -14.82 -2.05 4.41
CA ALA A 111 -14.21 -0.73 4.64
C ALA A 111 -15.30 0.27 4.94
N GLU A 112 -14.97 1.18 5.79
CA GLU A 112 -15.76 2.39 6.08
C GLU A 112 -15.08 3.58 5.50
N VAL A 113 -15.77 4.71 5.57
CA VAL A 113 -15.15 6.01 5.20
C VAL A 113 -13.96 6.22 6.15
N GLY A 114 -12.80 6.46 5.56
CA GLY A 114 -11.65 6.58 6.34
C GLY A 114 -10.75 5.37 6.53
N SER A 115 -11.13 4.19 5.99
CA SER A 115 -10.24 3.05 6.02
C SER A 115 -9.12 3.33 5.07
N TYR A 116 -7.88 3.02 5.49
CA TYR A 116 -6.67 3.14 4.64
C TYR A 116 -5.86 1.88 4.69
N CYS A 117 -5.26 1.50 3.55
CA CYS A 117 -4.19 0.53 3.51
C CYS A 117 -2.98 1.22 2.86
N PHE A 118 -1.83 1.15 3.48
CA PHE A 118 -0.56 1.61 2.95
C PHE A 118 0.43 0.47 2.84
N GLY A 119 1.34 0.59 1.89
CA GLY A 119 2.38 -0.38 1.69
C GLY A 119 3.66 0.37 1.94
N ILE A 120 4.46 -0.06 2.90
CA ILE A 120 5.71 0.64 3.22
C ILE A 120 6.79 -0.24 2.68
N LEU A 121 7.48 0.23 1.62
CA LEU A 121 8.51 -0.60 0.93
C LEU A 121 9.84 -0.31 1.53
N LEU A 122 10.54 -1.34 2.05
CA LEU A 122 11.72 -1.17 2.85
C LEU A 122 12.96 -1.12 1.96
N GLY A 123 13.04 -0.11 1.18
CA GLY A 123 14.15 0.09 0.20
C GLY A 123 13.77 1.13 -0.77
N ASP A 124 14.76 1.46 -1.59
CA ASP A 124 14.51 2.46 -2.59
C ASP A 124 14.25 1.97 -4.01
N ARG A 125 14.16 0.64 -4.26
CA ARG A 125 13.79 0.10 -5.59
C ARG A 125 12.43 -0.57 -5.57
N LEU A 126 11.82 -0.57 -6.75
CA LEU A 126 10.63 -1.36 -7.07
C LEU A 126 11.02 -2.44 -8.11
ZN ZN B . 3.19 -5.47 -3.56
N TRP C . 2.07 -1.11 -2.17
CA TRP C . 0.91 -1.96 -2.58
C TRP C . 1.40 -3.00 -3.60
O TRP C . 2.57 -3.34 -3.53
CB TRP C . -0.20 -1.06 -3.18
CG TRP C . -1.16 -0.58 -2.11
CD1 TRP C . -1.00 -0.65 -0.77
CD2 TRP C . -2.48 0.04 -2.33
NE1 TRP C . -2.13 -0.12 -0.15
CE2 TRP C . -3.05 0.31 -1.06
CE3 TRP C . -3.20 0.38 -3.48
CZ2 TRP C . -4.32 0.92 -0.96
CZ3 TRP C . -4.46 0.98 -3.37
CH2 TRP C . -5.02 1.25 -2.12
OXT TRP C . 0.60 -3.45 -4.40
H1 TRP C . 1.72 -0.18 -1.86
H2 TRP C . 2.72 -0.99 -2.97
H3 TRP C . 2.56 -1.57 -1.38
HA TRP C . 0.54 -2.48 -1.75
HB2 TRP C . 0.25 -0.20 -3.64
HB3 TRP C . -0.75 -1.61 -3.91
HD1 TRP C . -0.14 -1.04 -0.24
HE1 TRP C . -2.26 -0.05 0.82
HE3 TRP C . -2.79 0.19 -4.46
HZ2 TRP C . -4.74 1.13 0.01
HZ3 TRP C . -5.01 1.26 -4.26
HH2 TRP C . -5.99 1.72 -2.04
#